data_8CYD
#
_entry.id   8CYD
#
_cell.length_a   1.00
_cell.length_b   1.00
_cell.length_c   1.00
_cell.angle_alpha   90.00
_cell.angle_beta   90.00
_cell.angle_gamma   90.00
#
_symmetry.space_group_name_H-M   'P 1'
#
loop_
_entity.id
_entity.type
_entity.pdbx_description
1 polymer 'Spike glycoprotein'
2 polymer 'pan-sarbecovirus nanobody 2-45'
#
loop_
_entity_poly.entity_id
_entity_poly.type
_entity_poly.pdbx_seq_one_letter_code
_entity_poly.pdbx_strand_id
1 'polypeptide(L)'
;CVNLTTRTQLPPAYTNSFTRGVYYPDKVFRSSVLHSTQDLFLPFFSNVTWFHAIHVSGTNGTKRFDNPVLPFNDGVYFAS
TEKSNIIRGWIFGTTLDSKTQSLLIVNNATNVVIKVCEFQFCNDPFLGVYYHKNNKSWMESEFRVYSSANNCTFEYVSQP
FLMDLEGKQGNFKNLREFVFKNIDGYFKIYSKHTPINLVRDLPQGFSALEPLVDLPIGINITRFQTLLALHRSYLTPGDS
SSGWTAGAAAYYVGYLQPRTFLLKYNENGTITDAVDCALDPLSETKCTLKSFTVEKGIYQTSNFRVQPTESIVRFPNITN
LCPFGEVFNATRFASVYAWNRKRISNCVADYSVLYNSASFSTFKCYGVSPTKLNDLCFTNVYADSFVIRGDEVRQIAPGQ
TGKIADYNYKLPDDFTGCVIAWNSNNLDSKVGGNYNYLYRLFRKSNLKPFERDISTEIYQAGSTPCNGVEGFNCYFPLQS
YGFQPTNGVGYQPYRVVVLSFELLHAPATVCGPKKSTNLVKNKCVNFNFNGLTGTGVLTESNKKFLPFQQFGRDIADTTD
AVRDPQTLEILDITPCSFGGVSVITPGTNTSNQVAVLYQDVNCTEVPVAIHADQLTPTWRVYSTGSNVFQTRAGCLIGAE
HVNNSYECDIPIGAGICASYQTQTNSPRRARSVASQSIIAYTMSLGAENSVAYSNNSIAIPTNFTISVTTEILPVSMTKT
SVDCTMYICGDSTECSNLLLQYGSFCTQLNRALTGIAVEQDKNTQEVFAQVKQIYKTPPIKDFGGFNFSQILPDPSKPSK
RSFIEDLLFNKVTLADAGFIKQYGDCLGDIAARDLICAQKFNGLTVLPPLLTDEMIAQYTSALLAGTITSGWTFGAGAAL
QIPFAMQMAYRFNGIGVTQNVLYENQKLIANQFNSAIGKIQDSLSSTASALGKLQDVVNQNAQALNTLVKQLSSNFGAIS
SVLNDILSRLDPPEAEVQIDRLITGRLQSLQTYVTQQLIRAAEIRASANLAATKMSECVLGQSKRVDFCGKGYHLMSFPQ
SAPHGVVFLHVTYVPAQEKNFTTAPAICHDGKAHFPREGVFVSNGTHWFVTQRNFYEPQIITTDNTFVSGNCDVVIGIVN
NTVYDPLQPELDS
;
A,B,C
2 'polypeptide(L)'
;QVQLVESGGGLVQAGGSLRLSCTASGYDFSILAIAWYRQAPGKERELVAAISRVGSTDYADSVKGRFTISRDNTKNTVSL
QMDSLKPEDTAVYYCNAGIPMTTVLSGLGFWGQGTQVTVSS
;
D,E,F
#
# COMPACT_ATOMS: atom_id res chain seq x y z
N CYS A 1 11.95 -25.23 -65.40
CA CYS A 1 12.04 -24.61 -64.08
C CYS A 1 13.33 -23.80 -63.97
N VAL A 2 13.51 -22.85 -64.89
CA VAL A 2 14.68 -22.00 -64.93
C VAL A 2 14.21 -20.55 -65.07
N ASN A 3 15.19 -19.63 -65.14
CA ASN A 3 14.87 -18.22 -65.25
C ASN A 3 14.07 -17.94 -66.52
N LEU A 4 12.99 -17.19 -66.38
CA LEU A 4 12.14 -16.83 -67.51
C LEU A 4 12.80 -15.72 -68.34
N THR A 5 12.48 -15.71 -69.63
CA THR A 5 12.98 -14.71 -70.55
C THR A 5 11.98 -13.56 -70.68
N THR A 6 12.34 -12.57 -71.51
CA THR A 6 11.50 -11.41 -71.74
C THR A 6 11.17 -10.69 -70.43
N ARG A 7 12.21 -10.47 -69.62
CA ARG A 7 12.06 -9.82 -68.33
C ARG A 7 12.23 -8.32 -68.51
N THR A 8 11.20 -7.55 -68.16
CA THR A 8 11.23 -6.11 -68.25
C THR A 8 11.56 -5.51 -66.89
N GLN A 9 12.47 -4.54 -66.88
CA GLN A 9 12.94 -3.89 -65.66
C GLN A 9 12.21 -2.57 -65.48
N LEU A 10 11.52 -2.41 -64.35
CA LEU A 10 10.82 -1.18 -64.01
C LEU A 10 10.99 -0.91 -62.53
N PRO A 11 10.92 0.35 -62.11
CA PRO A 11 11.04 0.67 -60.68
C PRO A 11 9.76 0.34 -59.94
N PRO A 12 9.84 0.16 -58.61
CA PRO A 12 8.62 -0.14 -57.84
C PRO A 12 7.82 1.12 -57.56
N ALA A 13 6.51 1.06 -57.81
CA ALA A 13 5.63 2.19 -57.60
C ALA A 13 4.89 2.05 -56.27
N TYR A 14 4.54 3.20 -55.69
CA TYR A 14 3.87 3.25 -54.41
C TYR A 14 2.58 4.04 -54.55
N THR A 15 1.64 3.79 -53.65
CA THR A 15 0.41 4.57 -53.59
C THR A 15 -0.07 4.63 -52.15
N ASN A 16 -1.25 5.22 -51.96
CA ASN A 16 -1.81 5.48 -50.64
C ASN A 16 -2.83 4.40 -50.30
N SER A 17 -2.79 3.91 -49.06
CA SER A 17 -3.68 2.85 -48.64
C SER A 17 -5.04 3.36 -48.16
N PHE A 18 -5.11 4.62 -47.75
CA PHE A 18 -6.36 5.20 -47.24
C PHE A 18 -6.76 4.41 -45.99
N THR A 19 -8.03 4.08 -45.80
CA THR A 19 -8.50 3.35 -44.62
C THR A 19 -8.52 1.84 -44.81
N ARG A 20 -8.07 1.35 -45.96
CA ARG A 20 -8.07 -0.09 -46.20
C ARG A 20 -7.12 -0.80 -45.23
N GLY A 21 -7.46 -2.03 -44.89
CA GLY A 21 -6.63 -2.84 -44.03
C GLY A 21 -7.09 -2.91 -42.60
N VAL A 22 -8.40 -3.08 -42.40
CA VAL A 22 -8.98 -3.21 -41.07
C VAL A 22 -9.67 -4.57 -41.00
N TYR A 23 -9.36 -5.34 -39.97
CA TYR A 23 -9.89 -6.68 -39.79
C TYR A 23 -10.31 -6.88 -38.35
N TYR A 24 -11.25 -7.80 -38.13
CA TYR A 24 -11.73 -8.12 -36.81
C TYR A 24 -10.61 -8.80 -36.02
N PRO A 25 -10.03 -8.14 -35.01
CA PRO A 25 -8.90 -8.75 -34.30
C PRO A 25 -9.25 -10.05 -33.59
N ASP A 26 -10.51 -10.25 -33.23
CA ASP A 26 -10.91 -11.45 -32.50
C ASP A 26 -12.36 -11.79 -32.86
N LYS A 27 -12.72 -13.04 -32.59
CA LYS A 27 -14.07 -13.53 -32.84
C LYS A 27 -15.00 -13.19 -31.68
N VAL A 28 -15.12 -11.91 -31.38
CA VAL A 28 -15.94 -11.42 -30.27
C VAL A 28 -16.99 -10.48 -30.81
N PHE A 29 -18.11 -10.39 -30.11
CA PHE A 29 -19.24 -9.59 -30.53
C PHE A 29 -19.48 -8.46 -29.53
N ARG A 30 -19.62 -7.24 -30.06
CA ARG A 30 -19.94 -6.07 -29.25
C ARG A 30 -20.90 -5.19 -30.04
N SER A 31 -21.90 -4.64 -29.35
CA SER A 31 -22.95 -3.85 -29.98
C SER A 31 -22.80 -2.39 -29.57
N SER A 32 -22.68 -1.51 -30.56
CA SER A 32 -22.56 -0.07 -30.34
C SER A 32 -21.48 0.23 -29.30
N VAL A 33 -20.26 -0.20 -29.60
CA VAL A 33 -19.13 -0.07 -28.69
C VAL A 33 -17.96 0.54 -29.45
N LEU A 34 -17.09 1.24 -28.70
CA LEU A 34 -15.83 1.76 -29.21
C LEU A 34 -14.71 1.06 -28.44
N HIS A 35 -14.00 0.17 -29.11
CA HIS A 35 -13.01 -0.71 -28.47
C HIS A 35 -11.62 -0.37 -28.99
N SER A 36 -10.69 -0.16 -28.06
CA SER A 36 -9.30 0.13 -28.41
C SER A 36 -8.51 -1.18 -28.36
N THR A 37 -7.92 -1.56 -29.51
CA THR A 37 -7.17 -2.79 -29.63
C THR A 37 -5.77 -2.48 -30.16
N GLN A 38 -4.76 -3.02 -29.51
CA GLN A 38 -3.36 -2.85 -29.94
C GLN A 38 -2.95 -4.14 -30.65
N ASP A 39 -2.77 -4.04 -31.98
CA ASP A 39 -2.47 -5.22 -32.78
C ASP A 39 -1.79 -4.78 -34.06
N LEU A 40 -1.44 -5.75 -34.90
CA LEU A 40 -0.76 -5.47 -36.17
C LEU A 40 -1.80 -4.97 -37.18
N PHE A 41 -1.75 -3.68 -37.48
CA PHE A 41 -2.68 -3.04 -38.40
C PHE A 41 -1.92 -2.32 -39.50
N LEU A 42 -2.63 -2.01 -40.58
CA LEU A 42 -2.09 -1.22 -41.67
C LEU A 42 -2.37 0.25 -41.38
N PRO A 43 -1.36 1.10 -41.20
CA PRO A 43 -1.64 2.50 -40.87
C PRO A 43 -2.48 3.18 -41.93
N PHE A 44 -3.37 4.07 -41.49
CA PHE A 44 -4.19 4.84 -42.41
C PHE A 44 -3.30 5.74 -43.26
N PHE A 45 -3.60 5.81 -44.56
CA PHE A 45 -2.83 6.61 -45.50
C PHE A 45 -1.35 6.25 -45.45
N SER A 46 -1.06 4.99 -45.78
CA SER A 46 0.30 4.45 -45.74
C SER A 46 0.80 4.17 -47.15
N ASN A 47 2.12 4.02 -47.25
CA ASN A 47 2.77 3.66 -48.51
C ASN A 47 2.51 2.18 -48.77
N VAL A 48 1.76 1.87 -49.82
CA VAL A 48 1.51 0.50 -50.24
C VAL A 48 2.13 0.31 -51.61
N THR A 49 2.94 -0.74 -51.75
CA THR A 49 3.66 -0.97 -52.99
C THR A 49 2.73 -1.54 -54.05
N TRP A 50 2.93 -1.07 -55.28
CA TRP A 50 2.08 -1.35 -56.42
C TRP A 50 2.76 -2.41 -57.30
N PHE A 51 1.98 -3.38 -57.79
CA PHE A 51 2.46 -4.34 -58.76
C PHE A 51 1.39 -4.57 -59.81
N HIS A 52 1.83 -4.71 -61.06
CA HIS A 52 0.94 -4.83 -62.21
C HIS A 52 1.10 -6.19 -62.88
N ALA A 53 0.07 -6.56 -63.64
CA ALA A 53 0.15 -7.73 -64.51
C ALA A 53 -0.70 -7.41 -65.73
N ILE A 54 -0.05 -6.92 -66.79
CA ILE A 54 -0.76 -6.45 -67.98
C ILE A 54 0.24 -6.30 -69.10
N HIS A 55 -0.20 -6.59 -70.32
CA HIS A 55 0.56 -6.32 -71.53
C HIS A 55 -0.36 -5.58 -72.50
N VAL A 56 -0.01 -4.33 -72.81
CA VAL A 56 -0.88 -3.52 -73.65
C VAL A 56 -1.08 -4.21 -75.00
N SER A 57 -2.21 -3.93 -75.63
CA SER A 57 -2.54 -4.57 -76.90
C SER A 57 -1.46 -4.30 -77.92
N GLY A 58 -1.05 -5.36 -78.63
CA GLY A 58 0.00 -5.27 -79.62
C GLY A 58 1.38 -5.48 -79.03
N THR A 59 2.36 -5.64 -79.92
CA THR A 59 3.73 -5.85 -79.50
C THR A 59 4.33 -4.63 -78.82
N ASN A 60 3.76 -3.45 -79.05
CA ASN A 60 4.28 -2.23 -78.43
C ASN A 60 4.08 -2.22 -76.92
N GLY A 61 3.24 -3.10 -76.39
CA GLY A 61 2.98 -3.11 -74.96
C GLY A 61 4.18 -3.58 -74.16
N THR A 62 4.14 -3.28 -72.87
CA THR A 62 5.21 -3.64 -71.96
C THR A 62 4.90 -5.00 -71.32
N LYS A 63 5.86 -5.91 -71.39
CA LYS A 63 5.70 -7.25 -70.82
C LYS A 63 6.14 -7.21 -69.36
N ARG A 64 5.17 -7.21 -68.46
CA ARG A 64 5.42 -7.18 -67.03
C ARG A 64 5.02 -8.52 -66.42
N PHE A 65 5.92 -9.09 -65.62
CA PHE A 65 5.73 -10.39 -64.99
C PHE A 65 5.92 -10.28 -63.49
N ASP A 66 5.28 -9.29 -62.87
CA ASP A 66 5.51 -9.00 -61.47
C ASP A 66 5.25 -10.22 -60.61
N ASN A 67 6.32 -10.82 -60.10
CA ASN A 67 6.24 -11.87 -59.08
C ASN A 67 7.55 -11.81 -58.29
N PRO A 68 7.90 -10.66 -57.73
CA PRO A 68 9.20 -10.53 -57.06
C PRO A 68 9.20 -11.16 -55.67
N VAL A 69 10.41 -11.43 -55.19
CA VAL A 69 10.59 -12.02 -53.86
C VAL A 69 10.52 -10.90 -52.83
N LEU A 70 9.59 -11.03 -51.88
CA LEU A 70 9.34 -10.00 -50.88
C LEU A 70 9.44 -10.56 -49.47
N PRO A 71 9.78 -9.74 -48.48
CA PRO A 71 9.78 -10.19 -47.10
C PRO A 71 8.36 -10.20 -46.52
N PHE A 72 8.26 -10.78 -45.32
CA PHE A 72 6.99 -10.87 -44.61
C PHE A 72 6.94 -10.00 -43.36
N ASN A 73 8.01 -9.99 -42.56
CA ASN A 73 8.06 -9.21 -41.31
C ASN A 73 6.93 -9.70 -40.41
N ASP A 74 6.22 -8.81 -39.71
CA ASP A 74 5.23 -9.21 -38.73
C ASP A 74 3.83 -9.39 -39.31
N GLY A 75 3.66 -9.19 -40.61
CA GLY A 75 2.36 -9.34 -41.24
C GLY A 75 2.31 -8.63 -42.57
N VAL A 76 1.36 -9.05 -43.39
CA VAL A 76 1.20 -8.53 -44.75
C VAL A 76 -0.27 -8.29 -45.03
N TYR A 77 -0.56 -7.18 -45.72
CA TYR A 77 -1.90 -6.89 -46.24
C TYR A 77 -1.82 -6.90 -47.75
N PHE A 78 -2.64 -7.74 -48.38
CA PHE A 78 -2.65 -7.90 -49.82
C PHE A 78 -3.98 -7.39 -50.37
N ALA A 79 -3.91 -6.65 -51.47
CA ALA A 79 -5.11 -6.17 -52.15
C ALA A 79 -4.99 -6.51 -53.62
N SER A 80 -6.12 -6.81 -54.25
CA SER A 80 -6.13 -7.20 -55.65
C SER A 80 -7.36 -6.61 -56.32
N THR A 81 -7.15 -5.72 -57.29
CA THR A 81 -8.19 -5.27 -58.18
C THR A 81 -8.01 -6.02 -59.50
N GLU A 82 -9.01 -6.81 -59.86
CA GLU A 82 -8.81 -7.82 -60.89
C GLU A 82 -10.14 -8.20 -61.52
N LYS A 83 -10.06 -8.82 -62.70
CA LYS A 83 -11.23 -9.24 -63.46
C LYS A 83 -11.21 -10.71 -63.85
N SER A 84 -10.06 -11.26 -64.24
CA SER A 84 -9.98 -12.59 -64.84
C SER A 84 -9.22 -13.59 -63.98
N ASN A 85 -9.24 -13.42 -62.66
CA ASN A 85 -8.62 -14.35 -61.73
C ASN A 85 -7.17 -14.65 -62.10
N ILE A 86 -6.43 -13.60 -62.48
CA ILE A 86 -5.01 -13.78 -62.80
C ILE A 86 -4.23 -14.17 -61.55
N ILE A 87 -4.44 -13.44 -60.45
CA ILE A 87 -3.80 -13.79 -59.18
C ILE A 87 -4.49 -15.04 -58.64
N ARG A 88 -3.72 -16.12 -58.47
CA ARG A 88 -4.30 -17.40 -58.12
C ARG A 88 -3.83 -17.97 -56.80
N GLY A 89 -2.79 -17.40 -56.18
CA GLY A 89 -2.32 -17.95 -54.93
C GLY A 89 -1.09 -17.24 -54.43
N TRP A 90 -0.41 -17.90 -53.49
CA TRP A 90 0.76 -17.33 -52.83
C TRP A 90 1.69 -18.44 -52.37
N ILE A 91 2.95 -18.06 -52.17
CA ILE A 91 3.98 -18.92 -51.61
C ILE A 91 4.56 -18.22 -50.38
N PHE A 92 4.76 -18.98 -49.32
CA PHE A 92 5.33 -18.47 -48.08
C PHE A 92 6.44 -19.40 -47.62
N GLY A 93 7.45 -18.82 -46.98
CA GLY A 93 8.55 -19.62 -46.46
C GLY A 93 9.72 -18.74 -46.09
N THR A 94 10.76 -19.41 -45.58
CA THR A 94 12.00 -18.75 -45.19
C THR A 94 13.11 -18.98 -46.20
N THR A 95 13.34 -20.23 -46.59
CA THR A 95 14.36 -20.58 -47.58
C THR A 95 13.80 -20.90 -48.95
N LEU A 96 12.51 -21.23 -49.05
CA LEU A 96 11.88 -21.57 -50.33
C LEU A 96 12.64 -22.71 -51.01
N ASP A 97 13.09 -23.69 -50.22
CA ASP A 97 13.82 -24.84 -50.73
C ASP A 97 13.34 -26.09 -50.00
N SER A 98 13.79 -27.25 -50.50
CA SER A 98 13.40 -28.52 -49.91
C SER A 98 13.95 -28.73 -48.51
N LYS A 99 14.90 -27.90 -48.08
CA LYS A 99 15.50 -28.09 -46.76
C LYS A 99 14.46 -27.93 -45.65
N THR A 100 13.59 -26.93 -45.76
CA THR A 100 12.61 -26.62 -44.72
C THR A 100 11.22 -26.52 -45.33
N GLN A 101 10.22 -26.75 -44.49
CA GLN A 101 8.83 -26.72 -44.95
C GLN A 101 8.45 -25.32 -45.40
N SER A 102 7.60 -25.25 -46.43
CA SER A 102 7.08 -24.00 -46.95
C SER A 102 5.61 -24.18 -47.27
N LEU A 103 4.89 -23.06 -47.29
CA LEU A 103 3.45 -23.05 -47.46
C LEU A 103 3.07 -22.59 -48.86
N LEU A 104 2.12 -23.30 -49.47
CA LEU A 104 1.63 -22.99 -50.81
C LEU A 104 0.11 -22.89 -50.76
N ILE A 105 -0.43 -21.80 -51.33
CA ILE A 105 -1.87 -21.64 -51.51
C ILE A 105 -2.11 -21.42 -52.99
N VAL A 106 -3.06 -22.17 -53.56
CA VAL A 106 -3.35 -22.08 -54.99
C VAL A 106 -4.84 -22.32 -55.20
N ASN A 107 -5.38 -21.66 -56.22
CA ASN A 107 -6.75 -21.88 -56.68
C ASN A 107 -6.71 -22.12 -58.19
N ASN A 108 -7.41 -23.16 -58.63
CA ASN A 108 -7.38 -23.58 -60.04
C ASN A 108 -8.78 -23.64 -60.63
N ALA A 109 -9.68 -22.75 -60.19
CA ALA A 109 -11.04 -22.60 -60.69
C ALA A 109 -11.95 -23.77 -60.34
N THR A 110 -11.44 -24.80 -59.65
CA THR A 110 -12.28 -25.90 -59.22
C THR A 110 -12.03 -26.34 -57.78
N ASN A 111 -10.94 -25.92 -57.15
CA ASN A 111 -10.64 -26.31 -55.78
C ASN A 111 -9.53 -25.42 -55.26
N VAL A 112 -9.40 -25.37 -53.94
CA VAL A 112 -8.36 -24.60 -53.26
C VAL A 112 -7.38 -25.59 -52.66
N VAL A 113 -6.12 -25.50 -53.09
CA VAL A 113 -5.06 -26.39 -52.61
C VAL A 113 -4.18 -25.59 -51.66
N ILE A 114 -4.18 -25.99 -50.39
CA ILE A 114 -3.35 -25.37 -49.36
C ILE A 114 -2.47 -26.46 -48.77
N LYS A 115 -1.15 -26.32 -48.92
CA LYS A 115 -0.20 -27.34 -48.51
C LYS A 115 0.94 -26.72 -47.72
N VAL A 116 1.55 -27.52 -46.86
CA VAL A 116 2.75 -27.15 -46.13
C VAL A 116 3.80 -28.20 -46.46
N CYS A 117 4.59 -27.93 -47.50
CA CYS A 117 5.57 -28.88 -47.99
C CYS A 117 6.82 -28.14 -48.42
N GLU A 118 7.95 -28.84 -48.39
CA GLU A 118 9.25 -28.26 -48.74
C GLU A 118 9.51 -28.53 -50.21
N PHE A 119 9.07 -27.59 -51.06
CA PHE A 119 9.28 -27.68 -52.50
C PHE A 119 10.66 -27.14 -52.86
N GLN A 120 10.94 -27.06 -54.16
CA GLN A 120 12.14 -26.40 -54.65
C GLN A 120 11.90 -24.96 -55.05
N PHE A 121 10.70 -24.62 -55.50
CA PHE A 121 10.28 -23.24 -55.71
C PHE A 121 11.20 -22.53 -56.71
N CYS A 122 11.14 -23.01 -57.95
CA CYS A 122 11.87 -22.39 -59.05
C CYS A 122 11.74 -20.87 -58.99
N ASN A 123 12.78 -20.16 -59.40
CA ASN A 123 12.86 -18.71 -59.21
C ASN A 123 11.77 -17.94 -59.94
N ASP A 124 10.93 -18.59 -60.75
CA ASP A 124 9.85 -17.90 -61.45
C ASP A 124 8.66 -18.83 -61.62
N PRO A 125 7.94 -19.13 -60.54
CA PRO A 125 6.81 -20.05 -60.66
C PRO A 125 5.60 -19.41 -61.33
N PHE A 126 4.78 -20.25 -61.95
CA PHE A 126 3.54 -19.81 -62.57
C PHE A 126 2.71 -21.03 -62.92
N LEU A 127 1.44 -20.79 -63.25
CA LEU A 127 0.51 -21.86 -63.58
C LEU A 127 0.47 -22.17 -65.07
N GLY A 128 0.51 -21.16 -65.92
CA GLY A 128 0.56 -21.37 -67.36
C GLY A 128 -0.71 -22.00 -67.92
N VAL A 129 -1.82 -21.27 -67.89
CA VAL A 129 -3.08 -21.77 -68.42
C VAL A 129 -3.05 -21.73 -69.93
N TYR A 130 -3.78 -22.66 -70.56
CA TYR A 130 -3.92 -22.73 -72.00
C TYR A 130 -5.36 -22.41 -72.38
N TYR A 131 -5.52 -21.45 -73.29
CA TYR A 131 -6.85 -21.01 -73.72
C TYR A 131 -7.34 -21.75 -74.97
N HIS A 132 -6.53 -22.64 -75.54
CA HIS A 132 -6.92 -23.32 -76.77
C HIS A 132 -8.06 -24.30 -76.50
N LYS A 133 -8.82 -24.59 -77.56
CA LYS A 133 -9.91 -25.56 -77.52
C LYS A 133 -9.49 -26.93 -78.03
N ASN A 134 -8.23 -27.32 -77.81
CA ASN A 134 -7.76 -28.61 -78.30
C ASN A 134 -8.61 -29.75 -77.76
N ASN A 135 -8.86 -29.74 -76.45
CA ASN A 135 -9.81 -30.66 -75.85
C ASN A 135 -11.20 -30.07 -75.71
N LYS A 136 -11.29 -28.75 -75.53
CA LYS A 136 -12.52 -27.97 -75.38
C LYS A 136 -12.35 -27.00 -74.21
N SER A 137 -12.46 -25.70 -74.48
CA SER A 137 -12.31 -24.68 -73.45
C SER A 137 -10.89 -24.67 -72.89
N TRP A 138 -10.55 -23.63 -72.14
CA TRP A 138 -9.21 -23.50 -71.58
C TRP A 138 -8.94 -24.62 -70.58
N MET A 139 -7.73 -25.17 -70.65
CA MET A 139 -7.29 -26.23 -69.74
C MET A 139 -5.97 -25.83 -69.11
N GLU A 140 -5.82 -26.15 -67.82
CA GLU A 140 -4.59 -25.86 -67.08
C GLU A 140 -3.69 -27.09 -67.18
N SER A 141 -2.60 -26.97 -67.95
CA SER A 141 -1.68 -28.08 -68.17
C SER A 141 -0.21 -27.73 -68.00
N GLU A 142 0.16 -26.44 -68.01
CA GLU A 142 1.55 -26.04 -67.89
C GLU A 142 1.94 -25.64 -66.47
N PHE A 143 1.35 -26.29 -65.47
CA PHE A 143 1.71 -26.00 -64.08
C PHE A 143 3.19 -26.24 -63.85
N ARG A 144 3.94 -25.14 -63.63
CA ARG A 144 5.38 -25.22 -63.38
C ARG A 144 5.70 -24.24 -62.26
N VAL A 145 5.65 -24.73 -61.02
CA VAL A 145 5.97 -23.94 -59.85
C VAL A 145 7.10 -24.56 -59.04
N TYR A 146 7.07 -25.87 -58.85
CA TYR A 146 8.10 -26.58 -58.12
C TYR A 146 8.54 -27.80 -58.92
N SER A 147 9.85 -28.07 -58.91
CA SER A 147 10.37 -29.22 -59.64
C SER A 147 9.85 -30.53 -59.04
N SER A 148 9.77 -30.61 -57.72
CA SER A 148 9.35 -31.83 -57.05
C SER A 148 8.70 -31.49 -55.72
N ALA A 149 7.93 -32.43 -55.20
CA ALA A 149 7.23 -32.30 -53.92
C ALA A 149 7.60 -33.49 -53.04
N ASN A 150 7.95 -33.21 -51.79
CA ASN A 150 8.34 -34.27 -50.86
C ASN A 150 8.18 -33.78 -49.43
N ASN A 151 7.76 -34.69 -48.56
CA ASN A 151 7.59 -34.40 -47.13
C ASN A 151 6.52 -33.33 -46.91
N CYS A 152 5.29 -33.67 -47.33
CA CYS A 152 4.15 -32.79 -47.11
C CYS A 152 3.72 -32.84 -45.65
N THR A 153 4.26 -31.95 -44.82
CA THR A 153 4.00 -32.01 -43.39
C THR A 153 2.55 -31.73 -43.05
N PHE A 154 1.81 -31.04 -43.93
CA PHE A 154 0.41 -30.75 -43.68
C PHE A 154 -0.23 -30.26 -44.97
N GLU A 155 -1.48 -30.65 -45.19
CA GLU A 155 -2.25 -30.22 -46.34
C GLU A 155 -3.66 -29.86 -45.89
N TYR A 156 -4.26 -28.90 -46.59
CA TYR A 156 -5.60 -28.43 -46.25
C TYR A 156 -6.32 -28.03 -47.52
N VAL A 157 -7.64 -28.24 -47.52
CA VAL A 157 -8.47 -27.94 -48.67
C VAL A 157 -9.76 -27.26 -48.18
N SER A 158 -10.21 -26.26 -48.93
CA SER A 158 -11.42 -25.54 -48.62
C SER A 158 -12.18 -25.27 -49.91
N GLN A 159 -13.36 -24.67 -49.79
CA GLN A 159 -14.18 -24.38 -50.96
C GLN A 159 -13.53 -23.29 -51.80
N PRO A 160 -13.72 -23.32 -53.12
CA PRO A 160 -13.16 -22.25 -53.96
C PRO A 160 -13.84 -20.92 -53.71
N PHE A 161 -13.09 -19.84 -53.97
CA PHE A 161 -13.64 -18.50 -53.81
C PHE A 161 -14.75 -18.20 -54.80
N LEU A 162 -14.92 -19.03 -55.82
CA LEU A 162 -16.02 -18.91 -56.77
C LEU A 162 -17.32 -18.54 -56.05
N MET A 163 -18.00 -17.45 -56.48
CA MET A 163 -17.64 -16.52 -57.56
C MET A 163 -17.49 -17.16 -58.94
N ASP A 164 -17.25 -16.34 -59.95
CA ASP A 164 -17.13 -16.80 -61.33
C ASP A 164 -16.17 -15.86 -62.07
N LEU A 165 -16.16 -15.97 -63.40
CA LEU A 165 -15.32 -15.14 -64.26
C LEU A 165 -16.15 -14.58 -65.40
N GLU A 166 -15.74 -13.41 -65.89
CA GLU A 166 -16.40 -12.77 -67.02
C GLU A 166 -15.35 -12.06 -67.87
N GLY A 167 -15.67 -11.87 -69.15
CA GLY A 167 -14.76 -11.23 -70.07
C GLY A 167 -15.22 -9.86 -70.51
N LYS A 168 -14.54 -8.82 -70.05
CA LYS A 168 -14.88 -7.45 -70.41
C LYS A 168 -13.64 -6.58 -70.28
N GLN A 169 -13.71 -5.40 -70.87
CA GLN A 169 -12.62 -4.42 -70.83
C GLN A 169 -13.10 -3.15 -70.15
N GLY A 170 -12.26 -2.60 -69.27
CA GLY A 170 -12.61 -1.40 -68.54
C GLY A 170 -12.22 -1.48 -67.08
N ASN A 171 -12.93 -0.73 -66.23
CA ASN A 171 -12.63 -0.75 -64.82
C ASN A 171 -12.88 -2.13 -64.23
N PHE A 172 -11.95 -2.58 -63.39
CA PHE A 172 -12.10 -3.87 -62.73
C PHE A 172 -13.32 -3.85 -61.82
N LYS A 173 -14.05 -4.96 -61.81
CA LYS A 173 -15.29 -5.08 -61.05
C LYS A 173 -15.13 -5.93 -59.79
N ASN A 174 -13.91 -6.30 -59.43
CA ASN A 174 -13.68 -7.14 -58.27
C ASN A 174 -12.45 -6.65 -57.51
N LEU A 175 -12.64 -6.40 -56.21
CA LEU A 175 -11.56 -6.02 -55.31
C LEU A 175 -11.56 -6.98 -54.14
N ARG A 176 -10.44 -7.67 -53.93
CA ARG A 176 -10.28 -8.64 -52.85
C ARG A 176 -9.17 -8.17 -51.93
N GLU A 177 -9.46 -8.13 -50.63
CA GLU A 177 -8.49 -7.80 -49.61
C GLU A 177 -8.20 -9.03 -48.76
N PHE A 178 -6.94 -9.20 -48.36
CA PHE A 178 -6.52 -10.29 -47.50
C PHE A 178 -5.50 -9.76 -46.51
N VAL A 179 -5.46 -10.40 -45.34
CA VAL A 179 -4.48 -10.09 -44.30
C VAL A 179 -3.88 -11.39 -43.81
N PHE A 180 -2.55 -11.51 -43.92
CA PHE A 180 -1.82 -12.70 -43.51
C PHE A 180 -0.92 -12.34 -42.34
N LYS A 181 -1.03 -13.09 -41.26
CA LYS A 181 -0.21 -12.87 -40.07
C LYS A 181 0.34 -14.19 -39.55
N ASN A 182 1.47 -14.10 -38.85
CA ASN A 182 2.10 -15.24 -38.20
C ASN A 182 2.52 -14.83 -36.80
N ILE A 183 2.15 -15.62 -35.81
CA ILE A 183 2.54 -15.37 -34.43
C ILE A 183 2.38 -16.65 -33.64
N ASP A 184 3.37 -16.95 -32.81
CA ASP A 184 3.35 -18.16 -31.97
C ASP A 184 3.12 -19.40 -32.83
N GLY A 185 3.72 -19.42 -34.02
CA GLY A 185 3.56 -20.54 -34.92
C GLY A 185 2.11 -20.76 -35.30
N TYR A 186 1.42 -19.70 -35.68
CA TYR A 186 -0.02 -19.79 -35.96
C TYR A 186 -0.34 -18.84 -37.11
N PHE A 187 -0.61 -19.40 -38.28
CA PHE A 187 -0.90 -18.64 -39.49
C PHE A 187 -2.36 -18.22 -39.49
N LYS A 188 -2.62 -16.94 -39.73
CA LYS A 188 -3.97 -16.39 -39.77
C LYS A 188 -4.19 -15.68 -41.09
N ILE A 189 -5.34 -15.93 -41.71
CA ILE A 189 -5.73 -15.32 -42.98
C ILE A 189 -7.13 -14.75 -42.81
N TYR A 190 -7.24 -13.43 -42.78
CA TYR A 190 -8.50 -12.71 -42.91
C TYR A 190 -8.68 -12.26 -44.35
N SER A 191 -9.92 -11.94 -44.72
CA SER A 191 -10.17 -11.52 -46.09
C SER A 191 -11.50 -10.79 -46.18
N LYS A 192 -11.73 -10.21 -47.35
CA LYS A 192 -12.95 -9.49 -47.69
C LYS A 192 -13.02 -9.37 -49.20
N HIS A 193 -14.25 -9.29 -49.72
CA HIS A 193 -14.49 -9.14 -51.15
C HIS A 193 -15.49 -8.01 -51.36
N THR A 194 -15.33 -7.27 -52.46
CA THR A 194 -16.23 -6.17 -52.75
C THR A 194 -16.23 -5.92 -54.25
N PRO A 195 -17.31 -5.34 -54.79
CA PRO A 195 -17.30 -4.87 -56.17
C PRO A 195 -16.88 -3.40 -56.25
N ILE A 196 -16.13 -3.08 -57.29
CA ILE A 196 -15.61 -1.74 -57.50
C ILE A 196 -15.89 -1.31 -58.94
N ASN A 197 -15.80 -0.01 -59.16
CA ASN A 197 -15.99 0.57 -60.50
C ASN A 197 -14.90 1.59 -60.78
N LEU A 198 -13.67 1.27 -60.38
CA LEU A 198 -12.52 2.14 -60.56
C LEU A 198 -11.43 1.40 -61.32
N VAL A 199 -10.70 2.14 -62.16
CA VAL A 199 -9.67 1.52 -62.99
C VAL A 199 -8.43 1.20 -62.16
N ARG A 200 -7.96 2.15 -61.37
CA ARG A 200 -6.72 1.99 -60.62
C ARG A 200 -6.89 2.56 -59.22
N ASP A 201 -5.92 2.27 -58.36
CA ASP A 201 -5.93 2.78 -56.99
C ASP A 201 -7.05 2.14 -56.18
N LEU A 202 -7.29 2.66 -54.98
CA LEU A 202 -8.29 2.14 -54.07
C LEU A 202 -9.46 3.11 -53.95
N PRO A 203 -10.66 2.61 -53.64
CA PRO A 203 -11.77 3.51 -53.30
C PRO A 203 -11.59 4.09 -51.91
N GLN A 204 -12.39 5.12 -51.62
CA GLN A 204 -12.38 5.78 -50.32
C GLN A 204 -13.33 5.13 -49.31
N GLY A 205 -13.95 4.01 -49.68
CA GLY A 205 -14.87 3.35 -48.77
C GLY A 205 -14.15 2.65 -47.63
N PHE A 206 -14.95 2.16 -46.69
CA PHE A 206 -14.44 1.51 -45.49
C PHE A 206 -15.16 0.18 -45.30
N SER A 207 -14.39 -0.88 -45.08
CA SER A 207 -14.95 -2.21 -44.88
C SER A 207 -13.98 -3.03 -44.05
N ALA A 208 -14.51 -4.02 -43.34
CA ALA A 208 -13.71 -4.87 -42.46
C ALA A 208 -13.49 -6.23 -43.09
N LEU A 209 -12.41 -6.89 -42.67
CA LEU A 209 -12.02 -8.20 -43.20
C LEU A 209 -12.34 -9.27 -42.17
N GLU A 210 -13.25 -10.17 -42.52
CA GLU A 210 -13.59 -11.27 -41.63
C GLU A 210 -12.55 -12.38 -41.73
N PRO A 211 -12.29 -13.09 -40.63
CA PRO A 211 -11.34 -14.20 -40.69
C PRO A 211 -11.84 -15.31 -41.61
N LEU A 212 -10.92 -15.93 -42.34
CA LEU A 212 -11.23 -17.11 -43.12
C LEU A 212 -10.48 -18.35 -42.64
N VAL A 213 -9.15 -18.30 -42.58
CA VAL A 213 -8.35 -19.51 -42.46
C VAL A 213 -7.38 -19.39 -41.30
N ASP A 214 -7.18 -20.50 -40.59
CA ASP A 214 -6.20 -20.60 -39.52
C ASP A 214 -5.44 -21.90 -39.67
N LEU A 215 -4.12 -21.82 -39.47
CA LEU A 215 -3.26 -22.99 -39.62
C LEU A 215 -2.28 -23.09 -38.46
N PRO A 216 -2.31 -24.17 -37.66
CA PRO A 216 -1.35 -24.32 -36.55
C PRO A 216 -0.03 -24.94 -36.98
N ILE A 217 0.83 -24.12 -37.59
CA ILE A 217 2.14 -24.55 -38.08
C ILE A 217 3.21 -23.75 -37.37
N GLY A 218 4.19 -24.45 -36.82
CA GLY A 218 5.26 -23.80 -36.07
C GLY A 218 6.47 -23.46 -36.92
N ILE A 219 6.22 -23.03 -38.15
CA ILE A 219 7.29 -22.67 -39.08
C ILE A 219 7.90 -21.34 -38.66
N ASN A 220 9.02 -20.98 -39.29
CA ASN A 220 9.72 -19.73 -38.99
C ASN A 220 9.73 -18.85 -40.25
N ILE A 221 8.56 -18.71 -40.86
CA ILE A 221 8.43 -17.90 -42.08
C ILE A 221 9.19 -16.59 -41.95
N THR A 222 9.83 -16.19 -43.05
CA THR A 222 10.50 -14.90 -43.13
C THR A 222 10.31 -14.19 -44.45
N ARG A 223 9.59 -14.79 -45.41
CA ARG A 223 9.57 -14.25 -46.77
C ARG A 223 8.18 -14.45 -47.37
N PHE A 224 7.91 -13.69 -48.44
CA PHE A 224 6.60 -13.64 -49.07
C PHE A 224 6.74 -13.72 -50.58
N GLN A 225 5.70 -14.20 -51.24
CA GLN A 225 5.70 -14.41 -52.69
C GLN A 225 4.32 -14.07 -53.24
N THR A 226 4.11 -14.39 -54.52
CA THR A 226 2.81 -14.24 -55.16
C THR A 226 2.74 -15.19 -56.35
N LEU A 227 1.52 -15.58 -56.71
CA LEU A 227 1.29 -16.55 -57.78
C LEU A 227 0.33 -15.98 -58.81
N LEU A 228 0.77 -15.92 -60.06
CA LEU A 228 -0.04 -15.46 -61.18
C LEU A 228 -0.23 -16.59 -62.18
N ALA A 229 -1.37 -16.55 -62.88
CA ALA A 229 -1.68 -17.55 -63.90
C ALA A 229 -1.20 -17.01 -65.24
N LEU A 230 -0.01 -17.45 -65.66
CA LEU A 230 0.54 -17.02 -66.94
C LEU A 230 -0.40 -17.44 -68.07
N HIS A 231 -0.68 -16.51 -68.98
CA HIS A 231 -1.59 -16.73 -70.10
C HIS A 231 -0.77 -16.87 -71.37
N ARG A 232 -0.82 -18.04 -71.99
CA ARG A 232 -0.10 -18.30 -73.23
C ARG A 232 -0.99 -17.88 -74.39
N SER A 233 -0.67 -16.73 -74.99
CA SER A 233 -1.49 -16.19 -76.07
C SER A 233 -1.19 -16.81 -77.42
N TYR A 234 -0.08 -17.55 -77.54
CA TYR A 234 0.27 -18.13 -78.84
C TYR A 234 -0.76 -19.16 -79.29
N LEU A 235 -1.45 -19.80 -78.35
CA LEU A 235 -2.42 -20.85 -78.65
C LEU A 235 -3.86 -20.38 -78.44
N THR A 236 -4.10 -19.08 -78.53
CA THR A 236 -5.44 -18.53 -78.36
C THR A 236 -6.20 -18.60 -79.68
N PRO A 237 -7.35 -19.29 -79.74
CA PRO A 237 -8.14 -19.25 -80.97
C PRO A 237 -8.62 -17.84 -81.27
N GLY A 238 -8.66 -17.51 -82.56
CA GLY A 238 -9.11 -16.20 -83.01
C GLY A 238 -8.04 -15.12 -83.01
N ASP A 239 -7.11 -15.20 -82.07
CA ASP A 239 -6.02 -14.24 -81.94
C ASP A 239 -4.69 -14.95 -82.13
N SER A 240 -3.81 -14.34 -82.94
CA SER A 240 -2.51 -14.90 -83.25
C SER A 240 -1.39 -14.26 -82.46
N SER A 241 -1.70 -13.60 -81.34
CA SER A 241 -0.68 -12.99 -80.52
C SER A 241 0.30 -14.05 -80.03
N SER A 242 1.59 -13.81 -80.25
CA SER A 242 2.62 -14.76 -79.87
C SER A 242 3.19 -14.43 -78.50
N GLY A 243 3.91 -15.40 -77.94
CA GLY A 243 4.53 -15.22 -76.64
C GLY A 243 3.58 -15.52 -75.50
N TRP A 244 4.08 -15.30 -74.29
CA TRP A 244 3.35 -15.53 -73.07
C TRP A 244 3.05 -14.19 -72.39
N THR A 245 1.78 -13.94 -72.10
CA THR A 245 1.33 -12.68 -71.55
C THR A 245 0.54 -12.92 -70.26
N ALA A 246 0.29 -11.84 -69.53
CA ALA A 246 -0.46 -11.86 -68.30
C ALA A 246 -1.67 -10.95 -68.42
N GLY A 247 -2.84 -11.45 -68.04
CA GLY A 247 -4.05 -10.67 -68.14
C GLY A 247 -4.04 -9.49 -67.18
N ALA A 248 -4.77 -8.44 -67.55
CA ALA A 248 -4.77 -7.20 -66.79
C ALA A 248 -5.18 -7.45 -65.35
N ALA A 249 -4.43 -6.88 -64.42
CA ALA A 249 -4.67 -7.02 -62.99
C ALA A 249 -3.70 -6.14 -62.24
N ALA A 250 -4.11 -5.70 -61.05
CA ALA A 250 -3.21 -4.92 -60.18
C ALA A 250 -3.32 -5.44 -58.76
N TYR A 251 -2.18 -5.54 -58.08
CA TYR A 251 -2.17 -5.98 -56.69
C TYR A 251 -1.21 -5.13 -55.87
N TYR A 252 -1.64 -4.81 -54.66
CA TYR A 252 -0.93 -3.93 -53.75
C TYR A 252 -0.51 -4.71 -52.52
N VAL A 253 0.69 -4.44 -52.03
CA VAL A 253 1.21 -5.09 -50.83
C VAL A 253 1.55 -4.00 -49.81
N GLY A 254 1.02 -4.14 -48.60
CA GLY A 254 1.35 -3.25 -47.50
C GLY A 254 1.83 -4.05 -46.31
N TYR A 255 2.59 -3.42 -45.42
CA TYR A 255 3.21 -4.11 -44.30
C TYR A 255 2.60 -3.62 -43.00
N LEU A 256 2.05 -4.55 -42.22
CA LEU A 256 1.39 -4.22 -40.97
C LEU A 256 2.42 -3.84 -39.91
N GLN A 257 2.03 -2.92 -39.04
CA GLN A 257 2.84 -2.48 -37.91
C GLN A 257 2.01 -2.53 -36.63
N PRO A 258 2.66 -2.65 -35.47
CA PRO A 258 1.90 -2.64 -34.21
C PRO A 258 1.30 -1.28 -33.90
N ARG A 259 -0.02 -1.18 -34.02
CA ARG A 259 -0.72 0.08 -33.84
C ARG A 259 -1.92 -0.13 -32.92
N THR A 260 -2.35 0.93 -32.27
CA THR A 260 -3.54 0.94 -31.44
C THR A 260 -4.69 1.56 -32.24
N PHE A 261 -5.72 0.78 -32.51
CA PHE A 261 -6.85 1.20 -33.31
C PHE A 261 -8.12 1.21 -32.46
N LEU A 262 -8.88 2.29 -32.57
CA LEU A 262 -10.19 2.39 -31.96
C LEU A 262 -11.21 1.95 -33.00
N LEU A 263 -11.75 0.75 -32.83
CA LEU A 263 -12.76 0.20 -33.71
C LEU A 263 -14.14 0.54 -33.19
N LYS A 264 -15.10 0.70 -34.11
CA LYS A 264 -16.47 1.04 -33.76
C LYS A 264 -17.38 -0.09 -34.22
N TYR A 265 -17.93 -0.84 -33.27
CA TYR A 265 -18.88 -1.89 -33.57
C TYR A 265 -20.30 -1.34 -33.47
N ASN A 266 -21.07 -1.50 -34.54
CA ASN A 266 -22.44 -1.02 -34.58
C ASN A 266 -23.36 -2.04 -33.92
N GLU A 267 -24.68 -1.84 -34.06
CA GLU A 267 -25.63 -2.76 -33.44
C GLU A 267 -25.48 -4.17 -34.00
N ASN A 268 -25.22 -4.28 -35.31
CA ASN A 268 -25.00 -5.59 -35.91
C ASN A 268 -23.80 -6.31 -35.31
N GLY A 269 -22.86 -5.57 -34.72
CA GLY A 269 -21.62 -6.14 -34.25
C GLY A 269 -20.50 -6.15 -35.27
N THR A 270 -20.69 -5.53 -36.42
CA THR A 270 -19.67 -5.46 -37.46
C THR A 270 -18.99 -4.11 -37.43
N ILE A 271 -17.68 -4.09 -37.69
CA ILE A 271 -16.93 -2.85 -37.70
C ILE A 271 -17.50 -1.92 -38.75
N THR A 272 -17.78 -0.68 -38.35
CA THR A 272 -18.27 0.35 -39.26
C THR A 272 -17.32 1.53 -39.40
N ASP A 273 -16.36 1.68 -38.49
CA ASP A 273 -15.41 2.78 -38.56
C ASP A 273 -14.21 2.45 -37.68
N ALA A 274 -13.09 3.10 -37.97
CA ALA A 274 -11.87 2.88 -37.23
C ALA A 274 -11.07 4.17 -37.14
N VAL A 275 -10.31 4.32 -36.07
CA VAL A 275 -9.43 5.45 -35.86
C VAL A 275 -8.04 4.93 -35.47
N ASP A 276 -7.02 5.50 -36.09
CA ASP A 276 -5.63 5.12 -35.83
C ASP A 276 -4.98 6.17 -34.94
N CYS A 277 -4.45 5.76 -33.80
CA CYS A 277 -3.83 6.70 -32.86
C CYS A 277 -2.34 6.89 -33.17
N ALA A 278 -2.03 7.08 -34.44
CA ALA A 278 -0.72 7.58 -34.84
C ALA A 278 -0.78 8.50 -36.04
N LEU A 279 -1.96 8.82 -36.56
CA LEU A 279 -2.07 9.58 -37.80
C LEU A 279 -1.95 11.07 -37.52
N ASP A 280 -2.87 11.62 -36.75
CA ASP A 280 -2.92 13.05 -36.47
C ASP A 280 -3.21 13.23 -34.99
N PRO A 281 -2.91 14.41 -34.43
CA PRO A 281 -3.29 14.66 -33.04
C PRO A 281 -4.77 14.51 -32.79
N LEU A 282 -5.61 14.76 -33.81
CA LEU A 282 -7.05 14.61 -33.65
C LEU A 282 -7.42 13.17 -33.35
N SER A 283 -6.80 12.21 -34.04
CA SER A 283 -7.10 10.80 -33.77
C SER A 283 -6.64 10.41 -32.37
N GLU A 284 -5.47 10.89 -31.95
CA GLU A 284 -5.01 10.60 -30.59
C GLU A 284 -5.98 11.15 -29.55
N THR A 285 -6.46 12.37 -29.76
CA THR A 285 -7.48 12.93 -28.86
C THR A 285 -8.74 12.09 -28.89
N LYS A 286 -9.16 11.65 -30.08
CA LYS A 286 -10.38 10.87 -30.22
C LYS A 286 -10.30 9.58 -29.42
N CYS A 287 -9.20 8.85 -29.54
CA CYS A 287 -9.08 7.56 -28.88
C CYS A 287 -8.58 7.66 -27.45
N THR A 288 -8.08 8.82 -27.02
CA THR A 288 -7.84 9.04 -25.60
C THR A 288 -9.14 9.25 -24.84
N LEU A 289 -10.11 9.92 -25.46
CA LEU A 289 -11.45 10.04 -24.92
C LEU A 289 -12.34 8.85 -25.27
N LYS A 290 -11.85 7.93 -26.09
CA LYS A 290 -12.62 6.75 -26.49
C LYS A 290 -13.93 7.16 -27.17
N SER A 291 -13.88 8.24 -27.95
CA SER A 291 -15.05 8.72 -28.68
C SER A 291 -14.64 9.11 -30.08
N PHE A 292 -15.54 8.91 -31.03
CA PHE A 292 -15.32 9.31 -32.41
C PHE A 292 -15.62 10.79 -32.65
N THR A 293 -16.25 11.46 -31.69
CA THR A 293 -16.50 12.90 -31.77
C THR A 293 -16.04 13.53 -30.45
N VAL A 294 -15.28 14.60 -30.54
CA VAL A 294 -14.73 15.29 -29.39
C VAL A 294 -15.22 16.73 -29.39
N GLU A 295 -15.54 17.25 -28.21
CA GLU A 295 -16.06 18.59 -28.07
C GLU A 295 -14.93 19.61 -27.98
N LYS A 296 -15.30 20.89 -28.04
CA LYS A 296 -14.33 21.97 -27.96
C LYS A 296 -13.61 21.91 -26.62
N GLY A 297 -12.30 22.11 -26.64
CA GLY A 297 -11.52 22.14 -25.42
C GLY A 297 -10.08 21.77 -25.69
N ILE A 298 -9.34 21.64 -24.59
CA ILE A 298 -7.94 21.24 -24.62
C ILE A 298 -7.80 19.97 -23.80
N TYR A 299 -7.16 18.95 -24.38
CA TYR A 299 -7.04 17.64 -23.76
C TYR A 299 -5.57 17.25 -23.69
N GLN A 300 -5.14 16.84 -22.50
CA GLN A 300 -3.78 16.35 -22.30
C GLN A 300 -3.70 14.93 -22.85
N THR A 301 -3.07 14.77 -24.00
CA THR A 301 -3.10 13.50 -24.71
C THR A 301 -1.89 12.62 -24.44
N SER A 302 -0.67 13.15 -24.56
CA SER A 302 0.53 12.33 -24.52
C SER A 302 1.59 12.99 -23.64
N ASN A 303 2.72 12.30 -23.49
CA ASN A 303 3.89 12.83 -22.80
C ASN A 303 5.10 12.66 -23.70
N PHE A 304 5.97 13.67 -23.70
CA PHE A 304 7.14 13.70 -24.57
C PHE A 304 8.40 13.82 -23.74
N ARG A 305 9.43 13.08 -24.14
CA ARG A 305 10.74 13.12 -23.51
C ARG A 305 11.82 13.17 -24.57
N VAL A 306 12.88 13.92 -24.31
CA VAL A 306 14.02 14.00 -25.21
C VAL A 306 15.10 13.04 -24.71
N GLN A 307 15.44 12.05 -25.53
CA GLN A 307 16.37 11.01 -25.13
C GLN A 307 17.80 11.51 -25.18
N PRO A 308 18.70 10.85 -24.44
CA PRO A 308 20.12 11.24 -24.51
C PRO A 308 20.71 10.95 -25.89
N THR A 309 21.63 11.81 -26.31
CA THR A 309 22.14 11.72 -27.67
C THR A 309 22.86 10.38 -27.91
N GLU A 310 24.05 10.20 -27.35
CA GLU A 310 24.62 8.86 -27.27
C GLU A 310 25.04 8.49 -25.85
N SER A 311 25.95 9.28 -25.27
CA SER A 311 26.50 9.00 -23.94
C SER A 311 27.58 10.02 -23.59
N ILE A 312 28.04 10.01 -22.35
CA ILE A 312 29.24 10.76 -21.95
C ILE A 312 29.92 10.01 -20.81
N VAL A 313 31.25 9.98 -20.85
CA VAL A 313 32.06 9.40 -19.79
C VAL A 313 33.27 10.30 -19.58
N ARG A 314 33.59 10.56 -18.31
CA ARG A 314 34.72 11.40 -17.97
C ARG A 314 35.50 10.78 -16.81
N PHE A 315 36.83 10.95 -16.79
CA PHE A 315 37.68 10.30 -15.77
C PHE A 315 38.96 11.11 -15.55
N PRO A 316 39.80 10.78 -14.54
CA PRO A 316 41.02 11.53 -14.23
C PRO A 316 41.77 12.18 -15.41
N ASN A 317 42.41 13.32 -15.16
CA ASN A 317 43.17 14.09 -16.19
C ASN A 317 44.26 13.23 -16.83
N ILE A 318 45.05 12.49 -16.03
CA ILE A 318 46.21 11.68 -16.51
C ILE A 318 47.46 12.56 -16.44
N THR A 319 47.31 13.87 -16.21
CA THR A 319 48.44 14.83 -16.04
C THR A 319 48.95 15.34 -17.40
N ASN A 320 49.92 16.26 -17.41
CA ASN A 320 50.46 16.88 -18.65
C ASN A 320 51.26 15.86 -19.47
N LEU A 321 51.77 16.25 -20.65
CA LEU A 321 52.49 15.35 -21.58
C LEU A 321 53.81 14.84 -21.01
N CYS A 322 54.50 13.93 -21.70
CA CYS A 322 55.79 13.33 -21.27
C CYS A 322 56.96 14.05 -21.94
N PRO A 323 58.18 14.04 -21.35
CA PRO A 323 59.37 14.59 -21.99
C PRO A 323 60.04 13.60 -22.95
N PHE A 324 59.25 13.00 -23.84
CA PHE A 324 59.79 12.00 -24.75
C PHE A 324 60.85 12.62 -25.66
N GLY A 325 60.59 13.81 -26.20
CA GLY A 325 61.53 14.45 -27.09
C GLY A 325 62.79 14.95 -26.40
N GLU A 326 62.74 15.14 -25.09
CA GLU A 326 63.93 15.59 -24.37
C GLU A 326 65.05 14.57 -24.48
N VAL A 327 64.72 13.30 -24.65
CA VAL A 327 65.73 12.25 -24.79
C VAL A 327 66.05 11.99 -26.26
N PHE A 328 65.03 11.93 -27.11
CA PHE A 328 65.27 11.68 -28.53
C PHE A 328 66.11 12.78 -29.16
N ASN A 329 65.82 14.04 -28.82
CA ASN A 329 66.54 15.19 -29.36
C ASN A 329 67.46 15.82 -28.32
N ALA A 330 68.02 15.01 -27.43
CA ALA A 330 68.92 15.55 -26.42
C ALA A 330 70.18 16.14 -27.06
N THR A 331 70.63 17.27 -26.53
CA THR A 331 71.84 17.90 -27.06
C THR A 331 73.07 17.04 -26.82
N ARG A 332 73.14 16.38 -25.67
CA ARG A 332 74.29 15.54 -25.31
C ARG A 332 73.81 14.12 -25.06
N PHE A 333 74.50 13.16 -25.66
CA PHE A 333 74.20 11.74 -25.50
C PHE A 333 75.35 11.04 -24.79
N ALA A 334 75.01 10.22 -23.81
CA ALA A 334 76.02 9.48 -23.06
C ALA A 334 76.54 8.30 -23.87
N SER A 335 77.70 7.80 -23.46
CA SER A 335 78.32 6.68 -24.14
C SER A 335 77.54 5.40 -23.88
N VAL A 336 77.83 4.37 -24.69
CA VAL A 336 77.12 3.10 -24.56
C VAL A 336 77.40 2.46 -23.20
N TYR A 337 78.67 2.50 -22.76
CA TYR A 337 79.00 1.91 -21.47
C TYR A 337 78.34 2.65 -20.32
N ALA A 338 77.99 3.91 -20.53
CA ALA A 338 77.33 4.75 -19.53
C ALA A 338 76.05 5.35 -20.10
N TRP A 339 75.24 4.51 -20.74
CA TRP A 339 74.00 4.96 -21.36
C TRP A 339 73.16 5.74 -20.35
N ASN A 340 72.62 6.87 -20.81
CA ASN A 340 71.89 7.79 -19.95
C ASN A 340 70.46 7.29 -19.75
N ARG A 341 70.02 7.26 -18.49
CA ARG A 341 68.69 6.80 -18.13
C ARG A 341 67.82 7.99 -17.72
N LYS A 342 66.63 8.07 -18.29
CA LYS A 342 65.62 9.03 -17.87
C LYS A 342 64.36 8.29 -17.45
N ARG A 343 63.89 8.59 -16.24
CA ARG A 343 62.65 8.01 -15.75
C ARG A 343 61.46 8.82 -16.25
N ILE A 344 60.36 8.12 -16.50
CA ILE A 344 59.14 8.72 -17.03
C ILE A 344 57.98 8.16 -16.22
N SER A 345 57.35 9.03 -15.42
CA SER A 345 56.16 8.69 -14.67
C SER A 345 55.34 9.96 -14.51
N ASN A 346 54.03 9.81 -14.35
CA ASN A 346 53.11 10.94 -14.22
C ASN A 346 53.22 11.87 -15.44
N CYS A 347 52.83 11.31 -16.59
CA CYS A 347 52.78 12.05 -17.84
C CYS A 347 51.96 11.27 -18.85
N VAL A 348 51.62 11.93 -19.95
CA VAL A 348 50.89 11.32 -21.05
C VAL A 348 51.81 11.30 -22.27
N ALA A 349 52.00 10.12 -22.85
CA ALA A 349 52.93 9.94 -23.95
C ALA A 349 52.31 10.41 -25.26
N ASP A 350 53.10 11.16 -26.04
CA ASP A 350 52.69 11.64 -27.36
C ASP A 350 53.90 11.48 -28.29
N TYR A 351 53.99 10.33 -28.94
CA TYR A 351 55.10 10.02 -29.83
C TYR A 351 54.66 9.71 -31.25
N SER A 352 53.37 9.85 -31.57
CA SER A 352 52.92 9.60 -32.93
C SER A 352 53.50 10.61 -33.91
N VAL A 353 53.80 11.82 -33.43
CA VAL A 353 54.35 12.85 -34.31
C VAL A 353 55.71 12.42 -34.86
N LEU A 354 56.55 11.85 -34.00
CA LEU A 354 57.87 11.41 -34.43
C LEU A 354 57.86 10.02 -35.03
N TYR A 355 56.88 9.18 -34.67
CA TYR A 355 56.84 7.82 -35.22
C TYR A 355 56.51 7.82 -36.71
N ASN A 356 55.51 8.62 -37.10
CA ASN A 356 55.08 8.65 -38.49
C ASN A 356 56.02 9.45 -39.39
N SER A 357 56.98 10.19 -38.82
CA SER A 357 57.91 10.96 -39.63
C SER A 357 58.78 10.08 -40.50
N ALA A 358 58.92 8.79 -40.17
CA ALA A 358 59.73 7.85 -40.93
C ALA A 358 61.19 8.26 -40.99
N SER A 359 61.66 9.01 -40.00
CA SER A 359 63.05 9.45 -39.95
C SER A 359 63.93 8.53 -39.11
N PHE A 360 63.37 7.43 -38.59
CA PHE A 360 64.11 6.51 -37.75
C PHE A 360 64.51 5.28 -38.56
N SER A 361 65.81 4.94 -38.54
CA SER A 361 66.28 3.76 -39.24
C SER A 361 65.73 2.48 -38.63
N THR A 362 65.28 2.52 -37.38
CA THR A 362 64.72 1.34 -36.72
C THR A 362 63.77 1.80 -35.64
N PHE A 363 62.57 1.21 -35.61
CA PHE A 363 61.56 1.52 -34.59
C PHE A 363 60.93 0.23 -34.10
N LYS A 364 61.77 -0.75 -33.74
CA LYS A 364 61.31 -2.11 -33.52
C LYS A 364 60.78 -2.28 -32.09
N CYS A 365 59.50 -2.63 -31.96
CA CYS A 365 58.88 -2.91 -30.68
C CYS A 365 58.60 -4.39 -30.57
N TYR A 366 58.96 -4.97 -29.42
CA TYR A 366 58.84 -6.41 -29.19
C TYR A 366 57.55 -6.70 -28.44
N GLY A 367 56.75 -7.62 -28.99
CA GLY A 367 55.54 -8.07 -28.33
C GLY A 367 54.34 -7.16 -28.46
N VAL A 368 54.48 -6.04 -29.17
CA VAL A 368 53.37 -5.10 -29.33
C VAL A 368 53.73 -4.15 -30.45
N SER A 369 52.70 -3.69 -31.17
CA SER A 369 52.92 -2.71 -32.23
C SER A 369 53.37 -1.38 -31.64
N PRO A 370 54.16 -0.61 -32.39
CA PRO A 370 54.65 0.67 -31.83
C PRO A 370 53.55 1.62 -31.43
N THR A 371 52.42 1.62 -32.14
CA THR A 371 51.30 2.51 -31.82
C THR A 371 50.27 1.87 -30.91
N LYS A 372 50.13 0.54 -30.95
CA LYS A 372 49.14 -0.12 -30.11
C LYS A 372 49.48 0.03 -28.63
N LEU A 373 50.77 0.00 -28.29
CA LEU A 373 51.18 0.10 -26.89
C LEU A 373 50.74 1.43 -26.27
N ASN A 374 50.48 2.45 -27.09
CA ASN A 374 50.05 3.73 -26.55
C ASN A 374 48.73 3.61 -25.81
N ASP A 375 47.90 2.63 -26.17
CA ASP A 375 46.59 2.44 -25.55
C ASP A 375 46.70 1.52 -24.33
N LEU A 376 47.54 1.92 -23.38
CA LEU A 376 47.74 1.15 -22.17
C LEU A 376 48.53 1.99 -21.16
N CYS A 377 48.31 1.69 -19.88
CA CYS A 377 49.01 2.37 -18.80
C CYS A 377 50.31 1.64 -18.46
N PHE A 378 51.24 2.37 -17.85
CA PHE A 378 52.50 1.82 -17.39
C PHE A 378 52.95 2.58 -16.16
N THR A 379 53.35 1.85 -15.11
CA THR A 379 53.76 2.51 -13.88
C THR A 379 55.02 3.33 -14.09
N ASN A 380 55.98 2.80 -14.86
CA ASN A 380 57.19 3.56 -15.15
C ASN A 380 57.67 3.24 -16.55
N VAL A 381 58.28 4.22 -17.21
CA VAL A 381 58.90 4.04 -18.52
C VAL A 381 60.31 4.62 -18.45
N TYR A 382 61.30 3.78 -18.72
CA TYR A 382 62.69 4.19 -18.68
C TYR A 382 63.21 4.36 -20.11
N ALA A 383 63.80 5.53 -20.37
CA ALA A 383 64.42 5.82 -21.65
C ALA A 383 65.94 5.71 -21.49
N ASP A 384 66.54 4.79 -22.23
CA ASP A 384 67.97 4.55 -22.22
C ASP A 384 68.55 5.06 -23.52
N SER A 385 69.29 6.16 -23.45
CA SER A 385 69.82 6.83 -24.64
C SER A 385 71.34 6.67 -24.70
N PHE A 386 71.84 6.45 -25.91
CA PHE A 386 73.28 6.35 -26.13
C PHE A 386 73.54 6.50 -27.64
N VAL A 387 74.82 6.45 -28.01
CA VAL A 387 75.26 6.52 -29.39
C VAL A 387 76.22 5.38 -29.64
N ILE A 388 76.01 4.65 -30.74
CA ILE A 388 76.82 3.49 -31.09
C ILE A 388 76.99 3.42 -32.60
N ARG A 389 77.95 2.60 -33.02
CA ARG A 389 78.16 2.39 -34.44
C ARG A 389 76.93 1.74 -35.07
N GLY A 390 76.64 2.10 -36.31
CA GLY A 390 75.46 1.57 -36.97
C GLY A 390 75.44 0.06 -37.01
N ASP A 391 76.57 -0.53 -37.41
CA ASP A 391 76.64 -1.99 -37.48
C ASP A 391 76.43 -2.64 -36.11
N GLU A 392 76.59 -1.88 -35.03
CA GLU A 392 76.38 -2.39 -33.68
C GLU A 392 74.94 -2.29 -33.21
N VAL A 393 74.05 -1.68 -34.00
CA VAL A 393 72.66 -1.55 -33.58
C VAL A 393 72.03 -2.92 -33.37
N ARG A 394 72.52 -3.93 -34.09
CA ARG A 394 71.98 -5.28 -33.91
C ARG A 394 72.21 -5.80 -32.50
N GLN A 395 73.26 -5.33 -31.83
CA GLN A 395 73.55 -5.80 -30.48
C GLN A 395 72.51 -5.33 -29.48
N ILE A 396 71.71 -4.32 -29.81
CA ILE A 396 70.66 -3.84 -28.92
C ILE A 396 69.41 -4.67 -29.24
N ALA A 397 69.32 -5.84 -28.61
CA ALA A 397 68.19 -6.75 -28.82
C ALA A 397 68.11 -7.68 -27.62
N PRO A 398 66.93 -8.24 -27.36
CA PRO A 398 66.80 -9.15 -26.21
C PRO A 398 67.60 -10.44 -26.43
N GLY A 399 68.35 -10.83 -25.41
CA GLY A 399 69.13 -12.05 -25.47
C GLY A 399 70.36 -11.99 -26.34
N GLN A 400 70.67 -10.85 -26.93
CA GLN A 400 71.84 -10.74 -27.80
C GLN A 400 73.12 -10.83 -26.97
N THR A 401 74.14 -11.42 -27.57
CA THR A 401 75.44 -11.60 -26.93
C THR A 401 76.53 -11.04 -27.83
N GLY A 402 77.54 -10.45 -27.20
CA GLY A 402 78.65 -9.88 -27.94
C GLY A 402 79.48 -8.97 -27.04
N LYS A 403 80.44 -8.30 -27.67
CA LYS A 403 81.31 -7.39 -26.94
C LYS A 403 80.56 -6.16 -26.43
N ILE A 404 79.42 -5.83 -27.02
CA ILE A 404 78.61 -4.69 -26.60
C ILE A 404 77.44 -5.13 -25.74
N ALA A 405 76.72 -6.17 -26.17
CA ALA A 405 75.53 -6.61 -25.43
C ALA A 405 75.90 -7.10 -24.04
N ASP A 406 77.00 -7.86 -23.92
CA ASP A 406 77.37 -8.48 -22.65
C ASP A 406 78.25 -7.60 -21.78
N TYR A 407 78.63 -6.41 -22.25
CA TYR A 407 79.53 -5.54 -21.49
C TYR A 407 79.03 -4.11 -21.34
N ASN A 408 78.16 -3.62 -22.22
CA ASN A 408 77.69 -2.24 -22.17
C ASN A 408 76.20 -2.13 -21.93
N TYR A 409 75.38 -2.80 -22.73
CA TYR A 409 73.92 -2.73 -22.63
C TYR A 409 73.36 -4.12 -22.87
N LYS A 410 72.77 -4.72 -21.84
CA LYS A 410 72.23 -6.07 -21.90
C LYS A 410 70.72 -6.01 -21.71
N LEU A 411 69.99 -6.73 -22.56
CA LEU A 411 68.55 -6.85 -22.45
C LEU A 411 68.15 -8.29 -22.19
N PRO A 412 67.09 -8.52 -21.43
CA PRO A 412 66.68 -9.90 -21.12
C PRO A 412 65.96 -10.54 -22.30
N ASP A 413 65.83 -11.87 -22.22
CA ASP A 413 65.11 -12.60 -23.26
C ASP A 413 63.65 -12.18 -23.33
N ASP A 414 63.01 -12.00 -22.17
CA ASP A 414 61.63 -11.54 -22.10
C ASP A 414 61.63 -10.02 -22.12
N PHE A 415 61.47 -9.44 -23.31
CA PHE A 415 61.52 -8.00 -23.50
C PHE A 415 60.28 -7.55 -24.26
N THR A 416 59.64 -6.49 -23.75
CA THR A 416 58.47 -5.92 -24.40
C THR A 416 58.64 -4.44 -24.74
N GLY A 417 59.82 -3.86 -24.51
CA GLY A 417 60.06 -2.48 -24.82
C GLY A 417 60.34 -2.28 -26.30
N CYS A 418 60.67 -1.03 -26.63
CA CYS A 418 60.95 -0.63 -28.01
C CYS A 418 62.38 -0.15 -28.13
N VAL A 419 62.99 -0.44 -29.28
CA VAL A 419 64.33 0.02 -29.61
C VAL A 419 64.21 0.92 -30.84
N ILE A 420 64.68 2.15 -30.71
CA ILE A 420 64.62 3.14 -31.78
C ILE A 420 66.06 3.57 -32.08
N ALA A 421 66.41 3.59 -33.36
CA ALA A 421 67.75 3.94 -33.79
C ALA A 421 67.68 4.79 -35.05
N TRP A 422 68.47 5.85 -35.09
CA TRP A 422 68.51 6.71 -36.26
C TRP A 422 69.92 7.25 -36.46
N ASN A 423 70.16 7.79 -37.66
CA ASN A 423 71.49 8.28 -38.00
C ASN A 423 71.83 9.51 -37.18
N SER A 424 73.11 9.62 -36.80
CA SER A 424 73.61 10.76 -36.03
C SER A 424 74.89 11.31 -36.62
N ASN A 425 75.16 11.06 -37.91
CA ASN A 425 76.39 11.54 -38.52
C ASN A 425 76.44 13.06 -38.56
N ASN A 426 75.28 13.72 -38.57
CA ASN A 426 75.24 15.18 -38.66
C ASN A 426 75.66 15.86 -37.36
N LEU A 427 75.83 15.11 -36.27
CA LEU A 427 76.18 15.71 -34.99
C LEU A 427 77.44 15.07 -34.40
N ASP A 428 77.62 13.77 -34.61
CA ASP A 428 78.70 13.02 -34.01
C ASP A 428 79.92 12.90 -34.93
N SER A 429 79.90 13.55 -36.09
CA SER A 429 81.01 13.46 -37.03
C SER A 429 81.35 14.85 -37.54
N LYS A 430 82.65 15.12 -37.68
CA LYS A 430 83.12 16.40 -38.19
C LYS A 430 84.55 16.23 -38.68
N VAL A 431 85.08 17.29 -39.28
CA VAL A 431 86.45 17.24 -39.79
C VAL A 431 87.41 16.99 -38.64
N GLY A 432 88.36 16.09 -38.85
CA GLY A 432 89.32 15.72 -37.84
C GLY A 432 88.93 14.53 -36.99
N GLY A 433 87.65 14.16 -37.00
CA GLY A 433 87.20 13.01 -36.23
C GLY A 433 86.84 13.37 -34.81
N ASN A 434 85.92 12.58 -34.24
CA ASN A 434 85.50 12.72 -32.86
C ASN A 434 86.01 11.54 -32.07
N TYR A 435 86.62 11.81 -30.91
CA TYR A 435 87.16 10.79 -30.03
C TYR A 435 86.64 11.00 -28.61
N ASN A 436 85.35 11.27 -28.47
CA ASN A 436 84.75 11.62 -27.19
C ASN A 436 83.87 10.51 -26.63
N TYR A 437 84.02 9.28 -27.10
CA TYR A 437 83.26 8.16 -26.58
C TYR A 437 84.21 7.06 -26.10
N LEU A 438 83.68 6.19 -25.24
CA LEU A 438 84.43 5.05 -24.74
C LEU A 438 83.49 3.85 -24.66
N TYR A 439 84.08 2.66 -24.63
CA TYR A 439 83.29 1.44 -24.52
C TYR A 439 84.05 0.43 -23.67
N ARG A 440 83.30 -0.38 -22.93
CA ARG A 440 83.88 -1.37 -22.04
C ARG A 440 83.96 -2.72 -22.74
N LEU A 441 85.14 -3.32 -22.72
CA LEU A 441 85.40 -4.58 -23.42
C LEU A 441 85.83 -5.71 -22.50
N PHE A 442 86.51 -5.42 -21.39
CA PHE A 442 87.04 -6.43 -20.49
C PHE A 442 86.33 -6.36 -19.15
N ARG A 443 85.88 -7.51 -18.66
CA ARG A 443 85.24 -7.60 -17.35
C ARG A 443 85.38 -9.02 -16.84
N LYS A 444 85.25 -9.18 -15.53
CA LYS A 444 85.35 -10.50 -14.91
C LYS A 444 84.20 -11.41 -15.30
N SER A 445 83.09 -10.85 -15.76
CA SER A 445 81.92 -11.64 -16.16
C SER A 445 81.02 -10.77 -17.02
N ASN A 446 79.92 -11.37 -17.48
CA ASN A 446 78.97 -10.68 -18.33
C ASN A 446 77.93 -9.96 -17.49
N LEU A 447 77.39 -8.87 -18.06
CA LEU A 447 76.40 -8.08 -17.34
C LEU A 447 75.05 -8.78 -17.30
N LYS A 448 74.38 -8.68 -16.15
CA LYS A 448 73.01 -9.16 -16.04
C LYS A 448 72.06 -8.19 -16.77
N PRO A 449 70.97 -8.69 -17.33
CA PRO A 449 70.04 -7.78 -18.01
C PRO A 449 69.56 -6.67 -17.09
N PHE A 450 69.51 -5.45 -17.63
CA PHE A 450 69.13 -4.26 -16.87
C PHE A 450 70.02 -4.06 -15.66
N GLU A 451 71.27 -4.50 -15.73
CA GLU A 451 72.26 -4.32 -14.68
C GLU A 451 73.53 -3.77 -15.29
N ARG A 452 74.15 -2.81 -14.59
CA ARG A 452 75.35 -2.14 -15.09
C ARG A 452 76.28 -1.83 -13.94
N ASP A 453 77.59 -2.00 -14.18
CA ASP A 453 78.62 -1.64 -13.23
C ASP A 453 79.75 -0.96 -13.96
N ILE A 454 80.29 0.10 -13.36
CA ILE A 454 81.38 0.89 -13.95
C ILE A 454 82.52 0.95 -12.94
N SER A 455 83.72 0.60 -13.39
CA SER A 455 84.90 0.65 -12.53
C SER A 455 86.13 0.75 -13.42
N THR A 456 87.22 1.25 -12.82
CA THR A 456 88.49 1.39 -13.51
C THR A 456 89.47 0.28 -13.16
N GLU A 457 89.03 -0.74 -12.43
CA GLU A 457 89.91 -1.83 -12.06
C GLU A 457 90.44 -2.52 -13.31
N ILE A 458 91.76 -2.79 -13.33
CA ILE A 458 92.38 -3.40 -14.49
C ILE A 458 91.99 -4.88 -14.55
N TYR A 459 91.48 -5.30 -15.70
CA TYR A 459 91.16 -6.70 -15.90
C TYR A 459 92.44 -7.50 -16.11
N GLN A 460 92.60 -8.57 -15.33
CA GLN A 460 93.81 -9.38 -15.33
C GLN A 460 93.46 -10.81 -15.71
N ALA A 461 94.16 -11.35 -16.70
CA ALA A 461 93.96 -12.73 -17.09
C ALA A 461 94.35 -13.66 -15.95
N GLY A 462 93.59 -14.75 -15.80
CA GLY A 462 93.87 -15.68 -14.72
C GLY A 462 95.25 -16.30 -14.81
N SER A 463 95.68 -16.66 -16.01
CA SER A 463 96.97 -17.30 -16.20
C SER A 463 98.14 -16.33 -16.11
N THR A 464 97.92 -15.03 -16.31
CA THR A 464 98.98 -14.03 -16.29
C THR A 464 98.53 -12.86 -15.43
N PRO A 465 98.41 -13.05 -14.12
CA PRO A 465 98.02 -11.95 -13.23
C PRO A 465 99.10 -10.89 -13.15
N CYS A 466 98.65 -9.65 -12.96
CA CYS A 466 99.55 -8.51 -12.73
C CYS A 466 99.56 -8.11 -11.26
N ASN A 467 98.39 -7.80 -10.70
CA ASN A 467 98.10 -7.53 -9.29
C ASN A 467 98.59 -6.15 -8.85
N GLY A 468 99.38 -5.43 -9.64
CA GLY A 468 99.72 -4.07 -9.29
C GLY A 468 99.96 -3.14 -10.46
N VAL A 469 99.75 -3.61 -11.69
CA VAL A 469 100.11 -2.87 -12.90
C VAL A 469 99.26 -3.38 -14.06
N GLU A 470 99.22 -2.58 -15.13
CA GLU A 470 98.61 -2.99 -16.39
C GLU A 470 99.68 -3.68 -17.25
N GLY A 471 100.02 -4.90 -16.82
CA GLY A 471 101.08 -5.66 -17.45
C GLY A 471 100.59 -6.53 -18.58
N PHE A 472 101.35 -7.58 -18.85
CA PHE A 472 101.00 -8.50 -19.94
C PHE A 472 99.66 -9.17 -19.66
N ASN A 473 98.83 -9.25 -20.70
CA ASN A 473 97.49 -9.83 -20.61
C ASN A 473 96.59 -9.08 -19.63
N CYS A 474 96.98 -7.87 -19.25
CA CYS A 474 96.18 -7.02 -18.38
C CYS A 474 95.71 -5.81 -19.19
N TYR A 475 94.39 -5.62 -19.27
CA TYR A 475 93.80 -4.61 -20.13
C TYR A 475 92.89 -3.70 -19.31
N PHE A 476 92.92 -2.41 -19.61
CA PHE A 476 92.00 -1.48 -18.97
C PHE A 476 90.58 -1.75 -19.46
N PRO A 477 89.57 -1.66 -18.58
CA PRO A 477 88.20 -1.95 -19.02
C PRO A 477 87.73 -1.06 -20.16
N LEU A 478 88.12 0.21 -20.16
CA LEU A 478 87.62 1.17 -21.13
C LEU A 478 88.56 1.27 -22.32
N GLN A 479 87.97 1.40 -23.51
CA GLN A 479 88.71 1.59 -24.75
C GLN A 479 88.08 2.73 -25.53
N SER A 480 88.91 3.42 -26.31
CA SER A 480 88.47 4.59 -27.06
C SER A 480 87.30 4.23 -27.97
N TYR A 481 86.59 5.27 -28.42
CA TYR A 481 85.44 5.09 -29.29
C TYR A 481 85.14 6.43 -29.95
N GLY A 482 85.14 6.45 -31.28
CA GLY A 482 84.96 7.67 -32.02
C GLY A 482 84.54 7.38 -33.45
N PHE A 483 84.33 8.44 -34.21
CA PHE A 483 83.87 8.34 -35.59
C PHE A 483 84.55 9.41 -36.43
N GLN A 484 84.63 9.16 -37.73
CA GLN A 484 85.22 10.09 -38.68
C GLN A 484 84.31 10.25 -39.89
N PRO A 485 84.40 11.38 -40.59
CA PRO A 485 83.54 11.57 -41.78
C PRO A 485 83.73 10.50 -42.84
N THR A 486 84.96 9.99 -43.02
CA THR A 486 85.23 9.02 -44.07
C THR A 486 84.64 7.65 -43.78
N ASN A 487 84.13 7.42 -42.58
CA ASN A 487 83.57 6.11 -42.26
C ASN A 487 82.37 5.81 -43.14
N GLY A 488 82.20 4.52 -43.46
CA GLY A 488 81.08 4.09 -44.27
C GLY A 488 79.77 4.07 -43.50
N VAL A 489 78.70 3.78 -44.25
CA VAL A 489 77.36 3.83 -43.66
C VAL A 489 77.28 2.92 -42.43
N GLY A 490 77.83 1.71 -42.54
CA GLY A 490 77.83 0.81 -41.40
C GLY A 490 78.71 1.27 -40.26
N TYR A 491 79.64 2.19 -40.51
CA TYR A 491 80.56 2.68 -39.50
C TYR A 491 80.18 4.05 -38.96
N GLN A 492 79.14 4.69 -39.50
CA GLN A 492 78.74 6.00 -39.02
C GLN A 492 78.06 5.90 -37.66
N PRO A 493 78.12 6.95 -36.84
CA PRO A 493 77.44 6.92 -35.55
C PRO A 493 75.93 6.94 -35.71
N TYR A 494 75.25 6.38 -34.71
CA TYR A 494 73.80 6.31 -34.69
C TYR A 494 73.32 6.51 -33.26
N ARG A 495 72.27 7.31 -33.11
CA ARG A 495 71.64 7.55 -31.82
C ARG A 495 70.59 6.49 -31.57
N VAL A 496 70.63 5.88 -30.39
CA VAL A 496 69.75 4.77 -30.02
C VAL A 496 69.07 5.10 -28.70
N VAL A 497 67.75 4.89 -28.66
CA VAL A 497 66.95 5.09 -27.46
C VAL A 497 66.10 3.84 -27.26
N VAL A 498 66.12 3.31 -26.04
CA VAL A 498 65.37 2.11 -25.67
C VAL A 498 64.32 2.52 -24.64
N LEU A 499 63.06 2.22 -24.95
CA LEU A 499 61.94 2.51 -24.06
C LEU A 499 61.52 1.21 -23.39
N SER A 500 61.71 1.13 -22.07
CA SER A 500 61.34 -0.05 -21.30
C SER A 500 60.19 0.30 -20.36
N PHE A 501 59.12 -0.49 -20.43
CA PHE A 501 57.90 -0.24 -19.68
C PHE A 501 57.76 -1.26 -18.56
N GLU A 502 57.41 -0.78 -17.36
CA GLU A 502 57.19 -1.67 -16.23
C GLU A 502 55.89 -1.29 -15.53
N LEU A 503 55.12 -2.32 -15.20
CA LEU A 503 53.84 -2.20 -14.48
C LEU A 503 54.01 -2.85 -13.12
N LEU A 504 54.20 -2.03 -12.08
CA LEU A 504 54.35 -2.51 -10.72
C LEU A 504 53.04 -2.35 -9.96
N HIS A 505 53.04 -2.78 -8.70
CA HIS A 505 51.84 -2.67 -7.87
C HIS A 505 51.42 -1.22 -7.68
N ALA A 506 52.34 -0.27 -7.81
CA ALA A 506 51.98 1.13 -7.67
C ALA A 506 51.04 1.55 -8.80
N PRO A 507 50.19 2.55 -8.57
CA PRO A 507 49.27 2.98 -9.62
C PRO A 507 50.01 3.43 -10.86
N ALA A 508 49.46 3.08 -12.03
CA ALA A 508 50.08 3.42 -13.29
C ALA A 508 49.68 4.84 -13.71
N THR A 509 50.63 5.57 -14.28
CA THR A 509 50.43 6.99 -14.56
C THR A 509 50.83 7.41 -15.97
N VAL A 510 51.50 6.57 -16.75
CA VAL A 510 51.86 6.87 -18.13
C VAL A 510 50.75 6.30 -19.00
N CYS A 511 49.81 7.15 -19.42
CA CYS A 511 48.59 6.68 -20.03
C CYS A 511 48.08 7.72 -21.01
N GLY A 512 47.89 7.30 -22.27
CA GLY A 512 47.36 8.21 -23.26
C GLY A 512 45.85 8.34 -23.27
N PRO A 513 45.15 7.28 -23.74
CA PRO A 513 43.69 7.28 -23.64
C PRO A 513 43.16 6.46 -22.48
N LYS A 514 42.19 6.99 -21.74
CA LYS A 514 41.64 6.36 -20.54
C LYS A 514 40.11 6.40 -20.57
N LYS A 515 39.53 5.98 -21.70
CA LYS A 515 38.08 5.89 -21.86
C LYS A 515 37.37 7.18 -21.46
N SER A 516 38.07 8.31 -21.53
CA SER A 516 37.49 9.61 -21.20
C SER A 516 36.99 10.25 -22.49
N THR A 517 35.70 10.07 -22.77
CA THR A 517 35.11 10.61 -23.98
C THR A 517 35.06 12.13 -23.90
N ASN A 518 34.97 12.76 -25.07
CA ASN A 518 34.97 14.20 -25.14
C ASN A 518 33.75 14.78 -24.44
N LEU A 519 33.94 15.95 -23.82
CA LEU A 519 32.88 16.63 -23.08
C LEU A 519 31.98 17.38 -24.05
N VAL A 520 30.67 17.22 -23.87
CA VAL A 520 29.67 17.90 -24.69
C VAL A 520 28.69 18.60 -23.76
N LYS A 521 28.25 19.79 -24.16
CA LYS A 521 27.37 20.62 -23.35
C LYS A 521 26.13 20.99 -24.14
N ASN A 522 25.08 21.38 -23.39
CA ASN A 522 23.85 21.90 -23.98
C ASN A 522 23.13 20.84 -24.82
N LYS A 523 23.23 19.57 -24.42
CA LYS A 523 22.56 18.48 -25.11
C LYS A 523 22.12 17.45 -24.09
N CYS A 524 20.84 17.11 -24.10
CA CYS A 524 20.34 16.01 -23.28
C CYS A 524 21.13 14.74 -23.62
N VAL A 525 21.84 14.21 -22.63
CA VAL A 525 22.74 13.09 -22.85
C VAL A 525 22.95 12.36 -21.53
N ASN A 526 23.38 11.10 -21.62
CA ASN A 526 23.86 10.37 -20.46
C ASN A 526 25.26 10.84 -20.10
N PHE A 527 25.62 10.64 -18.83
CA PHE A 527 26.94 11.05 -18.37
C PHE A 527 27.36 10.16 -17.21
N ASN A 528 28.66 9.89 -17.14
CA ASN A 528 29.26 9.09 -16.08
C ASN A 528 30.48 9.87 -15.56
N PHE A 529 30.26 10.67 -14.52
CA PHE A 529 31.32 11.48 -13.92
C PHE A 529 31.92 10.70 -12.76
N ASN A 530 33.06 10.05 -13.01
CA ASN A 530 33.79 9.31 -11.98
C ASN A 530 32.88 8.33 -11.25
N GLY A 531 32.08 7.61 -12.03
CA GLY A 531 31.15 6.63 -11.48
C GLY A 531 29.77 7.15 -11.20
N LEU A 532 29.57 8.46 -11.17
CA LEU A 532 28.25 9.05 -10.98
C LEU A 532 27.50 9.01 -12.31
N THR A 533 26.50 8.15 -12.41
CA THR A 533 25.75 7.95 -13.63
C THR A 533 24.47 8.78 -13.58
N GLY A 534 24.19 9.50 -14.66
CA GLY A 534 22.99 10.31 -14.72
C GLY A 534 22.65 10.68 -16.14
N THR A 535 21.53 11.39 -16.29
CA THR A 535 21.05 11.83 -17.59
C THR A 535 20.59 13.28 -17.48
N GLY A 536 20.87 14.07 -18.51
CA GLY A 536 20.41 15.44 -18.54
C GLY A 536 21.33 16.28 -19.41
N VAL A 537 21.21 17.60 -19.23
CA VAL A 537 21.97 18.59 -19.98
C VAL A 537 23.07 19.13 -19.08
N LEU A 538 24.30 19.10 -19.56
CA LEU A 538 25.46 19.61 -18.82
C LEU A 538 25.79 21.00 -19.34
N THR A 539 25.46 22.01 -18.55
CA THR A 539 25.74 23.40 -18.90
C THR A 539 26.81 23.95 -17.96
N GLU A 540 27.22 25.20 -18.19
CA GLU A 540 28.18 25.87 -17.34
C GLU A 540 27.47 26.47 -16.12
N SER A 541 28.14 26.42 -14.98
CA SER A 541 27.56 26.86 -13.72
C SER A 541 28.37 28.02 -13.16
N ASN A 542 27.67 28.93 -12.46
CA ASN A 542 28.32 30.05 -11.79
C ASN A 542 28.74 29.71 -10.36
N LYS A 543 28.10 28.72 -9.74
CA LYS A 543 28.46 28.34 -8.38
C LYS A 543 29.89 27.86 -8.31
N LYS A 544 30.56 28.19 -7.20
CA LYS A 544 31.97 27.87 -6.99
C LYS A 544 32.07 26.78 -5.92
N PHE A 545 32.55 25.60 -6.33
CA PHE A 545 32.77 24.52 -5.39
C PHE A 545 34.03 24.78 -4.57
N LEU A 546 34.10 24.15 -3.40
CA LEU A 546 35.32 24.15 -2.62
C LEU A 546 36.32 23.18 -3.22
N PRO A 547 37.61 23.31 -2.90
CA PRO A 547 38.61 22.46 -3.54
C PRO A 547 38.34 20.97 -3.39
N PHE A 548 37.83 20.55 -2.24
CA PHE A 548 37.59 19.13 -1.97
C PHE A 548 36.21 18.67 -2.41
N GLN A 549 35.33 19.57 -2.82
CA GLN A 549 33.96 19.22 -3.17
C GLN A 549 33.89 18.70 -4.60
N GLN A 550 33.14 17.62 -4.78
CA GLN A 550 32.95 16.99 -6.09
C GLN A 550 31.54 17.15 -6.61
N PHE A 551 30.54 16.77 -5.83
CA PHE A 551 29.15 16.75 -6.26
C PHE A 551 28.41 17.97 -5.73
N GLY A 552 27.17 18.13 -6.17
CA GLY A 552 26.29 19.18 -5.68
C GLY A 552 24.86 18.72 -5.65
N ARG A 553 24.16 18.96 -4.55
CA ARG A 553 22.79 18.47 -4.38
C ARG A 553 21.89 19.61 -3.92
N ASP A 554 20.63 19.52 -4.32
CA ASP A 554 19.62 20.52 -3.98
C ASP A 554 18.91 20.11 -2.70
N ILE A 555 17.82 20.80 -2.38
CA ILE A 555 17.07 20.52 -1.16
C ILE A 555 16.46 19.12 -1.21
N ALA A 556 16.18 18.61 -2.42
CA ALA A 556 15.57 17.30 -2.59
C ALA A 556 16.57 16.17 -2.66
N ASP A 557 17.86 16.47 -2.45
CA ASP A 557 18.92 15.45 -2.48
C ASP A 557 18.99 14.77 -3.85
N THR A 558 19.11 15.61 -4.89
CA THR A 558 19.28 15.15 -6.26
C THR A 558 20.45 15.88 -6.88
N THR A 559 21.36 15.12 -7.51
CA THR A 559 22.56 15.73 -8.09
C THR A 559 22.17 16.76 -9.14
N ASP A 560 22.78 17.94 -9.04
CA ASP A 560 22.52 19.01 -9.99
C ASP A 560 23.78 19.78 -10.36
N ALA A 561 24.96 19.31 -9.94
CA ALA A 561 26.21 19.98 -10.25
C ALA A 561 27.35 19.00 -10.08
N VAL A 562 28.32 19.05 -10.98
CA VAL A 562 29.47 18.14 -10.94
C VAL A 562 30.69 18.88 -11.48
N ARG A 563 31.84 18.64 -10.86
CA ARG A 563 33.09 19.20 -11.36
C ARG A 563 33.68 18.30 -12.43
N ASP A 564 34.19 18.91 -13.49
CA ASP A 564 34.81 18.15 -14.57
C ASP A 564 36.10 17.52 -14.08
N PRO A 565 36.28 16.20 -14.22
CA PRO A 565 37.52 15.59 -13.72
C PRO A 565 38.78 16.19 -14.31
N GLN A 566 38.76 16.58 -15.59
CA GLN A 566 39.95 17.10 -16.24
C GLN A 566 40.24 18.53 -15.79
N THR A 567 39.32 19.45 -16.03
CA THR A 567 39.48 20.85 -15.66
C THR A 567 38.61 21.17 -14.45
N LEU A 568 39.14 22.00 -13.55
CA LEU A 568 38.45 22.36 -12.32
C LEU A 568 37.36 23.39 -12.64
N GLU A 569 36.30 22.89 -13.29
CA GLU A 569 35.14 23.69 -13.63
C GLU A 569 33.88 22.92 -13.26
N ILE A 570 32.83 23.67 -12.91
CA ILE A 570 31.59 23.10 -12.39
C ILE A 570 30.53 23.21 -13.48
N LEU A 571 29.84 22.10 -13.74
CA LEU A 571 28.78 22.03 -14.73
C LEU A 571 27.47 21.65 -14.04
N ASP A 572 26.40 22.38 -14.35
CA ASP A 572 25.09 22.07 -13.79
C ASP A 572 24.48 20.88 -14.53
N ILE A 573 23.52 20.23 -13.87
CA ILE A 573 22.79 19.11 -14.42
C ILE A 573 21.30 19.39 -14.25
N THR A 574 20.55 19.33 -15.35
CA THR A 574 19.11 19.56 -15.33
C THR A 574 18.43 18.55 -16.24
N PRO A 575 17.19 18.16 -15.93
CA PRO A 575 16.42 17.37 -16.90
C PRO A 575 16.12 18.20 -18.14
N CYS A 576 16.18 17.55 -19.30
CA CYS A 576 16.15 18.29 -20.54
C CYS A 576 14.74 18.71 -20.93
N SER A 577 13.84 17.74 -21.15
CA SER A 577 12.55 18.05 -21.75
C SER A 577 11.37 17.83 -20.80
N PHE A 578 11.18 16.62 -20.28
CA PHE A 578 9.94 16.29 -19.58
C PHE A 578 8.74 16.86 -20.36
N GLY A 579 7.70 17.30 -19.67
CA GLY A 579 6.60 18.00 -20.31
C GLY A 579 5.55 17.05 -20.85
N GLY A 580 4.45 17.63 -21.30
CA GLY A 580 3.35 16.86 -21.87
C GLY A 580 2.80 17.54 -23.11
N VAL A 581 2.08 16.75 -23.91
CA VAL A 581 1.51 17.20 -25.16
C VAL A 581 0.00 17.16 -25.04
N SER A 582 -0.63 18.33 -25.19
CA SER A 582 -2.06 18.47 -25.18
C SER A 582 -2.54 18.94 -26.55
N VAL A 583 -3.78 18.62 -26.88
CA VAL A 583 -4.36 18.93 -28.18
C VAL A 583 -5.49 19.92 -27.98
N ILE A 584 -5.34 21.11 -28.55
CA ILE A 584 -6.38 22.12 -28.54
C ILE A 584 -7.17 21.99 -29.84
N THR A 585 -8.49 21.87 -29.71
CA THR A 585 -9.30 21.64 -30.89
C THR A 585 -10.73 22.12 -30.67
N PRO A 586 -11.32 22.82 -31.64
CA PRO A 586 -12.78 22.92 -31.66
C PRO A 586 -13.38 21.56 -31.96
N GLY A 587 -14.64 21.39 -31.57
CA GLY A 587 -15.30 20.12 -31.75
C GLY A 587 -15.13 19.57 -33.16
N THR A 588 -15.24 18.26 -33.32
CA THR A 588 -15.13 17.68 -34.66
C THR A 588 -16.11 18.35 -35.61
N ASN A 589 -17.28 18.73 -35.10
CA ASN A 589 -18.17 19.60 -35.84
C ASN A 589 -17.52 20.97 -36.04
N THR A 590 -17.68 21.52 -37.24
CA THR A 590 -17.22 22.83 -37.67
C THR A 590 -15.72 22.86 -37.98
N SER A 591 -14.97 21.79 -37.72
CA SER A 591 -13.54 21.79 -38.04
C SER A 591 -12.94 20.44 -37.69
N ASN A 592 -11.78 20.17 -38.29
CA ASN A 592 -10.96 19.02 -37.95
C ASN A 592 -9.51 19.39 -37.64
N GLN A 593 -9.05 20.56 -38.09
CA GLN A 593 -7.70 21.01 -37.77
C GLN A 593 -7.58 21.29 -36.28
N VAL A 594 -6.37 21.10 -35.75
CA VAL A 594 -6.10 21.24 -34.32
C VAL A 594 -4.76 21.92 -34.13
N ALA A 595 -4.47 22.26 -32.87
CA ALA A 595 -3.20 22.80 -32.45
C ALA A 595 -2.63 21.93 -31.34
N VAL A 596 -1.31 21.98 -31.17
CA VAL A 596 -0.62 21.15 -30.20
C VAL A 596 0.13 22.05 -29.23
N LEU A 597 -0.06 21.81 -27.94
CA LEU A 597 0.64 22.54 -26.89
C LEU A 597 1.59 21.59 -26.19
N TYR A 598 2.88 21.91 -26.24
CA TYR A 598 3.92 21.18 -25.53
C TYR A 598 4.28 22.00 -24.29
N GLN A 599 4.03 21.43 -23.11
CA GLN A 599 4.12 22.19 -21.88
C GLN A 599 5.56 22.28 -21.39
N ASP A 600 5.94 23.49 -20.93
CA ASP A 600 7.22 23.72 -20.27
C ASP A 600 8.38 23.25 -21.14
N VAL A 601 8.31 23.54 -22.44
CA VAL A 601 9.38 23.24 -23.38
C VAL A 601 9.55 24.43 -24.32
N ASN A 602 10.78 24.61 -24.78
CA ASN A 602 11.09 25.67 -25.73
C ASN A 602 10.77 25.21 -27.15
N CYS A 603 10.35 26.15 -27.99
CA CYS A 603 9.92 25.82 -29.34
C CYS A 603 11.07 25.32 -30.21
N THR A 604 12.32 25.48 -29.76
CA THR A 604 13.44 24.93 -30.52
C THR A 604 13.55 23.42 -30.33
N GLU A 605 13.14 22.91 -29.17
CA GLU A 605 13.29 21.50 -28.85
C GLU A 605 12.08 20.66 -29.28
N VAL A 606 10.99 21.28 -29.71
CA VAL A 606 9.80 20.49 -30.08
C VAL A 606 10.08 19.53 -31.21
N PRO A 607 10.84 19.88 -32.26
CA PRO A 607 10.98 18.95 -33.39
C PRO A 607 11.59 17.62 -33.00
N VAL A 608 12.41 17.58 -31.94
CA VAL A 608 13.06 16.36 -31.49
C VAL A 608 12.36 15.73 -30.29
N ALA A 609 11.22 16.27 -29.86
CA ALA A 609 10.50 15.75 -28.71
C ALA A 609 9.62 14.59 -29.17
N ILE A 610 10.18 13.39 -29.14
CA ILE A 610 9.48 12.18 -29.57
C ILE A 610 8.98 12.40 -30.99
N HIS A 611 9.90 12.42 -31.95
CA HIS A 611 9.57 12.59 -33.36
C HIS A 611 10.62 11.84 -34.18
N ALA A 612 10.59 12.03 -35.49
CA ALA A 612 11.49 11.35 -36.41
C ALA A 612 11.09 9.90 -36.59
N ASP A 613 10.08 9.44 -35.85
CA ASP A 613 9.52 8.11 -36.02
C ASP A 613 8.00 8.14 -36.11
N GLN A 614 7.38 9.27 -35.79
CA GLN A 614 5.94 9.40 -35.90
C GLN A 614 5.51 9.29 -37.36
N LEU A 615 4.19 9.24 -37.57
CA LEU A 615 3.65 9.19 -38.92
C LEU A 615 3.96 10.52 -39.60
N THR A 616 4.93 10.49 -40.52
CA THR A 616 5.59 11.68 -41.04
C THR A 616 4.57 12.70 -41.56
N PRO A 617 3.82 12.36 -42.61
CA PRO A 617 3.13 13.43 -43.38
C PRO A 617 2.20 14.29 -42.56
N THR A 618 1.49 13.68 -41.60
CA THR A 618 0.47 14.39 -40.85
C THR A 618 0.94 14.87 -39.47
N TRP A 619 2.10 14.41 -39.00
CA TRP A 619 2.62 14.85 -37.71
C TRP A 619 3.72 15.88 -37.81
N ARG A 620 4.49 15.91 -38.91
CA ARG A 620 5.49 16.97 -39.04
C ARG A 620 4.83 18.34 -39.15
N VAL A 621 3.60 18.38 -39.67
CA VAL A 621 2.89 19.66 -39.79
C VAL A 621 2.62 20.27 -38.42
N TYR A 622 2.36 19.44 -37.41
CA TYR A 622 2.10 19.91 -36.05
C TYR A 622 3.35 19.91 -35.19
N SER A 623 4.50 19.57 -35.75
CA SER A 623 5.76 19.57 -35.01
C SER A 623 6.71 20.68 -35.44
N THR A 624 6.57 21.21 -36.64
CA THR A 624 7.45 22.28 -37.13
C THR A 624 6.61 23.17 -38.04
N GLY A 625 7.28 24.03 -38.81
CA GLY A 625 6.60 24.91 -39.72
C GLY A 625 6.27 26.25 -39.08
N SER A 626 5.31 26.95 -39.70
CA SER A 626 4.87 28.23 -39.21
C SER A 626 3.91 28.07 -38.03
N ASN A 627 3.39 29.21 -37.55
CA ASN A 627 2.44 29.21 -36.44
C ASN A 627 3.04 28.56 -35.20
N VAL A 628 4.26 28.98 -34.86
CA VAL A 628 4.95 28.52 -33.65
C VAL A 628 4.99 29.70 -32.69
N PHE A 629 4.35 29.53 -31.53
CA PHE A 629 4.20 30.61 -30.56
C PHE A 629 4.72 30.14 -29.20
N GLN A 630 5.56 30.96 -28.57
CA GLN A 630 6.10 30.64 -27.26
C GLN A 630 5.35 31.43 -26.19
N THR A 631 4.80 30.73 -25.21
CA THR A 631 4.09 31.34 -24.10
C THR A 631 4.59 30.73 -22.80
N ARG A 632 4.20 31.34 -21.68
CA ARG A 632 4.60 30.82 -20.39
C ARG A 632 4.15 29.38 -20.19
N ALA A 633 3.06 28.98 -20.85
CA ALA A 633 2.61 27.60 -20.77
C ALA A 633 3.53 26.65 -21.55
N GLY A 634 4.08 27.09 -22.66
CA GLY A 634 4.97 26.27 -23.45
C GLY A 634 4.92 26.67 -24.91
N CYS A 635 5.11 25.68 -25.78
CA CYS A 635 5.15 25.91 -27.22
C CYS A 635 3.81 25.52 -27.84
N LEU A 636 3.26 26.41 -28.66
CA LEU A 636 1.99 26.19 -29.34
C LEU A 636 2.25 26.11 -30.83
N ILE A 637 1.81 25.01 -31.45
CA ILE A 637 2.02 24.75 -32.87
C ILE A 637 0.66 24.62 -33.53
N GLY A 638 0.50 25.29 -34.68
CA GLY A 638 -0.74 25.27 -35.42
C GLY A 638 -1.72 26.35 -35.07
N ALA A 639 -1.41 27.21 -34.11
CA ALA A 639 -2.26 28.33 -33.71
C ALA A 639 -1.55 29.64 -34.04
N GLU A 640 -2.26 30.55 -34.68
CA GLU A 640 -1.70 31.84 -35.09
C GLU A 640 -1.88 32.84 -33.97
N HIS A 641 -0.77 33.43 -33.52
CA HIS A 641 -0.83 34.45 -32.49
C HIS A 641 -1.49 35.71 -33.05
N VAL A 642 -2.37 36.31 -32.25
CA VAL A 642 -3.13 37.49 -32.67
C VAL A 642 -2.97 38.56 -31.60
N ASN A 643 -2.70 39.80 -32.05
CA ASN A 643 -2.52 40.91 -31.14
C ASN A 643 -3.82 41.33 -30.46
N ASN A 644 -4.97 40.97 -31.03
CA ASN A 644 -6.25 41.32 -30.43
C ASN A 644 -6.47 40.53 -29.15
N SER A 645 -7.52 40.90 -28.42
CA SER A 645 -7.87 40.23 -27.17
C SER A 645 -9.37 40.01 -27.14
N TYR A 646 -9.78 38.76 -26.99
CA TYR A 646 -11.18 38.38 -26.92
C TYR A 646 -11.42 37.59 -25.63
N GLU A 647 -12.71 37.36 -25.33
CA GLU A 647 -13.05 36.54 -24.18
C GLU A 647 -12.51 35.13 -24.36
N CYS A 648 -12.03 34.54 -23.27
CA CYS A 648 -11.41 33.23 -23.35
C CYS A 648 -12.40 32.20 -23.86
N ASP A 649 -11.94 31.38 -24.82
CA ASP A 649 -12.73 30.29 -25.38
C ASP A 649 -12.15 28.94 -24.99
N ILE A 650 -10.87 28.70 -25.28
CA ILE A 650 -10.17 27.50 -24.85
C ILE A 650 -8.98 27.93 -24.01
N PRO A 651 -9.01 27.76 -22.69
CA PRO A 651 -7.93 28.31 -21.84
C PRO A 651 -6.63 27.54 -22.04
N ILE A 652 -5.63 28.23 -22.56
CA ILE A 652 -4.29 27.67 -22.67
C ILE A 652 -3.51 27.83 -21.37
N GLY A 653 -3.53 29.04 -20.80
CA GLY A 653 -2.84 29.30 -19.55
C GLY A 653 -2.04 30.58 -19.58
N ALA A 654 -1.71 31.10 -18.40
CA ALA A 654 -0.94 32.34 -18.26
C ALA A 654 -1.60 33.49 -19.01
N GLY A 655 -2.93 33.54 -18.99
CA GLY A 655 -3.66 34.59 -19.68
C GLY A 655 -3.82 34.38 -21.16
N ILE A 656 -3.36 33.26 -21.70
CA ILE A 656 -3.44 32.97 -23.14
C ILE A 656 -4.57 31.97 -23.36
N CYS A 657 -5.40 32.23 -24.37
CA CYS A 657 -6.49 31.36 -24.76
C CYS A 657 -6.46 31.17 -26.28
N ALA A 658 -7.29 30.23 -26.76
CA ALA A 658 -7.36 29.89 -28.17
C ALA A 658 -8.81 29.85 -28.62
N SER A 659 -9.05 30.33 -29.83
CA SER A 659 -10.38 30.31 -30.42
C SER A 659 -10.27 29.96 -31.90
N TYR A 660 -11.29 29.26 -32.41
CA TYR A 660 -11.25 28.81 -33.79
C TYR A 660 -11.59 29.91 -34.79
N GLN A 661 -12.25 30.98 -34.35
CA GLN A 661 -12.71 32.00 -35.27
C GLN A 661 -11.53 32.61 -36.02
N THR A 662 -11.80 33.07 -37.24
CA THR A 662 -10.77 33.65 -38.10
C THR A 662 -9.96 34.71 -37.36
N SER A 675 -9.25 29.67 -44.88
CA SER A 675 -9.76 30.92 -44.31
C SER A 675 -9.69 30.89 -42.79
N GLN A 676 -10.62 30.16 -42.18
CA GLN A 676 -10.66 30.06 -40.73
C GLN A 676 -9.48 29.24 -40.22
N SER A 677 -8.97 29.65 -39.06
CA SER A 677 -7.84 28.96 -38.45
C SER A 677 -7.87 29.21 -36.94
N ILE A 678 -7.14 28.38 -36.21
CA ILE A 678 -7.06 28.51 -34.76
C ILE A 678 -6.13 29.67 -34.41
N ILE A 679 -6.62 30.58 -33.59
CA ILE A 679 -5.89 31.78 -33.21
C ILE A 679 -5.70 31.79 -31.70
N ALA A 680 -4.47 32.07 -31.27
CA ALA A 680 -4.11 32.20 -29.87
C ALA A 680 -3.97 33.68 -29.54
N TYR A 681 -4.59 34.09 -28.43
CA TYR A 681 -4.62 35.50 -28.05
C TYR A 681 -4.54 35.60 -26.53
N THR A 682 -4.48 36.85 -26.06
CA THR A 682 -4.51 37.14 -24.63
C THR A 682 -5.95 37.48 -24.24
N MET A 683 -6.47 36.76 -23.24
CA MET A 683 -7.87 36.95 -22.85
C MET A 683 -8.09 38.38 -22.37
N SER A 684 -9.27 38.92 -22.69
CA SER A 684 -9.69 40.23 -22.23
C SER A 684 -10.60 40.04 -21.02
N LEU A 685 -10.23 40.66 -19.89
CA LEU A 685 -11.00 40.50 -18.67
C LEU A 685 -12.43 41.00 -18.84
N GLY A 686 -12.68 41.89 -19.77
CA GLY A 686 -14.03 42.40 -19.99
C GLY A 686 -14.00 43.65 -20.83
N ALA A 687 -15.18 44.22 -21.01
CA ALA A 687 -15.33 45.45 -21.78
C ALA A 687 -14.97 46.64 -20.89
N GLU A 688 -14.04 47.47 -21.34
CA GLU A 688 -13.62 48.62 -20.56
C GLU A 688 -14.79 49.58 -20.37
N ASN A 689 -14.88 50.14 -19.16
CA ASN A 689 -15.96 51.06 -18.84
C ASN A 689 -15.42 52.11 -17.87
N SER A 690 -16.05 53.29 -17.91
CA SER A 690 -15.69 54.39 -17.02
C SER A 690 -16.96 55.07 -16.57
N VAL A 691 -17.30 54.92 -15.28
CA VAL A 691 -18.50 55.54 -14.75
C VAL A 691 -18.31 57.05 -14.71
N ALA A 692 -19.31 57.78 -15.19
CA ALA A 692 -19.23 59.24 -15.22
C ALA A 692 -19.39 59.79 -13.81
N TYR A 693 -18.40 59.54 -12.95
CA TYR A 693 -18.51 59.93 -11.55
C TYR A 693 -18.31 61.43 -11.40
N SER A 694 -19.24 62.07 -10.70
CA SER A 694 -19.10 63.46 -10.27
C SER A 694 -19.65 63.57 -8.87
N ASN A 695 -19.17 64.57 -8.13
CA ASN A 695 -19.56 64.70 -6.73
C ASN A 695 -20.96 65.28 -6.56
N ASN A 696 -21.63 65.65 -7.65
CA ASN A 696 -23.01 66.14 -7.58
C ASN A 696 -23.86 65.58 -8.72
N SER A 697 -23.55 64.38 -9.20
CA SER A 697 -24.28 63.73 -10.27
C SER A 697 -24.68 62.33 -9.83
N ILE A 698 -25.92 61.95 -10.14
CA ILE A 698 -26.44 60.63 -9.78
C ILE A 698 -27.23 60.08 -10.95
N ALA A 699 -27.08 58.78 -11.20
CA ALA A 699 -27.84 58.08 -12.22
C ALA A 699 -28.97 57.31 -11.55
N ILE A 700 -30.20 57.56 -12.00
CA ILE A 700 -31.39 56.97 -11.42
C ILE A 700 -32.06 56.11 -12.50
N PRO A 701 -32.51 54.89 -12.19
CA PRO A 701 -33.19 54.10 -13.21
C PRO A 701 -34.58 54.66 -13.51
N THR A 702 -34.89 54.80 -14.80
CA THR A 702 -36.20 55.23 -15.25
C THR A 702 -37.07 54.05 -15.69
N ASN A 703 -36.57 52.83 -15.56
CA ASN A 703 -37.31 51.63 -15.95
C ASN A 703 -36.64 50.44 -15.27
N PHE A 704 -37.14 49.24 -15.56
CA PHE A 704 -36.66 48.03 -14.92
C PHE A 704 -36.88 46.85 -15.86
N THR A 705 -36.37 45.69 -15.44
CA THR A 705 -36.55 44.45 -16.18
C THR A 705 -36.68 43.30 -15.19
N ILE A 706 -37.55 42.35 -15.50
CA ILE A 706 -37.72 41.15 -14.69
C ILE A 706 -36.91 40.05 -15.36
N SER A 707 -35.84 39.62 -14.70
CA SER A 707 -34.91 38.66 -15.26
C SER A 707 -35.03 37.33 -14.52
N VAL A 708 -35.24 36.25 -15.28
CA VAL A 708 -35.32 34.90 -14.73
C VAL A 708 -34.07 34.16 -15.16
N THR A 709 -33.36 33.57 -14.20
CA THR A 709 -32.12 32.87 -14.46
C THR A 709 -32.12 31.50 -13.79
N THR A 710 -31.45 30.54 -14.42
CA THR A 710 -31.38 29.18 -13.91
C THR A 710 -30.09 28.96 -13.13
N GLU A 711 -30.21 28.28 -11.99
CA GLU A 711 -29.06 27.81 -11.22
C GLU A 711 -29.26 26.32 -10.95
N ILE A 712 -28.37 25.49 -11.49
CA ILE A 712 -28.48 24.04 -11.39
C ILE A 712 -27.51 23.55 -10.33
N LEU A 713 -27.99 22.73 -9.40
CA LEU A 713 -27.20 22.24 -8.29
C LEU A 713 -27.40 20.74 -8.14
N PRO A 714 -26.37 19.92 -8.24
CA PRO A 714 -26.54 18.50 -7.97
C PRO A 714 -26.90 18.26 -6.51
N VAL A 715 -27.71 17.23 -6.27
CA VAL A 715 -28.21 16.94 -4.93
C VAL A 715 -27.89 15.53 -4.46
N SER A 716 -27.66 14.57 -5.33
CA SER A 716 -27.44 13.19 -4.92
C SER A 716 -26.63 12.46 -5.97
N MET A 717 -26.09 11.31 -5.58
CA MET A 717 -25.41 10.39 -6.47
C MET A 717 -26.17 9.07 -6.52
N THR A 718 -25.75 8.20 -7.42
CA THR A 718 -26.29 6.85 -7.45
C THR A 718 -25.80 6.08 -6.23
N LYS A 719 -26.74 5.46 -5.51
CA LYS A 719 -26.42 4.73 -4.29
C LYS A 719 -25.89 3.36 -4.69
N THR A 720 -24.58 3.27 -4.85
CA THR A 720 -23.93 2.05 -5.32
C THR A 720 -23.31 1.31 -4.15
N SER A 721 -23.58 0.00 -4.07
CA SER A 721 -22.99 -0.87 -3.08
C SER A 721 -22.26 -1.99 -3.78
N VAL A 722 -20.99 -2.18 -3.41
CA VAL A 722 -20.13 -3.21 -3.99
C VAL A 722 -19.78 -4.21 -2.89
N ASP A 723 -20.11 -5.47 -3.12
CA ASP A 723 -19.75 -6.53 -2.17
C ASP A 723 -18.26 -6.82 -2.28
N CYS A 724 -17.52 -6.50 -1.22
CA CYS A 724 -16.07 -6.62 -1.26
C CYS A 724 -15.64 -8.05 -1.53
N THR A 725 -16.26 -9.01 -0.85
CA THR A 725 -15.86 -10.41 -1.01
C THR A 725 -16.08 -10.88 -2.44
N MET A 726 -17.25 -10.61 -3.01
CA MET A 726 -17.51 -11.04 -4.38
C MET A 726 -16.59 -10.33 -5.37
N TYR A 727 -16.42 -9.01 -5.21
CA TYR A 727 -15.59 -8.28 -6.15
C TYR A 727 -14.15 -8.80 -6.14
N ILE A 728 -13.58 -8.96 -4.96
CA ILE A 728 -12.21 -9.47 -4.86
C ILE A 728 -12.16 -10.94 -5.25
N CYS A 729 -13.13 -11.73 -4.77
CA CYS A 729 -13.17 -13.16 -4.99
C CYS A 729 -14.51 -13.54 -5.60
N GLY A 730 -14.48 -14.08 -6.82
CA GLY A 730 -15.70 -14.51 -7.48
C GLY A 730 -16.05 -15.94 -7.17
N ASP A 731 -16.98 -16.14 -6.22
CA ASP A 731 -17.44 -17.46 -5.81
C ASP A 731 -16.29 -18.45 -5.67
N SER A 732 -15.15 -17.99 -5.14
CA SER A 732 -13.97 -18.82 -4.96
C SER A 732 -13.76 -19.03 -3.46
N THR A 733 -13.92 -20.28 -3.01
CA THR A 733 -13.76 -20.57 -1.60
C THR A 733 -12.32 -20.31 -1.13
N GLU A 734 -11.34 -20.72 -1.93
CA GLU A 734 -9.95 -20.49 -1.56
C GLU A 734 -9.64 -19.01 -1.48
N CYS A 735 -10.11 -18.24 -2.47
CA CYS A 735 -9.86 -16.81 -2.46
C CYS A 735 -10.53 -16.13 -1.27
N SER A 736 -11.75 -16.55 -0.94
CA SER A 736 -12.43 -15.96 0.22
C SER A 736 -11.69 -16.30 1.51
N ASN A 737 -11.22 -17.55 1.64
CA ASN A 737 -10.46 -17.92 2.82
C ASN A 737 -9.18 -17.10 2.93
N LEU A 738 -8.48 -16.89 1.81
CA LEU A 738 -7.29 -16.06 1.85
C LEU A 738 -7.62 -14.63 2.23
N LEU A 739 -8.71 -14.09 1.68
CA LEU A 739 -9.10 -12.71 1.99
C LEU A 739 -9.49 -12.56 3.45
N LEU A 740 -10.02 -13.62 4.07
CA LEU A 740 -10.37 -13.54 5.48
C LEU A 740 -9.16 -13.18 6.34
N GLN A 741 -7.95 -13.49 5.87
CA GLN A 741 -6.74 -13.17 6.62
C GLN A 741 -6.46 -11.68 6.67
N TYR A 742 -7.12 -10.87 5.85
CA TYR A 742 -6.84 -9.44 5.77
C TYR A 742 -7.61 -8.62 6.79
N GLY A 743 -8.45 -9.24 7.60
CA GLY A 743 -9.12 -8.54 8.68
C GLY A 743 -10.53 -8.11 8.28
N SER A 744 -10.82 -6.83 8.49
CA SER A 744 -12.18 -6.30 8.33
C SER A 744 -12.28 -5.24 7.23
N PHE A 745 -11.34 -5.24 6.29
CA PHE A 745 -11.36 -4.23 5.24
C PHE A 745 -12.68 -4.23 4.49
N CYS A 746 -13.19 -5.41 4.16
CA CYS A 746 -14.46 -5.50 3.44
C CYS A 746 -15.58 -4.83 4.21
N THR A 747 -15.64 -5.06 5.52
CA THR A 747 -16.68 -4.43 6.33
C THR A 747 -16.54 -2.91 6.33
N GLN A 748 -15.30 -2.41 6.40
CA GLN A 748 -15.08 -0.97 6.34
C GLN A 748 -15.61 -0.39 5.03
N LEU A 749 -15.27 -1.04 3.92
CA LEU A 749 -15.70 -0.53 2.62
C LEU A 749 -17.22 -0.58 2.49
N ASN A 750 -17.84 -1.68 2.94
CA ASN A 750 -19.29 -1.77 2.89
C ASN A 750 -19.95 -0.71 3.76
N ARG A 751 -19.40 -0.46 4.94
CA ARG A 751 -19.95 0.58 5.81
C ARG A 751 -19.83 1.95 5.16
N ALA A 752 -18.68 2.23 4.53
CA ALA A 752 -18.50 3.51 3.86
C ALA A 752 -19.52 3.69 2.74
N LEU A 753 -19.72 2.65 1.93
CA LEU A 753 -20.68 2.77 0.83
C LEU A 753 -22.11 2.92 1.35
N THR A 754 -22.47 2.18 2.40
CA THR A 754 -23.80 2.33 2.98
C THR A 754 -24.00 3.73 3.54
N GLY A 755 -22.98 4.27 4.21
CA GLY A 755 -23.06 5.62 4.69
C GLY A 755 -23.23 6.63 3.58
N ILE A 756 -22.53 6.41 2.46
CA ILE A 756 -22.67 7.30 1.31
C ILE A 756 -24.10 7.25 0.78
N ALA A 757 -24.68 6.06 0.67
CA ALA A 757 -26.05 5.93 0.19
C ALA A 757 -27.03 6.63 1.12
N VAL A 758 -26.88 6.41 2.43
CA VAL A 758 -27.73 7.08 3.40
C VAL A 758 -27.56 8.59 3.31
N GLU A 759 -26.34 9.05 3.05
CA GLU A 759 -26.09 10.47 2.90
C GLU A 759 -26.80 11.02 1.67
N GLN A 760 -26.83 10.27 0.58
CA GLN A 760 -27.56 10.71 -0.60
C GLN A 760 -29.05 10.84 -0.29
N ASP A 761 -29.61 9.84 0.40
CA ASP A 761 -31.02 9.91 0.77
C ASP A 761 -31.28 11.12 1.67
N LYS A 762 -30.40 11.36 2.64
CA LYS A 762 -30.55 12.50 3.53
C LYS A 762 -30.46 13.81 2.76
N ASN A 763 -29.55 13.91 1.80
CA ASN A 763 -29.42 15.11 0.99
C ASN A 763 -30.73 15.38 0.23
N THR A 764 -31.27 14.35 -0.41
CA THR A 764 -32.53 14.53 -1.12
C THR A 764 -33.63 14.98 -0.18
N GLN A 765 -33.73 14.34 0.99
CA GLN A 765 -34.78 14.69 1.94
C GLN A 765 -34.65 16.14 2.39
N GLU A 766 -33.44 16.57 2.77
CA GLU A 766 -33.25 17.93 3.23
C GLU A 766 -33.56 18.93 2.11
N VAL A 767 -33.11 18.65 0.89
CA VAL A 767 -33.31 19.61 -0.20
C VAL A 767 -34.78 19.75 -0.52
N PHE A 768 -35.51 18.64 -0.61
CA PHE A 768 -36.87 18.67 -1.14
C PHE A 768 -37.96 18.59 -0.07
N ALA A 769 -37.71 17.91 1.04
CA ALA A 769 -38.74 17.76 2.08
C ALA A 769 -38.73 18.94 3.05
N GLN A 770 -38.86 20.14 2.51
CA GLN A 770 -38.87 21.37 3.31
C GLN A 770 -40.28 21.84 3.64
N VAL A 771 -41.32 21.14 3.20
CA VAL A 771 -42.70 21.53 3.43
C VAL A 771 -43.44 20.33 4.02
N LYS A 772 -44.22 20.58 5.06
CA LYS A 772 -44.99 19.52 5.72
C LYS A 772 -46.32 19.26 5.03
N GLN A 773 -47.00 20.31 4.57
CA GLN A 773 -48.24 20.14 3.83
C GLN A 773 -47.96 20.00 2.34
N ILE A 774 -48.96 19.48 1.62
CA ILE A 774 -48.89 19.38 0.16
C ILE A 774 -49.86 20.40 -0.43
N TYR A 775 -49.37 21.59 -0.75
CA TYR A 775 -50.22 22.65 -1.27
C TYR A 775 -50.54 22.40 -2.74
N LYS A 776 -51.73 22.88 -3.14
CA LYS A 776 -52.21 22.72 -4.50
C LYS A 776 -52.69 24.07 -5.03
N THR A 777 -52.40 24.34 -6.30
CA THR A 777 -52.84 25.56 -6.93
C THR A 777 -54.34 25.50 -7.22
N PRO A 778 -55.00 26.66 -7.31
CA PRO A 778 -56.44 26.66 -7.55
C PRO A 778 -56.75 26.08 -8.92
N PRO A 779 -57.93 25.46 -9.10
CA PRO A 779 -58.28 24.99 -10.44
C PRO A 779 -58.29 26.08 -11.48
N ILE A 780 -58.71 27.29 -11.10
CA ILE A 780 -58.70 28.45 -11.98
C ILE A 780 -57.44 29.25 -11.69
N LYS A 781 -56.56 29.37 -12.67
CA LYS A 781 -55.27 30.02 -12.49
C LYS A 781 -55.32 31.43 -13.09
N ASP A 782 -55.76 32.37 -12.26
CA ASP A 782 -55.82 33.78 -12.61
C ASP A 782 -54.97 34.53 -11.59
N PHE A 783 -53.68 34.69 -11.90
CA PHE A 783 -52.71 35.31 -10.99
C PHE A 783 -52.36 36.72 -11.41
N GLY A 784 -53.33 37.48 -11.91
CA GLY A 784 -53.07 38.84 -12.33
C GLY A 784 -52.28 38.97 -13.61
N GLY A 785 -52.30 37.94 -14.46
CA GLY A 785 -51.58 37.96 -15.72
C GLY A 785 -50.30 37.14 -15.71
N PHE A 786 -49.79 36.76 -14.53
CA PHE A 786 -48.61 35.93 -14.45
C PHE A 786 -48.95 34.49 -14.81
N ASN A 787 -48.11 33.89 -15.65
CA ASN A 787 -48.32 32.53 -16.14
C ASN A 787 -47.24 31.62 -15.58
N PHE A 788 -47.67 30.54 -14.92
CA PHE A 788 -46.75 29.55 -14.35
C PHE A 788 -46.94 28.18 -14.99
N SER A 789 -47.50 28.12 -16.20
CA SER A 789 -47.72 26.83 -16.85
C SER A 789 -46.41 26.10 -17.07
N GLN A 790 -45.37 26.82 -17.49
CA GLN A 790 -44.08 26.20 -17.76
C GLN A 790 -43.44 25.59 -16.51
N ILE A 791 -43.86 26.01 -15.32
CA ILE A 791 -43.29 25.49 -14.09
C ILE A 791 -44.28 24.69 -13.26
N LEU A 792 -45.59 24.86 -13.46
CA LEU A 792 -46.56 24.08 -12.73
C LEU A 792 -46.71 22.69 -13.36
N PRO A 793 -47.09 21.68 -12.58
CA PRO A 793 -47.23 20.34 -13.14
C PRO A 793 -48.30 20.29 -14.22
N ASP A 794 -48.08 19.43 -15.21
CA ASP A 794 -49.03 19.26 -16.31
C ASP A 794 -49.81 17.97 -16.11
N PRO A 795 -51.11 18.02 -15.79
CA PRO A 795 -51.85 16.77 -15.58
C PRO A 795 -51.98 15.91 -16.82
N SER A 796 -51.82 16.48 -18.02
CA SER A 796 -52.06 15.72 -19.24
C SER A 796 -51.07 14.55 -19.36
N LYS A 797 -49.78 14.81 -19.12
CA LYS A 797 -48.78 13.77 -19.27
C LYS A 797 -48.92 12.74 -18.15
N PRO A 798 -48.50 11.49 -18.39
CA PRO A 798 -48.60 10.49 -17.32
C PRO A 798 -47.86 10.88 -16.07
N SER A 799 -46.70 11.52 -16.20
CA SER A 799 -45.94 12.03 -15.06
C SER A 799 -46.37 13.47 -14.82
N LYS A 800 -46.95 13.73 -13.66
CA LYS A 800 -47.45 15.06 -13.34
C LYS A 800 -46.29 16.00 -13.05
N ARG A 801 -45.57 16.38 -14.10
CA ARG A 801 -44.40 17.24 -13.98
C ARG A 801 -44.49 18.38 -15.00
N SER A 802 -43.91 19.52 -14.63
CA SER A 802 -44.03 20.72 -15.44
C SER A 802 -43.29 20.57 -16.76
N PHE A 803 -43.51 21.51 -17.69
CA PHE A 803 -42.84 21.45 -18.98
C PHE A 803 -41.32 21.52 -18.81
N ILE A 804 -40.86 22.46 -17.98
CA ILE A 804 -39.42 22.61 -17.77
C ILE A 804 -38.87 21.37 -17.06
N GLU A 805 -39.61 20.82 -16.12
CA GLU A 805 -39.16 19.60 -15.44
C GLU A 805 -39.01 18.44 -16.42
N ASP A 806 -40.00 18.27 -17.30
CA ASP A 806 -39.91 17.22 -18.31
C ASP A 806 -38.73 17.46 -19.25
N LEU A 807 -38.51 18.71 -19.64
CA LEU A 807 -37.36 19.03 -20.48
C LEU A 807 -36.05 18.66 -19.78
N LEU A 808 -35.92 19.02 -18.50
CA LEU A 808 -34.71 18.69 -17.76
C LEU A 808 -34.51 17.19 -17.66
N PHE A 809 -35.57 16.44 -17.37
CA PHE A 809 -35.45 15.00 -17.28
C PHE A 809 -35.03 14.39 -18.61
N ASN A 810 -35.63 14.86 -19.71
CA ASN A 810 -35.29 14.34 -21.02
C ASN A 810 -33.85 14.66 -21.40
N LYS A 811 -33.39 15.87 -21.06
CA LYS A 811 -32.08 16.34 -21.51
C LYS A 811 -30.91 15.64 -20.82
N VAL A 812 -31.17 14.87 -19.76
CA VAL A 812 -30.12 14.17 -19.02
C VAL A 812 -30.20 12.70 -19.36
N THR A 813 -29.06 12.12 -19.75
CA THR A 813 -28.99 10.71 -20.10
C THR A 813 -27.79 10.04 -19.44
N LEU A 835 -27.99 2.16 -18.35
CA LEU A 835 -26.75 1.50 -18.74
C LEU A 835 -25.86 1.22 -17.53
N ILE A 836 -26.13 1.92 -16.42
CA ILE A 836 -25.34 1.73 -15.21
C ILE A 836 -25.45 0.29 -14.72
N CYS A 837 -26.59 -0.35 -14.97
CA CYS A 837 -26.76 -1.75 -14.58
C CYS A 837 -25.93 -2.71 -15.42
N ALA A 838 -25.32 -2.23 -16.50
CA ALA A 838 -24.50 -3.10 -17.33
C ALA A 838 -23.29 -3.65 -16.59
N GLN A 839 -22.92 -3.04 -15.47
CA GLN A 839 -21.81 -3.51 -14.66
C GLN A 839 -22.25 -4.47 -13.55
N LYS A 840 -23.52 -4.86 -13.54
CA LYS A 840 -24.04 -5.75 -12.50
C LYS A 840 -23.53 -7.17 -12.74
N PHE A 841 -22.24 -7.39 -12.50
CA PHE A 841 -21.65 -8.71 -12.63
C PHE A 841 -20.71 -9.10 -11.50
N ASN A 842 -20.14 -8.14 -10.75
CA ASN A 842 -19.13 -8.40 -9.74
C ASN A 842 -19.51 -7.76 -8.42
N GLY A 843 -20.76 -7.96 -7.99
CA GLY A 843 -21.21 -7.46 -6.71
C GLY A 843 -21.83 -6.09 -6.70
N LEU A 844 -22.22 -5.57 -7.86
CA LEU A 844 -22.77 -4.21 -7.95
C LEU A 844 -24.28 -4.23 -7.99
N THR A 845 -24.90 -3.36 -7.19
CA THR A 845 -26.36 -3.23 -7.15
C THR A 845 -26.68 -1.75 -7.02
N VAL A 846 -27.41 -1.21 -7.99
CA VAL A 846 -27.81 0.20 -7.92
C VAL A 846 -29.28 0.37 -8.25
N LEU A 847 -30.14 0.28 -7.24
CA LEU A 847 -31.45 0.93 -7.31
C LEU A 847 -32.08 1.09 -5.93
N PRO A 848 -31.42 1.71 -4.95
CA PRO A 848 -32.11 2.07 -3.71
C PRO A 848 -32.51 3.54 -3.65
N PRO A 849 -33.20 4.09 -4.64
CA PRO A 849 -33.80 5.42 -4.42
C PRO A 849 -34.94 5.36 -3.42
N LEU A 850 -34.78 6.08 -2.32
CA LEU A 850 -35.85 6.15 -1.31
C LEU A 850 -37.04 6.94 -1.84
N LEU A 851 -36.78 8.11 -2.42
CA LEU A 851 -37.83 8.96 -2.97
C LEU A 851 -37.84 8.82 -4.48
N THR A 852 -38.96 8.38 -5.03
CA THR A 852 -39.10 8.28 -6.48
C THR A 852 -39.16 9.65 -7.11
N ASP A 853 -38.86 9.71 -8.40
CA ASP A 853 -38.92 10.97 -9.12
C ASP A 853 -40.31 11.61 -9.01
N GLU A 854 -41.35 10.77 -8.95
CA GLU A 854 -42.69 11.30 -8.78
C GLU A 854 -42.84 12.03 -7.44
N MET A 855 -42.27 11.47 -6.38
CA MET A 855 -42.37 12.11 -5.06
C MET A 855 -41.60 13.43 -5.03
N ILE A 856 -40.42 13.48 -5.65
CA ILE A 856 -39.66 14.72 -5.70
C ILE A 856 -40.43 15.76 -6.51
N ALA A 857 -41.04 15.34 -7.62
CA ALA A 857 -41.85 16.26 -8.41
C ALA A 857 -43.04 16.77 -7.59
N GLN A 858 -43.65 15.89 -6.79
CA GLN A 858 -44.75 16.32 -5.93
C GLN A 858 -44.29 17.34 -4.91
N TYR A 859 -43.11 17.13 -4.32
CA TYR A 859 -42.57 18.10 -3.38
C TYR A 859 -42.33 19.44 -4.05
N THR A 860 -41.74 19.42 -5.25
CA THR A 860 -41.49 20.67 -5.97
C THR A 860 -42.81 21.37 -6.31
N SER A 861 -43.82 20.61 -6.73
CA SER A 861 -45.12 21.21 -7.05
C SER A 861 -45.76 21.79 -5.80
N ALA A 862 -45.64 21.12 -4.66
CA ALA A 862 -46.18 21.67 -3.42
C ALA A 862 -45.49 22.97 -3.04
N LEU A 863 -44.15 23.01 -3.18
CA LEU A 863 -43.44 24.25 -2.92
C LEU A 863 -43.89 25.36 -3.86
N LEU A 864 -44.05 25.04 -5.15
CA LEU A 864 -44.48 26.04 -6.11
C LEU A 864 -45.86 26.57 -5.77
N ALA A 865 -46.79 25.68 -5.44
CA ALA A 865 -48.14 26.11 -5.09
C ALA A 865 -48.11 26.97 -3.82
N GLY A 866 -47.33 26.58 -2.83
CA GLY A 866 -47.25 27.35 -1.61
C GLY A 866 -46.73 28.76 -1.86
N THR A 867 -45.64 28.86 -2.63
CA THR A 867 -45.08 30.19 -2.89
C THR A 867 -46.01 31.02 -3.77
N ILE A 868 -46.72 30.39 -4.70
CA ILE A 868 -47.61 31.15 -5.59
C ILE A 868 -48.82 31.66 -4.83
N THR A 869 -49.44 30.82 -4.00
CA THR A 869 -50.70 31.18 -3.36
C THR A 869 -50.53 31.86 -2.01
N SER A 870 -49.34 31.79 -1.40
CA SER A 870 -49.16 32.37 -0.07
C SER A 870 -47.81 33.07 0.09
N GLY A 871 -47.03 33.22 -0.97
CA GLY A 871 -45.75 33.87 -0.84
C GLY A 871 -44.84 33.13 0.12
N TRP A 872 -44.20 33.89 1.01
CA TRP A 872 -43.26 33.31 1.97
C TRP A 872 -43.92 32.95 3.30
N THR A 873 -45.23 33.20 3.44
CA THR A 873 -45.89 32.94 4.71
C THR A 873 -45.85 31.46 5.06
N PHE A 874 -46.09 30.59 4.07
CA PHE A 874 -46.13 29.16 4.33
C PHE A 874 -44.78 28.61 4.77
N GLY A 875 -43.69 29.32 4.50
CA GLY A 875 -42.37 28.90 4.93
C GLY A 875 -42.02 29.25 6.36
N ALA A 876 -42.91 29.97 7.06
CA ALA A 876 -42.67 30.34 8.45
C ALA A 876 -43.84 30.00 9.36
N GLY A 877 -44.87 29.32 8.85
CA GLY A 877 -46.03 29.00 9.67
C GLY A 877 -47.20 28.59 8.81
N ALA A 878 -48.40 28.85 9.33
CA ALA A 878 -49.61 28.55 8.58
C ALA A 878 -49.63 29.32 7.27
N ALA A 879 -49.94 28.63 6.19
CA ALA A 879 -49.99 29.27 4.87
C ALA A 879 -51.15 30.25 4.81
N LEU A 880 -50.86 31.47 4.39
CA LEU A 880 -51.85 32.54 4.31
C LEU A 880 -52.06 32.91 2.85
N GLN A 881 -53.30 32.83 2.38
CA GLN A 881 -53.61 33.19 1.01
C GLN A 881 -53.36 34.68 0.78
N ILE A 882 -53.00 35.01 -0.45
CA ILE A 882 -52.68 36.40 -0.81
C ILE A 882 -52.68 36.52 -2.32
N PRO A 883 -53.30 37.55 -2.91
CA PRO A 883 -53.22 37.70 -4.37
C PRO A 883 -51.78 37.84 -4.82
N PHE A 884 -51.47 37.23 -5.97
CA PHE A 884 -50.09 37.23 -6.44
C PHE A 884 -49.61 38.64 -6.77
N ALA A 885 -50.49 39.50 -7.26
CA ALA A 885 -50.10 40.88 -7.53
C ALA A 885 -49.67 41.58 -6.26
N MET A 886 -50.42 41.41 -5.17
CA MET A 886 -50.06 42.03 -3.90
C MET A 886 -48.77 41.42 -3.35
N GLN A 887 -48.60 40.11 -3.52
CA GLN A 887 -47.35 39.47 -3.09
C GLN A 887 -46.16 40.04 -3.83
N MET A 888 -46.29 40.24 -5.14
CA MET A 888 -45.20 40.84 -5.91
C MET A 888 -45.00 42.30 -5.52
N ALA A 889 -46.06 43.02 -5.17
CA ALA A 889 -45.90 44.38 -4.66
C ALA A 889 -45.07 44.39 -3.38
N TYR A 890 -45.37 43.49 -2.46
CA TYR A 890 -44.59 43.41 -1.22
C TYR A 890 -43.16 42.98 -1.49
N ARG A 891 -42.94 42.10 -2.47
CA ARG A 891 -41.58 41.70 -2.81
C ARG A 891 -40.81 42.84 -3.48
N PHE A 892 -41.49 43.70 -4.24
CA PHE A 892 -40.86 44.93 -4.70
C PHE A 892 -40.50 45.83 -3.52
N ASN A 893 -41.40 45.94 -2.54
CA ASN A 893 -41.08 46.67 -1.32
C ASN A 893 -39.83 46.10 -0.66
N GLY A 894 -39.65 44.78 -0.75
CA GLY A 894 -38.47 44.17 -0.15
C GLY A 894 -37.18 44.65 -0.77
N ILE A 895 -37.20 45.06 -2.04
CA ILE A 895 -36.02 45.53 -2.72
C ILE A 895 -35.99 47.07 -2.77
N GLY A 896 -36.72 47.73 -1.87
CA GLY A 896 -36.68 49.18 -1.81
C GLY A 896 -37.41 49.88 -2.93
N VAL A 897 -38.49 49.29 -3.43
CA VAL A 897 -39.31 49.89 -4.49
C VAL A 897 -40.76 49.87 -4.04
N THR A 898 -41.44 51.01 -4.20
CA THR A 898 -42.80 51.15 -3.71
C THR A 898 -43.74 50.23 -4.47
N GLN A 899 -44.96 50.10 -3.93
CA GLN A 899 -45.97 49.24 -4.55
C GLN A 899 -46.60 49.90 -5.78
N ASN A 900 -46.67 51.22 -5.80
CA ASN A 900 -47.40 51.91 -6.86
C ASN A 900 -46.83 51.60 -8.24
N VAL A 901 -45.50 51.46 -8.34
CA VAL A 901 -44.92 51.14 -9.64
C VAL A 901 -45.44 49.81 -10.15
N LEU A 902 -45.52 48.80 -9.28
CA LEU A 902 -46.06 47.51 -9.69
C LEU A 902 -47.55 47.62 -10.02
N TYR A 903 -48.31 48.32 -9.17
CA TYR A 903 -49.74 48.41 -9.43
C TYR A 903 -50.05 49.24 -10.67
N GLU A 904 -49.09 50.00 -11.18
CA GLU A 904 -49.25 50.74 -12.42
C GLU A 904 -48.67 50.04 -13.63
N ASN A 905 -47.70 49.14 -13.45
CA ASN A 905 -47.08 48.41 -14.54
C ASN A 905 -47.26 46.91 -14.39
N GLN A 906 -48.38 46.49 -13.78
CA GLN A 906 -48.65 45.06 -13.60
C GLN A 906 -48.64 44.31 -14.93
N LYS A 907 -49.29 44.87 -15.95
CA LYS A 907 -49.34 44.19 -17.24
C LYS A 907 -47.95 44.02 -17.83
N LEU A 908 -47.14 45.09 -17.79
CA LEU A 908 -45.78 45.01 -18.31
C LEU A 908 -44.95 43.99 -17.53
N ILE A 909 -45.08 44.00 -16.21
CA ILE A 909 -44.30 43.08 -15.38
C ILE A 909 -44.69 41.63 -15.66
N ALA A 910 -45.99 41.37 -15.79
CA ALA A 910 -46.45 40.01 -16.10
C ALA A 910 -45.95 39.58 -17.48
N ASN A 911 -46.02 40.47 -18.46
CA ASN A 911 -45.50 40.13 -19.78
C ASN A 911 -44.02 39.83 -19.73
N GLN A 912 -43.24 40.64 -19.00
CA GLN A 912 -41.81 40.40 -18.88
C GLN A 912 -41.54 39.06 -18.21
N PHE A 913 -42.28 38.74 -17.14
CA PHE A 913 -42.08 37.48 -16.45
C PHE A 913 -42.38 36.29 -17.36
N ASN A 914 -43.49 36.37 -18.10
CA ASN A 914 -43.85 35.28 -19.01
C ASN A 914 -42.80 35.13 -20.11
N SER A 915 -42.34 36.25 -20.67
CA SER A 915 -41.31 36.19 -21.70
C SER A 915 -40.02 35.59 -21.15
N ALA A 916 -39.66 35.96 -19.92
CA ALA A 916 -38.44 35.41 -19.32
C ALA A 916 -38.57 33.91 -19.11
N ILE A 917 -39.74 33.44 -18.67
CA ILE A 917 -39.94 32.01 -18.47
C ILE A 917 -39.85 31.28 -19.81
N GLY A 918 -40.48 31.83 -20.84
CA GLY A 918 -40.40 31.22 -22.16
C GLY A 918 -38.97 31.17 -22.68
N LYS A 919 -38.22 32.26 -22.48
CA LYS A 919 -36.83 32.29 -22.89
C LYS A 919 -36.02 31.26 -22.13
N ILE A 920 -36.32 31.07 -20.84
CA ILE A 920 -35.62 30.07 -20.05
C ILE A 920 -35.85 28.69 -20.62
N GLN A 921 -37.11 28.38 -20.93
CA GLN A 921 -37.44 27.08 -21.51
C GLN A 921 -36.73 26.89 -22.85
N ASP A 922 -36.74 27.94 -23.69
CA ASP A 922 -36.10 27.84 -25.00
C ASP A 922 -34.60 27.63 -24.86
N SER A 923 -33.96 28.36 -23.94
CA SER A 923 -32.53 28.21 -23.74
C SER A 923 -32.19 26.81 -23.25
N LEU A 924 -32.99 26.28 -22.31
CA LEU A 924 -32.74 24.92 -21.84
C LEU A 924 -32.91 23.91 -22.98
N SER A 925 -33.93 24.10 -23.83
CA SER A 925 -34.16 23.16 -24.92
C SER A 925 -33.04 23.20 -25.94
N SER A 926 -32.62 24.40 -26.34
CA SER A 926 -31.70 24.56 -27.46
C SER A 926 -30.24 24.44 -27.07
N THR A 927 -29.93 24.43 -25.78
CA THR A 927 -28.54 24.33 -25.30
C THR A 927 -28.39 23.02 -24.56
N ALA A 928 -27.52 22.14 -25.06
CA ALA A 928 -27.30 20.85 -24.43
C ALA A 928 -26.30 20.91 -23.27
N SER A 929 -25.57 22.01 -23.13
CA SER A 929 -24.60 22.17 -22.07
C SER A 929 -25.17 22.87 -20.84
N ALA A 930 -26.47 23.16 -20.83
CA ALA A 930 -27.06 23.86 -19.69
C ALA A 930 -26.95 23.03 -18.41
N LEU A 931 -27.15 21.71 -18.52
CA LEU A 931 -27.16 20.81 -17.37
C LEU A 931 -25.80 20.14 -17.18
N GLY A 932 -24.73 20.88 -17.40
CA GLY A 932 -23.40 20.29 -17.36
C GLY A 932 -23.05 19.67 -16.02
N LYS A 933 -23.53 20.26 -14.91
CA LYS A 933 -23.14 19.79 -13.59
C LYS A 933 -23.67 18.38 -13.32
N LEU A 934 -24.98 18.18 -13.54
CA LEU A 934 -25.57 16.88 -13.27
C LEU A 934 -24.97 15.80 -14.19
N GLN A 935 -24.81 16.14 -15.47
CA GLN A 935 -24.20 15.19 -16.40
C GLN A 935 -22.77 14.87 -16.00
N ASP A 936 -22.02 15.87 -15.54
CA ASP A 936 -20.66 15.63 -15.08
C ASP A 936 -20.64 14.69 -13.88
N VAL A 937 -21.55 14.89 -12.93
CA VAL A 937 -21.61 14.00 -11.77
C VAL A 937 -21.93 12.57 -12.21
N VAL A 938 -22.91 12.43 -13.09
CA VAL A 938 -23.30 11.10 -13.56
C VAL A 938 -22.14 10.43 -14.28
N ASN A 939 -21.45 11.19 -15.14
CA ASN A 939 -20.33 10.63 -15.89
C ASN A 939 -19.19 10.26 -14.96
N GLN A 940 -18.92 11.07 -13.94
CA GLN A 940 -17.87 10.74 -12.98
C GLN A 940 -18.17 9.43 -12.26
N ASN A 941 -19.41 9.28 -11.78
CA ASN A 941 -19.78 8.04 -11.12
C ASN A 941 -19.68 6.85 -12.07
N ALA A 942 -20.16 7.02 -13.30
CA ALA A 942 -20.15 5.94 -14.26
C ALA A 942 -18.73 5.51 -14.59
N GLN A 943 -17.82 6.48 -14.80
CA GLN A 943 -16.45 6.13 -15.13
C GLN A 943 -15.72 5.53 -13.95
N ALA A 944 -16.03 5.99 -12.73
CA ALA A 944 -15.44 5.35 -11.55
C ALA A 944 -15.85 3.88 -11.48
N LEU A 945 -17.14 3.60 -11.66
CA LEU A 945 -17.60 2.23 -11.65
C LEU A 945 -16.96 1.41 -12.77
N ASN A 946 -16.87 2.01 -13.97
CA ASN A 946 -16.30 1.31 -15.11
C ASN A 946 -14.83 0.96 -14.86
N THR A 947 -14.07 1.90 -14.32
CA THR A 947 -12.66 1.62 -14.02
C THR A 947 -12.54 0.56 -12.93
N LEU A 948 -13.41 0.61 -11.92
CA LEU A 948 -13.37 -0.41 -10.87
C LEU A 948 -13.62 -1.79 -11.46
N VAL A 949 -14.59 -1.91 -12.37
CA VAL A 949 -14.88 -3.22 -12.95
C VAL A 949 -13.76 -3.66 -13.89
N LYS A 950 -13.20 -2.74 -14.67
CA LYS A 950 -12.09 -3.12 -15.55
C LYS A 950 -10.85 -3.53 -14.76
N GLN A 951 -10.68 -3.01 -13.53
CA GLN A 951 -9.51 -3.39 -12.75
C GLN A 951 -9.47 -4.88 -12.47
N LEU A 952 -10.60 -5.57 -12.59
CA LEU A 952 -10.63 -7.01 -12.35
C LEU A 952 -9.85 -7.79 -13.41
N SER A 953 -9.52 -7.16 -14.54
CA SER A 953 -8.82 -7.82 -15.62
C SER A 953 -7.31 -7.59 -15.58
N SER A 954 -6.80 -7.00 -14.51
CA SER A 954 -5.38 -6.72 -14.37
C SER A 954 -4.70 -7.85 -13.61
N ASN A 955 -3.56 -8.31 -14.14
CA ASN A 955 -2.84 -9.41 -13.51
C ASN A 955 -2.28 -9.01 -12.15
N PHE A 956 -1.85 -7.75 -12.00
CA PHE A 956 -1.20 -7.29 -10.77
C PHE A 956 0.05 -8.10 -10.46
N GLY A 957 0.75 -8.55 -11.49
CA GLY A 957 1.94 -9.36 -11.34
C GLY A 957 1.70 -10.86 -11.30
N ALA A 958 0.44 -11.29 -11.24
CA ALA A 958 0.12 -12.71 -11.23
C ALA A 958 0.23 -13.28 -12.65
N ILE A 959 0.24 -14.61 -12.72
CA ILE A 959 0.33 -15.28 -14.02
C ILE A 959 -0.90 -15.00 -14.86
N SER A 960 -2.07 -14.90 -14.22
CA SER A 960 -3.32 -14.66 -14.94
C SER A 960 -4.24 -13.82 -14.05
N SER A 961 -5.24 -13.22 -14.69
CA SER A 961 -6.23 -12.40 -13.99
C SER A 961 -7.49 -13.16 -13.66
N VAL A 962 -7.55 -14.46 -13.96
CA VAL A 962 -8.74 -15.28 -13.71
C VAL A 962 -8.41 -16.23 -12.56
N LEU A 963 -9.24 -16.20 -11.51
CA LEU A 963 -9.00 -17.05 -10.35
C LEU A 963 -9.08 -18.52 -10.72
N ASN A 964 -10.11 -18.89 -11.49
CA ASN A 964 -10.28 -20.30 -11.86
C ASN A 964 -9.11 -20.79 -12.69
N ASP A 965 -8.60 -19.95 -13.60
CA ASP A 965 -7.44 -20.33 -14.39
C ASP A 965 -6.23 -20.60 -13.50
N ILE A 966 -6.01 -19.74 -12.50
CA ILE A 966 -4.89 -19.95 -11.59
C ILE A 966 -5.06 -21.25 -10.81
N LEU A 967 -6.27 -21.50 -10.31
CA LEU A 967 -6.51 -22.72 -9.54
C LEU A 967 -6.28 -23.96 -10.40
N SER A 968 -6.76 -23.93 -11.65
CA SER A 968 -6.62 -25.11 -12.51
C SER A 968 -5.17 -25.32 -12.94
N ARG A 969 -4.46 -24.24 -13.25
CA ARG A 969 -3.12 -24.34 -13.82
C ARG A 969 -2.02 -24.43 -12.78
N LEU A 970 -2.33 -24.30 -11.49
CA LEU A 970 -1.31 -24.31 -10.46
C LEU A 970 -1.78 -25.09 -9.25
N ASP A 971 -0.80 -25.58 -8.48
CA ASP A 971 -1.07 -26.30 -7.25
C ASP A 971 -1.34 -25.32 -6.11
N PRO A 972 -1.93 -25.80 -5.01
CA PRO A 972 -2.26 -24.91 -3.89
C PRO A 972 -1.07 -24.08 -3.43
N PRO A 973 0.11 -24.69 -3.22
CA PRO A 973 1.19 -23.91 -2.59
C PRO A 973 1.53 -22.62 -3.32
N GLU A 974 1.49 -22.60 -4.65
CA GLU A 974 1.75 -21.38 -5.41
C GLU A 974 0.47 -20.66 -5.84
N ALA A 975 -0.63 -21.41 -5.99
CA ALA A 975 -1.92 -20.76 -6.23
C ALA A 975 -2.27 -19.80 -5.10
N GLU A 976 -1.86 -20.13 -3.87
CA GLU A 976 -2.13 -19.23 -2.76
C GLU A 976 -1.43 -17.89 -2.93
N VAL A 977 -0.16 -17.91 -3.34
CA VAL A 977 0.57 -16.64 -3.50
C VAL A 977 0.03 -15.87 -4.69
N GLN A 978 -0.32 -16.56 -5.78
CA GLN A 978 -0.92 -15.86 -6.92
C GLN A 978 -2.24 -15.21 -6.53
N ILE A 979 -3.08 -15.95 -5.78
CA ILE A 979 -4.34 -15.40 -5.33
C ILE A 979 -4.11 -14.25 -4.36
N ASP A 980 -3.05 -14.32 -3.55
CA ASP A 980 -2.73 -13.22 -2.66
C ASP A 980 -2.37 -11.96 -3.43
N ARG A 981 -1.57 -12.12 -4.51
CA ARG A 981 -1.27 -10.97 -5.35
C ARG A 981 -2.53 -10.37 -5.95
N LEU A 982 -3.40 -11.23 -6.48
CA LEU A 982 -4.65 -10.73 -7.07
C LEU A 982 -5.51 -10.05 -6.02
N ILE A 983 -5.56 -10.62 -4.81
CA ILE A 983 -6.38 -10.06 -3.74
C ILE A 983 -5.85 -8.70 -3.34
N THR A 984 -4.52 -8.57 -3.23
CA THR A 984 -3.94 -7.27 -2.89
C THR A 984 -4.28 -6.24 -3.94
N GLY A 985 -4.13 -6.59 -5.22
CA GLY A 985 -4.45 -5.65 -6.28
C GLY A 985 -5.90 -5.22 -6.26
N ARG A 986 -6.81 -6.19 -6.14
CA ARG A 986 -8.24 -5.86 -6.18
C ARG A 986 -8.67 -5.09 -4.93
N LEU A 987 -8.10 -5.42 -3.77
CA LEU A 987 -8.40 -4.68 -2.56
C LEU A 987 -7.90 -3.25 -2.65
N GLN A 988 -6.71 -3.04 -3.22
CA GLN A 988 -6.23 -1.68 -3.42
C GLN A 988 -7.14 -0.91 -4.36
N SER A 989 -7.58 -1.55 -5.46
CA SER A 989 -8.50 -0.88 -6.38
C SER A 989 -9.80 -0.51 -5.68
N LEU A 990 -10.36 -1.44 -4.88
CA LEU A 990 -11.61 -1.17 -4.19
C LEU A 990 -11.44 -0.04 -3.17
N GLN A 991 -10.31 -0.04 -2.45
CA GLN A 991 -10.07 1.03 -1.49
C GLN A 991 -9.95 2.38 -2.17
N THR A 992 -9.26 2.42 -3.31
CA THR A 992 -9.17 3.68 -4.06
C THR A 992 -10.54 4.14 -4.52
N TYR A 993 -11.35 3.21 -5.03
CA TYR A 993 -12.70 3.57 -5.47
C TYR A 993 -13.52 4.10 -4.30
N VAL A 994 -13.42 3.46 -3.13
CA VAL A 994 -14.21 3.88 -1.99
C VAL A 994 -13.76 5.26 -1.50
N THR A 995 -12.45 5.52 -1.50
CA THR A 995 -11.97 6.83 -1.11
C THR A 995 -12.45 7.92 -2.07
N GLN A 996 -12.37 7.65 -3.37
CA GLN A 996 -12.87 8.60 -4.35
C GLN A 996 -14.37 8.83 -4.17
N GLN A 997 -15.12 7.76 -3.91
CA GLN A 997 -16.56 7.89 -3.68
C GLN A 997 -16.84 8.71 -2.43
N LEU A 998 -16.04 8.53 -1.37
CA LEU A 998 -16.24 9.32 -0.16
C LEU A 998 -15.98 10.80 -0.42
N ILE A 999 -14.92 11.12 -1.17
CA ILE A 999 -14.65 12.52 -1.47
C ILE A 999 -15.76 13.11 -2.32
N ARG A 1000 -16.21 12.37 -3.34
CA ARG A 1000 -17.31 12.85 -4.19
C ARG A 1000 -18.59 13.02 -3.37
N ALA A 1001 -18.82 12.11 -2.41
CA ALA A 1001 -20.00 12.22 -1.57
C ALA A 1001 -19.93 13.45 -0.67
N ALA A 1002 -18.74 13.77 -0.16
CA ALA A 1002 -18.58 15.00 0.61
C ALA A 1002 -18.87 16.23 -0.25
N GLU A 1003 -18.36 16.24 -1.48
CA GLU A 1003 -18.63 17.36 -2.37
C GLU A 1003 -20.12 17.47 -2.67
N ILE A 1004 -20.78 16.33 -2.92
CA ILE A 1004 -22.21 16.34 -3.22
C ILE A 1004 -23.01 16.76 -1.99
N ARG A 1005 -22.56 16.38 -0.79
CA ARG A 1005 -23.23 16.82 0.43
C ARG A 1005 -23.12 18.33 0.58
N ALA A 1006 -21.95 18.90 0.28
CA ALA A 1006 -21.82 20.36 0.30
C ALA A 1006 -22.76 21.00 -0.70
N SER A 1007 -22.83 20.44 -1.91
CA SER A 1007 -23.73 20.98 -2.93
C SER A 1007 -25.19 20.89 -2.48
N ALA A 1008 -25.57 19.78 -1.86
CA ALA A 1008 -26.94 19.61 -1.40
C ALA A 1008 -27.26 20.56 -0.25
N ASN A 1009 -26.29 20.79 0.63
CA ASN A 1009 -26.50 21.78 1.69
C ASN A 1009 -26.70 23.17 1.10
N LEU A 1010 -25.92 23.53 0.08
CA LEU A 1010 -26.12 24.81 -0.58
C LEU A 1010 -27.50 24.87 -1.23
N ALA A 1011 -27.92 23.79 -1.87
CA ALA A 1011 -29.24 23.78 -2.51
C ALA A 1011 -30.36 23.92 -1.48
N ALA A 1012 -30.22 23.24 -0.34
CA ALA A 1012 -31.23 23.36 0.71
C ALA A 1012 -31.26 24.77 1.28
N THR A 1013 -30.09 25.39 1.47
CA THR A 1013 -30.05 26.76 1.95
C THR A 1013 -30.72 27.70 0.95
N LYS A 1014 -30.46 27.51 -0.34
CA LYS A 1014 -31.10 28.34 -1.35
C LYS A 1014 -32.61 28.15 -1.36
N MET A 1015 -33.07 26.90 -1.23
CA MET A 1015 -34.50 26.64 -1.17
C MET A 1015 -35.12 27.32 0.04
N SER A 1016 -34.46 27.25 1.19
CA SER A 1016 -34.99 27.89 2.38
C SER A 1016 -35.04 29.40 2.24
N GLU A 1017 -34.00 30.00 1.67
CA GLU A 1017 -33.88 31.45 1.61
C GLU A 1017 -34.40 32.06 0.33
N CYS A 1018 -34.26 31.36 -0.80
CA CYS A 1018 -34.69 31.90 -2.09
C CYS A 1018 -36.11 31.54 -2.46
N VAL A 1019 -36.55 30.31 -2.16
CA VAL A 1019 -37.89 29.86 -2.52
C VAL A 1019 -38.91 30.17 -1.43
N LEU A 1020 -38.57 29.88 -0.18
CA LEU A 1020 -39.49 30.12 0.92
C LEU A 1020 -39.44 31.56 1.43
N GLY A 1021 -38.59 32.40 0.86
CA GLY A 1021 -38.53 33.78 1.27
C GLY A 1021 -37.76 34.61 0.27
N GLN A 1022 -37.65 35.90 0.56
CA GLN A 1022 -36.92 36.85 -0.26
C GLN A 1022 -35.58 37.12 0.41
N SER A 1023 -34.50 36.91 -0.33
CA SER A 1023 -33.14 37.02 0.20
C SER A 1023 -32.55 38.37 -0.13
N LYS A 1024 -31.99 39.03 0.89
CA LYS A 1024 -31.26 40.27 0.69
C LYS A 1024 -29.79 40.04 0.35
N ARG A 1025 -29.31 38.81 0.45
CA ARG A 1025 -27.92 38.51 0.12
C ARG A 1025 -27.69 38.73 -1.37
N VAL A 1026 -26.60 39.43 -1.71
CA VAL A 1026 -26.34 39.80 -3.09
C VAL A 1026 -25.80 38.62 -3.85
N ASP A 1027 -26.33 38.40 -5.06
CA ASP A 1027 -25.91 37.36 -5.98
C ASP A 1027 -26.09 35.95 -5.42
N PHE A 1028 -26.85 35.81 -4.33
CA PHE A 1028 -27.13 34.47 -3.80
C PHE A 1028 -28.26 33.80 -4.58
N CYS A 1029 -29.42 34.44 -4.64
CA CYS A 1029 -30.55 33.94 -5.41
C CYS A 1029 -30.62 34.63 -6.77
N GLY A 1030 -29.58 34.40 -7.58
CA GLY A 1030 -29.51 34.97 -8.91
C GLY A 1030 -28.89 36.35 -8.92
N LYS A 1031 -28.71 36.86 -10.14
CA LYS A 1031 -28.10 38.16 -10.36
C LYS A 1031 -29.18 39.24 -10.34
N GLY A 1032 -28.93 40.31 -9.59
CA GLY A 1032 -29.87 41.41 -9.46
C GLY A 1032 -30.61 41.35 -8.15
N TYR A 1033 -31.49 42.34 -7.96
CA TYR A 1033 -32.33 42.41 -6.77
C TYR A 1033 -33.32 41.25 -6.78
N HIS A 1034 -33.14 40.33 -5.85
CA HIS A 1034 -33.97 39.12 -5.84
C HIS A 1034 -35.42 39.46 -5.58
N LEU A 1035 -36.31 38.91 -6.40
CA LEU A 1035 -37.75 39.00 -6.19
C LEU A 1035 -38.33 37.71 -5.64
N MET A 1036 -38.07 36.58 -6.31
CA MET A 1036 -38.56 35.29 -5.84
C MET A 1036 -37.79 34.19 -6.56
N SER A 1037 -38.17 32.94 -6.29
CA SER A 1037 -37.52 31.81 -6.92
C SER A 1037 -38.52 30.66 -7.02
N PHE A 1038 -38.24 29.77 -7.98
CA PHE A 1038 -39.09 28.60 -8.23
C PHE A 1038 -38.21 27.36 -8.35
N PRO A 1039 -38.51 26.29 -7.61
CA PRO A 1039 -37.72 25.06 -7.74
C PRO A 1039 -38.25 24.13 -8.81
N GLN A 1040 -37.32 23.37 -9.40
CA GLN A 1040 -37.67 22.36 -10.39
C GLN A 1040 -36.79 21.14 -10.14
N SER A 1041 -37.40 19.96 -10.13
CA SER A 1041 -36.63 18.74 -9.96
C SER A 1041 -35.89 18.38 -11.24
N ALA A 1042 -34.71 17.80 -11.08
CA ALA A 1042 -33.93 17.28 -12.19
C ALA A 1042 -33.25 16.00 -11.72
N PRO A 1043 -32.86 15.13 -12.64
CA PRO A 1043 -32.21 13.87 -12.22
C PRO A 1043 -31.02 14.13 -11.32
N HIS A 1044 -31.13 13.73 -10.05
CA HIS A 1044 -30.08 13.92 -9.07
C HIS A 1044 -29.69 15.40 -8.92
N GLY A 1045 -30.67 16.29 -8.96
CA GLY A 1045 -30.35 17.70 -8.82
C GLY A 1045 -31.60 18.55 -8.78
N VAL A 1046 -31.38 19.84 -8.54
CA VAL A 1046 -32.45 20.83 -8.45
C VAL A 1046 -32.05 22.06 -9.26
N VAL A 1047 -33.01 22.62 -9.99
CA VAL A 1047 -32.82 23.83 -10.78
C VAL A 1047 -33.68 24.93 -10.17
N PHE A 1048 -33.04 26.03 -9.78
CA PHE A 1048 -33.74 27.18 -9.24
C PHE A 1048 -33.88 28.24 -10.31
N LEU A 1049 -35.11 28.63 -10.61
CA LEU A 1049 -35.41 29.76 -11.48
C LEU A 1049 -35.54 30.98 -10.58
N HIS A 1050 -34.51 31.81 -10.55
CA HIS A 1050 -34.51 33.03 -9.76
C HIS A 1050 -35.08 34.17 -10.60
N VAL A 1051 -36.16 34.77 -10.11
CA VAL A 1051 -36.75 35.95 -10.73
C VAL A 1051 -36.27 37.16 -9.93
N THR A 1052 -35.64 38.10 -10.62
CA THR A 1052 -34.98 39.24 -10.00
C THR A 1052 -35.33 40.52 -10.74
N TYR A 1053 -35.18 41.64 -10.04
CA TYR A 1053 -35.44 42.96 -10.58
C TYR A 1053 -34.12 43.63 -10.93
N VAL A 1054 -33.98 44.07 -12.18
CA VAL A 1054 -32.74 44.64 -12.68
C VAL A 1054 -33.04 46.04 -13.22
N PRO A 1055 -32.41 47.09 -12.72
CA PRO A 1055 -32.59 48.41 -13.34
C PRO A 1055 -32.18 48.36 -14.81
N ALA A 1056 -32.96 49.04 -15.65
CA ALA A 1056 -32.82 48.92 -17.10
C ALA A 1056 -32.34 50.21 -17.75
N GLN A 1057 -33.05 51.32 -17.57
CA GLN A 1057 -32.78 52.57 -18.28
C GLN A 1057 -32.40 53.64 -17.25
N GLU A 1058 -31.11 53.97 -17.19
CA GLU A 1058 -30.65 54.98 -16.25
C GLU A 1058 -30.61 56.36 -16.91
N LYS A 1059 -30.90 57.37 -16.10
CA LYS A 1059 -30.85 58.76 -16.53
C LYS A 1059 -30.06 59.58 -15.52
N ASN A 1060 -29.33 60.56 -16.03
CA ASN A 1060 -28.46 61.39 -15.21
C ASN A 1060 -29.24 62.55 -14.60
N PHE A 1061 -28.87 62.92 -13.37
CA PHE A 1061 -29.49 64.06 -12.70
C PHE A 1061 -28.47 64.70 -11.78
N THR A 1062 -28.71 65.97 -11.46
CA THR A 1062 -27.93 66.64 -10.44
C THR A 1062 -28.53 66.38 -9.06
N THR A 1063 -27.65 66.07 -8.11
CA THR A 1063 -28.09 65.66 -6.78
C THR A 1063 -27.38 66.49 -5.73
N ALA A 1064 -28.04 66.64 -4.58
CA ALA A 1064 -27.48 67.34 -3.44
C ALA A 1064 -27.72 66.50 -2.19
N PRO A 1065 -26.86 66.61 -1.19
CA PRO A 1065 -27.04 65.81 0.03
C PRO A 1065 -28.18 66.34 0.90
N ALA A 1066 -28.39 67.65 0.88
CA ALA A 1066 -29.44 68.27 1.67
C ALA A 1066 -29.96 69.49 0.93
N ILE A 1067 -31.00 70.09 1.47
CA ILE A 1067 -31.64 71.27 0.89
C ILE A 1067 -31.86 72.29 1.99
N CYS A 1068 -31.55 73.55 1.70
CA CYS A 1068 -31.70 74.65 2.64
C CYS A 1068 -32.92 75.47 2.26
N HIS A 1069 -33.88 75.60 3.19
CA HIS A 1069 -35.11 76.34 2.94
C HIS A 1069 -35.21 77.57 3.82
N ASP A 1070 -35.12 77.42 5.14
CA ASP A 1070 -35.25 78.52 6.09
C ASP A 1070 -34.12 78.48 7.10
N GLY A 1071 -32.90 78.31 6.59
CA GLY A 1071 -31.75 78.14 7.48
C GLY A 1071 -31.67 76.78 8.11
N LYS A 1072 -32.46 75.82 7.65
CA LYS A 1072 -32.50 74.47 8.19
C LYS A 1072 -32.19 73.48 7.09
N ALA A 1073 -31.33 72.51 7.41
CA ALA A 1073 -30.97 71.48 6.44
C ALA A 1073 -32.06 70.42 6.40
N HIS A 1074 -32.47 70.05 5.18
CA HIS A 1074 -33.52 69.06 4.96
C HIS A 1074 -32.91 67.85 4.27
N PHE A 1075 -33.19 66.66 4.80
CA PHE A 1075 -32.71 65.41 4.23
C PHE A 1075 -33.89 64.51 3.90
N PRO A 1076 -33.85 63.80 2.77
CA PRO A 1076 -35.00 62.98 2.39
C PRO A 1076 -35.30 61.91 3.44
N ARG A 1077 -36.58 61.69 3.71
CA ARG A 1077 -36.97 60.64 4.64
C ARG A 1077 -36.59 59.27 4.10
N GLU A 1078 -36.96 58.98 2.85
CA GLU A 1078 -36.58 57.74 2.19
C GLU A 1078 -36.55 58.03 0.69
N GLY A 1079 -35.36 58.28 0.16
CA GLY A 1079 -35.20 58.64 -1.22
C GLY A 1079 -33.91 59.41 -1.43
N VAL A 1080 -33.92 60.28 -2.44
CA VAL A 1080 -32.75 61.06 -2.79
C VAL A 1080 -33.20 62.30 -3.54
N PHE A 1081 -32.48 63.41 -3.34
CA PHE A 1081 -32.76 64.64 -4.06
C PHE A 1081 -32.09 64.59 -5.42
N VAL A 1082 -32.89 64.77 -6.47
CA VAL A 1082 -32.41 64.81 -7.84
C VAL A 1082 -32.90 66.10 -8.47
N SER A 1083 -32.33 66.44 -9.63
CA SER A 1083 -32.72 67.67 -10.30
C SER A 1083 -32.19 67.66 -11.73
N ASN A 1084 -33.08 67.99 -12.67
CA ASN A 1084 -32.66 68.32 -14.03
C ASN A 1084 -32.25 69.79 -14.04
N GLY A 1085 -32.12 70.37 -15.24
CA GLY A 1085 -31.52 71.69 -15.35
C GLY A 1085 -32.18 72.75 -14.49
N THR A 1086 -33.48 72.63 -14.23
CA THR A 1086 -34.24 73.70 -13.61
C THR A 1086 -34.73 73.36 -12.20
N HIS A 1087 -35.49 72.28 -12.04
CA HIS A 1087 -36.22 72.02 -10.80
C HIS A 1087 -35.55 70.93 -9.97
N TRP A 1088 -35.92 70.91 -8.68
CA TRP A 1088 -35.43 69.94 -7.72
C TRP A 1088 -36.59 69.08 -7.24
N PHE A 1089 -36.37 67.77 -7.21
CA PHE A 1089 -37.38 66.81 -6.77
C PHE A 1089 -36.75 65.79 -5.84
N VAL A 1090 -37.60 65.00 -5.19
CA VAL A 1090 -37.19 63.89 -4.35
C VAL A 1090 -37.75 62.61 -4.96
N THR A 1091 -36.90 61.63 -5.18
CA THR A 1091 -37.27 60.40 -5.86
C THR A 1091 -36.70 59.19 -5.14
N GLN A 1092 -37.42 58.08 -5.22
CA GLN A 1092 -36.92 56.83 -4.67
C GLN A 1092 -35.68 56.38 -5.44
N ARG A 1093 -34.74 55.77 -4.71
CA ARG A 1093 -33.41 55.52 -5.26
C ARG A 1093 -33.45 54.59 -6.47
N ASN A 1094 -34.26 53.53 -6.39
CA ASN A 1094 -34.23 52.47 -7.39
C ASN A 1094 -35.17 52.70 -8.56
N PHE A 1095 -35.87 53.82 -8.60
CA PHE A 1095 -36.79 54.10 -9.71
C PHE A 1095 -37.03 55.58 -9.77
N TYR A 1096 -37.01 56.15 -10.97
CA TYR A 1096 -37.17 57.60 -11.12
C TYR A 1096 -38.65 57.95 -11.01
N GLU A 1097 -39.06 58.44 -9.84
CA GLU A 1097 -40.43 58.91 -9.61
C GLU A 1097 -40.35 60.27 -8.94
N PRO A 1098 -40.02 61.32 -9.69
CA PRO A 1098 -39.84 62.64 -9.07
C PRO A 1098 -41.12 63.13 -8.41
N GLN A 1099 -40.95 63.80 -7.27
CA GLN A 1099 -42.05 64.37 -6.53
C GLN A 1099 -41.61 65.69 -5.93
N ILE A 1100 -42.59 66.56 -5.67
CA ILE A 1100 -42.29 67.86 -5.08
C ILE A 1100 -41.73 67.65 -3.67
N ILE A 1101 -40.68 68.40 -3.35
CA ILE A 1101 -39.99 68.26 -2.07
C ILE A 1101 -40.85 69.00 -1.03
N THR A 1102 -41.65 68.26 -0.27
CA THR A 1102 -42.50 68.80 0.77
C THR A 1102 -41.94 68.44 2.14
N THR A 1103 -42.53 69.05 3.17
CA THR A 1103 -42.11 68.77 4.54
C THR A 1103 -42.31 67.32 4.93
N ASP A 1104 -43.27 66.63 4.32
CA ASP A 1104 -43.48 65.21 4.60
C ASP A 1104 -42.42 64.32 3.95
N ASN A 1105 -41.85 64.75 2.82
CA ASN A 1105 -40.85 63.94 2.14
C ASN A 1105 -39.47 64.04 2.78
N THR A 1106 -39.26 65.01 3.66
CA THR A 1106 -37.93 65.26 4.23
C THR A 1106 -38.06 65.51 5.73
N PHE A 1107 -36.91 65.51 6.40
CA PHE A 1107 -36.81 65.82 7.81
C PHE A 1107 -35.68 66.81 8.04
N VAL A 1108 -35.81 67.61 9.09
CA VAL A 1108 -34.88 68.70 9.38
C VAL A 1108 -33.88 68.24 10.41
N SER A 1109 -32.61 68.64 10.23
CA SER A 1109 -31.56 68.30 11.19
C SER A 1109 -30.46 69.36 11.06
N GLY A 1110 -30.41 70.28 12.00
CA GLY A 1110 -29.36 71.27 12.05
C GLY A 1110 -29.55 72.41 11.06
N ASN A 1111 -28.53 73.26 10.99
CA ASN A 1111 -28.54 74.41 10.11
C ASN A 1111 -27.89 74.07 8.77
N CYS A 1112 -27.75 75.09 7.92
CA CYS A 1112 -27.25 74.91 6.56
C CYS A 1112 -25.74 75.17 6.45
N ASP A 1113 -25.06 75.46 7.56
CA ASP A 1113 -23.65 75.82 7.53
C ASP A 1113 -22.73 74.66 7.87
N VAL A 1114 -23.26 73.44 7.98
CA VAL A 1114 -22.47 72.26 8.31
C VAL A 1114 -22.42 71.26 7.17
N VAL A 1115 -23.53 71.10 6.44
CA VAL A 1115 -23.57 70.13 5.36
C VAL A 1115 -22.79 70.66 4.16
N ILE A 1116 -21.97 69.79 3.57
CA ILE A 1116 -21.18 70.14 2.40
C ILE A 1116 -21.97 69.76 1.16
N GLY A 1117 -22.23 70.74 0.30
CA GLY A 1117 -23.01 70.52 -0.91
C GLY A 1117 -24.48 70.87 -0.80
N ILE A 1118 -24.92 71.40 0.35
CA ILE A 1118 -26.31 71.77 0.49
C ILE A 1118 -26.68 72.83 -0.57
N VAL A 1119 -27.89 72.73 -1.09
CA VAL A 1119 -28.36 73.58 -2.18
C VAL A 1119 -29.62 74.30 -1.73
N ASN A 1120 -29.71 75.59 -2.07
CA ASN A 1120 -30.89 76.37 -1.76
C ASN A 1120 -32.09 75.86 -2.55
N ASN A 1121 -33.25 75.83 -1.89
CA ASN A 1121 -34.49 75.43 -2.52
C ASN A 1121 -35.63 75.66 -1.52
N THR A 1122 -36.85 75.65 -2.05
CA THR A 1122 -38.04 75.82 -1.23
C THR A 1122 -38.69 74.46 -0.95
N VAL A 1123 -39.02 74.23 0.32
CA VAL A 1123 -39.66 72.99 0.76
C VAL A 1123 -41.14 73.32 0.97
N TYR A 1124 -41.98 72.86 0.04
CA TYR A 1124 -43.40 73.16 0.11
C TYR A 1124 -44.00 72.58 1.38
N ASP A 1125 -44.77 73.40 2.09
CA ASP A 1125 -45.47 72.97 3.30
C ASP A 1125 -46.96 72.94 3.03
N PRO A 1126 -47.62 71.77 3.00
CA PRO A 1126 -49.05 71.74 2.66
C PRO A 1126 -49.94 72.46 3.65
N LEU A 1127 -49.46 72.76 4.85
CA LEU A 1127 -50.33 73.24 5.92
C LEU A 1127 -50.98 74.58 5.56
N GLN A 1128 -50.22 75.50 4.97
CA GLN A 1128 -50.74 76.86 4.75
C GLN A 1128 -51.93 76.89 3.81
N PRO A 1129 -51.88 76.32 2.60
CA PRO A 1129 -53.04 76.42 1.71
C PRO A 1129 -54.29 75.78 2.29
N GLU A 1130 -54.13 74.69 3.05
CA GLU A 1130 -55.30 74.03 3.62
C GLU A 1130 -55.86 74.82 4.80
N LEU A 1131 -54.99 75.40 5.63
CA LEU A 1131 -55.45 76.12 6.81
C LEU A 1131 -56.05 77.47 6.45
N ASP A 1132 -55.44 78.20 5.52
CA ASP A 1132 -55.95 79.51 5.15
C ASP A 1132 -57.35 79.41 4.55
N SER A 1133 -57.58 78.42 3.70
CA SER A 1133 -58.88 78.23 3.06
C SER A 1133 -59.85 77.55 4.02
N CYS B 1 -21.87 -58.47 30.53
CA CYS B 1 -21.38 -59.76 30.06
C CYS B 1 -22.52 -60.59 29.48
N VAL B 2 -23.75 -60.27 29.85
CA VAL B 2 -24.94 -60.96 29.39
C VAL B 2 -25.84 -59.97 28.68
N ASN B 3 -26.23 -60.30 27.45
CA ASN B 3 -27.10 -59.43 26.68
C ASN B 3 -28.53 -59.51 27.20
N LEU B 4 -29.21 -58.37 27.22
CA LEU B 4 -30.61 -58.35 27.61
C LEU B 4 -31.46 -59.08 26.57
N THR B 5 -32.43 -59.85 27.05
CA THR B 5 -33.28 -60.67 26.19
C THR B 5 -34.71 -60.15 26.22
N THR B 6 -35.32 -60.07 25.03
CA THR B 6 -36.70 -59.63 24.87
C THR B 6 -36.88 -58.22 25.44
N ARG B 7 -36.18 -57.27 24.82
CA ARG B 7 -36.26 -55.87 25.21
C ARG B 7 -37.24 -55.13 24.31
N THR B 8 -38.18 -54.42 24.92
CA THR B 8 -39.18 -53.67 24.18
C THR B 8 -38.56 -52.45 23.51
N GLN B 9 -39.03 -52.14 22.31
CA GLN B 9 -38.54 -51.00 21.54
C GLN B 9 -39.67 -49.99 21.39
N LEU B 10 -39.36 -48.72 21.63
CA LEU B 10 -40.32 -47.63 21.55
C LEU B 10 -39.77 -46.53 20.66
N PRO B 11 -40.65 -45.71 20.08
CA PRO B 11 -40.16 -44.62 19.24
C PRO B 11 -39.36 -43.62 20.05
N PRO B 12 -38.36 -42.99 19.43
CA PRO B 12 -37.56 -41.99 20.17
C PRO B 12 -38.25 -40.64 20.19
N ALA B 13 -38.66 -40.21 21.38
CA ALA B 13 -39.29 -38.91 21.55
C ALA B 13 -38.26 -37.79 21.45
N TYR B 14 -38.75 -36.61 21.06
CA TYR B 14 -37.90 -35.43 20.89
C TYR B 14 -38.42 -34.29 21.74
N THR B 15 -37.49 -33.43 22.16
CA THR B 15 -37.83 -32.25 22.95
C THR B 15 -37.04 -31.06 22.42
N ASN B 16 -37.54 -29.86 22.72
CA ASN B 16 -36.85 -28.64 22.33
C ASN B 16 -35.91 -28.20 23.45
N SER B 17 -34.65 -27.95 23.08
CA SER B 17 -33.62 -27.67 24.07
C SER B 17 -33.76 -26.32 24.74
N PHE B 18 -34.65 -25.45 24.25
CA PHE B 18 -34.80 -24.10 24.79
C PHE B 18 -33.45 -23.42 24.64
N THR B 19 -32.93 -22.73 25.66
CA THR B 19 -31.62 -22.10 25.61
C THR B 19 -30.54 -22.94 26.29
N ARG B 20 -30.86 -24.19 26.67
CA ARG B 20 -29.90 -25.03 27.36
C ARG B 20 -28.77 -25.45 26.42
N GLY B 21 -27.64 -25.79 27.01
CA GLY B 21 -26.49 -26.27 26.26
C GLY B 21 -25.44 -25.23 25.96
N VAL B 22 -25.28 -24.21 26.80
CA VAL B 22 -24.28 -23.16 26.60
C VAL B 22 -23.17 -23.35 27.62
N TYR B 23 -21.93 -23.34 27.14
CA TYR B 23 -20.76 -23.55 27.98
C TYR B 23 -19.72 -22.49 27.68
N TYR B 24 -18.87 -22.22 28.66
CA TYR B 24 -17.79 -21.26 28.47
C TYR B 24 -16.79 -21.81 27.46
N PRO B 25 -16.49 -21.10 26.37
CA PRO B 25 -15.57 -21.66 25.37
C PRO B 25 -14.11 -21.60 25.78
N ASP B 26 -13.75 -20.76 26.74
CA ASP B 26 -12.36 -20.65 27.17
C ASP B 26 -12.34 -20.09 28.59
N LYS B 27 -11.19 -20.27 29.24
CA LYS B 27 -10.99 -19.80 30.61
C LYS B 27 -10.50 -18.34 30.60
N VAL B 28 -11.39 -17.46 30.12
CA VAL B 28 -11.09 -16.04 29.99
C VAL B 28 -12.18 -15.25 30.70
N PHE B 29 -11.77 -14.17 31.36
CA PHE B 29 -12.67 -13.33 32.14
C PHE B 29 -13.05 -12.10 31.34
N ARG B 30 -14.33 -11.74 31.39
CA ARG B 30 -14.84 -10.57 30.69
C ARG B 30 -15.96 -9.95 31.52
N SER B 31 -15.99 -8.62 31.59
CA SER B 31 -16.97 -7.90 32.37
C SER B 31 -17.84 -7.05 31.44
N SER B 32 -19.15 -7.26 31.50
CA SER B 32 -20.11 -6.52 30.69
C SER B 32 -19.66 -6.47 29.23
N VAL B 33 -19.45 -7.65 28.66
CA VAL B 33 -18.86 -7.79 27.34
C VAL B 33 -19.78 -8.63 26.47
N LEU B 34 -19.96 -8.19 25.22
CA LEU B 34 -20.67 -8.95 24.20
C LEU B 34 -19.64 -9.61 23.30
N HIS B 35 -19.49 -10.92 23.40
CA HIS B 35 -18.44 -11.66 22.72
C HIS B 35 -19.06 -12.59 21.68
N SER B 36 -18.62 -12.46 20.43
CA SER B 36 -19.07 -13.35 19.37
C SER B 36 -18.04 -14.46 19.17
N THR B 37 -18.50 -15.71 19.32
CA THR B 37 -17.60 -16.87 19.26
C THR B 37 -18.13 -17.89 18.27
N GLN B 38 -17.26 -18.35 17.38
CA GLN B 38 -17.57 -19.41 16.43
C GLN B 38 -17.01 -20.72 17.00
N ASP B 39 -17.90 -21.62 17.41
CA ASP B 39 -17.48 -22.84 18.07
C ASP B 39 -18.63 -23.84 18.01
N LEU B 40 -18.37 -25.05 18.50
CA LEU B 40 -19.38 -26.11 18.54
C LEU B 40 -20.36 -25.83 19.67
N PHE B 41 -21.63 -25.58 19.33
CA PHE B 41 -22.67 -25.31 20.30
C PHE B 41 -23.92 -26.09 19.94
N LEU B 42 -24.78 -26.30 20.94
CA LEU B 42 -26.09 -26.90 20.72
C LEU B 42 -27.04 -25.82 20.21
N PRO B 43 -27.60 -25.96 19.01
CA PRO B 43 -28.49 -24.91 18.49
C PRO B 43 -29.68 -24.68 19.41
N PHE B 44 -30.10 -23.42 19.50
CA PHE B 44 -31.24 -23.07 20.33
C PHE B 44 -32.51 -23.73 19.79
N PHE B 45 -33.35 -24.20 20.72
CA PHE B 45 -34.61 -24.85 20.36
C PHE B 45 -34.38 -26.01 19.38
N SER B 46 -33.32 -26.77 19.62
CA SER B 46 -32.98 -27.91 18.77
C SER B 46 -33.66 -29.18 19.27
N ASN B 47 -33.64 -30.20 18.42
CA ASN B 47 -34.23 -31.49 18.77
C ASN B 47 -33.25 -32.28 19.63
N VAL B 48 -33.68 -32.64 20.83
CA VAL B 48 -32.91 -33.48 21.74
C VAL B 48 -33.68 -34.76 21.98
N THR B 49 -33.02 -35.89 21.81
CA THR B 49 -33.67 -37.18 21.98
C THR B 49 -33.86 -37.49 23.45
N TRP B 50 -35.07 -37.91 23.80
CA TRP B 50 -35.45 -38.23 25.18
C TRP B 50 -35.30 -39.74 25.37
N PHE B 51 -34.63 -40.13 26.46
CA PHE B 51 -34.43 -41.53 26.78
C PHE B 51 -34.91 -41.78 28.20
N HIS B 52 -35.77 -42.79 28.36
CA HIS B 52 -36.36 -43.14 29.63
C HIS B 52 -35.69 -44.39 30.20
N ALA B 53 -35.68 -44.48 31.52
CA ALA B 53 -35.28 -45.69 32.25
C ALA B 53 -36.37 -45.93 33.28
N ILE B 54 -37.27 -46.88 32.99
CA ILE B 54 -38.45 -47.08 33.82
C ILE B 54 -38.92 -48.51 33.66
N HIS B 55 -39.63 -49.00 34.68
CA HIS B 55 -40.27 -50.33 34.66
C HIS B 55 -41.71 -50.11 35.11
N VAL B 56 -42.58 -49.79 34.16
CA VAL B 56 -43.98 -49.51 34.47
C VAL B 56 -44.67 -50.82 34.86
N SER B 57 -45.37 -50.80 35.99
CA SER B 57 -46.04 -51.99 36.48
C SER B 57 -47.18 -52.40 35.56
N GLY B 58 -47.38 -53.71 35.44
CA GLY B 58 -48.46 -54.25 34.65
C GLY B 58 -48.06 -54.51 33.20
N THR B 59 -48.86 -55.33 32.54
CA THR B 59 -48.60 -55.64 31.13
C THR B 59 -48.72 -54.40 30.26
N ASN B 60 -49.73 -53.56 30.53
CA ASN B 60 -49.87 -52.32 29.77
C ASN B 60 -48.61 -51.47 29.85
N GLY B 61 -47.90 -51.53 30.97
CA GLY B 61 -46.65 -50.81 31.10
C GLY B 61 -45.53 -51.45 30.30
N THR B 62 -44.42 -50.73 30.19
CA THR B 62 -43.26 -51.18 29.45
C THR B 62 -42.02 -51.06 30.31
N LYS B 63 -41.08 -51.97 30.09
CA LYS B 63 -39.81 -52.00 30.80
C LYS B 63 -38.74 -51.44 29.86
N ARG B 64 -38.52 -50.13 29.93
CA ARG B 64 -37.57 -49.45 29.06
C ARG B 64 -36.27 -49.21 29.82
N PHE B 65 -35.16 -49.61 29.20
CA PHE B 65 -33.82 -49.49 29.76
C PHE B 65 -32.91 -48.76 28.78
N ASP B 66 -33.38 -47.61 28.30
CA ASP B 66 -32.74 -46.93 27.18
C ASP B 66 -31.22 -46.86 27.35
N ASN B 67 -30.50 -47.59 26.50
CA ASN B 67 -29.06 -47.46 26.39
C ASN B 67 -28.62 -47.73 24.96
N PRO B 68 -29.21 -47.06 23.95
CA PRO B 68 -28.69 -47.23 22.59
C PRO B 68 -27.25 -46.77 22.46
N VAL B 69 -26.63 -47.03 21.31
CA VAL B 69 -25.27 -46.56 21.03
C VAL B 69 -25.43 -45.37 20.08
N LEU B 70 -25.46 -44.18 20.65
CA LEU B 70 -25.70 -42.97 19.88
C LEU B 70 -24.38 -42.45 19.31
N PRO B 71 -24.33 -42.09 18.04
CA PRO B 71 -23.08 -41.55 17.48
C PRO B 71 -22.65 -40.26 18.18
N PHE B 72 -21.34 -40.07 18.26
CA PHE B 72 -20.80 -38.87 18.90
C PHE B 72 -20.72 -37.69 17.94
N ASN B 73 -20.36 -37.96 16.68
CA ASN B 73 -20.19 -36.91 15.66
C ASN B 73 -19.12 -35.95 16.16
N ASP B 74 -19.38 -34.64 16.21
CA ASP B 74 -18.37 -33.66 16.59
C ASP B 74 -18.53 -33.16 18.02
N GLY B 75 -19.37 -33.81 18.81
CA GLY B 75 -19.62 -33.39 20.18
C GLY B 75 -20.99 -33.83 20.62
N VAL B 76 -21.21 -33.74 21.94
CA VAL B 76 -22.46 -34.19 22.52
C VAL B 76 -22.82 -33.31 23.70
N TYR B 77 -24.12 -33.07 23.89
CA TYR B 77 -24.65 -32.42 25.08
C TYR B 77 -25.58 -33.42 25.76
N PHE B 78 -25.30 -33.71 27.02
CA PHE B 78 -26.05 -34.70 27.79
C PHE B 78 -26.74 -34.01 28.95
N ALA B 79 -27.98 -34.38 29.22
CA ALA B 79 -28.73 -33.86 30.34
C ALA B 79 -29.37 -35.01 31.09
N SER B 80 -29.28 -34.96 32.42
CA SER B 80 -29.88 -35.97 33.28
C SER B 80 -30.81 -35.28 34.26
N THR B 81 -32.09 -35.67 34.26
CA THR B 81 -33.09 -35.11 35.17
C THR B 81 -33.49 -36.23 36.10
N GLU B 82 -32.97 -36.20 37.33
CA GLU B 82 -33.18 -37.30 38.27
C GLU B 82 -33.10 -36.76 39.69
N LYS B 83 -33.37 -37.64 40.65
CA LYS B 83 -33.22 -37.32 42.07
C LYS B 83 -32.56 -38.43 42.87
N SER B 84 -32.22 -39.55 42.24
CA SER B 84 -31.63 -40.69 42.94
C SER B 84 -30.29 -41.11 42.32
N ASN B 85 -29.70 -40.26 41.47
CA ASN B 85 -28.41 -40.55 40.86
C ASN B 85 -28.46 -41.85 40.07
N ILE B 86 -29.52 -42.03 39.28
CA ILE B 86 -29.65 -43.24 38.47
C ILE B 86 -28.55 -43.30 37.42
N ILE B 87 -28.33 -42.19 36.71
CA ILE B 87 -27.26 -42.13 35.72
C ILE B 87 -25.92 -42.13 36.43
N ARG B 88 -25.01 -42.99 35.99
CA ARG B 88 -23.77 -43.23 36.73
C ARG B 88 -22.53 -43.00 35.88
N GLY B 89 -22.61 -43.26 34.57
CA GLY B 89 -21.41 -43.19 33.78
C GLY B 89 -21.68 -43.11 32.29
N TRP B 90 -20.59 -42.97 31.54
CA TRP B 90 -20.62 -42.85 30.09
C TRP B 90 -19.44 -43.63 29.49
N ILE B 91 -19.64 -44.07 28.25
CA ILE B 91 -18.65 -44.85 27.51
C ILE B 91 -18.40 -44.16 26.18
N PHE B 92 -17.13 -43.91 25.85
CA PHE B 92 -16.74 -43.29 24.60
C PHE B 92 -15.76 -44.21 23.86
N GLY B 93 -15.84 -44.21 22.54
CA GLY B 93 -14.93 -45.00 21.74
C GLY B 93 -15.38 -45.05 20.30
N THR B 94 -14.48 -45.55 19.46
CA THR B 94 -14.75 -45.71 18.03
C THR B 94 -15.46 -47.03 17.73
N THR B 95 -15.18 -48.08 18.49
CA THR B 95 -15.79 -49.38 18.28
C THR B 95 -16.39 -49.99 19.53
N LEU B 96 -16.12 -49.43 20.72
CA LEU B 96 -16.63 -49.99 21.97
C LEU B 96 -16.23 -51.46 22.12
N ASP B 97 -14.95 -51.72 21.88
CA ASP B 97 -14.41 -53.07 21.96
C ASP B 97 -12.94 -53.00 22.30
N SER B 98 -12.38 -54.14 22.72
CA SER B 98 -10.97 -54.21 23.09
C SER B 98 -10.04 -54.03 21.90
N LYS B 99 -10.55 -54.05 20.67
CA LYS B 99 -9.70 -53.89 19.51
C LYS B 99 -9.03 -52.52 19.50
N THR B 100 -9.77 -51.47 19.86
CA THR B 100 -9.28 -50.11 19.85
C THR B 100 -9.45 -49.48 21.22
N GLN B 101 -8.61 -48.50 21.52
CA GLN B 101 -8.67 -47.83 22.81
C GLN B 101 -10.01 -47.15 23.00
N SER B 102 -10.51 -47.20 24.24
CA SER B 102 -11.79 -46.63 24.59
C SER B 102 -11.71 -46.00 25.98
N LEU B 103 -12.67 -45.12 26.26
CA LEU B 103 -12.66 -44.29 27.45
C LEU B 103 -13.95 -44.50 28.23
N LEU B 104 -13.86 -44.45 29.56
CA LEU B 104 -14.99 -44.75 30.43
C LEU B 104 -14.98 -43.79 31.61
N ILE B 105 -16.14 -43.17 31.87
CA ILE B 105 -16.39 -42.44 33.12
C ILE B 105 -17.45 -43.21 33.88
N VAL B 106 -17.26 -43.36 35.20
CA VAL B 106 -18.24 -44.06 36.02
C VAL B 106 -18.19 -43.50 37.43
N ASN B 107 -19.33 -43.52 38.10
CA ASN B 107 -19.44 -43.20 39.52
C ASN B 107 -19.99 -44.43 40.21
N ASN B 108 -19.10 -45.19 40.85
CA ASN B 108 -19.46 -46.46 41.48
C ASN B 108 -20.01 -46.28 42.90
N ALA B 109 -20.52 -45.09 43.22
CA ALA B 109 -21.07 -44.79 44.54
C ALA B 109 -19.97 -44.61 45.57
N THR B 110 -18.72 -44.79 45.16
CA THR B 110 -17.57 -44.61 46.05
C THR B 110 -16.57 -43.59 45.52
N ASN B 111 -16.27 -43.62 44.22
CA ASN B 111 -15.28 -42.73 43.65
C ASN B 111 -15.55 -42.56 42.16
N VAL B 112 -15.24 -41.37 41.64
CA VAL B 112 -15.39 -41.09 40.22
C VAL B 112 -14.19 -41.71 39.51
N VAL B 113 -14.42 -42.82 38.81
CA VAL B 113 -13.36 -43.56 38.13
C VAL B 113 -13.42 -43.22 36.65
N ILE B 114 -12.31 -42.69 36.13
CA ILE B 114 -12.15 -42.42 34.71
C ILE B 114 -10.99 -43.26 34.20
N LYS B 115 -11.24 -44.06 33.18
CA LYS B 115 -10.25 -45.01 32.68
C LYS B 115 -10.14 -44.89 31.17
N VAL B 116 -8.95 -45.16 30.65
CA VAL B 116 -8.71 -45.21 29.21
C VAL B 116 -7.96 -46.51 28.92
N CYS B 117 -8.66 -47.49 28.36
CA CYS B 117 -8.07 -48.79 28.09
C CYS B 117 -8.83 -49.43 26.94
N GLU B 118 -8.30 -50.56 26.47
CA GLU B 118 -8.97 -51.37 25.45
C GLU B 118 -9.95 -52.32 26.13
N PHE B 119 -10.99 -51.74 26.71
CA PHE B 119 -12.01 -52.54 27.39
C PHE B 119 -12.68 -53.49 26.41
N GLN B 120 -12.94 -54.71 26.88
CA GLN B 120 -13.74 -55.69 26.12
C GLN B 120 -15.19 -55.51 26.52
N PHE B 121 -15.85 -54.57 25.85
CA PHE B 121 -17.19 -54.15 26.27
C PHE B 121 -18.23 -55.20 25.87
N CYS B 122 -19.17 -55.44 26.79
CA CYS B 122 -20.32 -56.26 26.47
C CYS B 122 -21.34 -55.44 25.67
N ASN B 123 -22.26 -56.16 25.02
CA ASN B 123 -23.25 -55.48 24.18
C ASN B 123 -24.21 -54.63 25.00
N ASP B 124 -24.40 -54.95 26.28
CA ASP B 124 -25.34 -54.23 27.15
C ASP B 124 -24.65 -53.89 28.47
N PRO B 125 -23.79 -52.88 28.48
CA PRO B 125 -23.19 -52.45 29.75
C PRO B 125 -24.24 -51.89 30.70
N PHE B 126 -23.96 -52.03 31.99
CA PHE B 126 -24.86 -51.56 33.03
C PHE B 126 -24.10 -51.51 34.35
N LEU B 127 -24.80 -51.13 35.41
CA LEU B 127 -24.25 -51.08 36.76
C LEU B 127 -25.36 -51.50 37.71
N GLY B 128 -25.26 -52.72 38.25
CA GLY B 128 -26.33 -53.29 39.07
C GLY B 128 -26.05 -53.12 40.55
N VAL B 129 -27.04 -52.60 41.27
CA VAL B 129 -26.98 -52.42 42.71
C VAL B 129 -28.00 -53.37 43.35
N TYR B 130 -27.55 -54.15 44.31
CA TYR B 130 -28.39 -55.14 44.99
C TYR B 130 -28.85 -54.62 46.33
N TYR B 131 -30.05 -55.05 46.73
CA TYR B 131 -30.60 -54.72 48.05
C TYR B 131 -30.11 -55.75 49.06
N HIS B 132 -28.81 -55.64 49.37
CA HIS B 132 -28.16 -56.58 50.28
C HIS B 132 -28.77 -56.43 51.68
N LYS B 133 -29.57 -57.42 52.08
CA LYS B 133 -30.29 -57.33 53.34
C LYS B 133 -29.40 -57.60 54.56
N ASN B 134 -28.29 -58.31 54.37
CA ASN B 134 -27.43 -58.64 55.50
C ASN B 134 -26.88 -57.38 56.16
N ASN B 135 -26.44 -56.41 55.36
CA ASN B 135 -25.95 -55.13 55.88
C ASN B 135 -27.02 -54.05 55.86
N LYS B 136 -28.19 -54.32 55.30
CA LYS B 136 -29.30 -53.38 55.28
C LYS B 136 -28.86 -52.02 54.71
N SER B 137 -28.29 -52.06 53.52
CA SER B 137 -27.80 -50.85 52.87
C SER B 137 -27.76 -51.05 51.36
N TRP B 138 -27.73 -49.94 50.64
CA TRP B 138 -27.62 -49.97 49.19
C TRP B 138 -26.15 -49.93 48.76
N MET B 139 -25.80 -50.76 47.79
CA MET B 139 -24.45 -50.78 47.27
C MET B 139 -24.45 -51.40 45.88
N GLU B 140 -23.36 -51.19 45.16
CA GLU B 140 -23.19 -51.74 43.82
C GLU B 140 -22.57 -53.13 43.93
N SER B 141 -23.17 -54.10 43.23
CA SER B 141 -22.70 -55.48 43.30
C SER B 141 -22.65 -56.18 41.95
N GLU B 142 -22.87 -55.45 40.85
CA GLU B 142 -22.81 -56.04 39.51
C GLU B 142 -22.08 -55.05 38.60
N PHE B 143 -20.80 -55.30 38.36
CA PHE B 143 -19.97 -54.49 37.47
C PHE B 143 -19.68 -55.33 36.24
N ARG B 144 -20.59 -55.29 35.28
CA ARG B 144 -20.46 -56.01 34.01
C ARG B 144 -20.25 -55.05 32.85
N VAL B 145 -19.68 -53.88 33.12
CA VAL B 145 -19.51 -52.87 32.07
C VAL B 145 -18.61 -53.41 30.96
N TYR B 146 -17.51 -54.07 31.33
CA TYR B 146 -16.59 -54.64 30.36
C TYR B 146 -16.08 -55.98 30.89
N SER B 147 -15.61 -56.81 29.96
CA SER B 147 -15.10 -58.13 30.33
C SER B 147 -13.66 -58.05 30.82
N SER B 148 -12.81 -57.28 30.14
CA SER B 148 -11.41 -57.17 30.51
C SER B 148 -10.89 -55.81 30.10
N ALA B 149 -9.80 -55.40 30.74
CA ALA B 149 -9.13 -54.13 30.46
C ALA B 149 -7.67 -54.40 30.13
N ASN B 150 -7.18 -53.81 29.04
CA ASN B 150 -5.82 -54.02 28.58
C ASN B 150 -5.24 -52.72 28.06
N ASN B 151 -3.92 -52.61 28.12
CA ASN B 151 -3.18 -51.46 27.58
C ASN B 151 -3.69 -50.15 28.16
N CYS B 152 -3.52 -50.02 29.48
CA CYS B 152 -3.96 -48.81 30.17
C CYS B 152 -3.04 -47.64 29.85
N THR B 153 -3.64 -46.48 29.64
CA THR B 153 -2.89 -45.25 29.34
C THR B 153 -3.20 -44.11 30.29
N PHE B 154 -4.46 -43.95 30.70
CA PHE B 154 -4.86 -42.87 31.60
C PHE B 154 -5.82 -43.40 32.65
N GLU B 155 -5.59 -43.01 33.90
CA GLU B 155 -6.38 -43.44 35.04
C GLU B 155 -6.61 -42.25 35.97
N TYR B 156 -7.82 -42.17 36.52
CA TYR B 156 -8.13 -41.17 37.52
C TYR B 156 -9.17 -41.75 38.48
N VAL B 157 -8.91 -41.61 39.78
CA VAL B 157 -9.80 -42.12 40.82
C VAL B 157 -9.91 -41.07 41.91
N SER B 158 -11.14 -40.79 42.34
CA SER B 158 -11.38 -39.85 43.42
C SER B 158 -11.41 -40.56 44.77
N GLN B 159 -11.40 -39.77 45.84
CA GLN B 159 -11.41 -40.33 47.18
C GLN B 159 -12.76 -40.99 47.46
N PRO B 160 -12.79 -41.96 48.38
CA PRO B 160 -14.06 -42.61 48.71
C PRO B 160 -15.07 -41.61 49.26
N PHE B 161 -16.34 -41.81 48.90
CA PHE B 161 -17.42 -41.00 49.43
C PHE B 161 -18.72 -41.79 49.32
N LEU B 162 -19.72 -41.36 50.08
CA LEU B 162 -21.01 -42.02 50.14
C LEU B 162 -22.12 -41.00 49.87
N MET B 163 -23.12 -41.43 49.09
CA MET B 163 -24.28 -40.59 48.80
C MET B 163 -25.56 -41.38 49.04
N ASP B 164 -26.70 -40.81 48.66
CA ASP B 164 -27.99 -41.46 48.84
C ASP B 164 -28.27 -42.35 47.64
N LEU B 165 -28.32 -43.66 47.87
CA LEU B 165 -28.62 -44.64 46.83
C LEU B 165 -30.10 -44.99 46.77
N GLU B 166 -30.92 -44.41 47.62
CA GLU B 166 -32.35 -44.73 47.63
C GLU B 166 -33.00 -44.31 46.33
N GLY B 167 -33.85 -45.18 45.79
CA GLY B 167 -34.57 -44.87 44.56
C GLY B 167 -35.93 -44.24 44.82
N LYS B 168 -35.93 -43.14 45.56
CA LYS B 168 -37.18 -42.46 45.87
C LYS B 168 -37.85 -41.95 44.60
N GLN B 169 -39.16 -42.08 44.54
CA GLN B 169 -39.95 -41.62 43.41
C GLN B 169 -40.58 -40.26 43.71
N GLY B 170 -41.08 -39.63 42.64
CA GLY B 170 -41.72 -38.34 42.72
C GLY B 170 -41.17 -37.40 41.68
N ASN B 171 -41.43 -36.10 41.87
CA ASN B 171 -40.94 -35.10 40.94
C ASN B 171 -39.42 -35.01 41.00
N PHE B 172 -38.80 -34.88 39.82
CA PHE B 172 -37.35 -34.75 39.75
C PHE B 172 -36.92 -33.40 40.32
N LYS B 173 -35.76 -33.39 40.98
CA LYS B 173 -35.25 -32.20 41.63
C LYS B 173 -33.80 -31.88 41.32
N ASN B 174 -33.08 -32.75 40.61
CA ASN B 174 -31.69 -32.51 40.24
C ASN B 174 -31.52 -32.62 38.74
N LEU B 175 -30.83 -31.64 38.15
CA LEU B 175 -30.51 -31.65 36.73
C LEU B 175 -29.00 -31.50 36.59
N ARG B 176 -28.40 -32.45 35.87
CA ARG B 176 -26.96 -32.44 35.60
C ARG B 176 -26.79 -32.26 34.10
N GLU B 177 -26.15 -31.16 33.71
CA GLU B 177 -25.90 -30.85 32.30
C GLU B 177 -24.42 -30.97 32.02
N PHE B 178 -24.06 -31.89 31.13
CA PHE B 178 -22.68 -32.14 30.74
C PHE B 178 -22.52 -31.88 29.25
N VAL B 179 -21.31 -31.49 28.86
CA VAL B 179 -20.95 -31.28 27.46
C VAL B 179 -19.64 -32.01 27.20
N PHE B 180 -19.63 -32.85 26.16
CA PHE B 180 -18.50 -33.68 25.80
C PHE B 180 -17.98 -33.22 24.44
N LYS B 181 -16.70 -32.88 24.36
CA LYS B 181 -16.13 -32.43 23.09
C LYS B 181 -14.81 -33.14 22.79
N ASN B 182 -14.59 -33.42 21.50
CA ASN B 182 -13.36 -34.00 20.99
C ASN B 182 -12.81 -33.12 19.87
N ILE B 183 -11.55 -32.72 19.97
CA ILE B 183 -10.87 -32.12 18.82
C ILE B 183 -9.37 -32.06 19.10
N ASP B 184 -8.56 -32.20 18.05
CA ASP B 184 -7.11 -32.11 18.16
C ASP B 184 -6.56 -33.14 19.15
N GLY B 185 -7.19 -34.31 19.20
CA GLY B 185 -6.79 -35.30 20.19
C GLY B 185 -6.89 -34.75 21.60
N TYR B 186 -7.96 -34.02 21.90
CA TYR B 186 -8.06 -33.28 23.14
C TYR B 186 -9.53 -33.25 23.53
N PHE B 187 -9.81 -33.58 24.79
CA PHE B 187 -11.13 -33.99 25.25
C PHE B 187 -11.60 -33.07 26.36
N LYS B 188 -12.78 -32.47 26.18
CA LYS B 188 -13.33 -31.48 27.08
C LYS B 188 -14.60 -32.00 27.74
N ILE B 189 -14.71 -31.76 29.06
CA ILE B 189 -15.87 -32.08 29.86
C ILE B 189 -16.32 -30.79 30.54
N TYR B 190 -17.49 -30.29 30.17
CA TYR B 190 -18.12 -29.19 30.87
C TYR B 190 -19.30 -29.70 31.67
N SER B 191 -19.57 -29.08 32.80
CA SER B 191 -20.57 -29.60 33.72
C SER B 191 -21.28 -28.47 34.45
N LYS B 192 -22.53 -28.72 34.84
CA LYS B 192 -23.25 -27.83 35.74
C LYS B 192 -24.41 -28.60 36.38
N HIS B 193 -24.81 -28.12 37.55
CA HIS B 193 -25.91 -28.67 38.33
C HIS B 193 -27.00 -27.62 38.51
N THR B 194 -28.25 -28.08 38.64
CA THR B 194 -29.34 -27.15 38.85
C THR B 194 -30.52 -27.83 39.54
N PRO B 195 -31.11 -27.23 40.57
CA PRO B 195 -32.35 -27.79 41.13
C PRO B 195 -33.59 -27.14 40.54
N ILE B 196 -34.60 -27.98 40.30
CA ILE B 196 -35.89 -27.54 39.78
C ILE B 196 -37.00 -28.31 40.49
N ASN B 197 -38.25 -28.04 40.10
CA ASN B 197 -39.41 -28.68 40.68
C ASN B 197 -40.34 -29.26 39.62
N LEU B 198 -39.85 -29.45 38.40
CA LEU B 198 -40.66 -30.00 37.33
C LEU B 198 -40.54 -31.52 37.29
N VAL B 199 -41.34 -32.13 36.41
CA VAL B 199 -41.33 -33.57 36.23
C VAL B 199 -40.95 -34.00 34.82
N ARG B 200 -41.02 -33.10 33.84
CA ARG B 200 -40.69 -33.45 32.46
C ARG B 200 -40.11 -32.24 31.75
N ASP B 201 -39.40 -32.51 30.65
CA ASP B 201 -38.81 -31.47 29.82
C ASP B 201 -37.81 -30.61 30.62
N LEU B 202 -37.27 -29.58 29.97
CA LEU B 202 -36.31 -28.69 30.60
C LEU B 202 -36.98 -27.40 31.03
N PRO B 203 -36.42 -26.71 32.04
CA PRO B 203 -36.88 -25.36 32.34
C PRO B 203 -36.48 -24.38 31.23
N GLN B 204 -37.23 -23.29 31.15
CA GLN B 204 -36.96 -22.27 30.15
C GLN B 204 -35.80 -21.36 30.54
N GLY B 205 -35.22 -21.53 31.72
CA GLY B 205 -34.13 -20.68 32.16
C GLY B 205 -32.85 -20.97 31.40
N PHE B 206 -31.88 -20.06 31.59
CA PHE B 206 -30.59 -20.12 30.93
C PHE B 206 -29.48 -20.28 31.96
N SER B 207 -28.55 -21.20 31.68
CA SER B 207 -27.44 -21.46 32.59
C SER B 207 -26.22 -21.88 31.76
N ALA B 208 -25.07 -21.28 32.06
CA ALA B 208 -23.85 -21.59 31.35
C ALA B 208 -23.13 -22.76 32.01
N LEU B 209 -22.58 -23.65 31.20
CA LEU B 209 -21.90 -24.85 31.67
C LEU B 209 -20.41 -24.55 31.81
N GLU B 210 -19.93 -24.46 33.05
CA GLU B 210 -18.52 -24.19 33.29
C GLU B 210 -17.68 -25.43 33.02
N PRO B 211 -16.45 -25.27 32.54
CA PRO B 211 -15.60 -26.44 32.28
C PRO B 211 -15.30 -27.20 33.56
N LEU B 212 -15.23 -28.52 33.43
CA LEU B 212 -14.99 -29.40 34.57
C LEU B 212 -13.68 -30.19 34.44
N VAL B 213 -13.48 -30.89 33.32
CA VAL B 213 -12.37 -31.82 33.19
C VAL B 213 -11.76 -31.74 31.79
N ASP B 214 -10.48 -32.07 31.70
CA ASP B 214 -9.76 -32.04 30.42
C ASP B 214 -8.85 -33.26 30.33
N LEU B 215 -8.84 -33.90 29.16
CA LEU B 215 -8.02 -35.09 28.92
C LEU B 215 -7.22 -34.91 27.63
N PRO B 216 -5.89 -34.97 27.67
CA PRO B 216 -5.09 -34.92 26.43
C PRO B 216 -4.86 -36.31 25.81
N ILE B 217 -5.89 -36.82 25.13
CA ILE B 217 -5.86 -38.16 24.56
C ILE B 217 -6.26 -38.07 23.09
N GLY B 218 -5.50 -38.75 22.23
CA GLY B 218 -5.77 -38.74 20.81
C GLY B 218 -6.61 -39.90 20.32
N ILE B 219 -7.86 -39.98 20.79
CA ILE B 219 -8.77 -41.02 20.34
C ILE B 219 -9.59 -40.47 19.17
N ASN B 220 -10.22 -41.38 18.42
CA ASN B 220 -11.08 -41.01 17.32
C ASN B 220 -12.54 -41.36 17.62
N ILE B 221 -12.99 -41.02 18.83
CA ILE B 221 -14.33 -41.42 19.27
C ILE B 221 -15.36 -41.03 18.24
N THR B 222 -16.25 -41.96 17.92
CA THR B 222 -17.42 -41.68 17.09
C THR B 222 -18.69 -42.37 17.57
N ARG B 223 -18.66 -43.07 18.71
CA ARG B 223 -19.81 -43.82 19.20
C ARG B 223 -19.75 -43.85 20.72
N PHE B 224 -20.90 -43.71 21.37
CA PHE B 224 -20.93 -43.62 22.82
C PHE B 224 -22.20 -44.26 23.35
N GLN B 225 -22.17 -44.56 24.65
CA GLN B 225 -23.29 -45.16 25.35
C GLN B 225 -23.41 -44.53 26.73
N THR B 226 -24.48 -44.89 27.43
CA THR B 226 -24.76 -44.38 28.78
C THR B 226 -24.85 -45.52 29.76
N LEU B 227 -24.58 -45.21 31.04
CA LEU B 227 -24.63 -46.17 32.12
C LEU B 227 -25.56 -45.67 33.21
N LEU B 228 -26.39 -46.58 33.75
CA LEU B 228 -27.37 -46.23 34.76
C LEU B 228 -27.23 -47.16 35.95
N ALA B 229 -27.71 -46.68 37.10
CA ALA B 229 -27.71 -47.47 38.34
C ALA B 229 -28.83 -48.50 38.25
N LEU B 230 -28.61 -49.49 37.39
CA LEU B 230 -29.62 -50.50 37.11
C LEU B 230 -29.95 -51.30 38.37
N HIS B 231 -31.21 -51.69 38.50
CA HIS B 231 -31.67 -52.49 39.62
C HIS B 231 -31.80 -53.94 39.19
N ARG B 232 -31.16 -54.84 39.94
CA ARG B 232 -31.14 -56.25 39.58
C ARG B 232 -32.40 -56.94 40.06
N SER B 233 -33.10 -57.62 39.15
CA SER B 233 -34.29 -58.37 39.52
C SER B 233 -33.96 -59.54 40.44
N TYR B 234 -32.70 -59.98 40.48
CA TYR B 234 -32.34 -61.12 41.31
C TYR B 234 -32.36 -60.77 42.79
N LEU B 235 -31.80 -59.61 43.16
CA LEU B 235 -31.59 -59.24 44.56
C LEU B 235 -32.15 -57.86 44.85
N THR B 236 -33.39 -57.62 44.43
CA THR B 236 -34.09 -56.38 44.72
C THR B 236 -35.47 -56.68 45.29
N PRO B 237 -36.01 -55.79 46.11
CA PRO B 237 -37.32 -56.04 46.72
C PRO B 237 -38.43 -56.09 45.68
N GLY B 238 -39.46 -56.86 45.98
CA GLY B 238 -40.61 -56.99 45.10
C GLY B 238 -40.48 -58.05 44.03
N ASP B 239 -39.41 -57.98 43.25
CA ASP B 239 -39.15 -58.94 42.17
C ASP B 239 -37.86 -59.68 42.46
N SER B 240 -37.93 -61.01 42.42
CA SER B 240 -36.76 -61.86 42.64
C SER B 240 -36.42 -62.74 41.46
N SER B 241 -37.31 -62.88 40.48
CA SER B 241 -37.04 -63.71 39.32
C SER B 241 -35.99 -63.06 38.43
N SER B 242 -35.40 -63.89 37.56
CA SER B 242 -34.41 -63.39 36.62
C SER B 242 -35.04 -62.34 35.71
N GLY B 243 -34.33 -61.24 35.52
CA GLY B 243 -34.84 -60.15 34.71
C GLY B 243 -34.11 -58.86 35.05
N TRP B 244 -34.62 -57.77 34.47
CA TRP B 244 -34.03 -56.45 34.66
C TRP B 244 -35.12 -55.43 34.92
N THR B 245 -34.83 -54.49 35.81
CA THR B 245 -35.74 -53.40 36.14
C THR B 245 -34.92 -52.16 36.44
N ALA B 246 -35.38 -51.00 35.97
CA ALA B 246 -34.68 -49.74 36.13
C ALA B 246 -35.59 -48.71 36.79
N GLY B 247 -35.04 -47.97 37.74
CA GLY B 247 -35.79 -46.92 38.38
C GLY B 247 -36.01 -45.73 37.47
N ALA B 248 -37.08 -44.99 37.76
CA ALA B 248 -37.48 -43.86 36.91
C ALA B 248 -36.34 -42.88 36.75
N ALA B 249 -35.93 -42.64 35.50
CA ALA B 249 -34.89 -41.67 35.19
C ALA B 249 -35.07 -41.21 33.76
N ALA B 250 -34.66 -39.97 33.49
CA ALA B 250 -34.77 -39.37 32.17
C ALA B 250 -33.45 -38.72 31.79
N TYR B 251 -32.97 -39.00 30.58
CA TYR B 251 -31.77 -38.34 30.07
C TYR B 251 -31.97 -37.96 28.61
N TYR B 252 -31.56 -36.74 28.29
CA TYR B 252 -31.70 -36.17 26.96
C TYR B 252 -30.34 -36.04 26.30
N VAL B 253 -30.28 -36.34 25.01
CA VAL B 253 -29.04 -36.30 24.24
C VAL B 253 -29.23 -35.36 23.06
N GLY B 254 -28.30 -34.41 22.91
CA GLY B 254 -28.30 -33.52 21.77
C GLY B 254 -26.92 -33.46 21.14
N TYR B 255 -26.89 -32.99 19.90
CA TYR B 255 -25.67 -33.00 19.10
C TYR B 255 -25.23 -31.57 18.82
N LEU B 256 -23.96 -31.28 19.10
CA LEU B 256 -23.39 -29.97 18.85
C LEU B 256 -23.12 -29.77 17.36
N GLN B 257 -23.22 -28.53 16.93
CA GLN B 257 -22.93 -28.14 15.55
C GLN B 257 -22.08 -26.88 15.56
N PRO B 258 -21.30 -26.64 14.49
CA PRO B 258 -20.48 -25.44 14.45
C PRO B 258 -21.32 -24.19 14.21
N ARG B 259 -21.49 -23.37 15.24
CA ARG B 259 -22.35 -22.20 15.18
C ARG B 259 -21.64 -21.00 15.78
N THR B 260 -22.15 -19.82 15.44
CA THR B 260 -21.72 -18.57 16.05
C THR B 260 -22.70 -18.20 17.15
N PHE B 261 -22.18 -17.84 18.31
CA PHE B 261 -22.99 -17.47 19.46
C PHE B 261 -22.50 -16.13 20.01
N LEU B 262 -23.47 -15.28 20.36
CA LEU B 262 -23.19 -14.01 21.01
C LEU B 262 -23.43 -14.19 22.51
N LEU B 263 -22.36 -14.18 23.28
CA LEU B 263 -22.40 -14.40 24.72
C LEU B 263 -22.32 -13.06 25.45
N LYS B 264 -23.04 -12.97 26.57
CA LYS B 264 -23.07 -11.77 27.40
C LYS B 264 -22.39 -12.09 28.73
N TYR B 265 -21.25 -11.47 28.98
CA TYR B 265 -20.53 -11.62 30.23
C TYR B 265 -20.86 -10.44 31.13
N ASN B 266 -21.40 -10.74 32.32
CA ASN B 266 -21.77 -9.71 33.27
C ASN B 266 -20.52 -9.21 34.01
N GLU B 267 -20.72 -8.26 34.92
CA GLU B 267 -19.60 -7.68 35.63
C GLU B 267 -18.82 -8.72 36.42
N ASN B 268 -19.49 -9.79 36.87
CA ASN B 268 -18.83 -10.83 37.64
C ASN B 268 -18.11 -11.86 36.77
N GLY B 269 -18.25 -11.79 35.46
CA GLY B 269 -17.59 -12.71 34.57
C GLY B 269 -18.37 -13.96 34.24
N THR B 270 -19.60 -14.09 34.73
CA THR B 270 -20.42 -15.26 34.46
C THR B 270 -21.33 -15.01 33.27
N ILE B 271 -21.43 -16.00 32.40
CA ILE B 271 -22.29 -15.90 31.22
C ILE B 271 -23.74 -15.83 31.68
N THR B 272 -24.41 -14.73 31.38
CA THR B 272 -25.79 -14.51 31.80
C THR B 272 -26.79 -14.75 30.67
N ASP B 273 -26.40 -14.55 29.41
CA ASP B 273 -27.31 -14.73 28.30
C ASP B 273 -26.52 -15.07 27.05
N ALA B 274 -27.20 -15.69 26.09
CA ALA B 274 -26.59 -16.09 24.83
C ALA B 274 -27.61 -15.96 23.72
N VAL B 275 -27.11 -15.69 22.51
CA VAL B 275 -27.93 -15.59 21.31
C VAL B 275 -27.32 -16.51 20.25
N ASP B 276 -28.13 -17.43 19.74
CA ASP B 276 -27.70 -18.27 18.62
C ASP B 276 -27.80 -17.46 17.34
N CYS B 277 -26.68 -17.35 16.63
CA CYS B 277 -26.56 -16.42 15.51
C CYS B 277 -27.32 -16.88 14.26
N ALA B 278 -27.81 -18.12 14.25
CA ALA B 278 -28.61 -18.63 13.12
C ALA B 278 -30.02 -18.99 13.54
N LEU B 279 -30.46 -18.60 14.73
CA LEU B 279 -31.80 -18.94 15.19
C LEU B 279 -32.87 -18.31 14.30
N ASP B 280 -32.70 -17.03 13.98
CA ASP B 280 -33.71 -16.29 13.22
C ASP B 280 -33.11 -14.99 12.70
N PRO B 281 -33.78 -14.30 11.77
CA PRO B 281 -33.22 -13.02 11.29
C PRO B 281 -32.97 -12.02 12.40
N LEU B 282 -33.80 -12.03 13.45
CA LEU B 282 -33.57 -11.12 14.56
C LEU B 282 -32.23 -11.42 15.25
N SER B 283 -31.91 -12.72 15.41
CA SER B 283 -30.63 -13.07 15.99
C SER B 283 -29.47 -12.65 15.09
N GLU B 284 -29.66 -12.75 13.77
CA GLU B 284 -28.64 -12.26 12.84
C GLU B 284 -28.43 -10.76 12.98
N THR B 285 -29.53 -10.01 13.12
CA THR B 285 -29.42 -8.58 13.35
C THR B 285 -28.68 -8.29 14.65
N LYS B 286 -28.99 -9.05 15.71
CA LYS B 286 -28.27 -8.86 16.96
C LYS B 286 -26.79 -9.14 16.80
N CYS B 287 -26.44 -10.20 16.06
CA CYS B 287 -25.04 -10.48 15.78
C CYS B 287 -24.38 -9.28 15.08
N THR B 288 -25.01 -8.78 14.02
CA THR B 288 -24.41 -7.69 13.27
C THR B 288 -24.24 -6.45 14.14
N LEU B 289 -25.22 -6.15 14.97
CA LEU B 289 -25.13 -5.00 15.87
C LEU B 289 -24.43 -5.33 17.18
N LYS B 290 -24.16 -6.60 17.46
CA LYS B 290 -23.47 -7.01 18.68
C LYS B 290 -24.17 -6.47 19.92
N SER B 291 -25.49 -6.66 19.95
CA SER B 291 -26.30 -6.18 21.06
C SER B 291 -27.52 -7.07 21.22
N PHE B 292 -28.10 -7.03 22.42
CA PHE B 292 -29.34 -7.75 22.71
C PHE B 292 -30.59 -6.93 22.42
N THR B 293 -30.46 -5.61 22.36
CA THR B 293 -31.58 -4.72 22.03
C THR B 293 -31.30 -4.05 20.69
N VAL B 294 -32.27 -4.12 19.79
CA VAL B 294 -32.15 -3.57 18.46
C VAL B 294 -33.19 -2.46 18.30
N GLU B 295 -32.72 -1.26 17.98
CA GLU B 295 -33.63 -0.14 17.79
C GLU B 295 -34.37 -0.26 16.46
N LYS B 296 -35.44 0.51 16.33
CA LYS B 296 -36.23 0.49 15.11
C LYS B 296 -35.39 0.92 13.92
N GLY B 297 -35.50 0.17 12.83
CA GLY B 297 -34.77 0.48 11.62
C GLY B 297 -34.59 -0.74 10.76
N ILE B 298 -33.80 -0.57 9.70
CA ILE B 298 -33.49 -1.62 8.75
C ILE B 298 -31.98 -1.78 8.71
N TYR B 299 -31.51 -3.03 8.82
CA TYR B 299 -30.09 -3.34 8.85
C TYR B 299 -29.78 -4.39 7.79
N GLN B 300 -28.79 -4.11 6.94
CA GLN B 300 -28.31 -5.07 5.96
C GLN B 300 -27.50 -6.12 6.69
N THR B 301 -28.10 -7.30 6.91
CA THR B 301 -27.50 -8.30 7.78
C THR B 301 -26.55 -9.24 7.07
N SER B 302 -26.88 -9.70 5.86
CA SER B 302 -26.06 -10.71 5.21
C SER B 302 -26.17 -10.56 3.70
N ASN B 303 -25.66 -11.55 2.97
CA ASN B 303 -25.75 -11.61 1.52
C ASN B 303 -26.17 -13.00 1.11
N PHE B 304 -26.89 -13.09 -0.01
CA PHE B 304 -27.36 -14.35 -0.55
C PHE B 304 -26.89 -14.49 -1.99
N ARG B 305 -26.78 -15.73 -2.44
CA ARG B 305 -26.25 -16.03 -3.77
C ARG B 305 -26.80 -17.36 -4.23
N VAL B 306 -27.51 -17.36 -5.36
CA VAL B 306 -28.02 -18.61 -5.92
C VAL B 306 -26.86 -19.38 -6.54
N GLN B 307 -26.70 -20.63 -6.12
CA GLN B 307 -25.59 -21.45 -6.56
C GLN B 307 -25.94 -22.17 -7.86
N PRO B 308 -24.92 -22.58 -8.63
CA PRO B 308 -25.20 -23.34 -9.86
C PRO B 308 -25.98 -24.61 -9.56
N THR B 309 -26.98 -24.90 -10.38
CA THR B 309 -27.84 -26.04 -10.10
C THR B 309 -27.05 -27.34 -10.13
N GLU B 310 -26.63 -27.79 -11.31
CA GLU B 310 -25.66 -28.87 -11.36
C GLU B 310 -24.42 -28.54 -12.21
N SER B 311 -24.61 -28.25 -13.49
CA SER B 311 -23.50 -27.96 -14.39
C SER B 311 -23.98 -27.80 -15.84
N ILE B 312 -23.07 -27.44 -16.74
CA ILE B 312 -23.28 -27.68 -18.17
C ILE B 312 -21.97 -27.53 -18.92
N VAL B 313 -21.70 -28.45 -19.84
CA VAL B 313 -20.52 -28.43 -20.68
C VAL B 313 -20.96 -28.69 -22.11
N ARG B 314 -20.58 -27.81 -23.03
CA ARG B 314 -20.98 -27.92 -24.43
C ARG B 314 -19.76 -27.82 -25.32
N PHE B 315 -19.69 -28.70 -26.32
CA PHE B 315 -18.60 -28.75 -27.27
C PHE B 315 -19.17 -28.92 -28.68
N PRO B 316 -18.37 -28.65 -29.71
CA PRO B 316 -18.91 -28.64 -31.07
C PRO B 316 -19.25 -30.03 -31.61
N ASN B 317 -19.64 -30.08 -32.88
CA ASN B 317 -20.12 -31.31 -33.48
C ASN B 317 -19.04 -32.39 -33.45
N ILE B 318 -19.44 -33.61 -33.80
CA ILE B 318 -18.51 -34.72 -33.90
C ILE B 318 -17.94 -34.76 -35.32
N THR B 319 -16.65 -34.52 -35.43
CA THR B 319 -15.98 -34.38 -36.72
C THR B 319 -15.30 -35.68 -37.09
N ASN B 320 -15.79 -36.33 -38.14
CA ASN B 320 -15.17 -37.53 -38.72
C ASN B 320 -14.67 -38.48 -37.63
N LEU B 321 -15.64 -38.98 -36.86
CA LEU B 321 -15.34 -39.96 -35.81
C LEU B 321 -14.37 -41.01 -36.33
N CYS B 322 -13.35 -41.30 -35.52
CA CYS B 322 -12.26 -42.15 -35.99
C CYS B 322 -12.79 -43.50 -36.46
N PRO B 323 -12.41 -43.98 -37.65
CA PRO B 323 -13.02 -45.19 -38.19
C PRO B 323 -12.62 -46.46 -37.45
N PHE B 324 -12.88 -46.51 -36.15
CA PHE B 324 -12.64 -47.73 -35.40
C PHE B 324 -13.56 -48.86 -35.87
N GLY B 325 -14.83 -48.54 -36.12
CA GLY B 325 -15.77 -49.56 -36.59
C GLY B 325 -15.40 -50.12 -37.95
N GLU B 326 -14.83 -49.28 -38.81
CA GLU B 326 -14.43 -49.75 -40.14
C GLU B 326 -13.46 -50.92 -40.06
N VAL B 327 -12.64 -50.95 -39.01
CA VAL B 327 -11.68 -52.04 -38.83
C VAL B 327 -12.28 -53.15 -37.97
N PHE B 328 -12.94 -52.80 -36.87
CA PHE B 328 -13.53 -53.81 -36.00
C PHE B 328 -14.62 -54.57 -36.74
N ASN B 329 -15.45 -53.88 -37.52
CA ASN B 329 -16.54 -54.49 -38.27
C ASN B 329 -16.23 -54.57 -39.77
N ALA B 330 -14.96 -54.76 -40.11
CA ALA B 330 -14.57 -54.84 -41.51
C ALA B 330 -15.19 -56.07 -42.16
N THR B 331 -15.64 -55.91 -43.40
CA THR B 331 -16.22 -57.03 -44.13
C THR B 331 -15.17 -58.08 -44.48
N ARG B 332 -13.94 -57.65 -44.79
CA ARG B 332 -12.85 -58.55 -45.15
C ARG B 332 -11.69 -58.33 -44.19
N PHE B 333 -11.16 -59.43 -43.65
CA PHE B 333 -10.03 -59.39 -42.74
C PHE B 333 -8.84 -60.09 -43.38
N ALA B 334 -7.68 -59.45 -43.34
CA ALA B 334 -6.48 -60.01 -43.92
C ALA B 334 -5.93 -61.13 -43.03
N SER B 335 -5.05 -61.94 -43.62
CA SER B 335 -4.45 -63.04 -42.89
C SER B 335 -3.46 -62.51 -41.85
N VAL B 336 -3.07 -63.40 -40.93
CA VAL B 336 -2.14 -63.01 -39.87
C VAL B 336 -0.80 -62.62 -40.47
N TYR B 337 -0.32 -63.37 -41.45
CA TYR B 337 0.98 -63.05 -42.05
C TYR B 337 0.93 -61.72 -42.79
N ALA B 338 -0.25 -61.29 -43.23
CA ALA B 338 -0.45 -60.05 -43.97
C ALA B 338 -1.53 -59.20 -43.29
N TRP B 339 -1.40 -59.06 -41.97
CA TRP B 339 -2.37 -58.27 -41.21
C TRP B 339 -2.52 -56.88 -41.81
N ASN B 340 -3.75 -56.39 -41.84
CA ASN B 340 -4.09 -55.13 -42.48
C ASN B 340 -3.88 -53.97 -41.51
N ARG B 341 -3.22 -52.92 -41.98
CA ARG B 341 -2.93 -51.75 -41.18
C ARG B 341 -3.79 -50.58 -41.62
N LYS B 342 -4.40 -49.89 -40.66
CA LYS B 342 -5.14 -48.66 -40.92
C LYS B 342 -4.59 -47.56 -40.01
N ARG B 343 -4.30 -46.40 -40.61
CA ARG B 343 -3.78 -45.27 -39.86
C ARG B 343 -4.93 -44.38 -39.38
N ILE B 344 -4.78 -43.83 -38.18
CA ILE B 344 -5.79 -43.00 -37.55
C ILE B 344 -5.11 -41.73 -37.07
N SER B 345 -5.53 -40.59 -37.62
CA SER B 345 -5.01 -39.29 -37.24
C SER B 345 -6.03 -38.24 -37.68
N ASN B 346 -5.99 -37.09 -37.01
CA ASN B 346 -6.87 -35.97 -37.30
C ASN B 346 -8.34 -36.42 -37.25
N CYS B 347 -8.70 -37.02 -36.12
CA CYS B 347 -10.07 -37.47 -35.90
C CYS B 347 -10.32 -37.57 -34.40
N VAL B 348 -11.58 -37.77 -34.05
CA VAL B 348 -12.01 -37.88 -32.66
C VAL B 348 -12.57 -39.29 -32.47
N ALA B 349 -12.00 -40.04 -31.54
CA ALA B 349 -12.33 -41.45 -31.38
C ALA B 349 -13.45 -41.65 -30.36
N ASP B 350 -14.14 -42.78 -30.49
CA ASP B 350 -15.20 -43.14 -29.56
C ASP B 350 -15.33 -44.67 -29.59
N TYR B 351 -14.79 -45.33 -28.58
CA TYR B 351 -14.86 -46.78 -28.47
C TYR B 351 -15.59 -47.26 -27.22
N SER B 352 -16.17 -46.35 -26.44
CA SER B 352 -16.90 -46.77 -25.25
C SER B 352 -18.16 -47.55 -25.61
N VAL B 353 -18.78 -47.24 -26.76
CA VAL B 353 -20.00 -47.92 -27.15
C VAL B 353 -19.74 -49.40 -27.37
N LEU B 354 -18.62 -49.74 -28.02
CA LEU B 354 -18.28 -51.14 -28.25
C LEU B 354 -17.57 -51.76 -27.05
N TYR B 355 -16.84 -50.95 -26.27
CA TYR B 355 -16.11 -51.50 -25.14
C TYR B 355 -17.06 -52.05 -24.07
N ASN B 356 -18.12 -51.31 -23.76
CA ASN B 356 -19.05 -51.73 -22.72
C ASN B 356 -20.01 -52.81 -23.18
N SER B 357 -20.05 -53.13 -24.47
CA SER B 357 -20.93 -54.18 -24.97
C SER B 357 -20.56 -55.55 -24.43
N ALA B 358 -19.33 -55.72 -23.94
CA ALA B 358 -18.87 -57.00 -23.41
C ALA B 358 -18.96 -58.11 -24.44
N SER B 359 -18.83 -57.76 -25.71
CA SER B 359 -18.87 -58.73 -26.80
C SER B 359 -17.49 -59.19 -27.23
N PHE B 360 -16.43 -58.75 -26.56
CA PHE B 360 -15.07 -59.10 -26.92
C PHE B 360 -14.51 -60.13 -25.95
N SER B 361 -13.97 -61.22 -26.49
CA SER B 361 -13.35 -62.24 -25.66
C SER B 361 -12.09 -61.76 -24.96
N THR B 362 -11.47 -60.69 -25.47
CA THR B 362 -10.27 -60.13 -24.86
C THR B 362 -10.19 -58.66 -25.22
N PHE B 363 -9.96 -57.81 -24.22
CA PHE B 363 -9.82 -56.37 -24.42
C PHE B 363 -8.64 -55.86 -23.60
N LYS B 364 -7.49 -56.52 -23.74
CA LYS B 364 -6.38 -56.31 -22.82
C LYS B 364 -5.53 -55.14 -23.27
N CYS B 365 -5.43 -54.12 -22.42
CA CYS B 365 -4.57 -52.96 -22.65
C CYS B 365 -3.41 -53.01 -21.67
N TYR B 366 -2.21 -52.77 -22.19
CA TYR B 366 -0.98 -52.86 -21.42
C TYR B 366 -0.54 -51.46 -20.98
N GLY B 367 -0.31 -51.30 -19.67
CA GLY B 367 0.19 -50.06 -19.12
C GLY B 367 -0.86 -48.99 -18.90
N VAL B 368 -2.12 -49.23 -19.25
CA VAL B 368 -3.17 -48.25 -19.07
C VAL B 368 -4.51 -48.96 -19.15
N SER B 369 -5.50 -48.45 -18.43
CA SER B 369 -6.83 -49.02 -18.48
C SER B 369 -7.44 -48.78 -19.87
N PRO B 370 -8.34 -49.67 -20.30
CA PRO B 370 -8.92 -49.49 -21.64
C PRO B 370 -9.65 -48.17 -21.82
N THR B 371 -10.28 -47.65 -20.75
CA THR B 371 -10.99 -46.39 -20.83
C THR B 371 -10.14 -45.19 -20.42
N LYS B 372 -9.15 -45.40 -19.55
CA LYS B 372 -8.32 -44.28 -19.11
C LYS B 372 -7.49 -43.72 -20.26
N LEU B 373 -7.06 -44.60 -21.18
CA LEU B 373 -6.26 -44.14 -22.31
C LEU B 373 -7.02 -43.15 -23.18
N ASN B 374 -8.35 -43.11 -23.08
CA ASN B 374 -9.13 -42.17 -23.87
C ASN B 374 -8.77 -40.73 -23.52
N ASP B 375 -8.53 -40.44 -22.24
CA ASP B 375 -8.26 -39.08 -21.77
C ASP B 375 -6.81 -38.70 -22.08
N LEU B 376 -6.46 -38.80 -23.35
CA LEU B 376 -5.14 -38.40 -23.84
C LEU B 376 -5.15 -38.37 -25.36
N CYS B 377 -4.67 -37.29 -25.95
CA CYS B 377 -4.66 -37.15 -27.40
C CYS B 377 -3.32 -37.62 -27.97
N PHE B 378 -3.39 -38.49 -28.97
CA PHE B 378 -2.21 -39.10 -29.56
C PHE B 378 -1.91 -38.49 -30.93
N THR B 379 -0.66 -38.67 -31.37
CA THR B 379 -0.28 -38.20 -32.70
C THR B 379 -0.73 -39.16 -33.79
N ASN B 380 -0.55 -40.46 -33.59
CA ASN B 380 -1.04 -41.44 -34.55
C ASN B 380 -1.47 -42.71 -33.84
N VAL B 381 -2.49 -43.38 -34.36
CA VAL B 381 -2.96 -44.66 -33.85
C VAL B 381 -3.11 -45.62 -35.02
N TYR B 382 -2.43 -46.76 -34.95
CA TYR B 382 -2.47 -47.75 -36.01
C TYR B 382 -3.29 -48.95 -35.55
N ALA B 383 -4.25 -49.34 -36.38
CA ALA B 383 -5.08 -50.51 -36.13
C ALA B 383 -4.59 -51.65 -37.02
N ASP B 384 -4.20 -52.75 -36.40
CA ASP B 384 -3.70 -53.94 -37.09
C ASP B 384 -4.75 -55.03 -36.94
N SER B 385 -5.41 -55.39 -38.04
CA SER B 385 -6.51 -56.34 -38.03
C SER B 385 -6.11 -57.63 -38.72
N PHE B 386 -6.55 -58.75 -38.17
CA PHE B 386 -6.30 -60.06 -38.76
C PHE B 386 -7.24 -61.07 -38.11
N VAL B 387 -7.14 -62.32 -38.54
CA VAL B 387 -7.92 -63.42 -38.00
C VAL B 387 -6.98 -64.56 -37.66
N ILE B 388 -7.09 -65.09 -36.44
CA ILE B 388 -6.22 -66.17 -35.99
C ILE B 388 -7.06 -67.17 -35.19
N ARG B 389 -6.48 -68.35 -34.97
CA ARG B 389 -7.16 -69.37 -34.17
C ARG B 389 -7.30 -68.90 -32.73
N GLY B 390 -8.37 -69.35 -32.08
CA GLY B 390 -8.62 -68.92 -30.71
C GLY B 390 -7.47 -69.22 -29.78
N ASP B 391 -6.95 -70.45 -29.86
CA ASP B 391 -5.82 -70.82 -29.01
C ASP B 391 -4.60 -69.97 -29.30
N GLU B 392 -4.55 -69.33 -30.46
CA GLU B 392 -3.43 -68.48 -30.83
C GLU B 392 -3.59 -67.04 -30.35
N VAL B 393 -4.72 -66.69 -29.74
CA VAL B 393 -4.91 -65.32 -29.28
C VAL B 393 -3.88 -64.95 -28.24
N ARG B 394 -3.50 -65.90 -27.37
CA ARG B 394 -2.46 -65.64 -26.39
C ARG B 394 -1.17 -65.22 -27.06
N GLN B 395 -0.93 -65.66 -28.29
CA GLN B 395 0.32 -65.37 -28.98
C GLN B 395 0.47 -63.89 -29.34
N ILE B 396 -0.63 -63.14 -29.40
CA ILE B 396 -0.55 -61.70 -29.71
C ILE B 396 -0.35 -61.00 -28.37
N ALA B 397 0.91 -60.92 -27.95
CA ALA B 397 1.28 -60.30 -26.68
C ALA B 397 2.70 -59.78 -26.80
N PRO B 398 3.07 -58.78 -26.02
CA PRO B 398 4.43 -58.23 -26.13
C PRO B 398 5.48 -59.21 -25.62
N GLY B 399 6.59 -59.28 -26.36
CA GLY B 399 7.70 -60.12 -25.97
C GLY B 399 7.48 -61.60 -26.14
N GLN B 400 6.32 -62.01 -26.65
CA GLN B 400 6.04 -63.42 -26.84
C GLN B 400 6.73 -63.95 -28.09
N THR B 401 7.12 -65.22 -28.04
CA THR B 401 7.83 -65.87 -29.12
C THR B 401 7.08 -67.13 -29.55
N GLY B 402 7.14 -67.43 -30.83
CA GLY B 402 6.50 -68.61 -31.36
C GLY B 402 6.42 -68.56 -32.88
N LYS B 403 5.69 -69.53 -33.42
CA LYS B 403 5.61 -69.66 -34.87
C LYS B 403 4.86 -68.50 -35.51
N ILE B 404 3.91 -67.90 -34.79
CA ILE B 404 3.14 -66.78 -35.33
C ILE B 404 3.75 -65.45 -34.92
N ALA B 405 4.12 -65.32 -33.64
CA ALA B 405 4.64 -64.04 -33.16
C ALA B 405 5.94 -63.66 -33.86
N ASP B 406 6.85 -64.62 -34.01
CA ASP B 406 8.16 -64.33 -34.57
C ASP B 406 8.16 -64.30 -36.10
N TYR B 407 7.10 -64.77 -36.75
CA TYR B 407 7.05 -64.84 -38.20
C TYR B 407 5.89 -64.07 -38.83
N ASN B 408 4.83 -63.78 -38.09
CA ASN B 408 3.67 -63.09 -38.64
C ASN B 408 3.40 -61.75 -37.99
N TYR B 409 3.31 -61.70 -36.65
CA TYR B 409 2.98 -60.46 -35.94
C TYR B 409 3.78 -60.43 -34.65
N LYS B 410 4.84 -59.62 -34.63
CA LYS B 410 5.73 -59.50 -33.49
C LYS B 410 5.48 -58.17 -32.77
N LEU B 411 5.42 -58.23 -31.44
CA LEU B 411 5.26 -57.04 -30.61
C LEU B 411 6.46 -56.86 -29.69
N PRO B 412 6.85 -55.63 -29.38
CA PRO B 412 8.03 -55.40 -28.55
C PRO B 412 7.76 -55.64 -27.07
N ASP B 413 8.85 -55.83 -26.32
CA ASP B 413 8.73 -56.07 -24.88
C ASP B 413 8.02 -54.92 -24.18
N ASP B 414 8.40 -53.68 -24.52
CA ASP B 414 7.72 -52.48 -24.02
C ASP B 414 6.49 -52.22 -24.87
N PHE B 415 5.31 -52.56 -24.34
CA PHE B 415 4.08 -52.39 -25.11
C PHE B 415 3.05 -51.63 -24.29
N THR B 416 2.44 -50.61 -24.91
CA THR B 416 1.39 -49.82 -24.29
C THR B 416 0.08 -49.86 -25.06
N GLY B 417 0.03 -50.51 -26.21
CA GLY B 417 -1.17 -50.59 -27.01
C GLY B 417 -2.16 -51.58 -26.43
N CYS B 418 -3.25 -51.78 -27.16
CA CYS B 418 -4.32 -52.66 -26.73
C CYS B 418 -4.49 -53.80 -27.74
N VAL B 419 -4.87 -54.96 -27.23
CA VAL B 419 -5.17 -56.12 -28.05
C VAL B 419 -6.62 -56.51 -27.79
N ILE B 420 -7.42 -56.56 -28.84
CA ILE B 420 -8.84 -56.90 -28.76
C ILE B 420 -9.07 -58.13 -29.62
N ALA B 421 -9.77 -59.12 -29.08
CA ALA B 421 -10.03 -60.36 -29.79
C ALA B 421 -11.45 -60.81 -29.50
N TRP B 422 -12.15 -61.26 -30.54
CA TRP B 422 -13.51 -61.75 -30.37
C TRP B 422 -13.78 -62.88 -31.35
N ASN B 423 -14.82 -63.65 -31.06
CA ASN B 423 -15.16 -64.80 -31.89
C ASN B 423 -15.58 -64.36 -33.28
N SER B 424 -15.15 -65.13 -34.29
CA SER B 424 -15.50 -64.87 -35.68
C SER B 424 -16.02 -66.12 -36.38
N ASN B 425 -16.50 -67.10 -35.62
CA ASN B 425 -16.99 -68.34 -36.23
C ASN B 425 -18.19 -68.07 -37.14
N ASN B 426 -18.99 -67.06 -36.83
CA ASN B 426 -20.19 -66.78 -37.61
C ASN B 426 -19.89 -66.26 -39.01
N LEU B 427 -18.63 -65.90 -39.29
CA LEU B 427 -18.25 -65.36 -40.59
C LEU B 427 -17.15 -66.14 -41.29
N ASP B 428 -16.21 -66.72 -40.53
CA ASP B 428 -15.07 -67.42 -41.11
C ASP B 428 -15.27 -68.93 -41.14
N SER B 429 -16.48 -69.41 -40.84
CA SER B 429 -16.76 -70.83 -40.83
C SER B 429 -18.10 -71.09 -41.50
N LYS B 430 -18.17 -72.16 -42.29
CA LYS B 430 -19.39 -72.54 -42.97
C LYS B 430 -19.27 -74.00 -43.39
N VAL B 431 -20.37 -74.54 -43.92
CA VAL B 431 -20.39 -75.92 -44.37
C VAL B 431 -19.33 -76.11 -45.44
N GLY B 432 -18.54 -77.18 -45.31
CA GLY B 432 -17.44 -77.44 -46.20
C GLY B 432 -16.12 -76.85 -45.78
N GLY B 433 -16.12 -75.93 -44.82
CA GLY B 433 -14.90 -75.34 -44.31
C GLY B 433 -14.41 -74.19 -45.18
N ASN B 434 -13.55 -73.37 -44.58
CA ASN B 434 -12.90 -72.27 -45.27
C ASN B 434 -11.41 -72.56 -45.37
N TYR B 435 -10.82 -72.24 -46.52
CA TYR B 435 -9.39 -72.44 -46.76
C TYR B 435 -8.80 -71.22 -47.46
N ASN B 436 -9.24 -70.04 -47.04
CA ASN B 436 -8.86 -68.79 -47.71
C ASN B 436 -7.77 -68.03 -46.98
N TYR B 437 -7.14 -68.61 -45.96
CA TYR B 437 -6.09 -67.93 -45.22
C TYR B 437 -4.77 -68.68 -45.36
N LEU B 438 -3.68 -67.97 -45.09
CA LEU B 438 -2.34 -68.54 -45.11
C LEU B 438 -1.57 -67.99 -43.92
N TYR B 439 -0.49 -68.70 -43.56
CA TYR B 439 0.37 -68.26 -42.48
C TYR B 439 1.81 -68.60 -42.81
N ARG B 440 2.73 -67.75 -42.36
CA ARG B 440 4.15 -67.93 -42.62
C ARG B 440 4.80 -68.66 -41.45
N LEU B 441 5.52 -69.74 -41.76
CA LEU B 441 6.15 -70.58 -40.75
C LEU B 441 7.66 -70.65 -40.87
N PHE B 442 8.22 -70.51 -42.08
CA PHE B 442 9.65 -70.65 -42.31
C PHE B 442 10.24 -69.32 -42.75
N ARG B 443 11.35 -68.95 -42.12
CA ARG B 443 12.07 -67.74 -42.49
C ARG B 443 13.51 -67.87 -42.03
N LYS B 444 14.38 -67.06 -42.65
CA LYS B 444 15.80 -67.10 -42.30
C LYS B 444 16.06 -66.59 -40.90
N SER B 445 15.13 -65.82 -40.33
CA SER B 445 15.30 -65.28 -38.97
C SER B 445 13.94 -64.83 -38.47
N ASN B 446 13.89 -64.42 -37.21
CA ASN B 446 12.67 -63.97 -36.58
C ASN B 446 12.40 -62.50 -36.93
N LEU B 447 11.13 -62.13 -36.87
CA LEU B 447 10.72 -60.76 -37.19
C LEU B 447 11.04 -59.82 -36.05
N LYS B 448 11.50 -58.62 -36.40
CA LYS B 448 11.66 -57.56 -35.42
C LYS B 448 10.30 -57.00 -35.05
N PRO B 449 10.14 -56.50 -33.81
CA PRO B 449 8.86 -55.90 -33.44
C PRO B 449 8.47 -54.77 -34.39
N PHE B 450 7.19 -54.75 -34.76
CA PHE B 450 6.66 -53.78 -35.71
C PHE B 450 7.42 -53.83 -37.04
N GLU B 451 7.86 -55.02 -37.43
CA GLU B 451 8.55 -55.22 -38.69
C GLU B 451 7.98 -56.46 -39.37
N ARG B 452 7.86 -56.41 -40.69
CA ARG B 452 7.27 -57.51 -41.45
C ARG B 452 7.90 -57.57 -42.83
N ASP B 453 8.09 -58.79 -43.32
CA ASP B 453 8.58 -59.02 -44.67
C ASP B 453 7.82 -60.19 -45.28
N ILE B 454 7.43 -60.03 -46.54
CA ILE B 454 6.67 -61.05 -47.26
C ILE B 454 7.42 -61.39 -48.54
N SER B 455 7.67 -62.68 -48.75
CA SER B 455 8.37 -63.14 -49.94
C SER B 455 8.02 -64.59 -50.18
N THR B 456 8.20 -65.03 -51.43
CA THR B 456 7.93 -66.40 -51.83
C THR B 456 9.21 -67.23 -51.95
N GLU B 457 10.35 -66.68 -51.53
CA GLU B 457 11.60 -67.42 -51.60
C GLU B 457 11.53 -68.68 -50.76
N ILE B 458 12.02 -69.79 -51.33
CA ILE B 458 11.95 -71.07 -50.63
C ILE B 458 12.98 -71.08 -49.51
N TYR B 459 12.53 -71.44 -48.30
CA TYR B 459 13.44 -71.58 -47.18
C TYR B 459 14.21 -72.88 -47.30
N GLN B 460 15.53 -72.79 -47.21
CA GLN B 460 16.42 -73.92 -47.43
C GLN B 460 17.25 -74.16 -46.18
N ALA B 461 17.27 -75.41 -45.71
CA ALA B 461 18.10 -75.77 -44.57
C ALA B 461 19.57 -75.65 -44.94
N GLY B 462 20.38 -75.16 -44.00
CA GLY B 462 21.80 -74.98 -44.28
C GLY B 462 22.50 -76.28 -44.62
N SER B 463 22.17 -77.35 -43.91
CA SER B 463 22.82 -78.64 -44.13
C SER B 463 22.35 -79.33 -45.39
N THR B 464 21.15 -79.01 -45.88
CA THR B 464 20.57 -79.66 -47.06
C THR B 464 20.05 -78.59 -48.01
N PRO B 465 20.95 -77.82 -48.62
CA PRO B 465 20.50 -76.78 -49.55
C PRO B 465 19.90 -77.36 -50.82
N CYS B 466 18.97 -76.63 -51.40
CA CYS B 466 18.37 -76.95 -52.70
C CYS B 466 18.88 -76.03 -53.80
N ASN B 467 18.72 -74.72 -53.60
CA ASN B 467 19.31 -73.67 -54.44
C ASN B 467 18.62 -73.52 -55.79
N GLY B 468 17.74 -74.45 -56.16
CA GLY B 468 16.94 -74.25 -57.35
C GLY B 468 15.56 -74.89 -57.33
N VAL B 469 15.18 -75.51 -56.22
CA VAL B 469 13.95 -76.27 -56.12
C VAL B 469 13.48 -76.30 -54.67
N GLU B 470 12.25 -76.78 -54.46
CA GLU B 470 11.73 -77.07 -53.13
C GLU B 470 11.98 -78.54 -52.80
N GLY B 471 13.25 -78.85 -52.59
CA GLY B 471 13.69 -80.21 -52.38
C GLY B 471 13.64 -80.62 -50.92
N PHE B 472 14.45 -81.62 -50.59
CA PHE B 472 14.49 -82.13 -49.23
C PHE B 472 14.91 -81.04 -48.26
N ASN B 473 14.19 -80.96 -47.13
CA ASN B 473 14.43 -79.96 -46.10
C ASN B 473 14.26 -78.53 -46.62
N CYS B 474 13.58 -78.37 -47.75
CA CYS B 474 13.25 -77.07 -48.30
C CYS B 474 11.74 -76.88 -48.26
N TYR B 475 11.29 -75.80 -47.64
CA TYR B 475 9.88 -75.57 -47.40
C TYR B 475 9.47 -74.20 -47.91
N PHE B 476 8.25 -74.12 -48.42
CA PHE B 476 7.71 -72.83 -48.84
C PHE B 476 7.36 -71.99 -47.62
N PRO B 477 7.60 -70.67 -47.65
CA PRO B 477 7.30 -69.86 -46.45
C PRO B 477 5.83 -69.93 -46.04
N LEU B 478 4.91 -69.98 -46.99
CA LEU B 478 3.48 -69.92 -46.71
C LEU B 478 2.89 -71.32 -46.59
N GLN B 479 1.97 -71.48 -45.64
CA GLN B 479 1.23 -72.72 -45.45
C GLN B 479 -0.24 -72.40 -45.32
N SER B 480 -1.08 -73.33 -45.78
CA SER B 480 -2.52 -73.15 -45.76
C SER B 480 -3.01 -72.83 -44.35
N TYR B 481 -4.22 -72.27 -44.28
CA TYR B 481 -4.81 -71.91 -43.00
C TYR B 481 -6.30 -71.68 -43.22
N GLY B 482 -7.13 -72.36 -42.44
CA GLY B 482 -8.56 -72.30 -42.60
C GLY B 482 -9.25 -72.88 -41.38
N PHE B 483 -10.58 -72.94 -41.45
CA PHE B 483 -11.39 -73.38 -40.33
C PHE B 483 -12.58 -74.19 -40.85
N GLN B 484 -13.13 -75.03 -39.98
CA GLN B 484 -14.30 -75.83 -40.27
C GLN B 484 -15.30 -75.73 -39.13
N PRO B 485 -16.58 -75.95 -39.42
CA PRO B 485 -17.59 -75.85 -38.34
C PRO B 485 -17.34 -76.83 -37.20
N THR B 486 -16.80 -78.02 -37.48
CA THR B 486 -16.61 -79.04 -36.46
C THR B 486 -15.49 -78.72 -35.49
N ASN B 487 -14.71 -77.67 -35.75
CA ASN B 487 -13.59 -77.34 -34.88
C ASN B 487 -14.09 -76.94 -33.50
N GLY B 488 -13.26 -77.21 -32.49
CA GLY B 488 -13.61 -76.87 -31.12
C GLY B 488 -13.46 -75.39 -30.83
N VAL B 489 -13.88 -75.01 -29.62
CA VAL B 489 -13.89 -73.59 -29.24
C VAL B 489 -12.51 -72.98 -29.43
N GLY B 490 -11.48 -73.68 -28.97
CA GLY B 490 -10.12 -73.18 -29.13
C GLY B 490 -9.64 -73.18 -30.56
N TYR B 491 -10.27 -73.96 -31.43
CA TYR B 491 -9.87 -74.05 -32.84
C TYR B 491 -10.71 -73.19 -33.76
N GLN B 492 -11.70 -72.47 -33.23
CA GLN B 492 -12.53 -71.62 -34.07
C GLN B 492 -11.79 -70.33 -34.43
N PRO B 493 -12.14 -69.70 -35.55
CA PRO B 493 -11.50 -68.43 -35.91
C PRO B 493 -11.89 -67.31 -34.96
N TYR B 494 -10.99 -66.34 -34.84
CA TYR B 494 -11.20 -65.17 -33.99
C TYR B 494 -10.63 -63.95 -34.68
N ARG B 495 -11.40 -62.86 -34.68
CA ARG B 495 -10.96 -61.59 -35.24
C ARG B 495 -10.19 -60.82 -34.17
N VAL B 496 -9.00 -60.35 -34.53
CA VAL B 496 -8.10 -59.69 -33.60
C VAL B 496 -7.70 -58.34 -34.19
N VAL B 497 -7.80 -57.29 -33.37
CA VAL B 497 -7.40 -55.93 -33.74
C VAL B 497 -6.47 -55.41 -32.65
N VAL B 498 -5.32 -54.88 -33.06
CA VAL B 498 -4.32 -54.34 -32.16
C VAL B 498 -4.21 -52.85 -32.41
N LEU B 499 -4.39 -52.06 -31.35
CA LEU B 499 -4.29 -50.61 -31.42
C LEU B 499 -2.93 -50.20 -30.86
N SER B 500 -2.09 -49.60 -31.71
CA SER B 500 -0.78 -49.13 -31.33
C SER B 500 -0.73 -47.61 -31.41
N PHE B 501 -0.37 -46.96 -30.31
CA PHE B 501 -0.38 -45.52 -30.20
C PHE B 501 1.05 -44.99 -30.25
N GLU B 502 1.26 -43.92 -31.01
CA GLU B 502 2.57 -43.27 -31.06
C GLU B 502 2.40 -41.77 -30.91
N LEU B 503 3.24 -41.20 -30.04
CA LEU B 503 3.34 -39.75 -29.80
C LEU B 503 4.68 -39.29 -30.35
N LEU B 504 4.67 -38.67 -31.53
CA LEU B 504 5.86 -38.14 -32.15
C LEU B 504 5.93 -36.63 -31.93
N HIS B 505 6.99 -36.01 -32.45
CA HIS B 505 7.13 -34.57 -32.34
C HIS B 505 5.99 -33.82 -33.02
N ALA B 506 5.27 -34.48 -33.93
CA ALA B 506 4.13 -33.85 -34.56
C ALA B 506 3.02 -33.64 -33.54
N PRO B 507 2.15 -32.65 -33.74
CA PRO B 507 1.09 -32.39 -32.77
C PRO B 507 0.12 -33.56 -32.67
N ALA B 508 -0.44 -33.74 -31.48
CA ALA B 508 -1.42 -34.80 -31.27
C ALA B 508 -2.70 -34.48 -32.03
N THR B 509 -3.27 -35.50 -32.68
CA THR B 509 -4.46 -35.33 -33.50
C THR B 509 -5.53 -36.39 -33.27
N VAL B 510 -5.25 -37.42 -32.48
CA VAL B 510 -6.21 -38.48 -32.17
C VAL B 510 -6.75 -38.20 -30.77
N CYS B 511 -8.07 -38.06 -30.67
CA CYS B 511 -8.72 -37.62 -29.43
C CYS B 511 -10.01 -38.43 -29.29
N GLY B 512 -10.97 -37.91 -28.51
CA GLY B 512 -12.15 -38.67 -28.19
C GLY B 512 -12.81 -38.35 -26.85
N PRO B 513 -12.09 -37.71 -25.93
CA PRO B 513 -12.80 -37.11 -24.79
C PRO B 513 -13.49 -35.81 -25.20
N LYS B 514 -14.80 -35.87 -25.38
CA LYS B 514 -15.57 -34.75 -25.93
C LYS B 514 -16.90 -34.60 -25.21
N LYS B 515 -16.87 -34.66 -23.87
CA LYS B 515 -18.10 -34.60 -23.09
C LYS B 515 -18.96 -33.43 -23.53
N SER B 516 -20.23 -33.72 -23.87
CA SER B 516 -21.18 -32.71 -24.34
C SER B 516 -22.52 -33.01 -23.71
N THR B 517 -22.91 -32.20 -22.73
CA THR B 517 -24.16 -32.39 -22.01
C THR B 517 -25.30 -31.68 -22.73
N ASN B 518 -26.49 -31.74 -22.15
CA ASN B 518 -27.65 -31.09 -22.71
C ASN B 518 -27.64 -29.60 -22.41
N LEU B 519 -28.46 -28.86 -23.15
CA LEU B 519 -28.56 -27.41 -23.00
C LEU B 519 -29.64 -27.07 -21.98
N VAL B 520 -29.29 -26.22 -21.01
CA VAL B 520 -30.19 -25.81 -19.95
C VAL B 520 -30.33 -24.30 -19.99
N LYS B 521 -31.57 -23.81 -19.94
CA LYS B 521 -31.86 -22.39 -20.01
C LYS B 521 -32.63 -21.96 -18.77
N ASN B 522 -32.50 -20.70 -18.40
CA ASN B 522 -33.21 -20.12 -17.26
C ASN B 522 -32.89 -20.90 -15.98
N LYS B 523 -31.61 -21.13 -15.74
CA LYS B 523 -31.18 -21.88 -14.57
C LYS B 523 -29.72 -21.57 -14.28
N CYS B 524 -29.43 -21.11 -13.07
CA CYS B 524 -28.06 -20.83 -12.67
C CYS B 524 -27.22 -22.09 -12.78
N VAL B 525 -26.20 -22.06 -13.63
CA VAL B 525 -25.33 -23.21 -13.88
C VAL B 525 -23.94 -22.73 -14.22
N ASN B 526 -22.97 -23.64 -14.09
CA ASN B 526 -21.59 -23.41 -14.52
C ASN B 526 -21.46 -23.92 -15.94
N PHE B 527 -21.39 -23.00 -16.90
CA PHE B 527 -21.32 -23.34 -18.31
C PHE B 527 -19.87 -23.32 -18.80
N ASN B 528 -19.50 -24.37 -19.55
CA ASN B 528 -18.20 -24.47 -20.20
C ASN B 528 -18.45 -24.59 -21.70
N PHE B 529 -18.27 -23.48 -22.41
CA PHE B 529 -18.47 -23.41 -23.85
C PHE B 529 -17.10 -23.30 -24.52
N ASN B 530 -16.62 -24.42 -25.06
CA ASN B 530 -15.36 -24.45 -25.81
C ASN B 530 -14.21 -23.88 -25.00
N GLY B 531 -14.16 -24.23 -23.71
CA GLY B 531 -13.13 -23.77 -22.82
C GLY B 531 -13.44 -22.47 -22.11
N LEU B 532 -14.50 -21.78 -22.49
CA LEU B 532 -14.95 -20.57 -21.80
C LEU B 532 -15.82 -20.98 -20.62
N THR B 533 -15.30 -20.80 -19.41
CA THR B 533 -15.96 -21.25 -18.20
C THR B 533 -16.56 -20.06 -17.46
N GLY B 534 -17.82 -20.17 -17.07
CA GLY B 534 -18.46 -19.11 -16.31
C GLY B 534 -19.76 -19.53 -15.67
N THR B 535 -20.11 -18.93 -14.54
CA THR B 535 -21.35 -19.23 -13.84
C THR B 535 -22.40 -18.17 -14.18
N GLY B 536 -23.59 -18.63 -14.55
CA GLY B 536 -24.64 -17.70 -14.91
C GLY B 536 -25.89 -18.43 -15.35
N VAL B 537 -26.85 -17.64 -15.83
CA VAL B 537 -28.13 -18.13 -16.30
C VAL B 537 -28.18 -17.92 -17.80
N LEU B 538 -28.07 -19.01 -18.56
CA LEU B 538 -28.19 -18.93 -20.01
C LEU B 538 -29.64 -18.71 -20.41
N THR B 539 -29.87 -17.75 -21.30
CA THR B 539 -31.22 -17.50 -21.80
C THR B 539 -31.16 -17.22 -23.29
N GLU B 540 -32.23 -17.61 -24.00
CA GLU B 540 -32.28 -17.37 -25.43
C GLU B 540 -32.13 -15.89 -25.72
N SER B 541 -31.28 -15.55 -26.69
CA SER B 541 -30.95 -14.18 -27.01
C SER B 541 -31.37 -13.86 -28.45
N ASN B 542 -31.74 -12.61 -28.67
CA ASN B 542 -32.13 -12.12 -29.99
C ASN B 542 -30.97 -11.49 -30.75
N LYS B 543 -29.77 -11.50 -30.18
CA LYS B 543 -28.62 -10.93 -30.84
C LYS B 543 -28.27 -11.74 -32.09
N LYS B 544 -27.67 -11.06 -33.07
CA LYS B 544 -27.28 -11.66 -34.34
C LYS B 544 -25.76 -11.53 -34.49
N PHE B 545 -25.04 -12.54 -34.00
CA PHE B 545 -23.59 -12.57 -34.17
C PHE B 545 -23.24 -12.79 -35.64
N LEU B 546 -22.06 -12.30 -36.02
CA LEU B 546 -21.52 -12.61 -37.33
C LEU B 546 -21.19 -14.10 -37.40
N PRO B 547 -21.15 -14.69 -38.60
CA PRO B 547 -20.95 -16.13 -38.70
C PRO B 547 -19.70 -16.62 -38.00
N PHE B 548 -18.67 -15.77 -37.94
CA PHE B 548 -17.39 -16.12 -37.34
C PHE B 548 -17.27 -15.71 -35.88
N GLN B 549 -18.31 -15.11 -35.30
CA GLN B 549 -18.25 -14.60 -33.94
C GLN B 549 -18.88 -15.62 -32.99
N GLN B 550 -18.15 -15.95 -31.92
CA GLN B 550 -18.62 -16.90 -30.92
C GLN B 550 -18.94 -16.22 -29.60
N PHE B 551 -18.01 -15.44 -29.06
CA PHE B 551 -18.18 -14.81 -27.76
C PHE B 551 -19.04 -13.55 -27.90
N GLY B 552 -19.23 -12.85 -26.78
CA GLY B 552 -19.94 -11.59 -26.77
C GLY B 552 -19.65 -10.82 -25.50
N ARG B 553 -19.27 -9.55 -25.62
CA ARG B 553 -18.84 -8.74 -24.49
C ARG B 553 -19.53 -7.38 -24.53
N ASP B 554 -19.44 -6.68 -23.40
CA ASP B 554 -20.04 -5.37 -23.23
C ASP B 554 -18.95 -4.34 -22.96
N ILE B 555 -19.36 -3.12 -22.60
CA ILE B 555 -18.41 -2.05 -22.37
C ILE B 555 -17.41 -2.40 -21.28
N ALA B 556 -17.82 -3.27 -20.35
CA ALA B 556 -16.96 -3.67 -19.24
C ALA B 556 -16.08 -4.87 -19.57
N ASP B 557 -16.08 -5.33 -20.83
CA ASP B 557 -15.29 -6.47 -21.26
C ASP B 557 -15.62 -7.71 -20.42
N THR B 558 -16.90 -7.89 -20.15
CA THR B 558 -17.41 -9.05 -19.43
C THR B 558 -18.29 -9.85 -20.38
N THR B 559 -18.06 -11.15 -20.44
CA THR B 559 -18.82 -12.01 -21.35
C THR B 559 -20.30 -11.99 -21.02
N ASP B 560 -21.11 -11.39 -21.89
CA ASP B 560 -22.55 -11.29 -21.70
C ASP B 560 -23.33 -12.14 -22.68
N ALA B 561 -22.65 -12.80 -23.63
CA ALA B 561 -23.34 -13.64 -24.60
C ALA B 561 -22.36 -14.67 -25.12
N VAL B 562 -22.91 -15.75 -25.69
CA VAL B 562 -22.11 -16.85 -26.21
C VAL B 562 -22.91 -17.52 -27.32
N ARG B 563 -22.22 -18.31 -28.13
CA ARG B 563 -22.83 -19.10 -29.20
C ARG B 563 -22.52 -20.57 -28.94
N ASP B 564 -23.56 -21.37 -28.75
CA ASP B 564 -23.36 -22.80 -28.55
C ASP B 564 -22.86 -23.43 -29.84
N PRO B 565 -21.69 -24.07 -29.85
CA PRO B 565 -21.14 -24.55 -31.13
C PRO B 565 -22.02 -25.57 -31.84
N GLN B 566 -22.74 -26.42 -31.11
CA GLN B 566 -23.49 -27.49 -31.76
C GLN B 566 -24.56 -26.93 -32.68
N THR B 567 -25.31 -25.93 -32.23
CA THR B 567 -26.36 -25.30 -33.01
C THR B 567 -26.13 -23.80 -33.04
N LEU B 568 -26.37 -23.19 -34.20
CA LEU B 568 -26.12 -21.76 -34.40
C LEU B 568 -27.19 -20.96 -33.66
N GLU B 569 -27.03 -20.90 -32.35
CA GLU B 569 -27.93 -20.15 -31.47
C GLU B 569 -27.11 -19.25 -30.56
N ILE B 570 -27.70 -18.12 -30.19
CA ILE B 570 -27.04 -17.12 -29.36
C ILE B 570 -27.73 -17.10 -28.01
N LEU B 571 -26.97 -17.33 -26.93
CA LEU B 571 -27.50 -17.37 -25.58
C LEU B 571 -26.82 -16.28 -24.76
N ASP B 572 -27.61 -15.43 -24.13
CA ASP B 572 -27.08 -14.39 -23.26
C ASP B 572 -26.92 -14.91 -21.84
N ILE B 573 -25.98 -14.31 -21.12
CA ILE B 573 -25.56 -14.75 -19.80
C ILE B 573 -25.83 -13.63 -18.80
N THR B 574 -26.34 -14.00 -17.63
CA THR B 574 -26.58 -13.05 -16.56
C THR B 574 -26.18 -13.67 -15.23
N PRO B 575 -25.83 -12.86 -14.23
CA PRO B 575 -25.52 -13.42 -12.91
C PRO B 575 -26.73 -14.12 -12.31
N CYS B 576 -26.47 -15.10 -11.46
CA CYS B 576 -27.52 -16.03 -11.05
C CYS B 576 -28.66 -15.31 -10.34
N SER B 577 -28.44 -14.82 -9.12
CA SER B 577 -29.39 -13.88 -8.54
C SER B 577 -28.71 -12.69 -7.88
N PHE B 578 -27.63 -12.97 -7.11
CA PHE B 578 -26.98 -12.01 -6.23
C PHE B 578 -27.97 -11.12 -5.46
N GLY B 579 -27.55 -10.62 -4.31
CA GLY B 579 -28.30 -9.62 -3.58
C GLY B 579 -28.02 -9.68 -2.09
N GLY B 580 -28.28 -8.57 -1.41
CA GLY B 580 -28.14 -8.52 0.04
C GLY B 580 -29.43 -8.91 0.75
N VAL B 581 -29.30 -9.15 2.05
CA VAL B 581 -30.41 -9.52 2.91
C VAL B 581 -30.40 -8.59 4.11
N SER B 582 -31.47 -7.82 4.27
CA SER B 582 -31.62 -6.88 5.36
C SER B 582 -32.84 -7.27 6.20
N VAL B 583 -32.83 -6.87 7.46
CA VAL B 583 -33.88 -7.20 8.41
C VAL B 583 -34.56 -5.90 8.85
N ILE B 584 -35.81 -5.74 8.46
CA ILE B 584 -36.62 -4.62 8.94
C ILE B 584 -37.26 -5.05 10.27
N THR B 585 -36.86 -4.39 11.35
CA THR B 585 -37.31 -4.77 12.68
C THR B 585 -37.68 -3.52 13.47
N PRO B 586 -38.87 -3.47 14.07
CA PRO B 586 -39.15 -2.41 15.05
C PRO B 586 -38.35 -2.64 16.32
N GLY B 587 -38.35 -1.62 17.17
CA GLY B 587 -37.63 -1.71 18.43
C GLY B 587 -37.98 -2.97 19.20
N THR B 588 -36.97 -3.71 19.64
CA THR B 588 -37.21 -4.96 20.34
C THR B 588 -38.08 -4.76 21.58
N ASN B 589 -38.07 -3.56 22.16
CA ASN B 589 -38.94 -3.29 23.30
C ASN B 589 -40.40 -3.43 22.91
N THR B 590 -40.73 -3.28 21.63
CA THR B 590 -42.11 -3.37 21.17
C THR B 590 -42.48 -4.80 20.77
N SER B 591 -41.70 -5.41 19.88
CA SER B 591 -41.99 -6.77 19.42
C SER B 591 -40.72 -7.39 18.86
N ASN B 592 -40.75 -8.71 18.73
CA ASN B 592 -39.64 -9.47 18.17
C ASN B 592 -39.85 -9.86 16.72
N GLN B 593 -41.09 -9.83 16.22
CA GLN B 593 -41.34 -10.17 14.84
C GLN B 593 -40.68 -9.14 13.92
N VAL B 594 -40.15 -9.61 12.80
CA VAL B 594 -39.41 -8.79 11.85
C VAL B 594 -39.87 -9.12 10.44
N ALA B 595 -39.20 -8.50 9.46
CA ALA B 595 -39.39 -8.80 8.06
C ALA B 595 -38.03 -8.85 7.39
N VAL B 596 -37.94 -9.58 6.28
CA VAL B 596 -36.69 -9.79 5.56
C VAL B 596 -36.82 -9.24 4.16
N LEU B 597 -35.86 -8.41 3.77
CA LEU B 597 -35.80 -7.83 2.43
C LEU B 597 -34.60 -8.40 1.70
N TYR B 598 -34.85 -9.00 0.53
CA TYR B 598 -33.81 -9.51 -0.35
C TYR B 598 -33.69 -8.56 -1.53
N GLN B 599 -32.49 -8.00 -1.72
CA GLN B 599 -32.31 -6.91 -2.67
C GLN B 599 -32.51 -7.39 -4.10
N ASP B 600 -33.25 -6.58 -4.87
CA ASP B 600 -33.39 -6.70 -6.32
C ASP B 600 -33.40 -8.16 -6.78
N VAL B 601 -34.37 -8.90 -6.25
CA VAL B 601 -34.59 -10.28 -6.68
C VAL B 601 -36.09 -10.56 -6.63
N ASN B 602 -36.58 -11.24 -7.67
CA ASN B 602 -37.99 -11.60 -7.70
C ASN B 602 -38.29 -12.63 -6.61
N CYS B 603 -39.51 -12.54 -6.05
CA CYS B 603 -39.84 -13.35 -4.88
C CYS B 603 -39.85 -14.84 -5.19
N THR B 604 -39.88 -15.23 -6.47
CA THR B 604 -39.91 -16.64 -6.81
C THR B 604 -38.64 -17.35 -6.36
N GLU B 605 -37.48 -16.71 -6.52
CA GLU B 605 -36.20 -17.35 -6.27
C GLU B 605 -35.74 -17.23 -4.81
N VAL B 606 -36.49 -16.54 -3.96
CA VAL B 606 -36.03 -16.32 -2.59
C VAL B 606 -35.84 -17.63 -1.84
N PRO B 607 -36.76 -18.59 -1.88
CA PRO B 607 -36.54 -19.83 -1.11
C PRO B 607 -35.26 -20.55 -1.51
N VAL B 608 -34.91 -20.54 -2.79
CA VAL B 608 -33.65 -21.16 -3.22
C VAL B 608 -32.48 -20.21 -3.00
N ALA B 609 -32.74 -18.90 -3.01
CA ALA B 609 -31.69 -17.91 -2.82
C ALA B 609 -31.45 -17.68 -1.33
N ILE B 610 -31.08 -18.78 -0.67
CA ILE B 610 -30.95 -18.87 0.79
C ILE B 610 -30.83 -20.34 1.17
N HIS B 611 -31.29 -21.22 0.29
CA HIS B 611 -31.22 -22.68 0.35
C HIS B 611 -32.25 -23.27 1.31
N ALA B 612 -32.93 -22.47 2.12
CA ALA B 612 -34.05 -22.94 2.93
C ALA B 612 -33.66 -24.04 3.91
N ASP B 613 -32.38 -24.37 3.99
CA ASP B 613 -31.91 -25.46 4.86
C ASP B 613 -31.33 -24.88 6.15
N GLN B 614 -32.20 -24.24 6.92
CA GLN B 614 -31.84 -23.57 8.15
C GLN B 614 -32.75 -24.07 9.27
N LEU B 615 -32.71 -23.39 10.42
CA LEU B 615 -33.53 -23.78 11.56
C LEU B 615 -34.97 -23.99 11.12
N THR B 616 -35.55 -25.11 11.57
CA THR B 616 -36.77 -25.62 10.95
C THR B 616 -37.94 -24.63 11.02
N PRO B 617 -38.25 -24.00 12.17
CA PRO B 617 -39.09 -22.80 12.11
C PRO B 617 -38.28 -21.52 11.95
N THR B 618 -38.96 -20.38 11.97
CA THR B 618 -38.33 -19.06 11.97
C THR B 618 -37.74 -18.72 10.60
N TRP B 619 -36.57 -19.27 10.29
CA TRP B 619 -35.91 -18.91 9.03
C TRP B 619 -36.70 -19.42 7.84
N ARG B 620 -37.20 -20.65 7.91
CA ARG B 620 -38.07 -21.15 6.84
C ARG B 620 -39.39 -20.39 6.80
N VAL B 621 -39.83 -19.85 7.94
CA VAL B 621 -41.05 -19.06 7.97
C VAL B 621 -40.88 -17.80 7.14
N TYR B 622 -39.68 -17.21 7.15
CA TYR B 622 -39.40 -15.99 6.41
C TYR B 622 -38.88 -16.27 5.01
N SER B 623 -38.75 -17.53 4.62
CA SER B 623 -38.38 -17.88 3.25
C SER B 623 -39.58 -17.92 2.31
N THR B 624 -40.79 -17.84 2.84
CA THR B 624 -42.01 -17.84 2.05
C THR B 624 -43.18 -17.52 2.98
N GLY B 625 -44.35 -17.41 2.41
CA GLY B 625 -45.54 -17.14 3.20
C GLY B 625 -46.58 -16.40 2.38
N SER B 626 -47.72 -16.16 3.02
CA SER B 626 -48.81 -15.45 2.35
C SER B 626 -48.45 -13.98 2.12
N ASN B 627 -47.69 -13.37 3.03
CA ASN B 627 -47.33 -11.95 2.93
C ASN B 627 -45.96 -11.85 2.30
N VAL B 628 -45.94 -11.96 0.97
CA VAL B 628 -44.72 -11.79 0.17
C VAL B 628 -45.02 -10.69 -0.85
N PHE B 629 -44.23 -9.63 -0.82
CA PHE B 629 -44.48 -8.44 -1.62
C PHE B 629 -43.26 -8.15 -2.50
N GLN B 630 -43.49 -7.95 -3.79
CA GLN B 630 -42.42 -7.66 -4.74
C GLN B 630 -42.27 -6.15 -4.87
N THR B 631 -41.22 -5.61 -4.27
CA THR B 631 -40.92 -4.18 -4.32
C THR B 631 -39.81 -3.93 -5.34
N ARG B 632 -39.76 -2.68 -5.81
CA ARG B 632 -38.68 -2.28 -6.71
C ARG B 632 -37.31 -2.40 -6.05
N ALA B 633 -37.26 -2.30 -4.71
CA ALA B 633 -36.01 -2.48 -3.99
C ALA B 633 -35.70 -3.95 -3.73
N GLY B 634 -36.62 -4.86 -4.02
CA GLY B 634 -36.41 -6.27 -3.84
C GLY B 634 -37.68 -6.94 -3.39
N CYS B 635 -37.51 -8.10 -2.74
CA CYS B 635 -38.63 -8.90 -2.24
C CYS B 635 -38.70 -8.79 -0.73
N LEU B 636 -39.89 -8.51 -0.21
CA LEU B 636 -40.13 -8.33 1.22
C LEU B 636 -41.01 -9.47 1.71
N ILE B 637 -40.54 -10.18 2.73
CA ILE B 637 -41.26 -11.31 3.32
C ILE B 637 -41.46 -11.04 4.80
N GLY B 638 -42.69 -11.23 5.27
CA GLY B 638 -43.03 -10.97 6.65
C GLY B 638 -43.71 -9.65 6.90
N ALA B 639 -44.00 -8.88 5.85
CA ALA B 639 -44.69 -7.60 5.96
C ALA B 639 -45.94 -7.62 5.11
N GLU B 640 -47.03 -7.10 5.65
CA GLU B 640 -48.31 -7.09 4.97
C GLU B 640 -48.45 -5.78 4.18
N HIS B 641 -48.55 -5.90 2.86
CA HIS B 641 -48.73 -4.72 2.02
C HIS B 641 -50.14 -4.16 2.22
N VAL B 642 -50.22 -2.85 2.40
CA VAL B 642 -51.48 -2.16 2.63
C VAL B 642 -51.64 -1.03 1.63
N ASN B 643 -52.86 -0.86 1.13
CA ASN B 643 -53.15 0.19 0.17
C ASN B 643 -53.10 1.59 0.78
N ASN B 644 -53.06 1.70 2.10
CA ASN B 644 -52.98 3.01 2.75
C ASN B 644 -51.59 3.61 2.54
N SER B 645 -51.42 4.83 3.03
CA SER B 645 -50.15 5.53 2.93
C SER B 645 -49.96 6.40 4.15
N TYR B 646 -48.92 6.13 4.93
CA TYR B 646 -48.60 6.87 6.14
C TYR B 646 -47.23 7.52 5.99
N GLU B 647 -46.85 8.28 7.01
CA GLU B 647 -45.51 8.86 7.05
C GLU B 647 -44.48 7.75 7.15
N CYS B 648 -43.36 7.90 6.44
CA CYS B 648 -42.33 6.88 6.43
C CYS B 648 -41.80 6.63 7.84
N ASP B 649 -41.72 5.36 8.21
CA ASP B 649 -41.20 4.96 9.52
C ASP B 649 -39.85 4.25 9.37
N ILE B 650 -39.79 3.19 8.57
CA ILE B 650 -38.56 2.49 8.27
C ILE B 650 -38.39 2.52 6.74
N PRO B 651 -37.40 3.22 6.20
CA PRO B 651 -37.31 3.36 4.74
C PRO B 651 -36.81 2.06 4.10
N ILE B 652 -37.64 1.49 3.24
CA ILE B 652 -37.23 0.33 2.45
C ILE B 652 -36.62 0.75 1.12
N GLY B 653 -37.28 1.66 0.42
CA GLY B 653 -36.77 2.19 -0.82
C GLY B 653 -37.85 2.29 -1.89
N ALA B 654 -37.53 3.01 -2.97
CA ALA B 654 -38.45 3.19 -4.09
C ALA B 654 -39.77 3.78 -3.61
N GLY B 655 -39.70 4.70 -2.66
CA GLY B 655 -40.89 5.30 -2.12
C GLY B 655 -41.74 4.38 -1.29
N ILE B 656 -41.16 3.30 -0.77
CA ILE B 656 -41.87 2.32 0.04
C ILE B 656 -41.19 2.24 1.40
N CYS B 657 -42.01 2.30 2.45
CA CYS B 657 -41.54 2.24 3.83
C CYS B 657 -42.37 1.22 4.61
N ALA B 658 -41.78 0.68 5.66
CA ALA B 658 -42.42 -0.31 6.51
C ALA B 658 -42.62 0.25 7.91
N SER B 659 -43.74 -0.13 8.52
CA SER B 659 -44.09 0.27 9.87
C SER B 659 -44.58 -0.96 10.63
N TYR B 660 -44.94 -0.76 11.90
CA TYR B 660 -45.36 -1.84 12.78
C TYR B 660 -46.83 -1.77 13.17
N GLN B 661 -47.49 -0.64 12.99
CA GLN B 661 -48.87 -0.50 13.46
C GLN B 661 -49.74 -1.61 12.88
N THR B 662 -50.85 -1.89 13.57
CA THR B 662 -51.76 -2.94 13.15
C THR B 662 -52.25 -2.70 11.73
N SER B 675 -54.07 -7.17 16.89
CA SER B 675 -52.90 -7.96 16.52
C SER B 675 -51.94 -7.12 15.69
N GLN B 676 -50.99 -6.47 16.36
CA GLN B 676 -50.02 -5.64 15.67
C GLN B 676 -49.14 -6.49 14.76
N SER B 677 -48.83 -5.96 13.59
CA SER B 677 -47.98 -6.67 12.62
C SER B 677 -47.27 -5.64 11.75
N ILE B 678 -46.18 -6.08 11.14
CA ILE B 678 -45.38 -5.21 10.27
C ILE B 678 -46.09 -5.09 8.93
N ILE B 679 -46.22 -3.85 8.45
CA ILE B 679 -46.84 -3.57 7.16
C ILE B 679 -45.86 -2.80 6.30
N ALA B 680 -46.06 -2.88 4.99
CA ALA B 680 -45.31 -2.12 4.01
C ALA B 680 -46.27 -1.29 3.17
N TYR B 681 -45.89 -0.04 2.90
CA TYR B 681 -46.78 0.88 2.20
C TYR B 681 -45.94 1.90 1.44
N THR B 682 -46.62 2.78 0.72
CA THR B 682 -45.97 3.87 0.02
C THR B 682 -46.02 5.11 0.89
N MET B 683 -44.85 5.70 1.15
CA MET B 683 -44.78 6.84 2.05
C MET B 683 -45.65 7.99 1.54
N SER B 684 -46.37 8.62 2.46
CA SER B 684 -47.19 9.78 2.14
C SER B 684 -46.35 11.04 2.37
N LEU B 685 -46.19 11.83 1.32
CA LEU B 685 -45.35 13.03 1.37
C LEU B 685 -46.11 14.21 1.98
N GLY B 686 -46.64 14.02 3.18
CA GLY B 686 -47.37 15.06 3.88
C GLY B 686 -48.87 14.97 3.64
N ALA B 687 -49.58 15.89 4.27
CA ALA B 687 -51.03 15.94 4.20
C ALA B 687 -51.47 16.93 3.11
N GLU B 688 -52.46 16.52 2.33
CA GLU B 688 -52.97 17.37 1.26
C GLU B 688 -53.56 18.65 1.83
N ASN B 689 -53.35 19.75 1.12
CA ASN B 689 -53.84 21.06 1.53
C ASN B 689 -54.08 21.91 0.30
N SER B 690 -55.10 22.75 0.36
CA SER B 690 -55.45 23.64 -0.73
C SER B 690 -55.70 25.04 -0.16
N VAL B 691 -54.80 25.97 -0.45
CA VAL B 691 -54.95 27.34 0.03
C VAL B 691 -56.13 27.99 -0.67
N ALA B 692 -57.01 28.63 0.10
CA ALA B 692 -58.18 29.28 -0.47
C ALA B 692 -57.77 30.56 -1.18
N TYR B 693 -57.03 30.43 -2.28
CA TYR B 693 -56.52 31.58 -3.00
C TYR B 693 -57.61 32.20 -3.87
N SER B 694 -57.75 33.52 -3.77
CA SER B 694 -58.58 34.30 -4.68
C SER B 694 -57.89 35.63 -4.90
N ASN B 695 -58.27 36.31 -5.98
CA ASN B 695 -57.58 37.53 -6.37
C ASN B 695 -57.92 38.71 -5.47
N ASN B 696 -58.84 38.56 -4.52
CA ASN B 696 -59.19 39.64 -3.60
C ASN B 696 -59.39 39.14 -2.18
N SER B 697 -58.67 38.09 -1.77
CA SER B 697 -58.76 37.54 -0.43
C SER B 697 -57.37 37.39 0.16
N ILE B 698 -57.23 37.78 1.43
CA ILE B 698 -55.96 37.69 2.14
C ILE B 698 -56.21 37.18 3.54
N ALA B 699 -55.35 36.28 4.00
CA ALA B 699 -55.42 35.74 5.36
C ALA B 699 -54.42 36.47 6.23
N ILE B 700 -54.90 37.10 7.30
CA ILE B 700 -54.05 37.84 8.21
C ILE B 700 -54.03 37.13 9.55
N PRO B 701 -52.86 37.00 10.21
CA PRO B 701 -52.85 36.34 11.52
C PRO B 701 -53.42 37.25 12.61
N THR B 702 -54.39 36.72 13.35
CA THR B 702 -54.95 37.42 14.50
C THR B 702 -54.27 37.06 15.80
N ASN B 703 -53.32 36.13 15.77
CA ASN B 703 -52.60 35.72 16.97
C ASN B 703 -51.26 35.13 16.56
N PHE B 704 -50.42 34.85 17.56
CA PHE B 704 -49.06 34.40 17.31
C PHE B 704 -48.66 33.39 18.38
N THR B 705 -47.48 32.80 18.18
CA THR B 705 -46.91 31.85 19.11
C THR B 705 -45.40 32.04 19.16
N ILE B 706 -44.83 31.91 20.35
CA ILE B 706 -43.39 31.97 20.55
C ILE B 706 -42.88 30.54 20.59
N SER B 707 -42.25 30.10 19.51
CA SER B 707 -41.81 28.72 19.36
C SER B 707 -40.31 28.62 19.59
N VAL B 708 -39.91 27.75 20.51
CA VAL B 708 -38.51 27.48 20.79
C VAL B 708 -38.17 26.11 20.22
N THR B 709 -37.16 26.05 19.37
CA THR B 709 -36.76 24.82 18.69
C THR B 709 -35.26 24.59 18.87
N THR B 710 -34.89 23.33 19.07
CA THR B 710 -33.51 22.96 19.29
C THR B 710 -32.82 22.59 17.97
N GLU B 711 -31.57 23.02 17.84
CA GLU B 711 -30.74 22.64 16.70
C GLU B 711 -29.37 22.22 17.22
N ILE B 712 -29.01 20.97 16.99
CA ILE B 712 -27.77 20.40 17.52
C ILE B 712 -26.75 20.32 16.41
N LEU B 713 -25.54 20.81 16.66
CA LEU B 713 -24.48 20.84 15.66
C LEU B 713 -23.19 20.34 16.30
N PRO B 714 -22.59 19.27 15.77
CA PRO B 714 -21.26 18.88 16.25
C PRO B 714 -20.23 19.97 15.96
N VAL B 715 -19.28 20.12 16.88
CA VAL B 715 -18.31 21.21 16.80
C VAL B 715 -16.89 20.65 16.70
N SER B 716 -16.67 19.45 17.24
CA SER B 716 -15.34 18.88 17.26
C SER B 716 -15.44 17.39 17.54
N MET B 717 -14.31 16.71 17.41
CA MET B 717 -14.19 15.29 17.71
C MET B 717 -13.01 15.08 18.65
N THR B 718 -12.93 13.88 19.21
CA THR B 718 -11.83 13.54 20.10
C THR B 718 -10.50 13.63 19.34
N LYS B 719 -9.53 14.29 19.96
CA LYS B 719 -8.20 14.48 19.37
C LYS B 719 -7.38 13.24 19.66
N THR B 720 -7.22 12.37 18.66
CA THR B 720 -6.54 11.10 18.81
C THR B 720 -5.23 11.12 18.02
N SER B 721 -4.17 10.62 18.65
CA SER B 721 -2.86 10.52 18.01
C SER B 721 -2.40 9.06 18.05
N VAL B 722 -1.86 8.59 16.93
CA VAL B 722 -1.40 7.22 16.79
C VAL B 722 0.09 7.24 16.45
N ASP B 723 0.88 6.51 17.23
CA ASP B 723 2.30 6.36 16.96
C ASP B 723 2.47 5.29 15.89
N CYS B 724 2.68 5.72 14.65
CA CYS B 724 2.70 4.78 13.53
C CYS B 724 3.80 3.74 13.69
N THR B 725 5.00 4.18 14.06
CA THR B 725 6.11 3.23 14.19
C THR B 725 5.83 2.21 15.29
N MET B 726 5.28 2.65 16.42
CA MET B 726 4.94 1.73 17.49
C MET B 726 3.71 0.88 17.17
N TYR B 727 2.71 1.45 16.49
CA TYR B 727 1.54 0.67 16.12
C TYR B 727 1.91 -0.47 15.18
N ILE B 728 2.63 -0.16 14.10
CA ILE B 728 3.07 -1.19 13.18
C ILE B 728 4.07 -2.12 13.87
N CYS B 729 5.02 -1.55 14.60
CA CYS B 729 6.12 -2.29 15.21
C CYS B 729 6.10 -2.04 16.72
N GLY B 730 5.38 -2.88 17.44
CA GLY B 730 5.39 -2.82 18.89
C GLY B 730 6.67 -3.39 19.47
N ASP B 731 7.45 -2.54 20.13
CA ASP B 731 8.70 -2.91 20.84
C ASP B 731 9.43 -4.04 20.10
N SER B 732 9.75 -3.77 18.84
CA SER B 732 10.47 -4.74 18.01
C SER B 732 11.48 -3.99 17.17
N THR B 733 12.76 -4.14 17.50
CA THR B 733 13.80 -3.41 16.78
C THR B 733 13.88 -3.85 15.32
N GLU B 734 13.75 -5.14 15.06
CA GLU B 734 13.82 -5.63 13.68
C GLU B 734 12.68 -5.06 12.84
N CYS B 735 11.47 -5.03 13.41
CA CYS B 735 10.34 -4.46 12.68
C CYS B 735 10.55 -2.97 12.43
N SER B 736 11.11 -2.24 13.39
CA SER B 736 11.37 -0.83 13.17
C SER B 736 12.39 -0.63 12.06
N ASN B 737 13.45 -1.45 12.05
CA ASN B 737 14.44 -1.36 10.97
C ASN B 737 13.81 -1.64 9.62
N LEU B 738 12.95 -2.66 9.55
CA LEU B 738 12.26 -2.96 8.29
C LEU B 738 11.37 -1.81 7.86
N LEU B 739 10.64 -1.22 8.82
CA LEU B 739 9.72 -0.13 8.50
C LEU B 739 10.47 1.11 8.05
N LEU B 740 11.70 1.31 8.54
CA LEU B 740 12.49 2.46 8.10
C LEU B 740 12.67 2.47 6.60
N GLN B 741 12.63 1.31 5.96
CA GLN B 741 12.82 1.21 4.52
C GLN B 741 11.65 1.79 3.72
N TYR B 742 10.52 2.05 4.36
CA TYR B 742 9.32 2.52 3.67
C TYR B 742 9.23 4.04 3.58
N GLY B 743 10.23 4.76 4.08
CA GLY B 743 10.25 6.20 3.95
C GLY B 743 9.64 6.94 5.13
N SER B 744 8.86 7.97 4.86
CA SER B 744 8.29 8.84 5.88
C SER B 744 6.77 8.72 5.94
N PHE B 745 6.24 7.51 5.73
CA PHE B 745 4.80 7.31 5.86
C PHE B 745 4.32 7.60 7.27
N CYS B 746 5.05 7.11 8.27
CA CYS B 746 4.66 7.34 9.66
C CYS B 746 4.68 8.83 9.99
N THR B 747 5.70 9.54 9.52
CA THR B 747 5.76 10.98 9.77
C THR B 747 4.57 11.69 9.16
N GLN B 748 4.20 11.32 7.93
CA GLN B 748 3.05 11.94 7.29
C GLN B 748 1.75 11.66 8.03
N LEU B 749 1.57 10.40 8.49
CA LEU B 749 0.37 10.08 9.24
C LEU B 749 0.31 10.85 10.56
N ASN B 750 1.43 10.94 11.26
CA ASN B 750 1.46 11.69 12.51
C ASN B 750 1.16 13.16 12.26
N ARG B 751 1.71 13.73 11.18
CA ARG B 751 1.43 15.11 10.84
C ARG B 751 -0.05 15.31 10.56
N ALA B 752 -0.67 14.38 9.82
CA ALA B 752 -2.09 14.50 9.53
C ALA B 752 -2.93 14.44 10.80
N LEU B 753 -2.59 13.52 11.71
CA LEU B 753 -3.35 13.41 12.95
C LEU B 753 -3.18 14.66 13.82
N THR B 754 -1.96 15.18 13.90
CA THR B 754 -1.74 16.40 14.67
C THR B 754 -2.51 17.57 14.06
N GLY B 755 -2.53 17.66 12.73
CA GLY B 755 -3.31 18.70 12.09
C GLY B 755 -4.80 18.55 12.39
N ILE B 756 -5.29 17.32 12.42
CA ILE B 756 -6.70 17.09 12.74
C ILE B 756 -7.00 17.56 14.16
N ALA B 757 -6.11 17.24 15.11
CA ALA B 757 -6.33 17.65 16.49
C ALA B 757 -6.32 19.17 16.61
N VAL B 758 -5.34 19.82 15.96
CA VAL B 758 -5.28 21.28 15.99
C VAL B 758 -6.54 21.87 15.35
N GLU B 759 -7.04 21.24 14.30
CA GLU B 759 -8.26 21.70 13.67
C GLU B 759 -9.46 21.57 14.59
N GLN B 760 -9.54 20.49 15.38
CA GLN B 760 -10.62 20.37 16.35
C GLN B 760 -10.56 21.49 17.37
N ASP B 761 -9.36 21.77 17.88
CA ASP B 761 -9.22 22.87 18.83
C ASP B 761 -9.61 24.19 18.20
N LYS B 762 -9.20 24.41 16.95
CA LYS B 762 -9.53 25.65 16.24
C LYS B 762 -11.03 25.77 16.04
N ASN B 763 -11.70 24.67 15.70
CA ASN B 763 -13.15 24.69 15.53
C ASN B 763 -13.84 25.06 16.83
N THR B 764 -13.42 24.44 17.94
CA THR B 764 -14.03 24.78 19.23
C THR B 764 -13.82 26.25 19.56
N GLN B 765 -12.60 26.75 19.34
CA GLN B 765 -12.30 28.14 19.63
C GLN B 765 -13.19 29.07 18.81
N GLU B 766 -13.27 28.83 17.50
CA GLU B 766 -14.09 29.69 16.65
C GLU B 766 -15.56 29.65 17.06
N VAL B 767 -16.08 28.46 17.37
CA VAL B 767 -17.49 28.35 17.72
C VAL B 767 -17.79 29.09 19.02
N PHE B 768 -16.93 28.93 20.03
CA PHE B 768 -17.27 29.41 21.36
C PHE B 768 -16.54 30.70 21.77
N ALA B 769 -15.48 31.08 21.09
CA ALA B 769 -14.77 32.32 21.42
C ALA B 769 -15.29 33.49 20.59
N GLN B 770 -16.60 33.70 20.64
CA GLN B 770 -17.26 34.77 19.89
C GLN B 770 -17.49 36.03 20.72
N VAL B 771 -17.07 36.04 21.99
CA VAL B 771 -17.32 37.14 22.90
C VAL B 771 -15.99 37.68 23.40
N LYS B 772 -15.84 39.00 23.35
CA LYS B 772 -14.59 39.62 23.79
C LYS B 772 -14.42 39.50 25.30
N GLN B 773 -15.45 39.84 26.05
CA GLN B 773 -15.42 39.85 27.51
C GLN B 773 -16.36 38.77 28.05
N ILE B 774 -16.33 38.59 29.37
CA ILE B 774 -17.20 37.64 30.04
C ILE B 774 -18.34 38.39 30.71
N TYR B 775 -19.45 38.54 30.01
CA TYR B 775 -20.59 39.25 30.56
C TYR B 775 -21.31 38.39 31.59
N LYS B 776 -21.86 39.05 32.61
CA LYS B 776 -22.54 38.37 33.70
C LYS B 776 -23.91 39.00 33.91
N THR B 777 -24.91 38.15 34.14
CA THR B 777 -26.26 38.62 34.37
C THR B 777 -26.37 39.28 35.74
N PRO B 778 -27.33 40.18 35.91
CA PRO B 778 -27.50 40.85 37.21
C PRO B 778 -27.94 39.86 38.28
N PRO B 779 -27.66 40.15 39.55
CA PRO B 779 -28.07 39.21 40.61
C PRO B 779 -29.55 38.94 40.64
N ILE B 780 -30.39 39.92 40.33
CA ILE B 780 -31.84 39.78 40.37
C ILE B 780 -32.35 39.66 38.93
N LYS B 781 -33.14 38.63 38.68
CA LYS B 781 -33.65 38.33 37.34
C LYS B 781 -34.98 39.04 37.13
N ASP B 782 -34.91 40.37 36.98
CA ASP B 782 -36.07 41.19 36.70
C ASP B 782 -36.06 41.50 35.19
N PHE B 783 -36.51 40.50 34.42
CA PHE B 783 -36.51 40.58 32.97
C PHE B 783 -37.93 40.76 32.40
N GLY B 784 -38.79 41.46 33.14
CA GLY B 784 -40.13 41.72 32.66
C GLY B 784 -40.96 40.47 32.47
N GLY B 785 -40.80 39.46 33.33
CA GLY B 785 -41.56 38.24 33.26
C GLY B 785 -40.87 37.11 32.53
N PHE B 786 -39.86 37.40 31.71
CA PHE B 786 -39.12 36.35 31.03
C PHE B 786 -38.22 35.62 32.02
N ASN B 787 -38.14 34.31 31.86
CA ASN B 787 -37.45 33.43 32.79
C ASN B 787 -36.43 32.60 32.03
N PHE B 788 -35.14 32.78 32.36
CA PHE B 788 -34.05 32.07 31.71
C PHE B 788 -33.37 31.10 32.67
N SER B 789 -34.08 30.61 33.69
CA SER B 789 -33.46 29.70 34.65
C SER B 789 -32.99 28.42 33.97
N GLN B 790 -33.74 27.96 32.97
CA GLN B 790 -33.40 26.71 32.30
C GLN B 790 -32.10 26.82 31.50
N ILE B 791 -31.74 28.02 31.06
CA ILE B 791 -30.55 28.21 30.22
C ILE B 791 -29.43 28.93 30.94
N LEU B 792 -29.69 29.60 32.06
CA LEU B 792 -28.65 30.29 32.79
C LEU B 792 -27.91 29.33 33.70
N PRO B 793 -26.67 29.65 34.08
CA PRO B 793 -25.90 28.74 34.93
C PRO B 793 -26.56 28.55 36.29
N ASP B 794 -26.35 27.36 36.86
CA ASP B 794 -26.88 27.04 38.18
C ASP B 794 -25.74 27.09 39.20
N PRO B 795 -25.67 28.12 40.06
CA PRO B 795 -24.59 28.14 41.07
C PRO B 795 -24.65 26.97 42.03
N SER B 796 -25.82 26.42 42.29
CA SER B 796 -25.95 25.37 43.30
C SER B 796 -25.14 24.14 42.91
N LYS B 797 -25.21 23.73 41.65
CA LYS B 797 -24.49 22.54 41.23
C LYS B 797 -22.98 22.78 41.26
N PRO B 798 -22.19 21.74 41.51
CA PRO B 798 -20.73 21.93 41.52
C PRO B 798 -20.19 22.48 40.21
N SER B 799 -20.77 22.06 39.09
CA SER B 799 -20.40 22.59 37.77
C SER B 799 -21.42 23.67 37.39
N LYS B 800 -20.94 24.85 37.07
CA LYS B 800 -21.81 25.97 36.74
C LYS B 800 -22.44 25.78 35.37
N ARG B 801 -23.29 24.76 35.23
CA ARG B 801 -23.96 24.45 33.99
C ARG B 801 -25.46 24.67 34.15
N SER B 802 -26.09 25.22 33.12
CA SER B 802 -27.52 25.42 33.14
C SER B 802 -28.24 24.07 33.16
N PHE B 803 -29.54 24.11 33.42
CA PHE B 803 -30.32 22.88 33.48
C PHE B 803 -30.24 22.12 32.17
N ILE B 804 -30.52 22.80 31.05
CA ILE B 804 -30.48 22.14 29.75
C ILE B 804 -29.07 21.67 29.44
N GLU B 805 -28.05 22.45 29.81
CA GLU B 805 -26.68 22.02 29.59
C GLU B 805 -26.37 20.76 30.40
N ASP B 806 -26.85 20.70 31.64
CA ASP B 806 -26.65 19.51 32.45
C ASP B 806 -27.33 18.30 31.84
N LEU B 807 -28.55 18.47 31.35
CA LEU B 807 -29.25 17.37 30.70
C LEU B 807 -28.49 16.90 29.47
N LEU B 808 -28.01 17.84 28.65
CA LEU B 808 -27.26 17.46 27.46
C LEU B 808 -25.98 16.71 27.84
N PHE B 809 -25.29 17.17 28.87
CA PHE B 809 -24.09 16.48 29.33
C PHE B 809 -24.40 15.06 29.79
N ASN B 810 -25.49 14.90 30.55
CA ASN B 810 -25.82 13.58 31.07
C ASN B 810 -26.26 12.63 29.97
N LYS B 811 -27.04 13.12 29.01
CA LYS B 811 -27.62 12.22 28.01
C LYS B 811 -26.54 11.55 27.16
N VAL B 812 -25.53 12.30 26.74
CA VAL B 812 -24.47 11.76 25.88
C VAL B 812 -23.51 10.95 26.74
N THR B 813 -23.29 9.70 26.36
CA THR B 813 -22.40 8.81 27.10
C THR B 813 -21.56 7.97 26.14
N LEU B 835 -14.10 1.81 26.63
CA LEU B 835 -13.83 2.02 25.20
C LEU B 835 -12.72 3.04 25.01
N ILE B 836 -13.03 4.31 25.26
CA ILE B 836 -12.05 5.37 25.05
C ILE B 836 -10.87 5.21 25.99
N CYS B 837 -11.13 4.88 27.25
CA CYS B 837 -10.05 4.84 28.24
C CYS B 837 -9.17 3.61 28.07
N ALA B 838 -9.74 2.49 27.63
CA ALA B 838 -9.01 1.23 27.57
C ALA B 838 -8.32 1.00 26.23
N GLN B 839 -8.41 1.93 25.29
CA GLN B 839 -7.81 1.76 23.97
C GLN B 839 -6.39 2.31 23.88
N LYS B 840 -5.83 2.82 24.98
CA LYS B 840 -4.48 3.39 24.98
C LYS B 840 -3.44 2.29 25.18
N PHE B 841 -3.51 1.28 24.32
CA PHE B 841 -2.64 0.10 24.41
C PHE B 841 -1.75 -0.12 23.20
N ASN B 842 -1.99 0.56 22.08
CA ASN B 842 -1.23 0.35 20.85
C ASN B 842 -0.83 1.69 20.24
N GLY B 843 -0.26 2.57 21.07
CA GLY B 843 0.16 3.87 20.61
C GLY B 843 -0.94 4.92 20.60
N LEU B 844 -1.99 4.74 21.38
CA LEU B 844 -3.13 5.65 21.39
C LEU B 844 -3.11 6.51 22.64
N THR B 845 -3.37 7.80 22.48
CA THR B 845 -3.39 8.75 23.58
C THR B 845 -4.42 9.82 23.28
N VAL B 846 -5.53 9.81 24.02
CA VAL B 846 -6.62 10.74 23.72
C VAL B 846 -7.13 11.44 24.99
N LEU B 847 -6.54 12.58 25.32
CA LEU B 847 -7.25 13.60 26.08
C LEU B 847 -6.56 14.97 25.99
N PRO B 848 -6.29 15.50 24.79
CA PRO B 848 -5.79 16.87 24.68
C PRO B 848 -6.86 17.89 24.35
N PRO B 849 -7.97 17.98 25.09
CA PRO B 849 -8.83 19.16 24.93
C PRO B 849 -8.15 20.42 25.47
N LEU B 850 -8.03 21.44 24.61
CA LEU B 850 -7.48 22.71 25.05
C LEU B 850 -8.44 23.44 25.97
N LEU B 851 -9.71 23.52 25.59
CA LEU B 851 -10.74 24.17 26.38
C LEU B 851 -11.53 23.10 27.13
N THR B 852 -11.53 23.19 28.46
CA THR B 852 -12.30 22.26 29.26
C THR B 852 -13.79 22.58 29.16
N ASP B 853 -14.61 21.59 29.52
CA ASP B 853 -16.05 21.80 29.51
C ASP B 853 -16.45 23.00 30.35
N GLU B 854 -15.71 23.27 31.44
CA GLU B 854 -16.00 24.44 32.27
C GLU B 854 -15.81 25.73 31.48
N MET B 855 -14.74 25.81 30.68
CA MET B 855 -14.49 27.03 29.92
C MET B 855 -15.53 27.22 28.82
N ILE B 856 -15.94 26.13 28.16
CA ILE B 856 -16.99 26.23 27.15
C ILE B 856 -18.30 26.67 27.80
N ALA B 857 -18.60 26.13 28.98
CA ALA B 857 -19.79 26.56 29.71
C ALA B 857 -19.70 28.04 30.07
N GLN B 858 -18.52 28.50 30.47
CA GLN B 858 -18.34 29.91 30.79
C GLN B 858 -18.56 30.78 29.56
N TYR B 859 -18.06 30.34 28.39
CA TYR B 859 -18.27 31.09 27.17
C TYR B 859 -19.76 31.17 26.83
N THR B 860 -20.47 30.04 26.94
CA THR B 860 -21.90 30.05 26.67
C THR B 860 -22.64 30.94 27.65
N SER B 861 -22.25 30.93 28.92
CA SER B 861 -22.89 31.78 29.91
C SER B 861 -22.64 33.26 29.60
N ALA B 862 -21.42 33.60 29.18
CA ALA B 862 -21.12 34.97 28.80
C ALA B 862 -21.96 35.40 27.61
N LEU B 863 -22.09 34.52 26.61
CA LEU B 863 -22.93 34.85 25.47
C LEU B 863 -24.38 35.05 25.88
N LEU B 864 -24.88 34.19 26.76
CA LEU B 864 -26.26 34.31 27.24
C LEU B 864 -26.46 35.64 27.96
N ALA B 865 -25.52 35.98 28.85
CA ALA B 865 -25.64 37.24 29.59
C ALA B 865 -25.59 38.43 28.66
N GLY B 866 -24.69 38.41 27.68
CA GLY B 866 -24.62 39.49 26.73
C GLY B 866 -25.90 39.66 25.95
N THR B 867 -26.45 38.54 25.46
CA THR B 867 -27.70 38.61 24.71
C THR B 867 -28.84 39.12 25.58
N ILE B 868 -28.91 38.67 26.83
CA ILE B 868 -30.02 39.04 27.70
C ILE B 868 -29.95 40.52 28.08
N THR B 869 -28.77 41.00 28.47
CA THR B 869 -28.65 42.33 29.01
C THR B 869 -28.28 43.40 27.99
N SER B 870 -27.94 43.01 26.76
CA SER B 870 -27.52 43.97 25.75
C SER B 870 -28.08 43.69 24.36
N GLY B 871 -28.86 42.63 24.18
CA GLY B 871 -29.32 42.31 22.84
C GLY B 871 -28.16 41.98 21.92
N TRP B 872 -28.22 42.52 20.71
CA TRP B 872 -27.17 42.31 19.72
C TRP B 872 -26.08 43.38 19.76
N THR B 873 -26.19 44.36 20.67
CA THR B 873 -25.22 45.45 20.70
C THR B 873 -23.84 44.95 21.06
N PHE B 874 -23.74 44.03 22.03
CA PHE B 874 -22.43 43.54 22.46
C PHE B 874 -21.71 42.77 21.37
N GLY B 875 -22.42 42.29 20.36
CA GLY B 875 -21.82 41.58 19.26
C GLY B 875 -21.28 42.46 18.14
N ALA B 876 -21.46 43.78 18.25
CA ALA B 876 -21.00 44.71 17.22
C ALA B 876 -20.16 45.85 17.79
N GLY B 877 -19.72 45.75 19.04
CA GLY B 877 -18.93 46.78 19.65
C GLY B 877 -19.19 46.81 21.16
N ALA B 878 -19.18 48.03 21.71
CA ALA B 878 -19.45 48.19 23.13
C ALA B 878 -20.82 47.65 23.49
N ALA B 879 -20.90 46.93 24.61
CA ALA B 879 -22.15 46.37 25.07
C ALA B 879 -23.01 47.47 25.69
N LEU B 880 -24.23 47.63 25.20
CA LEU B 880 -25.15 48.67 25.64
C LEU B 880 -26.33 48.01 26.35
N GLN B 881 -26.58 48.43 27.59
CA GLN B 881 -27.68 47.86 28.36
C GLN B 881 -29.02 48.30 27.77
N ILE B 882 -30.02 47.43 27.90
CA ILE B 882 -31.37 47.72 27.44
C ILE B 882 -32.33 46.77 28.18
N PRO B 883 -33.50 47.24 28.62
CA PRO B 883 -34.45 46.31 29.24
C PRO B 883 -34.83 45.21 28.26
N PHE B 884 -34.95 43.99 28.80
CA PHE B 884 -35.23 42.84 27.92
C PHE B 884 -36.57 43.00 27.22
N ALA B 885 -37.54 43.65 27.87
CA ALA B 885 -38.81 43.91 27.21
C ALA B 885 -38.61 44.79 25.99
N MET B 886 -37.78 45.83 26.12
CA MET B 886 -37.51 46.70 24.99
C MET B 886 -36.67 46.00 23.92
N GLN B 887 -35.77 45.11 24.32
CA GLN B 887 -35.03 44.33 23.35
C GLN B 887 -35.98 43.44 22.53
N MET B 888 -36.92 42.79 23.20
CA MET B 888 -37.90 41.98 22.50
C MET B 888 -38.80 42.85 21.63
N ALA B 889 -39.08 44.08 22.06
CA ALA B 889 -39.83 45.00 21.22
C ALA B 889 -39.06 45.31 19.94
N TYR B 890 -37.76 45.58 20.08
CA TYR B 890 -36.91 45.81 18.92
C TYR B 890 -36.96 44.61 17.97
N ARG B 891 -36.85 43.41 18.53
CA ARG B 891 -36.77 42.22 17.69
C ARG B 891 -38.11 41.90 17.05
N PHE B 892 -39.21 42.21 17.72
CA PHE B 892 -40.53 42.13 17.09
C PHE B 892 -40.63 43.11 15.93
N ASN B 893 -40.14 44.33 16.14
CA ASN B 893 -40.11 45.31 15.04
C ASN B 893 -39.24 44.80 13.89
N GLY B 894 -38.22 43.99 14.20
CA GLY B 894 -37.38 43.47 13.14
C GLY B 894 -38.11 42.54 12.18
N ILE B 895 -39.08 41.78 12.70
CA ILE B 895 -39.78 40.79 11.90
C ILE B 895 -41.03 41.41 11.29
N GLY B 896 -41.12 42.74 11.31
CA GLY B 896 -42.24 43.41 10.69
C GLY B 896 -43.49 43.50 11.55
N VAL B 897 -43.35 43.38 12.87
CA VAL B 897 -44.46 43.49 13.80
C VAL B 897 -44.22 44.69 14.69
N THR B 898 -45.20 45.60 14.74
CA THR B 898 -45.05 46.81 15.54
C THR B 898 -44.78 46.45 16.99
N GLN B 899 -43.88 47.21 17.61
CA GLN B 899 -43.48 46.90 18.98
C GLN B 899 -44.67 46.91 19.94
N ASN B 900 -45.69 47.72 19.65
CA ASN B 900 -46.78 47.91 20.60
C ASN B 900 -47.41 46.58 21.01
N VAL B 901 -47.64 45.68 20.05
CA VAL B 901 -48.31 44.43 20.36
C VAL B 901 -47.56 43.61 21.40
N LEU B 902 -46.24 43.75 21.48
CA LEU B 902 -45.50 43.09 22.54
C LEU B 902 -45.87 43.67 23.90
N TYR B 903 -45.84 45.00 24.03
CA TYR B 903 -46.16 45.64 25.30
C TYR B 903 -47.60 45.36 25.70
N GLU B 904 -48.51 45.37 24.72
CA GLU B 904 -49.91 45.03 24.98
C GLU B 904 -50.11 43.54 25.25
N ASN B 905 -49.11 42.71 24.99
CA ASN B 905 -49.19 41.28 25.25
C ASN B 905 -47.98 40.75 26.00
N GLN B 906 -47.11 41.64 26.51
CA GLN B 906 -45.85 41.24 27.11
C GLN B 906 -46.02 40.02 28.01
N LYS B 907 -46.81 40.17 29.07
CA LYS B 907 -47.04 39.07 30.00
C LYS B 907 -47.30 37.77 29.24
N LEU B 908 -48.35 37.76 28.41
CA LEU B 908 -48.69 36.55 27.68
C LEU B 908 -47.48 36.03 26.93
N ILE B 909 -46.82 36.89 26.16
CA ILE B 909 -45.66 36.46 25.40
C ILE B 909 -44.64 35.81 26.32
N ALA B 910 -44.31 36.49 27.43
CA ALA B 910 -43.36 35.93 28.37
C ALA B 910 -43.78 34.53 28.77
N ASN B 911 -45.04 34.37 29.18
CA ASN B 911 -45.52 33.06 29.57
C ASN B 911 -45.24 32.05 28.48
N GLN B 912 -45.65 32.36 27.25
CA GLN B 912 -45.41 31.44 26.15
C GLN B 912 -43.94 31.06 26.09
N PHE B 913 -43.07 32.07 26.08
CA PHE B 913 -41.64 31.79 26.02
C PHE B 913 -41.26 30.82 27.13
N ASN B 914 -41.63 31.14 28.36
CA ASN B 914 -41.29 30.27 29.48
C ASN B 914 -41.78 28.86 29.19
N SER B 915 -43.07 28.73 28.84
CA SER B 915 -43.61 27.40 28.56
C SER B 915 -42.75 26.70 27.53
N ALA B 916 -42.48 27.38 26.40
CA ALA B 916 -41.68 26.76 25.35
C ALA B 916 -40.37 26.25 25.94
N ILE B 917 -39.66 27.11 26.67
CA ILE B 917 -38.37 26.71 27.23
C ILE B 917 -38.54 25.46 28.06
N GLY B 918 -39.55 25.43 28.92
CA GLY B 918 -39.76 24.26 29.74
C GLY B 918 -39.93 23.01 28.90
N LYS B 919 -40.78 23.10 27.86
CA LYS B 919 -41.00 21.95 27.01
C LYS B 919 -39.70 21.42 26.44
N ILE B 920 -38.77 22.32 26.12
CA ILE B 920 -37.51 21.90 25.52
C ILE B 920 -36.84 20.88 26.43
N GLN B 921 -36.80 21.17 27.73
CA GLN B 921 -36.19 20.24 28.67
C GLN B 921 -36.81 18.85 28.51
N ASP B 922 -38.14 18.78 28.55
CA ASP B 922 -38.80 17.50 28.37
C ASP B 922 -38.46 16.91 27.01
N SER B 923 -38.48 17.75 25.97
CA SER B 923 -38.18 17.26 24.63
C SER B 923 -36.79 16.65 24.55
N LEU B 924 -35.90 17.00 25.47
CA LEU B 924 -34.58 16.40 25.50
C LEU B 924 -34.54 15.18 26.42
N SER B 925 -35.30 15.22 27.52
CA SER B 925 -35.23 14.13 28.48
C SER B 925 -36.16 12.99 28.09
N SER B 926 -37.33 13.31 27.53
CA SER B 926 -38.30 12.28 27.17
C SER B 926 -37.93 11.57 25.87
N THR B 927 -37.03 12.13 25.07
CA THR B 927 -36.62 11.56 23.80
C THR B 927 -35.18 11.04 23.91
N ALA B 928 -34.99 9.76 23.57
CA ALA B 928 -33.67 9.15 23.68
C ALA B 928 -32.74 9.61 22.57
N SER B 929 -33.25 9.78 21.35
CA SER B 929 -32.44 10.12 20.19
C SER B 929 -32.43 11.61 19.89
N ALA B 930 -32.62 12.45 20.91
CA ALA B 930 -32.60 13.90 20.70
C ALA B 930 -31.22 14.36 20.25
N LEU B 931 -30.17 13.80 20.84
CA LEU B 931 -28.78 14.20 20.57
C LEU B 931 -28.11 13.26 19.58
N GLY B 932 -28.87 12.82 18.56
CA GLY B 932 -28.36 11.77 17.69
C GLY B 932 -27.06 12.13 16.98
N LYS B 933 -26.89 13.41 16.63
CA LYS B 933 -25.73 13.79 15.82
C LYS B 933 -24.43 13.61 16.61
N LEU B 934 -24.36 14.15 17.83
CA LEU B 934 -23.14 14.03 18.61
C LEU B 934 -22.83 12.58 18.96
N GLN B 935 -23.86 11.83 19.34
CA GLN B 935 -23.66 10.42 19.65
C GLN B 935 -23.20 9.65 18.42
N ASP B 936 -23.74 9.98 17.25
CA ASP B 936 -23.29 9.32 16.03
C ASP B 936 -21.84 9.64 15.72
N VAL B 937 -21.42 10.89 15.91
CA VAL B 937 -20.02 11.23 15.68
C VAL B 937 -19.13 10.45 16.63
N VAL B 938 -19.49 10.42 17.91
CA VAL B 938 -18.69 9.71 18.90
C VAL B 938 -18.62 8.23 18.55
N ASN B 939 -19.75 7.64 18.17
CA ASN B 939 -19.79 6.23 17.82
C ASN B 939 -18.94 5.93 16.59
N GLN B 940 -19.00 6.81 15.59
CA GLN B 940 -18.18 6.61 14.39
C GLN B 940 -16.70 6.64 14.74
N ASN B 941 -16.28 7.62 15.54
CA ASN B 941 -14.87 7.70 15.92
C ASN B 941 -14.45 6.47 16.71
N ALA B 942 -15.27 6.07 17.68
CA ALA B 942 -14.94 4.91 18.51
C ALA B 942 -14.87 3.64 17.68
N GLN B 943 -15.81 3.47 16.74
CA GLN B 943 -15.83 2.28 15.90
C GLN B 943 -14.61 2.24 14.99
N ALA B 944 -14.24 3.38 14.40
CA ALA B 944 -13.04 3.41 13.57
C ALA B 944 -11.80 3.07 14.38
N LEU B 945 -11.68 3.64 15.59
CA LEU B 945 -10.52 3.36 16.43
C LEU B 945 -10.47 1.90 16.83
N ASN B 946 -11.63 1.32 17.19
CA ASN B 946 -11.69 -0.08 17.58
C ASN B 946 -11.33 -0.99 16.41
N THR B 947 -11.80 -0.66 15.21
CA THR B 947 -11.45 -1.44 14.03
C THR B 947 -9.95 -1.36 13.76
N LEU B 948 -9.36 -0.17 13.90
CA LEU B 948 -7.92 -0.04 13.72
C LEU B 948 -7.17 -0.90 14.73
N VAL B 949 -7.61 -0.91 15.99
CA VAL B 949 -6.96 -1.72 16.99
C VAL B 949 -7.11 -3.20 16.65
N LYS B 950 -8.31 -3.61 16.24
CA LYS B 950 -8.56 -5.02 15.93
C LYS B 950 -7.77 -5.47 14.71
N GLN B 951 -7.43 -4.55 13.81
CA GLN B 951 -6.67 -4.93 12.62
C GLN B 951 -5.31 -5.51 12.98
N LEU B 952 -4.81 -5.27 14.20
CA LEU B 952 -3.53 -5.81 14.62
C LEU B 952 -3.55 -7.33 14.78
N SER B 953 -4.73 -7.95 14.77
CA SER B 953 -4.87 -9.39 14.95
C SER B 953 -5.02 -10.14 13.64
N SER B 954 -4.79 -9.48 12.51
CA SER B 954 -4.92 -10.10 11.19
C SER B 954 -3.55 -10.53 10.69
N ASN B 955 -3.47 -11.77 10.20
CA ASN B 955 -2.19 -12.28 9.71
C ASN B 955 -1.72 -11.54 8.47
N PHE B 956 -2.64 -11.14 7.61
CA PHE B 956 -2.30 -10.53 6.31
C PHE B 956 -1.45 -11.47 5.47
N GLY B 957 -1.70 -12.77 5.57
CA GLY B 957 -0.95 -13.76 4.83
C GLY B 957 0.27 -14.28 5.54
N ALA B 958 0.63 -13.71 6.70
CA ALA B 958 1.80 -14.17 7.44
C ALA B 958 1.45 -15.41 8.27
N ILE B 959 2.50 -16.06 8.80
CA ILE B 959 2.29 -17.24 9.61
C ILE B 959 1.55 -16.91 10.89
N SER B 960 1.79 -15.73 11.47
CA SER B 960 1.16 -15.34 12.72
C SER B 960 1.08 -13.82 12.78
N SER B 961 0.24 -13.33 13.68
CA SER B 961 0.04 -11.90 13.88
C SER B 961 0.82 -11.34 15.06
N VAL B 962 1.65 -12.15 15.72
CA VAL B 962 2.45 -11.72 16.86
C VAL B 962 3.91 -11.78 16.45
N LEU B 963 4.56 -10.60 16.41
CA LEU B 963 5.93 -10.53 15.91
C LEU B 963 6.86 -11.47 16.66
N ASN B 964 6.61 -11.66 17.96
CA ASN B 964 7.45 -12.56 18.74
C ASN B 964 7.37 -13.99 18.20
N ASP B 965 6.18 -14.43 17.80
CA ASP B 965 6.03 -15.76 17.24
C ASP B 965 6.86 -15.92 15.96
N ILE B 966 6.78 -14.94 15.07
CA ILE B 966 7.56 -15.01 13.83
C ILE B 966 9.05 -15.03 14.14
N LEU B 967 9.49 -14.17 15.07
CA LEU B 967 10.91 -14.12 15.39
C LEU B 967 11.40 -15.44 15.96
N SER B 968 10.63 -16.02 16.89
CA SER B 968 11.08 -17.24 17.55
C SER B 968 11.02 -18.44 16.61
N ARG B 969 9.89 -18.62 15.91
CA ARG B 969 9.73 -19.80 15.08
C ARG B 969 10.67 -19.79 13.88
N LEU B 970 10.83 -18.63 13.24
CA LEU B 970 11.57 -18.52 12.00
C LEU B 970 12.84 -17.72 12.18
N ASP B 971 13.89 -18.14 11.48
CA ASP B 971 15.15 -17.42 11.45
C ASP B 971 15.02 -16.15 10.63
N PRO B 972 15.97 -15.23 10.76
CA PRO B 972 15.82 -13.89 10.15
C PRO B 972 15.54 -13.96 8.65
N PRO B 973 16.16 -14.90 7.91
CA PRO B 973 16.01 -14.86 6.44
C PRO B 973 14.56 -14.81 5.95
N GLU B 974 13.64 -15.55 6.56
CA GLU B 974 12.23 -15.48 6.18
C GLU B 974 11.37 -14.77 7.23
N ALA B 975 11.83 -14.68 8.48
CA ALA B 975 11.18 -13.77 9.41
C ALA B 975 11.13 -12.36 8.86
N GLU B 976 12.12 -12.00 8.04
CA GLU B 976 12.13 -10.68 7.41
C GLU B 976 10.93 -10.49 6.50
N VAL B 977 10.66 -11.48 5.63
CA VAL B 977 9.53 -11.35 4.71
C VAL B 977 8.21 -11.42 5.47
N GLN B 978 8.14 -12.27 6.51
CA GLN B 978 6.92 -12.33 7.30
C GLN B 978 6.63 -10.99 7.97
N ILE B 979 7.66 -10.38 8.57
CA ILE B 979 7.50 -9.08 9.20
C ILE B 979 7.18 -8.03 8.16
N ASP B 980 7.71 -8.15 6.94
CA ASP B 980 7.37 -7.23 5.88
C ASP B 980 5.89 -7.32 5.51
N ARG B 981 5.36 -8.55 5.44
CA ARG B 981 3.93 -8.72 5.18
C ARG B 981 3.10 -8.07 6.29
N LEU B 982 3.48 -8.32 7.55
CA LEU B 982 2.74 -7.71 8.65
C LEU B 982 2.82 -6.19 8.60
N ILE B 983 4.01 -5.65 8.28
CA ILE B 983 4.19 -4.22 8.21
C ILE B 983 3.33 -3.62 7.11
N THR B 984 3.29 -4.28 5.95
CA THR B 984 2.45 -3.78 4.86
C THR B 984 0.98 -3.78 5.26
N GLY B 985 0.52 -4.85 5.89
CA GLY B 985 -0.88 -4.89 6.31
C GLY B 985 -1.21 -3.80 7.30
N ARG B 986 -0.36 -3.62 8.31
CA ARG B 986 -0.63 -2.61 9.33
C ARG B 986 -0.50 -1.20 8.78
N LEU B 987 0.43 -0.99 7.84
CA LEU B 987 0.55 0.31 7.20
C LEU B 987 -0.66 0.63 6.35
N GLN B 988 -1.20 -0.35 5.63
CA GLN B 988 -2.44 -0.13 4.90
C GLN B 988 -3.58 0.21 5.85
N SER B 989 -3.65 -0.50 6.99
CA SER B 989 -4.67 -0.19 7.97
C SER B 989 -4.55 1.25 8.46
N LEU B 990 -3.31 1.69 8.76
CA LEU B 990 -3.10 3.06 9.21
C LEU B 990 -3.47 4.07 8.14
N GLN B 991 -3.10 3.79 6.88
CA GLN B 991 -3.46 4.69 5.80
C GLN B 991 -4.97 4.84 5.70
N THR B 992 -5.69 3.72 5.72
CA THR B 992 -7.15 3.77 5.62
C THR B 992 -7.75 4.55 6.80
N TYR B 993 -7.27 4.27 8.01
CA TYR B 993 -7.80 4.95 9.19
C TYR B 993 -7.55 6.45 9.12
N VAL B 994 -6.35 6.85 8.71
CA VAL B 994 -6.02 8.27 8.65
C VAL B 994 -6.81 8.96 7.56
N THR B 995 -7.02 8.31 6.42
CA THR B 995 -7.82 8.91 5.37
C THR B 995 -9.26 9.10 5.82
N GLN B 996 -9.83 8.08 6.47
CA GLN B 996 -11.20 8.21 6.97
C GLN B 996 -11.28 9.31 8.03
N GLN B 997 -10.26 9.40 8.90
CA GLN B 997 -10.25 10.45 9.91
C GLN B 997 -10.15 11.82 9.27
N LEU B 998 -9.36 11.96 8.21
CA LEU B 998 -9.27 13.25 7.52
C LEU B 998 -10.61 13.64 6.91
N ILE B 999 -11.30 12.69 6.28
CA ILE B 999 -12.60 13.00 5.69
C ILE B 999 -13.60 13.39 6.78
N ARG B 1000 -13.62 12.63 7.88
CA ARG B 1000 -14.52 12.95 8.98
C ARG B 1000 -14.19 14.30 9.60
N ALA B 1001 -12.89 14.62 9.69
CA ALA B 1001 -12.49 15.92 10.22
C ALA B 1001 -12.90 17.06 9.30
N ALA B 1002 -12.84 16.84 7.98
CA ALA B 1002 -13.35 17.86 7.06
C ALA B 1002 -14.85 18.06 7.26
N GLU B 1003 -15.60 16.98 7.40
CA GLU B 1003 -17.03 17.10 7.65
C GLU B 1003 -17.30 17.85 8.96
N ILE B 1004 -16.56 17.52 10.01
CA ILE B 1004 -16.74 18.18 11.30
C ILE B 1004 -16.33 19.65 11.19
N ARG B 1005 -15.31 19.96 10.40
CA ARG B 1005 -14.93 21.36 10.20
C ARG B 1005 -16.05 22.13 9.50
N ALA B 1006 -16.69 21.52 8.51
CA ALA B 1006 -17.84 22.16 7.88
C ALA B 1006 -18.96 22.38 8.89
N SER B 1007 -19.23 21.37 9.72
CA SER B 1007 -20.28 21.51 10.72
C SER B 1007 -19.94 22.62 11.72
N ALA B 1008 -18.69 22.71 12.13
CA ALA B 1008 -18.28 23.74 13.07
C ALA B 1008 -18.32 25.12 12.43
N ASN B 1009 -17.99 25.23 11.16
CA ASN B 1009 -18.15 26.51 10.46
C ASN B 1009 -19.60 26.93 10.43
N LEU B 1010 -20.50 25.98 10.15
CA LEU B 1010 -21.92 26.29 10.19
C LEU B 1010 -22.36 26.73 11.59
N ALA B 1011 -21.87 26.05 12.62
CA ALA B 1011 -22.22 26.41 13.99
C ALA B 1011 -21.72 27.80 14.34
N ALA B 1012 -20.49 28.13 13.93
CA ALA B 1012 -19.95 29.46 14.19
C ALA B 1012 -20.75 30.53 13.45
N THR B 1013 -21.14 30.25 12.21
CA THR B 1013 -21.96 31.21 11.47
C THR B 1013 -23.29 31.41 12.15
N LYS B 1014 -23.91 30.33 12.64
CA LYS B 1014 -25.17 30.46 13.36
C LYS B 1014 -25.00 31.27 14.64
N MET B 1015 -23.92 31.01 15.38
CA MET B 1015 -23.67 31.78 16.60
C MET B 1015 -23.50 33.26 16.28
N SER B 1016 -22.76 33.57 15.22
CA SER B 1016 -22.56 34.97 14.85
C SER B 1016 -23.87 35.62 14.42
N GLU B 1017 -24.69 34.91 13.65
CA GLU B 1017 -25.88 35.51 13.04
C GLU B 1017 -27.15 35.26 13.84
N CYS B 1018 -27.25 34.14 14.57
CA CYS B 1018 -28.44 33.80 15.32
C CYS B 1018 -28.39 34.27 16.77
N VAL B 1019 -27.25 34.10 17.43
CA VAL B 1019 -27.12 34.45 18.84
C VAL B 1019 -26.72 35.91 19.02
N LEU B 1020 -25.71 36.36 18.29
CA LEU B 1020 -25.24 37.73 18.41
C LEU B 1020 -26.10 38.74 17.65
N GLY B 1021 -27.08 38.27 16.89
CA GLY B 1021 -27.94 39.18 16.15
C GLY B 1021 -29.19 38.47 15.68
N GLN B 1022 -30.05 39.24 15.02
CA GLN B 1022 -31.30 38.73 14.46
C GLN B 1022 -31.10 38.52 12.96
N SER B 1023 -31.39 37.30 12.51
CA SER B 1023 -31.12 36.91 11.13
C SER B 1023 -32.41 36.91 10.32
N LYS B 1024 -32.36 37.53 9.14
CA LYS B 1024 -33.49 37.52 8.21
C LYS B 1024 -33.49 36.30 7.30
N ARG B 1025 -32.45 35.47 7.35
CA ARG B 1025 -32.39 34.28 6.52
C ARG B 1025 -33.45 33.29 6.96
N VAL B 1026 -34.25 32.81 6.00
CA VAL B 1026 -35.37 31.94 6.33
C VAL B 1026 -34.88 30.54 6.68
N ASP B 1027 -35.41 29.99 7.77
CA ASP B 1027 -35.10 28.65 8.24
C ASP B 1027 -33.64 28.48 8.65
N PHE B 1028 -32.88 29.58 8.73
CA PHE B 1028 -31.51 29.48 9.21
C PHE B 1028 -31.46 29.32 10.72
N CYS B 1029 -32.01 30.27 11.45
CA CYS B 1029 -32.09 30.20 12.91
C CYS B 1029 -33.50 29.75 13.32
N GLY B 1030 -33.73 28.45 13.14
CA GLY B 1030 -35.00 27.85 13.51
C GLY B 1030 -36.07 28.07 12.45
N LYS B 1031 -37.23 27.46 12.71
CA LYS B 1031 -38.38 27.52 11.81
C LYS B 1031 -39.30 28.63 12.27
N GLY B 1032 -39.64 29.55 11.35
CA GLY B 1032 -40.49 30.68 11.62
C GLY B 1032 -39.73 31.97 11.51
N TYR B 1033 -40.37 33.05 11.95
CA TYR B 1033 -39.73 34.36 11.95
C TYR B 1033 -38.79 34.43 13.15
N HIS B 1034 -37.49 34.38 12.89
CA HIS B 1034 -36.51 34.32 13.96
C HIS B 1034 -36.63 35.55 14.86
N LEU B 1035 -36.68 35.30 16.16
CA LEU B 1035 -36.62 36.36 17.17
C LEU B 1035 -35.25 36.42 17.84
N MET B 1036 -34.80 35.32 18.41
CA MET B 1036 -33.49 35.29 19.07
C MET B 1036 -33.03 33.83 19.15
N SER B 1037 -31.84 33.64 19.72
CA SER B 1037 -31.30 32.30 19.88
C SER B 1037 -30.39 32.27 21.09
N PHE B 1038 -30.37 31.12 21.76
CA PHE B 1038 -29.58 30.91 22.96
C PHE B 1038 -28.64 29.73 22.76
N PRO B 1039 -27.34 29.87 22.99
CA PRO B 1039 -26.43 28.75 22.85
C PRO B 1039 -26.30 27.93 24.13
N GLN B 1040 -26.06 26.64 23.95
CA GLN B 1040 -25.84 25.72 25.07
C GLN B 1040 -24.72 24.76 24.68
N SER B 1041 -23.76 24.59 25.59
CA SER B 1041 -22.67 23.66 25.35
C SER B 1041 -23.17 22.23 25.48
N ALA B 1042 -22.58 21.33 24.70
CA ALA B 1042 -22.85 19.91 24.79
C ALA B 1042 -21.56 19.17 24.47
N PRO B 1043 -21.43 17.93 24.93
CA PRO B 1043 -20.19 17.18 24.65
C PRO B 1043 -19.84 17.17 23.17
N HIS B 1044 -18.74 17.85 22.83
CA HIS B 1044 -18.28 17.94 21.44
C HIS B 1044 -19.34 18.52 20.52
N GLY B 1045 -20.07 19.54 20.98
CA GLY B 1045 -21.08 20.14 20.13
C GLY B 1045 -21.78 21.29 20.80
N VAL B 1046 -22.67 21.92 20.03
CA VAL B 1046 -23.46 23.06 20.50
C VAL B 1046 -24.93 22.79 20.21
N VAL B 1047 -25.79 23.39 21.02
CA VAL B 1047 -27.23 23.31 20.84
C VAL B 1047 -27.78 24.73 20.87
N PHE B 1048 -28.40 25.13 19.77
CA PHE B 1048 -29.01 26.45 19.66
C PHE B 1048 -30.50 26.31 19.90
N LEU B 1049 -31.00 27.03 20.92
CA LEU B 1049 -32.44 27.17 21.15
C LEU B 1049 -32.89 28.41 20.41
N HIS B 1050 -33.55 28.22 19.27
CA HIS B 1050 -34.04 29.32 18.44
C HIS B 1050 -35.45 29.66 18.88
N VAL B 1051 -35.65 30.89 19.35
CA VAL B 1051 -36.96 31.42 19.68
C VAL B 1051 -37.44 32.23 18.48
N THR B 1052 -38.61 31.87 17.95
CA THR B 1052 -39.14 32.44 16.73
C THR B 1052 -40.61 32.79 16.90
N TYR B 1053 -41.06 33.70 16.05
CA TYR B 1053 -42.44 34.17 16.03
C TYR B 1053 -43.19 33.46 14.92
N VAL B 1054 -44.23 32.72 15.27
CA VAL B 1054 -44.99 31.90 14.34
C VAL B 1054 -46.43 32.39 14.32
N PRO B 1055 -46.97 32.82 13.18
CA PRO B 1055 -48.41 33.16 13.15
C PRO B 1055 -49.24 31.96 13.56
N ALA B 1056 -50.29 32.22 14.34
CA ALA B 1056 -51.07 31.17 14.97
C ALA B 1056 -52.49 31.07 14.44
N GLN B 1057 -53.27 32.16 14.49
CA GLN B 1057 -54.69 32.14 14.15
C GLN B 1057 -54.90 33.09 12.97
N GLU B 1058 -55.16 32.51 11.80
CA GLU B 1058 -55.37 33.31 10.60
C GLU B 1058 -56.86 33.51 10.34
N LYS B 1059 -57.22 34.72 9.93
CA LYS B 1059 -58.59 35.06 9.55
C LYS B 1059 -58.57 35.66 8.16
N ASN B 1060 -59.57 35.30 7.35
CA ASN B 1060 -59.63 35.73 5.96
C ASN B 1060 -60.42 37.03 5.85
N PHE B 1061 -59.93 37.92 4.99
CA PHE B 1061 -60.58 39.21 4.74
C PHE B 1061 -60.51 39.51 3.25
N THR B 1062 -61.43 40.36 2.81
CA THR B 1062 -61.35 40.91 1.45
C THR B 1062 -60.31 42.02 1.43
N THR B 1063 -59.52 42.05 0.37
CA THR B 1063 -58.40 42.98 0.26
C THR B 1063 -58.41 43.64 -1.11
N ALA B 1064 -57.82 44.83 -1.16
CA ALA B 1064 -57.67 45.59 -2.39
C ALA B 1064 -56.24 46.09 -2.48
N PRO B 1065 -55.73 46.31 -3.70
CA PRO B 1065 -54.35 46.81 -3.83
C PRO B 1065 -54.22 48.29 -3.54
N ALA B 1066 -55.28 49.05 -3.81
CA ALA B 1066 -55.28 50.48 -3.61
C ALA B 1066 -56.70 50.95 -3.39
N ILE B 1067 -56.84 52.21 -2.98
CA ILE B 1067 -58.12 52.81 -2.65
C ILE B 1067 -58.22 54.16 -3.34
N CYS B 1068 -59.38 54.42 -3.96
CA CYS B 1068 -59.64 55.69 -4.63
C CYS B 1068 -60.59 56.51 -3.76
N HIS B 1069 -60.18 57.73 -3.45
CA HIS B 1069 -60.97 58.63 -2.60
C HIS B 1069 -61.44 59.86 -3.37
N ASP B 1070 -60.52 60.60 -3.97
CA ASP B 1070 -60.82 61.83 -4.72
C ASP B 1070 -60.18 61.76 -6.10
N GLY B 1071 -60.35 60.63 -6.77
CA GLY B 1071 -59.68 60.42 -8.04
C GLY B 1071 -58.20 60.16 -7.91
N LYS B 1072 -57.74 59.78 -6.73
CA LYS B 1072 -56.33 59.52 -6.46
C LYS B 1072 -56.19 58.12 -5.86
N ALA B 1073 -55.16 57.39 -6.31
CA ALA B 1073 -54.89 56.06 -5.83
C ALA B 1073 -54.07 56.14 -4.55
N HIS B 1074 -54.60 55.55 -3.47
CA HIS B 1074 -53.93 55.53 -2.18
C HIS B 1074 -53.42 54.13 -1.91
N PHE B 1075 -52.13 54.03 -1.55
CA PHE B 1075 -51.52 52.77 -1.22
C PHE B 1075 -51.04 52.79 0.23
N PRO B 1076 -51.08 51.66 0.93
CA PRO B 1076 -50.68 51.67 2.34
C PRO B 1076 -49.24 52.14 2.50
N ARG B 1077 -49.02 53.00 3.49
CA ARG B 1077 -47.67 53.45 3.79
C ARG B 1077 -46.81 52.27 4.24
N GLU B 1078 -47.31 51.48 5.20
CA GLU B 1078 -46.68 50.23 5.60
C GLU B 1078 -47.80 49.34 6.15
N GLY B 1079 -48.30 48.46 5.31
CA GLY B 1079 -49.42 47.61 5.71
C GLY B 1079 -50.15 47.08 4.50
N VAL B 1080 -51.41 46.71 4.72
CA VAL B 1080 -52.26 46.13 3.69
C VAL B 1080 -53.71 46.51 4.00
N PHE B 1081 -54.48 46.72 2.94
CA PHE B 1081 -55.89 47.03 3.08
C PHE B 1081 -56.69 45.74 3.23
N VAL B 1082 -57.43 45.62 4.33
CA VAL B 1082 -58.27 44.46 4.60
C VAL B 1082 -59.65 44.97 5.03
N SER B 1083 -60.68 44.25 4.60
CA SER B 1083 -62.05 44.61 4.91
C SER B 1083 -62.85 43.39 5.32
N ASN B 1084 -63.60 43.52 6.39
CA ASN B 1084 -64.64 42.56 6.73
C ASN B 1084 -65.88 42.90 5.90
N GLY B 1085 -67.03 42.31 6.25
CA GLY B 1085 -68.25 42.47 5.49
C GLY B 1085 -68.51 43.87 4.97
N THR B 1086 -68.33 44.90 5.81
CA THR B 1086 -68.74 46.25 5.46
C THR B 1086 -67.57 47.22 5.34
N HIS B 1087 -66.75 47.36 6.37
CA HIS B 1087 -65.80 48.47 6.47
C HIS B 1087 -64.42 48.07 6.00
N TRP B 1088 -63.62 49.09 5.65
CA TRP B 1088 -62.27 48.93 5.15
C TRP B 1088 -61.28 49.48 6.17
N PHE B 1089 -60.18 48.76 6.40
CA PHE B 1089 -59.13 49.19 7.30
C PHE B 1089 -57.77 48.88 6.70
N VAL B 1090 -56.73 49.43 7.31
CA VAL B 1090 -55.34 49.15 6.95
C VAL B 1090 -54.65 48.54 8.16
N THR B 1091 -54.00 47.40 7.97
CA THR B 1091 -53.40 46.66 9.06
C THR B 1091 -52.00 46.20 8.68
N GLN B 1092 -51.18 45.98 9.71
CA GLN B 1092 -49.86 45.41 9.50
C GLN B 1092 -49.98 43.97 8.99
N ARG B 1093 -49.00 43.56 8.19
CA ARG B 1093 -49.10 42.29 7.47
C ARG B 1093 -49.16 41.11 8.41
N ASN B 1094 -48.33 41.10 9.45
CA ASN B 1094 -48.12 39.91 10.27
C ASN B 1094 -48.99 39.88 11.51
N PHE B 1095 -49.89 40.85 11.68
CA PHE B 1095 -50.77 40.86 12.84
C PHE B 1095 -51.99 41.70 12.51
N TYR B 1096 -53.17 41.19 12.87
CA TYR B 1096 -54.42 41.87 12.55
C TYR B 1096 -54.64 42.99 13.57
N GLU B 1097 -54.27 44.21 13.19
CA GLU B 1097 -54.48 45.40 14.00
C GLU B 1097 -55.12 46.45 13.10
N PRO B 1098 -56.41 46.31 12.79
CA PRO B 1098 -57.04 47.23 11.83
C PRO B 1098 -56.99 48.67 12.32
N GLN B 1099 -56.75 49.58 11.38
CA GLN B 1099 -56.68 51.00 11.66
C GLN B 1099 -57.50 51.75 10.62
N ILE B 1100 -58.03 52.92 11.02
CA ILE B 1100 -58.78 53.75 10.09
C ILE B 1100 -57.84 54.21 8.98
N ILE B 1101 -58.32 54.13 7.75
CA ILE B 1101 -57.51 54.52 6.59
C ILE B 1101 -57.49 56.05 6.53
N THR B 1102 -56.30 56.63 6.73
CA THR B 1102 -56.10 58.06 6.72
C THR B 1102 -54.91 58.40 5.83
N THR B 1103 -54.71 59.70 5.61
CA THR B 1103 -53.57 60.16 4.83
C THR B 1103 -52.25 59.92 5.54
N ASP B 1104 -52.28 59.65 6.85
CA ASP B 1104 -51.03 59.40 7.59
C ASP B 1104 -50.44 58.03 7.26
N ASN B 1105 -51.29 57.01 7.15
CA ASN B 1105 -50.84 55.65 6.90
C ASN B 1105 -50.98 55.24 5.45
N THR B 1106 -51.27 56.18 4.54
CA THR B 1106 -51.35 55.89 3.12
C THR B 1106 -50.67 57.01 2.35
N PHE B 1107 -50.19 56.68 1.16
CA PHE B 1107 -49.56 57.64 0.27
C PHE B 1107 -50.22 57.59 -1.10
N VAL B 1108 -50.26 58.74 -1.76
CA VAL B 1108 -50.96 58.90 -3.03
C VAL B 1108 -49.95 58.77 -4.17
N SER B 1109 -50.38 58.10 -5.25
CA SER B 1109 -49.54 57.96 -6.43
C SER B 1109 -50.47 57.83 -7.64
N GLY B 1110 -50.68 58.93 -8.35
CA GLY B 1110 -51.47 58.92 -9.56
C GLY B 1110 -52.96 58.77 -9.28
N ASN B 1111 -53.72 58.76 -10.37
CA ASN B 1111 -55.16 58.58 -10.28
C ASN B 1111 -55.51 57.09 -10.20
N CYS B 1112 -56.80 56.82 -9.99
CA CYS B 1112 -57.29 55.47 -9.75
C CYS B 1112 -57.92 54.85 -11.00
N ASP B 1113 -57.39 55.17 -12.19
CA ASP B 1113 -57.86 54.57 -13.43
C ASP B 1113 -56.81 53.65 -14.05
N VAL B 1114 -55.74 53.35 -13.32
CA VAL B 1114 -54.66 52.50 -13.80
C VAL B 1114 -54.52 51.24 -12.97
N VAL B 1115 -54.64 51.34 -11.64
CA VAL B 1115 -54.49 50.18 -10.77
C VAL B 1115 -55.66 49.22 -11.00
N ILE B 1116 -55.35 47.93 -11.05
CA ILE B 1116 -56.36 46.90 -11.25
C ILE B 1116 -56.84 46.42 -9.90
N GLY B 1117 -58.14 46.54 -9.65
CA GLY B 1117 -58.73 46.14 -8.38
C GLY B 1117 -58.93 47.25 -7.37
N ILE B 1118 -58.70 48.51 -7.76
CA ILE B 1118 -58.89 49.60 -6.82
C ILE B 1118 -60.35 49.68 -6.40
N VAL B 1119 -60.58 50.01 -5.14
CA VAL B 1119 -61.91 49.98 -4.54
C VAL B 1119 -62.23 51.36 -3.96
N ASN B 1120 -63.48 51.78 -4.11
CA ASN B 1120 -63.92 53.05 -3.56
C ASN B 1120 -63.90 53.01 -2.04
N ASN B 1121 -63.48 54.12 -1.43
CA ASN B 1121 -63.47 54.27 0.01
C ASN B 1121 -63.05 55.70 0.34
N THR B 1122 -63.34 56.11 1.57
CA THR B 1122 -62.98 57.45 2.04
C THR B 1122 -61.69 57.39 2.85
N VAL B 1123 -60.76 58.30 2.54
CA VAL B 1123 -59.52 58.42 3.28
C VAL B 1123 -59.65 59.57 4.25
N TYR B 1124 -59.97 59.28 5.50
CA TYR B 1124 -60.23 60.32 6.48
C TYR B 1124 -59.00 61.17 6.70
N ASP B 1125 -59.19 62.49 6.70
CA ASP B 1125 -58.11 63.44 6.90
C ASP B 1125 -58.11 63.90 8.36
N PRO B 1126 -57.00 63.73 9.10
CA PRO B 1126 -57.02 64.11 10.53
C PRO B 1126 -56.93 65.61 10.77
N LEU B 1127 -57.04 66.41 9.71
CA LEU B 1127 -56.95 67.86 9.84
C LEU B 1127 -58.31 68.52 9.99
N GLN B 1128 -59.36 67.94 9.41
CA GLN B 1128 -60.67 68.58 9.44
C GLN B 1128 -61.18 68.83 10.86
N PRO B 1129 -61.08 67.89 11.80
CA PRO B 1129 -61.58 68.18 13.16
C PRO B 1129 -60.94 69.40 13.79
N GLU B 1130 -59.63 69.59 13.59
CA GLU B 1130 -58.96 70.77 14.13
C GLU B 1130 -59.39 72.04 13.42
N LEU B 1131 -59.56 71.97 12.09
CA LEU B 1131 -60.02 73.13 11.35
C LEU B 1131 -61.39 73.58 11.82
N ASP B 1132 -62.31 72.62 12.02
CA ASP B 1132 -63.65 72.96 12.48
C ASP B 1132 -63.62 73.59 13.87
N SER B 1133 -62.81 73.03 14.77
CA SER B 1133 -62.71 73.54 16.13
C SER B 1133 -61.50 74.45 16.28
N CYS C 1 65.43 1.96 21.87
CA CYS C 1 65.43 2.82 23.06
C CYS C 1 64.75 2.09 24.22
N VAL C 2 64.92 2.61 25.44
CA VAL C 2 64.38 2.00 26.64
C VAL C 2 63.46 2.99 27.33
N ASN C 3 62.92 2.61 28.49
CA ASN C 3 62.03 3.49 29.23
C ASN C 3 62.70 4.84 29.47
N LEU C 4 61.97 5.91 29.18
CA LEU C 4 62.48 7.25 29.40
C LEU C 4 62.40 7.61 30.88
N THR C 5 63.43 8.32 31.36
CA THR C 5 63.50 8.71 32.75
C THR C 5 62.73 10.01 32.99
N THR C 6 62.52 10.31 34.27
CA THR C 6 61.81 11.53 34.69
C THR C 6 60.39 11.54 34.13
N ARG C 7 59.63 10.51 34.50
CA ARG C 7 58.22 10.37 34.10
C ARG C 7 57.36 10.82 35.27
N THR C 8 56.87 12.06 35.20
CA THR C 8 56.01 12.63 36.23
C THR C 8 54.57 12.61 35.72
N GLN C 9 53.68 12.02 36.51
CA GLN C 9 52.28 11.85 36.14
C GLN C 9 51.38 12.46 37.20
N LEU C 10 50.33 13.13 36.75
CA LEU C 10 49.31 13.71 37.62
C LEU C 10 47.96 13.41 37.00
N PRO C 11 46.88 13.52 37.78
CA PRO C 11 45.55 13.17 37.26
C PRO C 11 45.23 13.99 36.02
N PRO C 12 44.63 13.37 35.00
CA PRO C 12 44.36 14.09 33.76
C PRO C 12 43.34 15.20 33.97
N ALA C 13 43.49 16.26 33.18
CA ALA C 13 42.58 17.39 33.18
C ALA C 13 41.63 17.30 31.99
N TYR C 14 40.49 17.99 32.12
CA TYR C 14 39.48 18.02 31.07
C TYR C 14 39.03 19.45 30.84
N THR C 15 38.66 19.74 29.58
CA THR C 15 38.18 21.05 29.22
C THR C 15 36.93 20.91 28.36
N ASN C 16 36.30 22.05 28.07
CA ASN C 16 35.06 22.06 27.30
C ASN C 16 35.36 22.05 25.82
N SER C 17 34.70 21.16 25.08
CA SER C 17 34.93 21.07 23.64
C SER C 17 34.20 22.16 22.87
N PHE C 18 33.20 22.79 23.46
CA PHE C 18 32.41 23.80 22.77
C PHE C 18 31.84 23.23 21.48
N THR C 19 31.84 24.00 20.39
CA THR C 19 31.31 23.55 19.10
C THR C 19 32.38 22.95 18.22
N ARG C 20 33.62 22.86 18.70
CA ARG C 20 34.71 22.32 17.89
C ARG C 20 34.49 20.83 17.62
N GLY C 21 34.90 20.38 16.44
CA GLY C 21 34.82 18.97 16.10
C GLY C 21 33.76 18.66 15.06
N VAL C 22 33.57 19.55 14.09
CA VAL C 22 32.62 19.36 13.01
C VAL C 22 33.40 19.28 11.69
N TYR C 23 33.12 18.25 10.91
CA TYR C 23 33.82 18.00 9.66
C TYR C 23 32.79 17.68 8.57
N TYR C 24 33.17 17.94 7.33
CA TYR C 24 32.30 17.65 6.20
C TYR C 24 32.14 16.14 6.05
N PRO C 25 30.97 15.57 6.30
CA PRO C 25 30.83 14.11 6.22
C PRO C 25 31.11 13.55 4.83
N ASP C 26 30.85 14.31 3.77
CA ASP C 26 31.05 13.82 2.42
C ASP C 26 31.47 14.98 1.52
N LYS C 27 32.03 14.63 0.37
CA LYS C 27 32.49 15.62 -0.62
C LYS C 27 31.36 16.05 -1.54
N VAL C 28 30.28 16.57 -0.96
CA VAL C 28 29.10 16.99 -1.70
C VAL C 28 28.88 18.48 -1.42
N PHE C 29 28.74 19.26 -2.48
CA PHE C 29 28.50 20.69 -2.35
C PHE C 29 27.03 20.94 -1.99
N ARG C 30 26.82 22.00 -1.20
CA ARG C 30 25.47 22.41 -0.82
C ARG C 30 25.49 23.91 -0.56
N SER C 31 24.44 24.59 -1.00
CA SER C 31 24.36 26.05 -0.98
C SER C 31 23.15 26.48 -0.17
N SER C 32 23.38 27.10 0.98
CA SER C 32 22.33 27.73 1.78
C SER C 32 21.21 26.74 2.09
N VAL C 33 21.57 25.63 2.73
CA VAL C 33 20.60 24.60 3.08
C VAL C 33 20.97 23.98 4.43
N LEU C 34 19.97 23.41 5.09
CA LEU C 34 20.14 22.70 6.35
C LEU C 34 20.04 21.21 6.09
N HIS C 35 21.10 20.47 6.41
CA HIS C 35 21.17 19.04 6.13
C HIS C 35 21.34 18.28 7.43
N SER C 36 20.53 17.25 7.63
CA SER C 36 20.61 16.37 8.80
C SER C 36 21.40 15.13 8.42
N THR C 37 22.51 14.90 9.13
CA THR C 37 23.39 13.77 8.83
C THR C 37 23.68 13.00 10.11
N GLN C 38 23.53 11.68 10.06
CA GLN C 38 23.76 10.80 11.20
C GLN C 38 25.09 10.09 10.98
N ASP C 39 26.15 10.60 11.61
CA ASP C 39 27.50 10.05 11.43
C ASP C 39 28.24 10.18 12.75
N LEU C 40 29.53 9.86 12.74
CA LEU C 40 30.35 9.95 13.93
C LEU C 40 30.79 11.39 14.14
N PHE C 41 30.35 12.01 15.24
CA PHE C 41 30.70 13.37 15.57
C PHE C 41 31.12 13.46 17.03
N LEU C 42 31.88 14.52 17.35
CA LEU C 42 32.21 14.83 18.73
C LEU C 42 31.04 15.57 19.35
N PRO C 43 30.44 15.07 20.43
CA PRO C 43 29.27 15.76 21.00
C PRO C 43 29.60 17.19 21.40
N PHE C 44 28.63 18.08 21.19
CA PHE C 44 28.78 19.47 21.61
C PHE C 44 28.92 19.56 23.12
N PHE C 45 29.83 20.42 23.57
CA PHE C 45 30.06 20.65 24.99
C PHE C 45 30.34 19.32 25.71
N SER C 46 31.42 18.68 25.29
CA SER C 46 31.85 17.41 25.86
C SER C 46 33.23 17.57 26.50
N ASN C 47 33.43 16.87 27.61
CA ASN C 47 34.70 16.90 28.33
C ASN C 47 35.77 16.26 27.45
N VAL C 48 36.79 17.04 27.10
CA VAL C 48 37.89 16.60 26.25
C VAL C 48 39.16 16.60 27.07
N THR C 49 39.91 15.49 26.98
CA THR C 49 41.09 15.31 27.81
C THR C 49 42.21 16.26 27.39
N TRP C 50 43.04 16.63 28.35
CA TRP C 50 44.05 17.66 28.22
C TRP C 50 45.44 17.06 28.44
N PHE C 51 46.42 17.48 27.63
CA PHE C 51 47.80 17.09 27.84
C PHE C 51 48.68 18.27 27.44
N HIS C 52 49.31 18.90 28.42
CA HIS C 52 50.18 20.05 28.19
C HIS C 52 51.60 19.71 28.62
N ALA C 53 52.55 19.95 27.72
CA ALA C 53 53.97 19.74 27.98
C ALA C 53 54.64 21.11 28.13
N ILE C 54 55.22 21.36 29.30
CA ILE C 54 55.85 22.64 29.59
C ILE C 54 56.83 22.44 30.72
N HIS C 55 57.93 23.19 30.68
CA HIS C 55 58.93 23.18 31.74
C HIS C 55 58.66 24.40 32.64
N VAL C 56 58.04 24.13 33.79
CA VAL C 56 57.66 25.22 34.69
C VAL C 56 58.92 25.84 35.28
N SER C 57 58.99 27.17 35.23
CA SER C 57 60.15 27.87 35.79
C SER C 57 60.22 27.66 37.29
N GLY C 58 61.44 27.53 37.80
CA GLY C 58 61.67 27.32 39.22
C GLY C 58 61.73 25.84 39.57
N THR C 59 62.28 25.57 40.75
CA THR C 59 62.43 24.20 41.22
C THR C 59 61.13 23.62 41.76
N ASN C 60 60.14 24.46 42.08
CA ASN C 60 58.88 23.97 42.61
C ASN C 60 57.99 23.35 41.54
N GLY C 61 58.24 23.67 40.26
CA GLY C 61 57.43 23.14 39.18
C GLY C 61 57.91 21.78 38.71
N THR C 62 57.18 21.23 37.74
CA THR C 62 57.49 19.93 37.15
C THR C 62 57.40 20.03 35.63
N LYS C 63 58.29 19.30 34.96
CA LYS C 63 58.30 19.23 33.50
C LYS C 63 57.65 17.93 33.07
N ARG C 64 56.69 18.02 32.15
CA ARG C 64 55.90 16.87 31.73
C ARG C 64 56.40 16.34 30.38
N PHE C 65 56.57 15.03 30.32
CA PHE C 65 56.87 14.32 29.08
C PHE C 65 55.63 13.61 28.56
N ASP C 66 54.47 14.26 28.71
CA ASP C 66 53.19 13.60 28.49
C ASP C 66 53.09 13.01 27.09
N ASN C 67 53.07 11.68 27.02
CA ASN C 67 52.76 10.98 25.79
C ASN C 67 52.05 9.66 26.11
N PRO C 68 50.95 9.70 26.86
CA PRO C 68 50.26 8.44 27.17
C PRO C 68 49.69 7.80 25.92
N VAL C 69 49.62 6.47 25.94
CA VAL C 69 48.98 5.72 24.87
C VAL C 69 47.48 5.66 25.16
N LEU C 70 46.69 6.18 24.23
CA LEU C 70 45.25 6.32 24.43
C LEU C 70 44.49 5.37 23.51
N PRO C 71 43.31 4.90 23.90
CA PRO C 71 42.51 4.06 23.01
C PRO C 71 42.00 4.85 21.81
N PHE C 72 41.67 4.12 20.75
CA PHE C 72 41.16 4.72 19.53
C PHE C 72 39.65 4.80 19.47
N ASN C 73 38.95 3.82 20.03
CA ASN C 73 37.48 3.76 19.97
C ASN C 73 37.08 3.78 18.50
N ASP C 74 35.99 4.45 18.13
CA ASP C 74 35.53 4.50 16.75
C ASP C 74 36.01 5.74 16.01
N GLY C 75 36.78 6.60 16.67
CA GLY C 75 37.30 7.80 16.03
C GLY C 75 37.96 8.71 17.03
N VAL C 76 38.77 9.66 16.57
CA VAL C 76 39.52 10.55 17.45
C VAL C 76 39.44 11.97 16.91
N TYR C 77 39.30 12.94 17.81
CA TYR C 77 39.40 14.35 17.50
C TYR C 77 40.57 14.91 18.28
N PHE C 78 41.61 15.35 17.56
CA PHE C 78 42.82 15.87 18.17
C PHE C 78 42.92 17.36 17.91
N ALA C 79 43.27 18.13 18.93
CA ALA C 79 43.47 19.56 18.79
C ALA C 79 44.78 19.94 19.47
N SER C 80 45.42 20.98 18.97
CA SER C 80 46.63 21.45 19.62
C SER C 80 46.85 22.94 19.37
N THR C 81 47.28 23.64 20.42
CA THR C 81 47.67 25.04 20.37
C THR C 81 49.20 25.10 20.36
N GLU C 82 49.78 25.72 19.35
CA GLU C 82 51.23 25.74 19.23
C GLU C 82 51.68 26.98 18.47
N LYS C 83 52.98 27.27 18.59
CA LYS C 83 53.64 28.24 17.75
C LYS C 83 55.03 27.79 17.30
N SER C 84 55.48 26.61 17.74
CA SER C 84 56.81 26.12 17.39
C SER C 84 56.80 24.70 16.83
N ASN C 85 55.63 24.08 16.66
CA ASN C 85 55.51 22.75 16.07
C ASN C 85 56.29 21.71 16.89
N ILE C 86 55.83 21.53 18.14
CA ILE C 86 56.40 20.49 18.98
C ILE C 86 55.77 19.14 18.66
N ILE C 87 54.44 19.10 18.56
CA ILE C 87 53.77 17.88 18.11
C ILE C 87 54.11 17.65 16.65
N ARG C 88 54.51 16.42 16.33
CA ARG C 88 55.04 16.11 15.01
C ARG C 88 54.36 14.94 14.30
N GLY C 89 53.67 14.04 15.00
CA GLY C 89 53.06 12.93 14.31
C GLY C 89 52.33 12.01 15.27
N TRP C 90 51.85 10.91 14.71
CA TRP C 90 51.06 9.92 15.45
C TRP C 90 51.43 8.52 15.00
N ILE C 91 51.13 7.57 15.87
CA ILE C 91 51.23 6.14 15.58
C ILE C 91 49.88 5.51 15.90
N PHE C 92 49.32 4.78 14.94
CA PHE C 92 48.02 4.13 15.09
C PHE C 92 48.20 2.63 14.97
N GLY C 93 47.62 1.88 15.89
CA GLY C 93 47.74 0.44 15.83
C GLY C 93 46.93 -0.24 16.92
N THR C 94 47.01 -1.57 16.92
CA THR C 94 46.32 -2.40 17.90
C THR C 94 47.24 -3.00 18.94
N THR C 95 48.52 -3.22 18.62
CA THR C 95 49.47 -3.78 19.55
C THR C 95 50.75 -2.98 19.69
N LEU C 96 51.03 -2.04 18.78
CA LEU C 96 52.24 -1.21 18.84
C LEU C 96 53.50 -2.06 18.88
N ASP C 97 53.52 -3.15 18.11
CA ASP C 97 54.67 -4.03 18.03
C ASP C 97 54.72 -4.63 16.63
N SER C 98 55.67 -5.54 16.41
CA SER C 98 55.84 -6.18 15.12
C SER C 98 54.85 -7.32 14.89
N LYS C 99 54.12 -7.76 15.92
CA LYS C 99 53.18 -8.85 15.74
C LYS C 99 52.06 -8.47 14.78
N THR C 100 51.57 -7.24 14.88
CA THR C 100 50.47 -6.75 14.05
C THR C 100 50.88 -5.49 13.33
N GLN C 101 50.30 -5.29 12.15
CA GLN C 101 50.61 -4.11 11.34
C GLN C 101 50.07 -2.84 12.01
N SER C 102 50.82 -1.75 11.83
CA SER C 102 50.43 -0.44 12.35
C SER C 102 50.75 0.59 11.28
N LEU C 103 50.40 1.85 11.56
CA LEU C 103 50.70 2.94 10.64
C LEU C 103 51.24 4.12 11.42
N LEU C 104 52.02 4.95 10.73
CA LEU C 104 52.71 6.07 11.35
C LEU C 104 52.66 7.27 10.42
N ILE C 105 52.45 8.45 11.01
CA ILE C 105 52.56 9.72 10.30
C ILE C 105 53.50 10.60 11.11
N VAL C 106 54.39 11.32 10.43
CA VAL C 106 55.38 12.12 11.15
C VAL C 106 55.85 13.25 10.25
N ASN C 107 55.94 14.46 10.83
CA ASN C 107 56.57 15.60 10.20
C ASN C 107 57.92 15.81 10.86
N ASN C 108 59.00 15.60 10.10
CA ASN C 108 60.36 15.66 10.64
C ASN C 108 61.00 17.02 10.44
N ALA C 109 60.20 18.09 10.44
CA ALA C 109 60.63 19.48 10.26
C ALA C 109 61.08 19.76 8.82
N THR C 110 61.09 18.76 7.94
CA THR C 110 61.44 18.97 6.54
C THR C 110 60.50 18.27 5.57
N ASN C 111 59.81 17.21 5.98
CA ASN C 111 58.91 16.48 5.09
C ASN C 111 57.85 15.79 5.92
N VAL C 112 56.77 15.39 5.26
CA VAL C 112 55.68 14.65 5.88
C VAL C 112 55.79 13.21 5.37
N VAL C 113 56.01 12.28 6.30
CA VAL C 113 56.21 10.87 5.98
C VAL C 113 55.07 10.08 6.56
N ILE C 114 54.40 9.30 5.71
CA ILE C 114 53.32 8.40 6.10
C ILE C 114 53.74 6.99 5.70
N LYS C 115 53.68 6.06 6.66
CA LYS C 115 54.11 4.69 6.42
C LYS C 115 53.11 3.74 7.05
N VAL C 116 53.04 2.53 6.49
CA VAL C 116 52.21 1.45 7.02
C VAL C 116 53.09 0.22 7.12
N CYS C 117 53.49 -0.13 8.36
CA CYS C 117 54.38 -1.25 8.58
C CYS C 117 54.12 -1.81 9.97
N GLU C 118 54.63 -3.02 10.21
CA GLU C 118 54.60 -3.62 11.55
C GLU C 118 55.84 -3.21 12.34
N PHE C 119 55.95 -1.92 12.59
CA PHE C 119 57.10 -1.38 13.30
C PHE C 119 57.19 -2.00 14.69
N GLN C 120 58.34 -1.79 15.33
CA GLN C 120 58.56 -2.16 16.72
C GLN C 120 58.78 -0.86 17.49
N PHE C 121 57.67 -0.26 17.91
CA PHE C 121 57.73 1.06 18.55
C PHE C 121 58.34 0.96 19.95
N CYS C 122 59.05 2.01 20.32
CA CYS C 122 59.60 2.11 21.67
C CYS C 122 58.50 2.48 22.66
N ASN C 123 58.82 2.34 23.95
CA ASN C 123 57.85 2.67 24.98
C ASN C 123 57.65 4.17 25.13
N ASP C 124 58.62 4.98 24.68
CA ASP C 124 58.52 6.45 24.70
C ASP C 124 58.96 6.99 23.35
N PRO C 125 58.16 6.79 22.30
CA PRO C 125 58.55 7.32 20.98
C PRO C 125 58.43 8.83 20.93
N PHE C 126 59.42 9.47 20.29
CA PHE C 126 59.41 10.91 20.09
C PHE C 126 60.62 11.25 19.22
N LEU C 127 60.72 12.54 18.87
CA LEU C 127 61.83 13.07 18.10
C LEU C 127 62.66 14.00 18.97
N GLY C 128 63.97 13.89 18.87
CA GLY C 128 64.89 14.72 19.65
C GLY C 128 65.39 15.90 18.84
N VAL C 129 65.37 17.08 19.45
CA VAL C 129 65.85 18.31 18.83
C VAL C 129 67.28 18.53 19.26
N TYR C 130 68.19 18.64 18.29
CA TYR C 130 69.62 18.78 18.54
C TYR C 130 70.08 20.11 17.96
N TYR C 131 70.73 20.93 18.78
CA TYR C 131 71.21 22.25 18.36
C TYR C 131 72.73 22.18 18.22
N HIS C 132 73.19 21.60 17.11
CA HIS C 132 74.62 21.64 16.81
C HIS C 132 75.17 23.04 16.93
N LYS C 133 76.29 23.13 17.65
CA LYS C 133 77.00 24.39 17.85
C LYS C 133 77.89 24.76 16.67
N ASN C 134 78.21 23.79 15.81
CA ASN C 134 79.01 24.11 14.63
C ASN C 134 78.26 25.05 13.71
N ASN C 135 76.96 24.82 13.52
CA ASN C 135 76.11 25.71 12.74
C ASN C 135 75.19 26.58 13.59
N LYS C 136 74.97 26.20 14.85
CA LYS C 136 74.12 26.97 15.76
C LYS C 136 72.72 27.16 15.20
N SER C 137 72.04 26.03 14.99
CA SER C 137 70.68 26.05 14.46
C SER C 137 69.92 24.84 14.97
N TRP C 138 68.60 24.94 14.97
CA TRP C 138 67.76 23.83 15.42
C TRP C 138 67.67 22.76 14.34
N MET C 139 67.81 21.50 14.74
CA MET C 139 67.64 20.40 13.81
C MET C 139 67.34 19.14 14.64
N GLU C 140 66.98 18.08 13.95
CA GLU C 140 66.65 16.80 14.57
C GLU C 140 67.68 15.76 14.17
N SER C 141 68.26 15.09 15.18
CA SER C 141 69.22 14.03 14.95
C SER C 141 68.92 12.78 15.75
N GLU C 142 67.86 12.75 16.55
CA GLU C 142 67.51 11.60 17.37
C GLU C 142 66.12 11.11 16.95
N PHE C 143 66.10 10.11 16.07
CA PHE C 143 64.86 9.46 15.63
C PHE C 143 64.72 8.15 16.39
N ARG C 144 64.30 8.24 17.65
CA ARG C 144 64.12 7.08 18.52
C ARG C 144 62.65 6.72 18.68
N VAL C 145 61.87 6.89 17.62
CA VAL C 145 60.44 6.55 17.68
C VAL C 145 60.25 5.04 17.76
N TYR C 146 60.87 4.31 16.85
CA TYR C 146 60.76 2.87 16.81
C TYR C 146 62.14 2.26 16.61
N SER C 147 62.31 1.02 17.09
CA SER C 147 63.61 0.36 16.99
C SER C 147 63.88 -0.10 15.57
N SER C 148 62.87 -0.65 14.89
CA SER C 148 63.06 -1.18 13.54
C SER C 148 61.75 -1.08 12.77
N ALA C 149 61.88 -1.11 11.44
CA ALA C 149 60.74 -1.11 10.53
C ALA C 149 60.91 -2.24 9.52
N ASN C 150 59.81 -2.92 9.22
CA ASN C 150 59.85 -4.02 8.27
C ASN C 150 58.44 -4.29 7.77
N ASN C 151 58.37 -4.99 6.63
CA ASN C 151 57.09 -5.42 6.05
C ASN C 151 56.24 -4.22 5.65
N CYS C 152 56.85 -3.30 4.92
CA CYS C 152 56.15 -2.09 4.47
C CYS C 152 55.09 -2.45 3.43
N THR C 153 53.98 -1.72 3.48
CA THR C 153 52.89 -1.89 2.53
C THR C 153 52.50 -0.59 1.85
N PHE C 154 52.54 0.54 2.56
CA PHE C 154 52.22 1.84 1.98
C PHE C 154 53.24 2.85 2.48
N GLU C 155 53.68 3.73 1.58
CA GLU C 155 54.66 4.75 1.91
C GLU C 155 54.36 6.00 1.10
N TYR C 156 54.60 7.16 1.73
CA TYR C 156 54.32 8.43 1.10
C TYR C 156 55.19 9.51 1.73
N VAL C 157 55.77 10.36 0.89
CA VAL C 157 56.61 11.47 1.33
C VAL C 157 56.18 12.73 0.61
N SER C 158 56.17 13.85 1.31
CA SER C 158 55.74 15.13 0.77
C SER C 158 56.95 15.97 0.35
N GLN C 159 56.64 17.11 -0.27
CA GLN C 159 57.68 18.05 -0.67
C GLN C 159 58.27 18.74 0.56
N PRO C 160 59.44 19.37 0.41
CA PRO C 160 60.07 20.04 1.56
C PRO C 160 59.11 20.95 2.31
N PHE C 161 58.83 20.59 3.57
CA PHE C 161 57.89 21.32 4.42
C PHE C 161 58.56 21.59 5.75
N LEU C 162 58.94 22.84 6.00
CA LEU C 162 59.66 23.21 7.20
C LEU C 162 59.11 24.50 7.77
N MET C 163 59.29 24.67 9.08
CA MET C 163 58.92 25.90 9.76
C MET C 163 59.91 26.13 10.90
N ASP C 164 60.01 27.38 11.34
CA ASP C 164 60.98 27.73 12.37
C ASP C 164 60.74 26.90 13.63
N LEU C 165 61.80 26.34 14.18
CA LEU C 165 61.74 25.51 15.37
C LEU C 165 62.12 26.27 16.64
N GLU C 166 62.28 27.58 16.56
CA GLU C 166 62.66 28.36 17.74
C GLU C 166 61.61 28.23 18.82
N GLY C 167 62.06 28.10 20.07
CA GLY C 167 61.16 28.00 21.19
C GLY C 167 60.68 29.36 21.67
N LYS C 168 60.16 30.16 20.73
CA LYS C 168 59.69 31.49 21.07
C LYS C 168 58.52 31.42 22.03
N GLN C 169 58.46 32.39 22.94
CA GLN C 169 57.40 32.47 23.93
C GLN C 169 56.34 33.46 23.48
N GLY C 170 55.25 33.54 24.24
CA GLY C 170 54.14 34.42 23.96
C GLY C 170 52.85 33.65 23.76
N ASN C 171 51.81 34.40 23.43
CA ASN C 171 50.50 33.79 23.20
C ASN C 171 50.57 32.81 22.04
N PHE C 172 49.95 31.64 22.23
CA PHE C 172 49.95 30.63 21.19
C PHE C 172 49.35 31.20 19.91
N LYS C 173 50.03 30.97 18.79
CA LYS C 173 49.68 31.61 17.53
C LYS C 173 48.77 30.77 16.65
N ASN C 174 48.97 29.46 16.59
CA ASN C 174 48.18 28.62 15.69
C ASN C 174 47.43 27.55 16.49
N LEU C 175 46.22 27.26 16.01
CA LEU C 175 45.38 26.17 16.52
C LEU C 175 45.15 25.21 15.38
N ARG C 176 45.40 23.93 15.62
CA ARG C 176 45.34 22.92 14.57
C ARG C 176 44.49 21.74 15.05
N GLU C 177 43.52 21.34 14.22
CA GLU C 177 42.59 20.27 14.53
C GLU C 177 42.70 19.17 13.49
N PHE C 178 42.69 17.92 13.95
CA PHE C 178 42.57 16.75 13.10
C PHE C 178 41.43 15.88 13.58
N VAL C 179 40.83 15.15 12.64
CA VAL C 179 39.80 14.16 12.93
C VAL C 179 40.17 12.87 12.21
N PHE C 180 40.35 11.80 12.97
CA PHE C 180 40.78 10.50 12.44
C PHE C 180 39.63 9.50 12.57
N LYS C 181 39.30 8.84 11.46
CA LYS C 181 38.29 7.80 11.44
C LYS C 181 38.81 6.59 10.69
N ASN C 182 38.41 5.40 11.15
CA ASN C 182 38.77 4.14 10.51
C ASN C 182 37.54 3.25 10.47
N ILE C 183 37.14 2.83 9.27
CA ILE C 183 36.00 1.93 9.12
C ILE C 183 36.02 1.37 7.71
N ASP C 184 35.46 0.17 7.54
CA ASP C 184 35.38 -0.49 6.24
C ASP C 184 36.77 -0.67 5.63
N GLY C 185 37.76 -0.87 6.49
CA GLY C 185 39.14 -0.94 6.02
C GLY C 185 39.54 0.30 5.26
N TYR C 186 39.20 1.47 5.78
CA TYR C 186 39.34 2.72 5.04
C TYR C 186 39.46 3.85 6.05
N PHE C 187 40.43 4.73 5.84
CA PHE C 187 40.85 5.71 6.85
C PHE C 187 40.66 7.12 6.32
N LYS C 188 40.00 7.95 7.13
CA LYS C 188 39.79 9.36 6.83
C LYS C 188 40.55 10.21 7.84
N ILE C 189 41.18 11.29 7.35
CA ILE C 189 41.82 12.27 8.21
C ILE C 189 41.40 13.65 7.71
N TYR C 190 40.55 14.33 8.48
CA TYR C 190 40.15 15.70 8.21
C TYR C 190 41.01 16.65 9.03
N SER C 191 41.15 17.88 8.54
CA SER C 191 42.11 18.80 9.13
C SER C 191 41.58 20.23 9.04
N LYS C 192 42.09 21.07 9.94
CA LYS C 192 41.80 22.49 9.91
C LYS C 192 42.88 23.24 10.68
N HIS C 193 43.19 24.45 10.22
CA HIS C 193 44.17 25.32 10.86
C HIS C 193 43.56 26.71 11.01
N THR C 194 43.80 27.33 12.16
CA THR C 194 43.27 28.66 12.44
C THR C 194 44.31 29.48 13.19
N PRO C 195 44.27 30.80 13.07
CA PRO C 195 45.12 31.65 13.92
C PRO C 195 44.41 32.05 15.20
N ILE C 196 45.14 31.97 16.31
CA ILE C 196 44.60 32.31 17.63
C ILE C 196 45.59 33.23 18.33
N ASN C 197 45.04 34.05 19.23
CA ASN C 197 45.85 34.95 20.06
C ASN C 197 45.71 34.64 21.54
N LEU C 198 45.13 33.49 21.89
CA LEU C 198 44.92 33.12 23.29
C LEU C 198 46.12 32.34 23.82
N VAL C 199 46.04 31.97 25.09
CA VAL C 199 47.09 31.19 25.74
C VAL C 199 46.58 29.89 26.34
N ARG C 200 45.27 29.72 26.49
CA ARG C 200 44.71 28.54 27.13
C ARG C 200 43.32 28.27 26.60
N ASP C 201 42.91 27.01 26.68
CA ASP C 201 41.55 26.60 26.29
C ASP C 201 41.29 26.87 24.80
N LEU C 202 40.06 26.62 24.37
CA LEU C 202 39.64 26.81 23.00
C LEU C 202 38.85 28.12 22.83
N PRO C 203 38.82 28.68 21.63
CA PRO C 203 37.89 29.78 21.36
C PRO C 203 36.46 29.26 21.20
N GLN C 204 35.52 30.20 21.31
CA GLN C 204 34.10 29.87 21.20
C GLN C 204 33.60 29.92 19.76
N GLY C 205 34.47 30.18 18.79
CA GLY C 205 34.05 30.21 17.41
C GLY C 205 33.84 28.81 16.84
N PHE C 206 33.31 28.79 15.62
CA PHE C 206 33.00 27.55 14.92
C PHE C 206 33.77 27.49 13.60
N SER C 207 34.32 26.32 13.30
CA SER C 207 35.10 26.14 12.07
C SER C 207 35.01 24.68 11.65
N ALA C 208 34.55 24.44 10.43
CA ALA C 208 34.46 23.09 9.91
C ALA C 208 35.84 22.57 9.55
N LEU C 209 35.98 21.24 9.56
CA LEU C 209 37.25 20.56 9.30
C LEU C 209 37.13 19.84 7.96
N GLU C 210 38.01 20.17 7.02
CA GLU C 210 37.95 19.58 5.70
C GLU C 210 38.77 18.29 5.65
N PRO C 211 38.42 17.36 4.76
CA PRO C 211 39.27 16.19 4.56
C PRO C 211 40.65 16.58 4.05
N LEU C 212 41.66 15.87 4.54
CA LEU C 212 43.04 16.15 4.11
C LEU C 212 43.73 14.89 3.61
N VAL C 213 43.47 13.75 4.24
CA VAL C 213 44.13 12.50 3.85
C VAL C 213 43.10 11.38 3.79
N ASP C 214 43.21 10.57 2.73
CA ASP C 214 42.37 9.38 2.55
C ASP C 214 43.31 8.21 2.33
N LEU C 215 43.10 7.11 3.06
CA LEU C 215 43.99 5.96 2.99
C LEU C 215 43.18 4.66 2.99
N PRO C 216 43.06 3.99 1.85
CA PRO C 216 42.44 2.65 1.86
C PRO C 216 43.31 1.62 2.58
N ILE C 217 43.33 1.67 3.91
CA ILE C 217 44.13 0.76 4.72
C ILE C 217 43.19 -0.11 5.54
N GLY C 218 43.41 -1.42 5.48
CA GLY C 218 42.51 -2.37 6.11
C GLY C 218 42.95 -2.86 7.47
N ILE C 219 43.87 -2.12 8.11
CA ILE C 219 44.37 -2.51 9.42
C ILE C 219 43.38 -2.07 10.50
N ASN C 220 43.20 -2.92 11.50
CA ASN C 220 42.32 -2.59 12.63
C ASN C 220 43.10 -1.75 13.64
N ILE C 221 42.54 -0.59 13.98
CA ILE C 221 43.18 0.35 14.89
C ILE C 221 42.34 0.42 16.16
N THR C 222 42.98 0.20 17.30
CA THR C 222 42.30 0.28 18.60
C THR C 222 42.98 1.23 19.57
N ARG C 223 44.18 1.69 19.28
CA ARG C 223 44.88 2.61 20.17
C ARG C 223 45.91 3.39 19.37
N PHE C 224 46.42 4.46 19.99
CA PHE C 224 47.30 5.38 19.29
C PHE C 224 48.22 6.08 20.29
N GLN C 225 49.29 6.66 19.74
CA GLN C 225 50.23 7.47 20.50
C GLN C 225 50.58 8.71 19.69
N THR C 226 50.95 9.77 20.40
CA THR C 226 51.36 11.03 19.79
C THR C 226 52.87 11.19 19.94
N LEU C 227 53.45 12.04 19.08
CA LEU C 227 54.89 12.27 19.07
C LEU C 227 55.17 13.72 19.45
N LEU C 228 56.16 13.91 20.32
CA LEU C 228 56.57 15.23 20.77
C LEU C 228 58.00 15.49 20.31
N ALA C 229 58.38 16.76 20.33
CA ALA C 229 59.74 17.19 19.97
C ALA C 229 60.44 17.61 21.26
N LEU C 230 61.22 16.69 21.82
CA LEU C 230 61.91 16.92 23.08
C LEU C 230 63.32 17.44 22.82
N HIS C 231 63.59 18.66 23.26
CA HIS C 231 64.93 19.22 23.12
C HIS C 231 65.88 18.57 24.10
N ARG C 232 67.13 18.40 23.67
CA ARG C 232 68.16 17.79 24.51
C ARG C 232 68.61 18.81 25.55
N SER C 233 68.33 18.53 26.82
CA SER C 233 68.69 19.48 27.88
C SER C 233 70.19 19.68 27.95
N TYR C 234 70.96 18.61 27.71
CA TYR C 234 72.42 18.74 27.76
C TYR C 234 72.93 19.72 26.70
N LEU C 235 72.32 19.72 25.53
CA LEU C 235 72.79 20.51 24.38
C LEU C 235 71.65 21.37 23.84
N THR C 236 70.99 22.10 24.73
CA THR C 236 70.02 23.13 24.36
C THR C 236 70.53 24.50 24.77
N PRO C 237 70.27 25.55 24.01
CA PRO C 237 70.74 26.88 24.42
C PRO C 237 70.24 27.23 25.80
N GLY C 238 71.14 27.77 26.62
CA GLY C 238 70.81 28.08 28.00
C GLY C 238 70.90 26.88 28.91
N ASP C 239 70.07 25.87 28.66
CA ASP C 239 70.07 24.67 29.48
C ASP C 239 71.35 23.86 29.26
N SER C 240 71.85 23.25 30.33
CA SER C 240 73.06 22.44 30.26
C SER C 240 72.95 21.10 30.96
N SER C 241 72.00 20.93 31.90
CA SER C 241 71.88 19.66 32.62
C SER C 241 71.43 18.56 31.67
N SER C 242 71.95 17.35 31.91
CA SER C 242 71.57 16.21 31.09
C SER C 242 70.09 15.89 31.26
N GLY C 243 69.44 15.51 30.17
CA GLY C 243 68.04 15.17 30.17
C GLY C 243 67.38 15.70 28.92
N TRP C 244 66.05 15.66 28.91
CA TRP C 244 65.24 16.15 27.80
C TRP C 244 64.14 17.03 28.33
N THR C 245 63.79 18.06 27.56
CA THR C 245 62.77 19.03 27.95
C THR C 245 61.75 19.19 26.84
N ALA C 246 60.48 19.28 27.23
CA ALA C 246 59.38 19.43 26.29
C ALA C 246 59.01 20.91 26.17
N GLY C 247 58.94 21.40 24.94
CA GLY C 247 58.58 22.79 24.73
C GLY C 247 57.14 23.07 25.11
N ALA C 248 56.87 24.34 25.41
CA ALA C 248 55.54 24.77 25.81
C ALA C 248 54.53 24.46 24.73
N ALA C 249 53.62 23.52 24.99
CA ALA C 249 52.59 23.14 24.03
C ALA C 249 51.44 22.48 24.78
N ALA C 250 50.28 22.46 24.14
CA ALA C 250 49.09 21.85 24.71
C ALA C 250 48.29 21.18 23.61
N TYR C 251 47.79 19.97 23.88
CA TYR C 251 46.96 19.25 22.94
C TYR C 251 45.87 18.50 23.68
N TYR C 252 44.67 18.51 23.10
CA TYR C 252 43.48 17.92 23.68
C TYR C 252 43.00 16.78 22.80
N VAL C 253 42.43 15.76 23.45
CA VAL C 253 41.98 14.54 22.78
C VAL C 253 40.53 14.28 23.14
N GLY C 254 39.70 14.01 22.14
CA GLY C 254 38.33 13.60 22.34
C GLY C 254 37.98 12.44 21.44
N TYR C 255 36.83 11.83 21.72
CA TYR C 255 36.40 10.64 21.01
C TYR C 255 35.03 10.85 20.40
N LEU C 256 34.87 10.42 19.15
CA LEU C 256 33.63 10.58 18.41
C LEU C 256 32.61 9.54 18.83
N GLN C 257 31.34 9.89 18.67
CA GLN C 257 30.22 9.01 18.95
C GLN C 257 29.19 9.14 17.83
N PRO C 258 28.35 8.12 17.63
CA PRO C 258 27.34 8.21 16.57
C PRO C 258 26.22 9.18 16.92
N ARG C 259 26.19 10.33 16.24
CA ARG C 259 25.22 11.37 16.51
C ARG C 259 24.63 11.91 15.21
N THR C 260 23.45 12.48 15.33
CA THR C 260 22.81 13.20 14.23
C THR C 260 23.07 14.70 14.42
N PHE C 261 23.52 15.35 13.35
CA PHE C 261 23.87 16.76 13.38
C PHE C 261 23.15 17.49 12.25
N LEU C 262 22.72 18.71 12.54
CA LEU C 262 22.11 19.59 11.56
C LEU C 262 23.16 20.61 11.14
N LEU C 263 23.64 20.49 9.90
CA LEU C 263 24.69 21.34 9.38
C LEU C 263 24.09 22.37 8.43
N LYS C 264 24.56 23.61 8.54
CA LYS C 264 24.07 24.74 7.75
C LYS C 264 25.12 25.08 6.70
N TYR C 265 24.90 24.64 5.47
CA TYR C 265 25.80 24.98 4.38
C TYR C 265 25.41 26.33 3.79
N ASN C 266 26.36 27.26 3.80
CA ASN C 266 26.11 28.61 3.29
C ASN C 266 26.20 28.62 1.76
N GLU C 267 26.02 29.80 1.18
CA GLU C 267 25.93 29.89 -0.28
C GLU C 267 27.22 29.45 -0.95
N ASN C 268 28.37 29.80 -0.37
CA ASN C 268 29.66 29.44 -0.96
C ASN C 268 30.17 28.08 -0.48
N GLY C 269 29.29 27.23 0.05
CA GLY C 269 29.62 25.85 0.32
C GLY C 269 30.21 25.56 1.69
N THR C 270 30.47 26.59 2.50
CA THR C 270 31.09 26.38 3.80
C THR C 270 30.03 26.06 4.86
N ILE C 271 30.38 25.15 5.77
CA ILE C 271 29.52 24.83 6.90
C ILE C 271 29.73 25.89 7.97
N THR C 272 28.90 26.93 7.94
CA THR C 272 29.08 28.06 8.85
C THR C 272 28.65 27.75 10.28
N ASP C 273 27.72 26.82 10.47
CA ASP C 273 27.25 26.49 11.81
C ASP C 273 26.72 25.07 11.80
N ALA C 274 26.66 24.48 13.00
CA ALA C 274 26.15 23.13 13.16
C ALA C 274 25.45 23.03 14.52
N VAL C 275 24.49 22.11 14.59
CA VAL C 275 23.71 21.88 15.80
C VAL C 275 23.73 20.39 16.11
N ASP C 276 24.18 20.05 17.31
CA ASP C 276 24.08 18.67 17.79
C ASP C 276 22.63 18.38 18.18
N CYS C 277 22.14 17.22 17.76
CA CYS C 277 20.72 16.90 17.86
C CYS C 277 20.34 16.23 19.18
N ALA C 278 21.29 16.10 20.12
CA ALA C 278 21.01 15.51 21.42
C ALA C 278 21.51 16.37 22.57
N LEU C 279 21.93 17.60 22.31
CA LEU C 279 22.47 18.45 23.37
C LEU C 279 21.39 18.83 24.37
N ASP C 280 20.26 19.33 23.89
CA ASP C 280 19.21 19.84 24.75
C ASP C 280 17.89 19.78 24.00
N PRO C 281 16.76 19.92 24.69
CA PRO C 281 15.46 19.89 24.00
C PRO C 281 15.35 20.94 22.91
N LEU C 282 15.97 22.11 23.10
CA LEU C 282 15.93 23.13 22.06
C LEU C 282 16.59 22.64 20.78
N SER C 283 17.71 21.93 20.90
CA SER C 283 18.37 21.39 19.72
C SER C 283 17.50 20.34 19.03
N GLU C 284 16.81 19.52 19.82
CA GLU C 284 15.90 18.54 19.22
C GLU C 284 14.76 19.24 18.49
N THR C 285 14.22 20.32 19.07
CA THR C 285 13.19 21.09 18.38
C THR C 285 13.73 21.66 17.07
N LYS C 286 14.95 22.18 17.09
CA LYS C 286 15.57 22.67 15.87
C LYS C 286 15.69 21.57 14.83
N CYS C 287 16.06 20.36 15.27
CA CYS C 287 16.12 19.22 14.36
C CYS C 287 14.77 18.96 13.72
N THR C 288 13.72 18.88 14.54
CA THR C 288 12.40 18.54 14.01
C THR C 288 11.93 19.56 12.99
N LEU C 289 12.12 20.85 13.28
CA LEU C 289 11.74 21.90 12.34
C LEU C 289 12.78 22.10 11.25
N LYS C 290 13.93 21.45 11.32
CA LYS C 290 14.98 21.59 10.32
C LYS C 290 15.34 23.05 10.11
N SER C 291 15.43 23.79 11.21
CA SER C 291 15.75 25.21 11.16
C SER C 291 16.55 25.58 12.40
N PHE C 292 17.31 26.67 12.28
CA PHE C 292 18.08 27.19 13.41
C PHE C 292 17.30 28.21 14.23
N THR C 293 16.22 28.75 13.68
CA THR C 293 15.34 29.69 14.39
C THR C 293 13.99 29.02 14.62
N VAL C 294 13.55 28.97 15.87
CA VAL C 294 12.31 28.32 16.25
C VAL C 294 11.35 29.39 16.76
N GLU C 295 10.15 29.42 16.20
CA GLU C 295 9.14 30.38 16.61
C GLU C 295 8.48 29.94 17.90
N LYS C 296 7.77 30.88 18.53
CA LYS C 296 7.05 30.58 19.76
C LYS C 296 5.99 29.51 19.50
N GLY C 297 5.89 28.55 20.40
CA GLY C 297 4.91 27.50 20.31
C GLY C 297 5.39 26.24 21.00
N ILE C 298 4.61 25.18 20.83
CA ILE C 298 4.91 23.87 21.39
C ILE C 298 4.97 22.87 20.26
N TYR C 299 6.05 22.09 20.20
CA TYR C 299 6.28 21.12 19.15
C TYR C 299 6.52 19.75 19.78
N GLN C 300 5.82 18.74 19.26
CA GLN C 300 6.05 17.37 19.72
C GLN C 300 7.37 16.86 19.18
N THR C 301 8.43 17.00 19.97
CA THR C 301 9.77 16.71 19.46
C THR C 301 9.99 15.21 19.26
N SER C 302 9.56 14.38 20.21
CA SER C 302 9.88 12.96 20.12
C SER C 302 8.85 12.16 20.91
N ASN C 303 9.15 10.89 21.14
CA ASN C 303 8.35 9.98 21.94
C ASN C 303 9.20 9.39 23.05
N PHE C 304 8.55 8.83 24.06
CA PHE C 304 9.25 8.24 25.19
C PHE C 304 8.51 6.99 25.65
N ARG C 305 9.25 5.92 25.88
CA ARG C 305 8.72 4.66 26.38
C ARG C 305 9.56 4.19 27.54
N VAL C 306 8.90 3.85 28.65
CA VAL C 306 9.59 3.38 29.85
C VAL C 306 9.75 1.87 29.72
N GLN C 307 11.00 1.43 29.53
CA GLN C 307 11.26 0.03 29.22
C GLN C 307 11.11 -0.83 30.47
N PRO C 308 10.81 -2.12 30.30
CA PRO C 308 10.68 -3.00 31.47
C PRO C 308 12.00 -3.11 32.21
N THR C 309 11.91 -3.27 33.53
CA THR C 309 13.10 -3.14 34.36
C THR C 309 14.14 -4.21 34.02
N GLU C 310 13.88 -5.48 34.38
CA GLU C 310 14.70 -6.56 33.84
C GLU C 310 13.85 -7.66 33.19
N SER C 311 12.94 -8.25 33.95
CA SER C 311 12.17 -9.40 33.51
C SER C 311 11.28 -9.92 34.64
N ILE C 312 10.44 -10.92 34.36
CA ILE C 312 9.77 -11.67 35.41
C ILE C 312 9.20 -12.95 34.81
N VAL C 313 9.24 -14.03 35.58
CA VAL C 313 8.69 -15.33 35.17
C VAL C 313 7.85 -15.87 36.31
N ARG C 314 6.63 -16.31 36.00
CA ARG C 314 5.72 -16.86 36.99
C ARG C 314 5.08 -18.13 36.45
N PHE C 315 5.01 -19.16 37.28
CA PHE C 315 4.38 -20.43 36.95
C PHE C 315 3.59 -20.92 38.15
N PRO C 316 2.59 -21.77 37.93
CA PRO C 316 1.77 -22.25 39.05
C PRO C 316 2.52 -23.22 39.94
N ASN C 317 1.83 -23.79 40.92
CA ASN C 317 2.42 -24.88 41.68
C ASN C 317 2.80 -25.99 40.71
N ILE C 318 4.10 -26.19 40.52
CA ILE C 318 4.58 -27.37 39.82
C ILE C 318 4.00 -28.56 40.55
N THR C 319 3.76 -29.66 39.84
CA THR C 319 3.04 -30.80 40.40
C THR C 319 3.46 -31.04 41.85
N ASN C 320 2.46 -31.29 42.69
CA ASN C 320 2.64 -31.24 44.14
C ASN C 320 3.95 -31.88 44.57
N LEU C 321 4.58 -31.29 45.58
CA LEU C 321 5.88 -31.71 46.06
C LEU C 321 5.98 -33.23 46.10
N CYS C 322 7.12 -33.75 45.65
CA CYS C 322 7.31 -35.20 45.64
C CYS C 322 7.27 -35.71 47.07
N PRO C 323 6.85 -36.97 47.28
CA PRO C 323 6.87 -37.51 48.65
C PRO C 323 8.29 -37.78 49.13
N PHE C 324 9.11 -36.73 49.12
CA PHE C 324 10.51 -36.88 49.49
C PHE C 324 10.66 -37.12 50.98
N GLY C 325 9.96 -36.35 51.80
CA GLY C 325 10.15 -36.36 53.25
C GLY C 325 10.10 -37.73 53.91
N GLU C 326 9.67 -38.75 53.17
CA GLU C 326 9.46 -40.07 53.73
C GLU C 326 10.66 -41.01 53.58
N VAL C 327 11.77 -40.56 52.97
CA VAL C 327 12.86 -41.47 52.65
C VAL C 327 14.00 -41.33 53.65
N PHE C 328 14.65 -40.17 53.69
CA PHE C 328 15.73 -40.00 54.65
C PHE C 328 15.24 -40.02 56.10
N ASN C 329 13.98 -39.61 56.34
CA ASN C 329 13.43 -39.57 57.69
C ASN C 329 12.45 -40.71 57.94
N ALA C 330 12.53 -41.80 57.18
CA ALA C 330 11.62 -42.91 57.36
C ALA C 330 11.73 -43.46 58.78
N THR C 331 10.57 -43.66 59.41
CA THR C 331 10.55 -44.20 60.76
C THR C 331 11.12 -45.61 60.81
N ARG C 332 10.99 -46.38 59.74
CA ARG C 332 11.55 -47.72 59.65
C ARG C 332 12.34 -47.84 58.36
N PHE C 333 13.60 -48.27 58.47
CA PHE C 333 14.49 -48.44 57.33
C PHE C 333 14.69 -49.93 57.08
N ALA C 334 14.49 -50.34 55.83
CA ALA C 334 14.67 -51.74 55.47
C ALA C 334 16.17 -52.09 55.47
N SER C 335 16.44 -53.38 55.61
CA SER C 335 17.82 -53.86 55.64
C SER C 335 18.45 -53.71 54.26
N VAL C 336 19.79 -53.81 54.23
CA VAL C 336 20.51 -53.64 52.98
C VAL C 336 20.12 -54.73 51.98
N TYR C 337 19.98 -55.97 52.44
CA TYR C 337 19.64 -57.06 51.53
C TYR C 337 18.24 -56.86 50.95
N ALA C 338 17.37 -56.13 51.66
CA ALA C 338 16.00 -55.87 51.22
C ALA C 338 15.72 -54.38 51.25
N TRP C 339 16.64 -53.59 50.68
CA TRP C 339 16.48 -52.15 50.62
C TRP C 339 15.10 -51.79 50.08
N ASN C 340 14.54 -50.71 50.63
CA ASN C 340 13.18 -50.29 50.31
C ASN C 340 13.20 -49.33 49.13
N ARG C 341 12.33 -49.60 48.15
CA ARG C 341 12.22 -48.79 46.94
C ARG C 341 10.96 -47.93 47.00
N LYS C 342 11.11 -46.65 46.70
CA LYS C 342 9.99 -45.73 46.58
C LYS C 342 10.05 -45.07 45.20
N ARG C 343 8.92 -45.07 44.50
CA ARG C 343 8.84 -44.49 43.17
C ARG C 343 8.37 -43.03 43.27
N ILE C 344 8.91 -42.20 42.39
CA ILE C 344 8.62 -40.77 42.37
C ILE C 344 8.31 -40.39 40.93
N SER C 345 7.10 -39.87 40.71
CA SER C 345 6.67 -39.44 39.39
C SER C 345 5.51 -38.46 39.58
N ASN C 346 5.37 -37.54 38.62
CA ASN C 346 4.31 -36.53 38.67
C ASN C 346 4.42 -35.70 39.95
N CYS C 347 5.52 -34.98 40.08
CA CYS C 347 5.77 -34.11 41.23
C CYS C 347 7.04 -33.32 40.96
N VAL C 348 7.40 -32.46 41.92
CA VAL C 348 8.56 -31.59 41.79
C VAL C 348 9.66 -32.06 42.72
N ALA C 349 10.91 -31.86 42.29
CA ALA C 349 12.08 -32.16 43.11
C ALA C 349 12.46 -30.92 43.89
N ASP C 350 12.42 -31.02 45.22
CA ASP C 350 12.77 -29.92 46.12
C ASP C 350 13.64 -30.50 47.23
N TYR C 351 14.96 -30.47 47.02
CA TYR C 351 15.92 -30.99 47.99
C TYR C 351 17.01 -29.98 48.34
N SER C 352 16.81 -28.70 48.02
CA SER C 352 17.81 -27.70 48.37
C SER C 352 17.85 -27.45 49.88
N VAL C 353 16.70 -27.57 50.56
CA VAL C 353 16.66 -27.31 52.00
C VAL C 353 17.55 -28.30 52.74
N LEU C 354 17.48 -29.59 52.37
CA LEU C 354 18.31 -30.59 53.03
C LEU C 354 19.75 -30.56 52.53
N TYR C 355 19.96 -30.26 51.25
CA TYR C 355 21.30 -30.32 50.68
C TYR C 355 22.22 -29.30 51.33
N ASN C 356 21.74 -28.08 51.55
CA ASN C 356 22.57 -27.03 52.13
C ASN C 356 22.69 -27.13 53.64
N SER C 357 21.94 -28.03 54.28
CA SER C 357 22.05 -28.19 55.73
C SER C 357 23.41 -28.73 56.14
N ALA C 358 24.14 -29.38 55.23
CA ALA C 358 25.46 -29.92 55.51
C ALA C 358 25.40 -30.97 56.62
N SER C 359 24.26 -31.66 56.74
CA SER C 359 24.09 -32.70 57.74
C SER C 359 24.36 -34.10 57.19
N PHE C 360 24.78 -34.22 55.94
CA PHE C 360 25.01 -35.51 55.31
C PHE C 360 26.51 -35.80 55.24
N SER C 361 26.90 -37.00 55.67
CA SER C 361 28.28 -37.41 55.59
C SER C 361 28.73 -37.65 54.15
N THR C 362 27.79 -37.89 53.23
CA THR C 362 28.12 -38.10 51.83
C THR C 362 26.91 -37.71 51.00
N PHE C 363 27.13 -36.90 49.96
CA PHE C 363 26.07 -36.47 49.05
C PHE C 363 26.58 -36.54 47.61
N LYS C 364 27.18 -37.67 47.24
CA LYS C 364 27.95 -37.76 46.01
C LYS C 364 27.03 -38.07 44.84
N CYS C 365 27.00 -37.17 43.85
CA CYS C 365 26.27 -37.36 42.62
C CYS C 365 27.26 -37.59 41.48
N TYR C 366 27.03 -38.63 40.69
CA TYR C 366 27.93 -39.02 39.62
C TYR C 366 27.46 -38.43 38.29
N GLY C 367 28.37 -37.74 37.61
CA GLY C 367 28.10 -37.19 36.29
C GLY C 367 27.36 -35.87 36.28
N VAL C 368 27.00 -35.33 37.44
CA VAL C 368 26.28 -34.07 37.50
C VAL C 368 26.38 -33.53 38.92
N SER C 369 26.41 -32.21 39.04
CA SER C 369 26.45 -31.59 40.35
C SER C 369 25.17 -31.88 41.12
N PRO C 370 25.23 -31.93 42.45
CA PRO C 370 24.01 -32.25 43.21
C PRO C 370 22.88 -31.26 42.99
N THR C 371 23.20 -29.98 42.76
CA THR C 371 22.18 -28.98 42.51
C THR C 371 21.87 -28.78 41.03
N LYS C 372 22.85 -29.01 40.15
CA LYS C 372 22.61 -28.82 38.73
C LYS C 372 21.60 -29.82 38.20
N LEU C 373 21.63 -31.07 38.70
CA LEU C 373 20.69 -32.08 38.25
C LEU C 373 19.24 -31.67 38.51
N ASN C 374 19.00 -30.78 39.47
CA ASN C 374 17.64 -30.32 39.73
C ASN C 374 17.04 -29.65 38.50
N ASP C 375 17.86 -29.03 37.67
CA ASP C 375 17.37 -28.32 36.49
C ASP C 375 17.11 -29.29 35.34
N LEU C 376 16.29 -30.31 35.59
CA LEU C 376 16.00 -31.31 34.58
C LEU C 376 14.63 -31.93 34.82
N CYS C 377 14.07 -32.53 33.78
CA CYS C 377 12.81 -33.25 33.87
C CYS C 377 13.07 -34.73 33.66
N PHE C 378 12.65 -35.55 34.63
CA PHE C 378 12.90 -36.98 34.61
C PHE C 378 11.59 -37.74 34.62
N THR C 379 11.53 -38.82 33.81
CA THR C 379 10.31 -39.62 33.74
C THR C 379 10.01 -40.28 35.08
N ASN C 380 11.00 -40.87 35.73
CA ASN C 380 10.78 -41.44 37.05
C ASN C 380 12.06 -41.34 37.88
N VAL C 381 11.89 -41.34 39.20
CA VAL C 381 13.00 -41.32 40.14
C VAL C 381 12.75 -42.35 41.22
N TYR C 382 13.68 -43.27 41.41
CA TYR C 382 13.57 -44.32 42.42
C TYR C 382 14.50 -44.03 43.58
N ALA C 383 13.96 -44.07 44.79
CA ALA C 383 14.74 -43.90 46.01
C ALA C 383 14.90 -45.26 46.68
N ASP C 384 16.14 -45.69 46.82
CA ASP C 384 16.48 -46.98 47.43
C ASP C 384 17.13 -46.70 48.77
N SER C 385 16.43 -47.02 49.85
CA SER C 385 16.86 -46.69 51.21
C SER C 385 17.23 -47.94 51.97
N PHE C 386 18.25 -47.81 52.83
CA PHE C 386 18.70 -48.92 53.67
C PHE C 386 19.62 -48.35 54.74
N VAL C 387 20.11 -49.22 55.61
CA VAL C 387 21.04 -48.88 56.67
C VAL C 387 22.20 -49.86 56.63
N ILE C 388 23.43 -49.34 56.70
CA ILE C 388 24.63 -50.17 56.62
C ILE C 388 25.69 -49.58 57.53
N ARG C 389 26.73 -50.38 57.79
CA ARG C 389 27.85 -49.89 58.58
C ARG C 389 28.54 -48.75 57.85
N GLY C 390 29.04 -47.78 58.64
CA GLY C 390 29.66 -46.61 58.03
C GLY C 390 30.80 -46.97 57.11
N ASP C 391 31.69 -47.86 57.55
CA ASP C 391 32.80 -48.29 56.71
C ASP C 391 32.32 -48.94 55.43
N GLU C 392 31.08 -49.42 55.40
CA GLU C 392 30.53 -50.06 54.21
C GLU C 392 29.94 -49.07 53.22
N VAL C 393 29.87 -47.78 53.56
CA VAL C 393 29.29 -46.81 52.64
C VAL C 393 30.06 -46.78 51.32
N ARG C 394 31.36 -47.11 51.37
CA ARG C 394 32.14 -47.14 50.14
C ARG C 394 31.60 -48.16 49.15
N GLN C 395 31.01 -49.26 49.65
CA GLN C 395 30.50 -50.30 48.76
C GLN C 395 29.33 -49.81 47.91
N ILE C 396 28.67 -48.73 48.30
CA ILE C 396 27.55 -48.19 47.51
C ILE C 396 28.17 -47.22 46.52
N ALA C 397 28.62 -47.78 45.39
CA ALA C 397 29.24 -47.00 44.34
C ALA C 397 29.10 -47.77 43.02
N PRO C 398 29.14 -47.09 41.88
CA PRO C 398 29.02 -47.79 40.61
C PRO C 398 30.24 -48.64 40.32
N GLY C 399 29.99 -49.91 39.97
CA GLY C 399 31.05 -50.83 39.64
C GLY C 399 31.78 -51.42 40.82
N GLN C 400 31.37 -51.10 42.05
CA GLN C 400 32.04 -51.64 43.23
C GLN C 400 31.76 -53.12 43.39
N THR C 401 32.75 -53.84 43.91
CA THR C 401 32.64 -55.28 44.15
C THR C 401 32.99 -55.57 45.60
N GLY C 402 32.26 -56.50 46.19
CA GLY C 402 32.49 -56.87 47.57
C GLY C 402 31.36 -57.72 48.09
N LYS C 403 31.47 -58.06 49.39
CA LYS C 403 30.45 -58.88 50.03
C LYS C 403 29.11 -58.18 50.10
N ILE C 404 29.08 -56.85 50.04
CA ILE C 404 27.84 -56.08 50.08
C ILE C 404 27.41 -55.65 48.68
N ALA C 405 28.36 -55.15 47.88
CA ALA C 405 28.01 -54.66 46.55
C ALA C 405 27.48 -55.78 45.67
N ASP C 406 28.11 -56.95 45.71
CA ASP C 406 27.78 -58.06 44.82
C ASP C 406 26.69 -58.97 45.37
N TYR C 407 26.19 -58.72 46.58
CA TYR C 407 25.19 -59.58 47.19
C TYR C 407 23.97 -58.86 47.73
N ASN C 408 24.07 -57.57 48.05
CA ASN C 408 22.95 -56.82 48.62
C ASN C 408 22.49 -55.68 47.72
N TYR C 409 23.41 -54.82 47.28
CA TYR C 409 23.06 -53.68 46.45
C TYR C 409 24.15 -53.48 45.41
N LYS C 410 23.79 -53.65 44.14
CA LYS C 410 24.74 -53.55 43.03
C LYS C 410 24.36 -52.38 42.14
N LEU C 411 25.34 -51.55 41.80
CA LEU C 411 25.15 -50.43 40.89
C LEU C 411 25.94 -50.65 39.61
N PRO C 412 25.43 -50.19 38.47
CA PRO C 412 26.13 -50.38 37.20
C PRO C 412 27.31 -49.44 37.05
N ASP C 413 28.21 -49.79 36.13
CA ASP C 413 29.36 -48.94 35.85
C ASP C 413 28.92 -47.57 35.33
N ASP C 414 27.93 -47.54 34.44
CA ASP C 414 27.39 -46.30 33.91
C ASP C 414 26.25 -45.86 34.83
N PHE C 415 26.54 -44.93 35.73
CA PHE C 415 25.60 -44.50 36.76
C PHE C 415 25.55 -42.97 36.81
N THR C 416 24.33 -42.44 36.90
CA THR C 416 24.13 -41.00 36.96
C THR C 416 23.32 -40.56 38.19
N GLY C 417 22.98 -41.50 39.08
CA GLY C 417 22.22 -41.17 40.26
C GLY C 417 23.11 -40.59 41.35
N CYS C 418 22.50 -40.41 42.52
CA CYS C 418 23.17 -39.83 43.67
C CYS C 418 23.14 -40.81 44.84
N VAL C 419 24.24 -40.87 45.58
CA VAL C 419 24.35 -41.68 46.79
C VAL C 419 24.50 -40.73 47.97
N ILE C 420 23.59 -40.85 48.94
CA ILE C 420 23.57 -39.99 50.12
C ILE C 420 23.66 -40.89 51.34
N ALA C 421 24.48 -40.49 52.30
CA ALA C 421 24.70 -41.28 53.50
C ALA C 421 24.94 -40.34 54.68
N TRP C 422 24.40 -40.72 55.83
CA TRP C 422 24.59 -39.92 57.05
C TRP C 422 24.51 -40.84 58.26
N ASN C 423 24.97 -40.32 59.40
CA ASN C 423 25.02 -41.10 60.62
C ASN C 423 23.61 -41.40 61.13
N SER C 424 23.44 -42.60 61.70
CA SER C 424 22.16 -43.01 62.28
C SER C 424 22.33 -43.59 63.68
N ASN C 425 23.43 -43.25 64.36
CA ASN C 425 23.66 -43.78 65.70
C ASN C 425 22.59 -43.35 66.70
N ASN C 426 21.87 -42.26 66.40
CA ASN C 426 20.85 -41.77 67.31
C ASN C 426 19.54 -42.54 67.22
N LEU C 427 19.40 -43.45 66.25
CA LEU C 427 18.15 -44.19 66.08
C LEU C 427 18.39 -45.69 66.06
N ASP C 428 19.52 -46.12 65.49
CA ASP C 428 19.82 -47.52 65.30
C ASP C 428 20.73 -48.10 66.38
N SER C 429 21.01 -47.32 67.44
CA SER C 429 21.88 -47.77 68.51
C SER C 429 21.27 -47.38 69.85
N LYS C 430 21.36 -48.28 70.82
CA LYS C 430 20.84 -48.05 72.16
C LYS C 430 21.52 -49.03 73.11
N VAL C 431 21.18 -48.92 74.39
CA VAL C 431 21.76 -49.81 75.40
C VAL C 431 21.33 -51.24 75.11
N GLY C 432 22.30 -52.16 75.14
CA GLY C 432 22.06 -53.55 74.85
C GLY C 432 22.29 -53.94 73.40
N GLY C 433 22.33 -52.98 72.49
CA GLY C 433 22.58 -53.27 71.09
C GLY C 433 21.31 -53.60 70.34
N ASN C 434 21.34 -53.35 69.03
CA ASN C 434 20.25 -53.66 68.13
C ASN C 434 20.67 -54.81 67.23
N TYR C 435 19.80 -55.82 67.13
CA TYR C 435 20.06 -57.01 66.31
C TYR C 435 18.89 -57.23 65.36
N ASN C 436 18.41 -56.17 64.73
CA ASN C 436 17.21 -56.21 63.89
C ASN C 436 17.53 -56.08 62.41
N TYR C 437 18.77 -56.33 61.99
CA TYR C 437 19.12 -56.28 60.58
C TYR C 437 19.74 -57.60 60.15
N LEU C 438 19.73 -57.83 58.84
CA LEU C 438 20.33 -59.02 58.26
C LEU C 438 21.02 -58.63 56.96
N TYR C 439 21.96 -59.47 56.52
CA TYR C 439 22.66 -59.22 55.27
C TYR C 439 22.93 -60.55 54.57
N ARG C 440 22.91 -60.51 53.24
CA ARG C 440 23.12 -61.70 52.44
C ARG C 440 24.59 -61.80 52.04
N LEU C 441 25.19 -62.96 52.29
CA LEU C 441 26.60 -63.19 52.03
C LEU C 441 26.87 -64.31 51.03
N PHE C 442 26.00 -65.31 50.96
CA PHE C 442 26.20 -66.48 50.10
C PHE C 442 25.14 -66.52 49.01
N ARG C 443 25.59 -66.72 47.77
CA ARG C 443 24.68 -66.87 46.64
C ARG C 443 25.40 -67.62 45.54
N LYS C 444 24.62 -68.21 44.63
CA LYS C 444 25.19 -68.96 43.52
C LYS C 444 25.92 -68.06 42.52
N SER C 445 25.55 -66.79 42.44
CA SER C 445 26.17 -65.86 41.51
C SER C 445 25.98 -64.44 42.03
N ASN C 446 26.79 -63.53 41.49
CA ASN C 446 26.71 -62.13 41.88
C ASN C 446 25.45 -61.48 41.31
N LEU C 447 25.00 -60.43 42.00
CA LEU C 447 23.79 -59.73 41.57
C LEU C 447 24.07 -58.84 40.37
N LYS C 448 23.13 -58.82 39.43
CA LYS C 448 23.20 -57.89 38.32
C LYS C 448 22.85 -56.48 38.79
N PRO C 449 23.40 -55.44 38.17
CA PRO C 449 23.04 -54.08 38.57
C PRO C 449 21.54 -53.85 38.45
N PHE C 450 20.99 -53.15 39.44
CA PHE C 450 19.55 -52.90 39.51
C PHE C 450 18.75 -54.19 39.48
N GLU C 451 19.30 -55.25 40.06
CA GLU C 451 18.62 -56.53 40.17
C GLU C 451 18.80 -57.08 41.58
N ARG C 452 17.78 -57.80 42.06
CA ARG C 452 17.79 -58.34 43.41
C ARG C 452 16.95 -59.59 43.45
N ASP C 453 17.40 -60.57 44.25
CA ASP C 453 16.65 -61.79 44.49
C ASP C 453 16.81 -62.19 45.95
N ILE C 454 15.71 -62.56 46.59
CA ILE C 454 15.71 -62.94 47.99
C ILE C 454 15.15 -64.35 48.10
N SER C 455 15.90 -65.23 48.78
CA SER C 455 15.47 -66.61 48.97
C SER C 455 16.17 -67.17 50.19
N THR C 456 15.58 -68.23 50.75
CA THR C 456 16.13 -68.91 51.91
C THR C 456 16.83 -70.21 51.55
N GLU C 457 17.02 -70.48 50.26
CA GLU C 457 17.70 -71.71 49.84
C GLU C 457 19.11 -71.74 50.40
N ILE C 458 19.49 -72.88 50.97
CA ILE C 458 20.81 -73.00 51.59
C ILE C 458 21.87 -73.08 50.51
N TYR C 459 22.88 -72.21 50.61
CA TYR C 459 24.00 -72.24 49.68
C TYR C 459 24.89 -73.44 50.00
N GLN C 460 25.20 -74.24 48.99
CA GLN C 460 25.95 -75.47 49.15
C GLN C 460 27.21 -75.41 48.29
N ALA C 461 28.36 -75.70 48.90
CA ALA C 461 29.60 -75.75 48.15
C ALA C 461 29.57 -76.89 47.14
N GLY C 462 30.15 -76.63 45.96
CA GLY C 462 30.12 -77.64 44.91
C GLY C 462 30.82 -78.93 45.33
N SER C 463 31.96 -78.81 46.00
CA SER C 463 32.72 -79.99 46.40
C SER C 463 32.13 -80.70 47.61
N THR C 464 31.31 -80.02 48.40
CA THR C 464 30.72 -80.59 49.62
C THR C 464 29.23 -80.31 49.63
N PRO C 465 28.48 -80.94 48.72
CA PRO C 465 27.03 -80.73 48.70
C PRO C 465 26.34 -81.35 49.92
N CYS C 466 25.24 -80.72 50.33
CA CYS C 466 24.37 -81.23 51.38
C CYS C 466 23.09 -81.81 50.82
N ASN C 467 22.34 -81.00 50.07
CA ASN C 467 21.18 -81.42 49.29
C ASN C 467 19.94 -81.69 50.15
N GLY C 468 20.09 -81.74 51.47
CA GLY C 468 18.91 -81.81 52.32
C GLY C 468 19.06 -81.16 53.68
N VAL C 469 20.20 -80.52 53.95
CA VAL C 469 20.50 -79.97 55.28
C VAL C 469 21.49 -78.83 55.12
N GLU C 470 21.70 -78.10 56.22
CA GLU C 470 22.76 -77.10 56.31
C GLU C 470 23.98 -77.77 56.95
N GLY C 471 24.64 -78.61 56.16
CA GLY C 471 25.75 -79.40 56.63
C GLY C 471 27.08 -78.69 56.46
N PHE C 472 28.15 -79.49 56.41
CA PHE C 472 29.49 -78.95 56.26
C PHE C 472 29.60 -78.17 54.96
N ASN C 473 30.22 -76.99 55.03
CA ASN C 473 30.40 -76.11 53.87
C ASN C 473 29.07 -75.65 53.28
N CYS C 474 27.98 -75.78 54.04
CA CYS C 474 26.67 -75.30 53.63
C CYS C 474 26.26 -74.18 54.58
N TYR C 475 25.94 -73.01 54.01
CA TYR C 475 25.68 -71.81 54.78
C TYR C 475 24.33 -71.22 54.38
N PHE C 476 23.63 -70.65 55.37
CA PHE C 476 22.40 -69.95 55.09
C PHE C 476 22.69 -68.62 54.40
N PRO C 477 21.87 -68.22 53.41
CA PRO C 477 22.17 -66.96 52.72
C PRO C 477 22.21 -65.75 53.65
N LEU C 478 21.35 -65.71 54.66
CA LEU C 478 21.23 -64.55 55.53
C LEU C 478 22.09 -64.71 56.77
N GLN C 479 22.69 -63.60 57.21
CA GLN C 479 23.47 -63.55 58.43
C GLN C 479 23.06 -62.33 59.24
N SER C 480 23.20 -62.44 60.56
CA SER C 480 22.77 -61.39 61.45
C SER C 480 23.48 -60.07 61.13
N TYR C 481 22.92 -58.98 61.65
CA TYR C 481 23.49 -57.66 61.42
C TYR C 481 22.90 -56.72 62.47
N GLY C 482 23.78 -56.10 63.24
CA GLY C 482 23.37 -55.23 64.33
C GLY C 482 24.49 -54.28 64.71
N PHE C 483 24.16 -53.38 65.65
CA PHE C 483 25.09 -52.36 66.09
C PHE C 483 24.97 -52.17 67.59
N GLN C 484 26.04 -51.68 68.20
CA GLN C 484 26.09 -51.42 69.63
C GLN C 484 26.66 -50.04 69.90
N PRO C 485 26.33 -49.43 71.04
CA PRO C 485 26.87 -48.09 71.33
C PRO C 485 28.38 -48.04 71.38
N THR C 486 29.03 -49.11 71.84
CA THR C 486 30.49 -49.12 71.99
C THR C 486 31.22 -49.16 70.65
N ASN C 487 30.52 -49.38 69.54
CA ASN C 487 31.17 -49.46 68.26
C ASN C 487 31.81 -48.12 67.89
N GLY C 488 32.93 -48.19 67.17
CA GLY C 488 33.63 -47.00 66.74
C GLY C 488 32.92 -46.30 65.60
N VAL C 489 33.47 -45.13 65.24
CA VAL C 489 32.83 -44.28 64.24
C VAL C 489 32.61 -45.06 62.95
N GLY C 490 33.63 -45.79 62.51
CA GLY C 490 33.49 -46.59 61.30
C GLY C 490 32.51 -47.73 61.46
N TYR C 491 32.30 -48.20 62.68
CA TYR C 491 31.40 -49.32 62.95
C TYR C 491 29.99 -48.88 63.31
N GLN C 492 29.74 -47.59 63.47
CA GLN C 492 28.41 -47.13 63.80
C GLN C 492 27.48 -47.28 62.59
N PRO C 493 26.18 -47.44 62.82
CA PRO C 493 25.25 -47.54 61.69
C PRO C 493 25.11 -46.21 60.96
N TYR C 494 24.77 -46.30 59.68
CA TYR C 494 24.57 -45.14 58.83
C TYR C 494 23.39 -45.39 57.90
N ARG C 495 22.53 -44.39 57.78
CA ARG C 495 21.41 -44.45 56.85
C ARG C 495 21.88 -44.00 55.48
N VAL C 496 21.57 -44.81 54.46
CA VAL C 496 22.03 -44.57 53.09
C VAL C 496 20.83 -44.65 52.16
N VAL C 497 20.84 -43.80 51.14
CA VAL C 497 19.77 -43.75 50.15
C VAL C 497 20.39 -43.43 48.79
N VAL C 498 19.88 -44.09 47.76
CA VAL C 498 20.35 -43.92 46.39
C VAL C 498 19.18 -43.42 45.55
N LEU C 499 19.39 -42.30 44.86
CA LEU C 499 18.41 -41.73 43.95
C LEU C 499 18.83 -42.06 42.52
N SER C 500 17.99 -42.82 41.83
CA SER C 500 18.24 -43.23 40.45
C SER C 500 17.18 -42.63 39.54
N PHE C 501 17.62 -41.92 38.51
CA PHE C 501 16.74 -41.21 37.60
C PHE C 501 16.67 -41.96 36.28
N GLU C 502 15.45 -42.20 35.80
CA GLU C 502 15.23 -42.86 34.52
C GLU C 502 14.43 -41.96 33.59
N LEU C 503 14.93 -41.85 32.36
CA LEU C 503 14.34 -41.07 31.27
C LEU C 503 13.89 -42.06 30.19
N LEU C 504 12.62 -42.44 30.23
CA LEU C 504 12.06 -43.37 29.26
C LEU C 504 11.24 -42.62 28.22
N HIS C 505 10.71 -43.37 27.24
CA HIS C 505 9.89 -42.77 26.20
C HIS C 505 8.66 -42.08 26.75
N ALA C 506 8.22 -42.45 27.96
CA ALA C 506 7.07 -41.80 28.56
C ALA C 506 7.40 -40.33 28.84
N PRO C 507 6.40 -39.47 28.84
CA PRO C 507 6.67 -38.03 29.07
C PRO C 507 7.29 -37.82 30.44
N ALA C 508 8.22 -36.87 30.50
CA ALA C 508 8.90 -36.56 31.76
C ALA C 508 7.90 -35.92 32.72
N THR C 509 7.85 -36.45 33.95
CA THR C 509 6.92 -35.97 34.96
C THR C 509 7.61 -35.44 36.21
N VAL C 510 8.92 -35.64 36.35
CA VAL C 510 9.65 -35.12 37.51
C VAL C 510 10.52 -33.96 37.06
N CYS C 511 9.97 -32.75 37.11
CA CYS C 511 10.70 -31.52 36.81
C CYS C 511 10.94 -30.78 38.11
N GLY C 512 12.10 -30.15 38.23
CA GLY C 512 12.44 -29.47 39.45
C GLY C 512 12.12 -27.98 39.45
N PRO C 513 12.73 -27.22 38.53
CA PRO C 513 12.63 -25.75 38.63
C PRO C 513 11.25 -25.18 38.38
N LYS C 514 10.71 -25.40 37.18
CA LYS C 514 9.58 -24.61 36.70
C LYS C 514 9.69 -23.20 37.24
N LYS C 515 10.84 -22.57 37.03
CA LYS C 515 11.20 -21.33 37.73
C LYS C 515 10.05 -20.34 37.75
N SER C 516 9.61 -20.00 38.95
CA SER C 516 8.55 -19.02 39.17
C SER C 516 9.11 -17.91 40.05
N THR C 517 9.69 -16.89 39.42
CA THR C 517 10.32 -15.82 40.17
C THR C 517 9.28 -15.02 40.95
N ASN C 518 9.74 -14.38 42.03
CA ASN C 518 8.84 -13.59 42.85
C ASN C 518 8.18 -12.49 42.03
N LEU C 519 6.90 -12.27 42.29
CA LEU C 519 6.13 -11.27 41.56
C LEU C 519 6.44 -9.88 42.09
N VAL C 520 6.54 -8.92 41.18
CA VAL C 520 6.78 -7.52 41.52
C VAL C 520 5.75 -6.67 40.78
N LYS C 521 5.08 -5.79 41.51
CA LYS C 521 4.02 -4.96 40.95
C LYS C 521 4.46 -3.50 40.92
N ASN C 522 3.69 -2.69 40.19
CA ASN C 522 3.96 -1.26 40.05
C ASN C 522 5.30 -1.01 39.36
N LYS C 523 5.76 -1.97 38.56
CA LYS C 523 6.99 -1.84 37.82
C LYS C 523 6.85 -2.55 36.48
N CYS C 524 7.12 -1.86 35.39
CA CYS C 524 7.02 -2.46 34.07
C CYS C 524 8.03 -3.59 33.93
N VAL C 525 7.55 -4.73 33.42
CA VAL C 525 8.35 -5.94 33.32
C VAL C 525 7.81 -6.80 32.18
N ASN C 526 8.65 -7.74 31.73
CA ASN C 526 8.26 -8.74 30.72
C ASN C 526 7.86 -10.01 31.48
N PHE C 527 6.56 -10.27 31.53
CA PHE C 527 6.03 -11.41 32.27
C PHE C 527 5.60 -12.51 31.30
N ASN C 528 5.69 -13.76 31.75
CA ASN C 528 5.21 -14.90 31.00
C ASN C 528 4.36 -15.77 31.95
N PHE C 529 3.08 -15.44 32.03
CA PHE C 529 2.15 -16.14 32.92
C PHE C 529 1.60 -17.36 32.19
N ASN C 530 2.09 -18.53 32.56
CA ASN C 530 1.60 -19.80 32.01
C ASN C 530 1.58 -19.77 30.48
N GLY C 531 2.64 -19.19 29.90
CA GLY C 531 2.79 -19.14 28.47
C GLY C 531 2.37 -17.83 27.83
N LEU C 532 1.56 -17.02 28.51
CA LEU C 532 1.15 -15.72 27.97
C LEU C 532 2.26 -14.72 28.26
N THR C 533 2.93 -14.27 27.20
CA THR C 533 4.04 -13.33 27.31
C THR C 533 3.55 -11.93 27.00
N GLY C 534 3.88 -10.99 27.89
CA GLY C 534 3.48 -9.60 27.70
C GLY C 534 4.35 -8.68 28.51
N THR C 535 4.55 -7.47 27.98
CA THR C 535 5.31 -6.42 28.65
C THR C 535 4.35 -5.40 29.22
N GLY C 536 4.47 -5.13 30.52
CA GLY C 536 3.59 -4.16 31.13
C GLY C 536 3.80 -4.08 32.63
N VAL C 537 2.97 -3.24 33.26
CA VAL C 537 3.04 -2.98 34.69
C VAL C 537 1.91 -3.76 35.36
N LEU C 538 2.26 -4.51 36.41
CA LEU C 538 1.29 -5.28 37.17
C LEU C 538 0.85 -4.51 38.42
N THR C 539 -0.42 -4.66 38.77
CA THR C 539 -0.97 -3.97 39.93
C THR C 539 -2.04 -4.85 40.57
N GLU C 540 -2.27 -4.63 41.86
CA GLU C 540 -3.33 -5.36 42.55
C GLU C 540 -4.68 -5.01 41.95
N SER C 541 -5.56 -6.00 41.84
CA SER C 541 -6.85 -5.84 41.19
C SER C 541 -7.97 -6.33 42.10
N ASN C 542 -9.14 -5.72 41.94
CA ASN C 542 -10.34 -6.13 42.66
C ASN C 542 -11.24 -7.04 41.85
N LYS C 543 -10.84 -7.39 40.62
CA LYS C 543 -11.65 -8.26 39.79
C LYS C 543 -11.79 -9.64 40.44
N LYS C 544 -12.99 -10.21 40.32
CA LYS C 544 -13.31 -11.51 40.92
C LYS C 544 -13.52 -12.50 39.77
N PHE C 545 -12.43 -13.15 39.37
CA PHE C 545 -12.51 -14.17 38.34
C PHE C 545 -13.29 -15.39 38.84
N LEU C 546 -13.89 -16.12 37.90
CA LEU C 546 -14.50 -17.39 38.24
C LEU C 546 -13.41 -18.40 38.60
N PRO C 547 -13.75 -19.42 39.39
CA PRO C 547 -12.71 -20.38 39.81
C PRO C 547 -11.97 -21.00 38.63
N PHE C 548 -12.65 -21.30 37.54
CA PHE C 548 -12.00 -21.88 36.37
C PHE C 548 -11.35 -20.83 35.48
N GLN C 549 -11.72 -19.56 35.62
CA GLN C 549 -11.18 -18.52 34.77
C GLN C 549 -9.78 -18.11 35.20
N GLN C 550 -8.91 -17.91 34.22
CA GLN C 550 -7.51 -17.55 34.47
C GLN C 550 -7.16 -16.19 33.91
N PHE C 551 -7.57 -15.89 32.68
CA PHE C 551 -7.18 -14.65 32.01
C PHE C 551 -8.35 -13.67 31.99
N GLY C 552 -8.02 -12.41 31.69
CA GLY C 552 -9.02 -11.37 31.52
C GLY C 552 -8.80 -10.60 30.24
N ARG C 553 -9.86 -10.46 29.44
CA ARG C 553 -9.75 -9.88 28.11
C ARG C 553 -10.57 -8.60 28.02
N ASP C 554 -10.13 -7.71 27.14
CA ASP C 554 -10.78 -6.43 26.92
C ASP C 554 -11.80 -6.55 25.78
N ILE C 555 -12.50 -5.43 25.53
CA ILE C 555 -13.42 -5.38 24.40
C ILE C 555 -12.65 -5.47 23.09
N ALA C 556 -11.47 -4.85 23.02
CA ALA C 556 -10.62 -4.90 21.85
C ALA C 556 -9.75 -6.15 21.78
N ASP C 557 -10.05 -7.16 22.60
CA ASP C 557 -9.30 -8.41 22.62
C ASP C 557 -7.84 -8.16 23.00
N THR C 558 -7.67 -7.51 24.15
CA THR C 558 -6.35 -7.24 24.72
C THR C 558 -6.36 -7.66 26.19
N THR C 559 -5.32 -8.37 26.60
CA THR C 559 -5.25 -8.84 27.98
C THR C 559 -5.22 -7.66 28.95
N ASP C 560 -6.04 -7.75 30.00
CA ASP C 560 -6.09 -6.73 31.04
C ASP C 560 -5.92 -7.28 32.45
N ALA C 561 -6.32 -8.51 32.72
CA ALA C 561 -6.18 -9.09 34.05
C ALA C 561 -5.72 -10.54 33.93
N VAL C 562 -4.82 -10.93 34.83
CA VAL C 562 -4.26 -12.28 34.83
C VAL C 562 -4.38 -12.86 36.24
N ARG C 563 -4.86 -14.09 36.33
CA ARG C 563 -4.91 -14.80 37.59
C ARG C 563 -3.51 -15.29 37.94
N ASP C 564 -3.00 -14.88 39.09
CA ASP C 564 -1.66 -15.28 39.48
C ASP C 564 -1.63 -16.80 39.66
N PRO C 565 -0.80 -17.53 38.92
CA PRO C 565 -0.90 -19.00 38.94
C PRO C 565 -0.62 -19.62 40.30
N GLN C 566 0.27 -19.03 41.11
CA GLN C 566 0.59 -19.59 42.42
C GLN C 566 -0.41 -19.13 43.47
N THR C 567 -0.51 -17.82 43.70
CA THR C 567 -1.47 -17.26 44.63
C THR C 567 -2.76 -16.97 43.88
N LEU C 568 -3.89 -17.45 44.42
CA LEU C 568 -5.16 -17.32 43.73
C LEU C 568 -5.64 -15.88 43.79
N GLU C 569 -4.94 -14.98 43.12
CA GLU C 569 -5.25 -13.57 43.09
C GLU C 569 -5.16 -13.04 41.66
N ILE C 570 -5.89 -11.97 41.38
CA ILE C 570 -5.96 -11.37 40.06
C ILE C 570 -5.12 -10.10 40.06
N LEU C 571 -4.28 -9.94 39.04
CA LEU C 571 -3.44 -8.77 38.86
C LEU C 571 -3.79 -8.09 37.55
N ASP C 572 -3.99 -6.78 37.61
CA ASP C 572 -4.23 -6.00 36.41
C ASP C 572 -2.92 -5.64 35.73
N ILE C 573 -2.96 -5.53 34.41
CA ILE C 573 -1.79 -5.23 33.58
C ILE C 573 -2.08 -3.97 32.80
N THR C 574 -1.14 -3.03 32.80
CA THR C 574 -1.28 -1.76 32.12
C THR C 574 -0.05 -1.50 31.26
N PRO C 575 -0.19 -0.65 30.23
CA PRO C 575 1.00 -0.26 29.46
C PRO C 575 2.02 0.43 30.34
N CYS C 576 3.24 0.58 29.82
CA CYS C 576 4.34 1.02 30.67
C CYS C 576 4.30 2.53 30.90
N SER C 577 4.54 3.32 29.87
CA SER C 577 4.46 4.77 30.00
C SER C 577 3.66 5.43 28.88
N PHE C 578 3.85 4.97 27.65
CA PHE C 578 3.27 5.64 26.49
C PHE C 578 3.63 7.13 26.50
N GLY C 579 2.95 7.93 25.69
CA GLY C 579 3.10 9.36 25.74
C GLY C 579 4.22 9.91 24.89
N GLY C 580 4.04 11.14 24.38
CA GLY C 580 5.07 11.82 23.64
C GLY C 580 5.77 12.88 24.46
N VAL C 581 6.79 13.49 23.86
CA VAL C 581 7.60 14.52 24.50
C VAL C 581 7.60 15.73 23.58
N SER C 582 7.07 16.85 24.08
CA SER C 582 7.00 18.10 23.34
C SER C 582 7.85 19.15 24.04
N VAL C 583 8.38 20.09 23.26
CA VAL C 583 9.22 21.16 23.78
C VAL C 583 8.46 22.46 23.64
N ILE C 584 8.30 23.15 24.76
CA ILE C 584 7.63 24.45 24.82
C ILE C 584 8.70 25.52 24.83
N THR C 585 8.81 26.27 23.74
CA THR C 585 9.88 27.24 23.59
C THR C 585 9.31 28.55 23.07
N PRO C 586 9.57 29.67 23.73
CA PRO C 586 9.32 30.98 23.10
C PRO C 586 10.23 31.15 21.90
N GLY C 587 10.01 32.23 21.16
CA GLY C 587 10.86 32.52 20.02
C GLY C 587 12.31 32.55 20.41
N THR C 588 13.17 31.85 19.66
CA THR C 588 14.60 31.85 19.97
C THR C 588 15.15 33.26 20.02
N ASN C 589 14.55 34.18 19.25
CA ASN C 589 14.87 35.59 19.39
C ASN C 589 14.61 36.07 20.80
N THR C 590 13.47 35.68 21.38
CA THR C 590 13.12 36.13 22.72
C THR C 590 14.04 35.53 23.77
N SER C 591 14.26 34.21 23.71
CA SER C 591 15.10 33.53 24.69
C SER C 591 15.31 32.10 24.23
N ASN C 592 16.27 31.43 24.87
CA ASN C 592 16.58 30.03 24.60
C ASN C 592 16.01 29.08 25.64
N GLN C 593 15.41 29.59 26.71
CA GLN C 593 14.85 28.73 27.73
C GLN C 593 13.67 27.95 27.16
N VAL C 594 13.58 26.68 27.56
CA VAL C 594 12.52 25.79 27.08
C VAL C 594 11.99 24.97 28.24
N ALA C 595 10.77 24.48 28.10
CA ALA C 595 10.17 23.52 29.00
C ALA C 595 9.86 22.23 28.23
N VAL C 596 9.65 21.15 28.97
CA VAL C 596 9.37 19.84 28.39
C VAL C 596 8.04 19.34 28.93
N LEU C 597 7.15 18.94 28.02
CA LEU C 597 5.87 18.36 28.38
C LEU C 597 5.88 16.89 27.98
N TYR C 598 5.67 16.01 28.96
CA TYR C 598 5.51 14.59 28.73
C TYR C 598 4.03 14.27 28.80
N GLN C 599 3.48 13.79 27.69
CA GLN C 599 2.03 13.65 27.55
C GLN C 599 1.54 12.41 28.29
N ASP C 600 0.50 12.59 29.10
CA ASP C 600 -0.19 11.49 29.76
C ASP C 600 0.79 10.59 30.51
N VAL C 601 1.46 11.18 31.50
CA VAL C 601 2.39 10.44 32.34
C VAL C 601 2.51 11.15 33.67
N ASN C 602 2.56 10.37 34.75
CA ASN C 602 2.81 10.93 36.07
C ASN C 602 4.21 11.52 36.13
N CYS C 603 4.37 12.53 36.98
CA CYS C 603 5.65 13.22 37.08
C CYS C 603 6.72 12.40 37.80
N THR C 604 6.48 11.13 38.11
CA THR C 604 7.48 10.28 38.75
C THR C 604 8.17 9.33 37.77
N GLU C 605 7.49 9.00 36.68
CA GLU C 605 8.05 8.12 35.61
C GLU C 605 8.97 8.96 34.73
N VAL C 606 9.18 10.24 35.06
CA VAL C 606 10.13 11.13 34.32
C VAL C 606 11.51 10.51 34.54
N PRO C 607 12.68 11.17 34.32
CA PRO C 607 13.98 10.49 34.41
C PRO C 607 13.86 8.98 34.60
N VAL C 608 13.38 8.28 33.57
CA VAL C 608 13.21 6.80 33.59
C VAL C 608 13.16 6.36 32.13
N ALA C 609 12.29 6.98 31.32
CA ALA C 609 12.20 6.71 29.87
C ALA C 609 13.33 7.47 29.18
N ILE C 610 14.59 7.09 29.42
CA ILE C 610 15.79 7.77 28.86
C ILE C 610 15.56 9.28 28.90
N HIS C 611 14.86 9.78 29.93
CA HIS C 611 14.62 11.24 30.11
C HIS C 611 15.85 11.87 30.75
N ALA C 612 16.43 11.21 31.76
CA ALA C 612 17.63 11.69 32.47
C ALA C 612 18.88 11.03 31.88
N ASP C 613 18.72 10.25 30.81
CA ASP C 613 19.85 9.52 30.16
C ASP C 613 20.36 10.33 28.96
N GLN C 614 19.70 11.44 28.61
CA GLN C 614 20.11 12.30 27.46
C GLN C 614 21.39 13.06 27.82
N LEU C 615 21.74 14.12 27.09
CA LEU C 615 22.95 14.94 27.37
C LEU C 615 22.79 15.57 28.75
N THR C 616 22.99 14.79 29.82
CA THR C 616 22.84 15.25 31.23
C THR C 616 23.07 16.76 31.32
N PRO C 617 24.27 17.28 30.98
CA PRO C 617 24.57 18.71 31.16
C PRO C 617 23.85 19.58 30.13
N THR C 618 22.52 19.51 30.04
CA THR C 618 21.69 20.28 29.07
C THR C 618 20.34 19.59 28.90
N TRP C 619 20.27 18.28 29.13
CA TRP C 619 19.01 17.49 29.01
C TRP C 619 18.52 17.06 30.39
N ARG C 620 19.33 16.31 31.15
CA ARG C 620 18.99 15.89 32.53
C ARG C 620 18.51 17.11 33.31
N VAL C 621 19.10 18.28 33.03
CA VAL C 621 18.69 19.56 33.67
C VAL C 621 17.18 19.72 33.45
N TYR C 622 16.68 19.48 32.24
CA TYR C 622 15.25 19.63 31.88
C TYR C 622 14.47 18.37 32.25
N SER C 623 15.13 17.21 32.31
CA SER C 623 14.47 15.91 32.61
C SER C 623 13.71 16.01 33.93
N THR C 624 14.27 16.68 34.93
CA THR C 624 13.64 16.85 36.27
C THR C 624 14.29 18.00 37.02
N GLY C 625 13.55 18.72 37.87
CA GLY C 625 14.07 19.85 38.65
C GLY C 625 13.05 20.34 39.66
N SER C 626 13.09 21.62 40.03
CA SER C 626 12.13 22.23 40.99
C SER C 626 10.81 22.52 40.27
N ASN C 627 10.85 22.73 38.97
CA ASN C 627 9.62 23.00 38.16
C ASN C 627 9.06 21.67 37.65
N VAL C 628 7.99 21.17 38.26
CA VAL C 628 7.32 19.91 37.83
C VAL C 628 5.83 20.05 38.14
N PHE C 629 5.02 20.47 37.17
CA PHE C 629 3.56 20.73 37.35
C PHE C 629 2.76 19.60 36.72
N GLN C 630 2.03 18.82 37.52
CA GLN C 630 1.23 17.70 37.02
C GLN C 630 -0.10 18.24 36.52
N THR C 631 -0.22 18.40 35.20
CA THR C 631 -1.43 18.89 34.58
C THR C 631 -2.20 17.73 33.96
N ARG C 632 -3.47 17.98 33.66
CA ARG C 632 -4.28 16.95 33.01
C ARG C 632 -3.70 16.52 31.67
N ALA C 633 -2.92 17.39 31.02
CA ALA C 633 -2.29 17.03 29.76
C ALA C 633 -1.05 16.16 29.94
N GLY C 634 -0.51 16.09 31.14
CA GLY C 634 0.65 15.27 31.41
C GLY C 634 1.49 15.90 32.52
N CYS C 635 2.81 15.89 32.31
CA CYS C 635 3.76 16.46 33.25
C CYS C 635 4.55 17.55 32.55
N LEU C 636 4.58 18.74 33.14
CA LEU C 636 5.31 19.89 32.61
C LEU C 636 6.51 20.16 33.50
N ILE C 637 7.69 20.24 32.89
CA ILE C 637 8.94 20.44 33.61
C ILE C 637 9.65 21.65 33.01
N GLY C 638 10.17 22.51 33.89
CA GLY C 638 10.84 23.73 33.46
C GLY C 638 9.95 24.95 33.43
N ALA C 639 8.66 24.82 33.78
CA ALA C 639 7.73 25.94 33.80
C ALA C 639 7.22 26.12 35.23
N GLU C 640 7.17 27.37 35.67
CA GLU C 640 6.76 27.70 37.03
C GLU C 640 5.25 27.96 37.04
N HIS C 641 4.51 27.10 37.75
CA HIS C 641 3.08 27.27 37.88
C HIS C 641 2.78 28.51 38.71
N VAL C 642 1.80 29.29 38.28
CA VAL C 642 1.44 30.53 38.95
C VAL C 642 -0.07 30.58 39.16
N ASN C 643 -0.48 31.36 40.16
CA ASN C 643 -1.90 31.55 40.45
C ASN C 643 -2.59 32.46 39.46
N ASN C 644 -1.86 33.38 38.83
CA ASN C 644 -2.46 34.35 37.93
C ASN C 644 -2.97 33.65 36.67
N SER C 645 -3.86 34.34 35.95
CA SER C 645 -4.43 33.82 34.72
C SER C 645 -4.28 34.89 33.64
N TYR C 646 -3.79 34.48 32.47
CA TYR C 646 -3.60 35.38 31.34
C TYR C 646 -4.15 34.73 30.08
N GLU C 647 -4.28 35.53 29.03
CA GLU C 647 -4.70 35.00 27.74
C GLU C 647 -3.70 33.94 27.27
N CYS C 648 -4.23 32.87 26.70
CA CYS C 648 -3.37 31.75 26.29
C CYS C 648 -2.31 32.23 25.32
N ASP C 649 -1.07 31.81 25.57
CA ASP C 649 0.05 32.11 24.69
C ASP C 649 0.56 30.86 23.98
N ILE C 650 0.87 29.81 24.74
CA ILE C 650 1.24 28.51 24.19
C ILE C 650 0.29 27.47 24.78
N PRO C 651 -0.65 26.93 24.00
CA PRO C 651 -1.67 26.05 24.60
C PRO C 651 -1.11 24.70 25.03
N ILE C 652 -0.96 24.51 26.34
CA ILE C 652 -0.53 23.22 26.86
C ILE C 652 -1.64 22.20 26.71
N GLY C 653 -2.86 22.57 27.07
CA GLY C 653 -4.00 21.69 27.00
C GLY C 653 -4.78 21.66 28.31
N ALA C 654 -6.00 21.14 28.21
CA ALA C 654 -6.89 21.01 29.37
C ALA C 654 -7.08 22.35 30.08
N GLY C 655 -7.17 23.43 29.30
CA GLY C 655 -7.35 24.75 29.87
C GLY C 655 -6.12 25.36 30.49
N ILE C 656 -4.95 24.75 30.30
CA ILE C 656 -3.69 25.25 30.85
C ILE C 656 -2.82 25.69 29.70
N CYS C 657 -2.17 26.84 29.85
CA CYS C 657 -1.28 27.40 28.84
C CYS C 657 0.04 27.80 29.50
N ALA C 658 1.00 28.18 28.67
CA ALA C 658 2.32 28.57 29.12
C ALA C 658 2.73 29.86 28.42
N SER C 659 3.58 30.63 29.11
CA SER C 659 4.05 31.92 28.59
C SER C 659 5.45 32.18 29.11
N TYR C 660 6.06 33.25 28.60
CA TYR C 660 7.41 33.64 28.98
C TYR C 660 7.42 34.84 29.94
N GLN C 661 6.27 35.19 30.51
CA GLN C 661 6.19 36.33 31.42
C GLN C 661 7.19 36.16 32.56
N THR C 662 7.58 37.27 33.18
CA THR C 662 8.53 37.24 34.28
C THR C 662 8.08 36.27 35.36
N SER C 675 15.41 36.36 36.22
CA SER C 675 14.31 37.29 36.03
C SER C 675 13.20 36.67 35.19
N GLN C 676 13.40 36.63 33.88
CA GLN C 676 12.42 36.06 32.98
C GLN C 676 12.50 34.54 33.00
N SER C 677 11.33 33.90 33.01
CA SER C 677 11.25 32.44 33.03
C SER C 677 9.91 32.03 32.45
N ILE C 678 9.82 30.75 32.09
CA ILE C 678 8.59 30.19 31.53
C ILE C 678 7.65 29.86 32.67
N ILE C 679 6.42 30.35 32.58
CA ILE C 679 5.38 30.10 33.59
C ILE C 679 4.24 29.35 32.94
N ALA C 680 3.52 28.58 33.76
CA ALA C 680 2.33 27.85 33.35
C ALA C 680 1.15 28.32 34.17
N TYR C 681 0.03 28.57 33.52
CA TYR C 681 -1.15 29.12 34.19
C TYR C 681 -2.41 28.53 33.55
N THR C 682 -3.55 28.92 34.11
CA THR C 682 -4.85 28.56 33.58
C THR C 682 -5.36 29.71 32.73
N MET C 683 -5.66 29.44 31.47
CA MET C 683 -6.05 30.50 30.54
C MET C 683 -7.29 31.22 31.05
N SER C 684 -7.27 32.55 30.93
CA SER C 684 -8.42 33.37 31.28
C SER C 684 -9.23 33.66 30.03
N LEU C 685 -10.53 33.38 30.09
CA LEU C 685 -11.41 33.54 28.94
C LEU C 685 -11.89 34.97 28.79
N GLY C 686 -10.94 35.91 28.74
CA GLY C 686 -11.24 37.31 28.59
C GLY C 686 -11.47 38.01 29.93
N ALA C 687 -11.57 39.33 29.86
CA ALA C 687 -11.78 40.14 31.04
C ALA C 687 -13.24 40.08 31.46
N GLU C 688 -13.47 39.93 32.76
CA GLU C 688 -14.83 39.86 33.27
C GLU C 688 -15.54 41.20 33.11
N ASN C 689 -16.83 41.14 32.82
CA ASN C 689 -17.65 42.33 32.67
C ASN C 689 -19.04 42.05 33.20
N SER C 690 -19.71 43.11 33.66
CA SER C 690 -21.07 43.00 34.19
C SER C 690 -21.86 44.21 33.69
N VAL C 691 -22.73 44.00 32.71
CA VAL C 691 -23.54 45.08 32.18
C VAL C 691 -24.46 45.60 33.27
N ALA C 692 -24.52 46.93 33.40
CA ALA C 692 -25.36 47.58 34.41
C ALA C 692 -26.82 47.50 33.96
N TYR C 693 -27.34 46.27 33.94
CA TYR C 693 -28.70 46.04 33.47
C TYR C 693 -29.72 46.54 34.47
N SER C 694 -30.72 47.26 33.98
CA SER C 694 -31.86 47.68 34.77
C SER C 694 -33.07 47.73 33.85
N ASN C 695 -34.26 47.67 34.46
CA ASN C 695 -35.48 47.56 33.67
C ASN C 695 -35.96 48.91 33.14
N ASN C 696 -35.26 50.02 33.45
CA ASN C 696 -35.59 51.32 32.90
C ASN C 696 -34.34 52.11 32.54
N SER C 697 -33.27 51.43 32.16
CA SER C 697 -32.00 52.08 31.81
C SER C 697 -31.54 51.57 30.46
N ILE C 698 -31.15 52.49 29.58
CA ILE C 698 -30.67 52.16 28.24
C ILE C 698 -29.41 52.97 27.95
N ALA C 699 -28.41 52.31 27.37
CA ALA C 699 -27.16 52.96 26.97
C ALA C 699 -27.22 53.26 25.49
N ILE C 700 -27.06 54.53 25.13
CA ILE C 700 -27.11 55.00 23.74
C ILE C 700 -25.72 55.49 23.37
N PRO C 701 -25.19 55.15 22.19
CA PRO C 701 -23.88 55.68 21.80
C PRO C 701 -23.97 57.16 21.44
N THR C 702 -23.05 57.95 21.99
CA THR C 702 -22.93 59.36 21.65
C THR C 702 -21.86 59.63 20.61
N ASN C 703 -21.18 58.58 20.13
CA ASN C 703 -20.12 58.72 19.14
C ASN C 703 -19.99 57.42 18.38
N PHE C 704 -19.08 57.39 17.41
CA PHE C 704 -18.89 56.22 16.58
C PHE C 704 -17.43 56.14 16.12
N THR C 705 -17.09 55.01 15.53
CA THR C 705 -15.76 54.78 14.98
C THR C 705 -15.88 54.00 13.68
N ILE C 706 -15.06 54.35 12.71
CA ILE C 706 -14.99 53.66 11.43
C ILE C 706 -13.83 52.67 11.52
N SER C 707 -14.14 51.40 11.80
CA SER C 707 -13.13 50.38 12.01
C SER C 707 -12.99 49.55 10.75
N VAL C 708 -11.78 49.45 10.22
CA VAL C 708 -11.50 48.67 9.02
C VAL C 708 -10.61 47.49 9.43
N THR C 709 -11.05 46.28 9.07
CA THR C 709 -10.38 45.06 9.50
C THR C 709 -10.04 44.21 8.28
N THR C 710 -9.00 43.40 8.42
CA THR C 710 -8.51 42.56 7.34
C THR C 710 -8.97 41.12 7.52
N GLU C 711 -9.33 40.49 6.40
CA GLU C 711 -9.70 39.08 6.38
C GLU C 711 -8.99 38.42 5.21
N ILE C 712 -8.14 37.43 5.52
CA ILE C 712 -7.36 36.72 4.51
C ILE C 712 -8.05 35.41 4.19
N LEU C 713 -8.18 35.11 2.89
CA LEU C 713 -8.85 33.88 2.47
C LEU C 713 -8.11 33.24 1.29
N PRO C 714 -7.56 32.03 1.45
CA PRO C 714 -6.99 31.33 0.29
C PRO C 714 -8.07 31.08 -0.76
N VAL C 715 -7.67 31.14 -2.03
CA VAL C 715 -8.62 31.05 -3.13
C VAL C 715 -8.28 29.86 -4.03
N SER C 716 -7.00 29.50 -4.09
CA SER C 716 -6.58 28.44 -4.99
C SER C 716 -5.26 27.86 -4.50
N MET C 717 -4.96 26.65 -4.98
CA MET C 717 -3.68 26.00 -4.73
C MET C 717 -2.77 26.21 -5.94
N THR C 718 -1.61 25.55 -5.93
CA THR C 718 -0.72 25.56 -7.07
C THR C 718 -1.00 24.33 -7.92
N LYS C 719 -1.39 24.57 -9.18
CA LYS C 719 -1.87 23.50 -10.05
C LYS C 719 -0.71 22.60 -10.44
N THR C 720 -0.58 21.46 -9.76
CA THR C 720 0.53 20.54 -9.96
C THR C 720 0.08 19.32 -10.74
N SER C 721 0.93 18.86 -11.64
CA SER C 721 0.69 17.65 -12.42
C SER C 721 1.87 16.71 -12.27
N VAL C 722 1.59 15.42 -12.10
CA VAL C 722 2.61 14.40 -11.89
C VAL C 722 2.41 13.32 -12.94
N ASP C 723 3.50 12.97 -13.62
CA ASP C 723 3.49 11.86 -14.59
C ASP C 723 3.70 10.57 -13.81
N CYS C 724 2.62 9.80 -13.63
CA CYS C 724 2.70 8.60 -12.81
C CYS C 724 3.69 7.59 -13.40
N THR C 725 3.62 7.38 -14.71
CA THR C 725 4.47 6.37 -15.34
C THR C 725 5.95 6.71 -15.17
N MET C 726 6.32 7.97 -15.44
CA MET C 726 7.71 8.36 -15.32
C MET C 726 8.15 8.56 -13.88
N TYR C 727 7.22 8.96 -12.99
CA TYR C 727 7.56 9.07 -11.58
C TYR C 727 7.90 7.70 -10.99
N ILE C 728 7.04 6.70 -11.25
CA ILE C 728 7.29 5.37 -10.71
C ILE C 728 8.50 4.75 -11.39
N CYS C 729 8.58 4.87 -12.71
CA CYS C 729 9.64 4.27 -13.52
C CYS C 729 10.35 5.37 -14.30
N GLY C 730 11.60 5.63 -13.95
CA GLY C 730 12.37 6.65 -14.64
C GLY C 730 13.15 6.10 -15.81
N ASP C 731 12.61 6.24 -17.02
CA ASP C 731 13.26 5.77 -18.24
C ASP C 731 13.66 4.30 -18.13
N SER C 732 12.78 3.50 -17.55
CA SER C 732 13.01 2.07 -17.37
C SER C 732 11.93 1.32 -18.16
N THR C 733 12.33 0.71 -19.27
CA THR C 733 11.37 -0.01 -20.10
C THR C 733 10.79 -1.20 -19.34
N GLU C 734 11.62 -1.96 -18.64
CA GLU C 734 11.12 -3.11 -17.88
C GLU C 734 10.19 -2.67 -16.77
N CYS C 735 10.54 -1.60 -16.06
CA CYS C 735 9.68 -1.11 -14.99
C CYS C 735 8.34 -0.64 -15.54
N SER C 736 8.35 0.06 -16.68
CA SER C 736 7.10 0.49 -17.29
C SER C 736 6.26 -0.70 -17.72
N ASN C 737 6.89 -1.71 -18.30
CA ASN C 737 6.16 -2.90 -18.73
C ASN C 737 5.50 -3.58 -17.53
N LEU C 738 6.23 -3.69 -16.42
CA LEU C 738 5.64 -4.26 -15.21
C LEU C 738 4.50 -3.39 -14.69
N LEU C 739 4.66 -2.07 -14.76
CA LEU C 739 3.60 -1.17 -14.31
C LEU C 739 2.34 -1.32 -15.14
N LEU C 740 2.49 -1.63 -16.44
CA LEU C 740 1.32 -1.83 -17.28
C LEU C 740 0.38 -2.89 -16.71
N GLN C 741 0.94 -3.87 -15.98
CA GLN C 741 0.12 -4.94 -15.43
C GLN C 741 -0.81 -4.47 -14.30
N TYR C 742 -0.62 -3.26 -13.80
CA TYR C 742 -1.39 -2.77 -12.65
C TYR C 742 -2.68 -2.07 -13.05
N GLY C 743 -2.99 -1.97 -14.33
CA GLY C 743 -4.25 -1.39 -14.77
C GLY C 743 -4.15 0.08 -15.12
N SER C 744 -5.10 0.88 -14.64
CA SER C 744 -5.20 2.29 -14.99
C SER C 744 -5.05 3.19 -13.77
N PHE C 745 -4.24 2.78 -12.79
CA PHE C 745 -4.02 3.61 -11.61
C PHE C 745 -3.38 4.94 -12.00
N CYS C 746 -2.39 4.90 -12.90
CA CYS C 746 -1.78 6.14 -13.37
C CYS C 746 -2.82 7.04 -14.03
N THR C 747 -3.72 6.45 -14.80
CA THR C 747 -4.77 7.23 -15.45
C THR C 747 -5.66 7.91 -14.42
N GLN C 748 -6.06 7.18 -13.37
CA GLN C 748 -6.90 7.78 -12.35
C GLN C 748 -6.19 8.90 -11.61
N LEU C 749 -4.91 8.69 -11.28
CA LEU C 749 -4.16 9.73 -10.58
C LEU C 749 -4.02 10.97 -11.45
N ASN C 750 -3.72 10.79 -12.73
CA ASN C 750 -3.59 11.93 -13.63
C ASN C 750 -4.92 12.66 -13.77
N ARG C 751 -6.02 11.92 -13.90
CA ARG C 751 -7.33 12.57 -14.00
C ARG C 751 -7.66 13.35 -12.74
N ALA C 752 -7.33 12.78 -11.57
CA ALA C 752 -7.59 13.49 -10.31
C ALA C 752 -6.78 14.78 -10.24
N LEU C 753 -5.50 14.72 -10.62
CA LEU C 753 -4.67 15.92 -10.58
C LEU C 753 -5.18 16.97 -11.57
N THR C 754 -5.59 16.55 -12.78
CA THR C 754 -6.12 17.49 -13.74
C THR C 754 -7.41 18.12 -13.23
N GLY C 755 -8.28 17.32 -12.61
CA GLY C 755 -9.49 17.87 -12.02
C GLY C 755 -9.19 18.87 -10.92
N ILE C 756 -8.17 18.59 -10.10
CA ILE C 756 -7.79 19.53 -9.05
C ILE C 756 -7.31 20.84 -9.67
N ALA C 757 -6.51 20.77 -10.73
CA ALA C 757 -6.02 21.99 -11.36
C ALA C 757 -7.18 22.80 -11.95
N VAL C 758 -8.10 22.11 -12.63
CA VAL C 758 -9.26 22.81 -13.19
C VAL C 758 -10.10 23.41 -12.07
N GLU C 759 -10.17 22.72 -10.93
CA GLU C 759 -10.89 23.25 -9.79
C GLU C 759 -10.24 24.53 -9.27
N GLN C 760 -8.91 24.55 -9.22
CA GLN C 760 -8.21 25.77 -8.80
C GLN C 760 -8.53 26.93 -9.75
N ASP C 761 -8.49 26.67 -11.06
CA ASP C 761 -8.83 27.71 -12.02
C ASP C 761 -10.26 28.18 -11.83
N LYS C 762 -11.19 27.24 -11.63
CA LYS C 762 -12.59 27.59 -11.43
C LYS C 762 -12.77 28.42 -10.16
N ASN C 763 -12.05 28.07 -9.10
CA ASN C 763 -12.12 28.84 -7.85
C ASN C 763 -11.66 30.27 -8.07
N THR C 764 -10.53 30.44 -8.77
CA THR C 764 -10.05 31.79 -9.04
C THR C 764 -11.06 32.57 -9.86
N GLN C 765 -11.63 31.95 -10.91
CA GLN C 765 -12.61 32.62 -11.74
C GLN C 765 -13.83 33.03 -10.93
N GLU C 766 -14.34 32.11 -10.10
CA GLU C 766 -15.51 32.42 -9.30
C GLU C 766 -15.25 33.56 -8.33
N VAL C 767 -14.09 33.55 -7.67
CA VAL C 767 -13.81 34.57 -6.68
C VAL C 767 -13.64 35.93 -7.32
N PHE C 768 -12.86 36.01 -8.40
CA PHE C 768 -12.46 37.30 -8.94
C PHE C 768 -13.25 37.75 -10.17
N ALA C 769 -13.73 36.83 -11.00
CA ALA C 769 -14.46 37.20 -12.20
C ALA C 769 -15.95 37.39 -11.93
N GLN C 770 -16.27 38.24 -10.95
CA GLN C 770 -17.64 38.54 -10.59
C GLN C 770 -18.14 39.86 -11.20
N VAL C 771 -17.32 40.55 -11.98
CA VAL C 771 -17.69 41.82 -12.61
C VAL C 771 -17.65 41.62 -14.11
N LYS C 772 -18.76 41.98 -14.78
CA LYS C 772 -18.83 41.79 -16.23
C LYS C 772 -18.01 42.83 -16.98
N GLN C 773 -18.03 44.08 -16.52
CA GLN C 773 -17.27 45.16 -17.15
C GLN C 773 -16.05 45.51 -16.29
N ILE C 774 -15.15 46.28 -16.90
CA ILE C 774 -13.93 46.74 -16.22
C ILE C 774 -14.05 48.22 -15.94
N TYR C 775 -14.52 48.57 -14.75
CA TYR C 775 -14.72 49.96 -14.38
C TYR C 775 -13.38 50.60 -14.00
N LYS C 776 -13.30 51.91 -14.22
CA LYS C 776 -12.11 52.68 -13.91
C LYS C 776 -12.50 53.93 -13.12
N THR C 777 -11.69 54.25 -12.11
CA THR C 777 -11.96 55.43 -11.30
C THR C 777 -11.69 56.70 -12.11
N PRO C 778 -12.33 57.82 -11.75
CA PRO C 778 -12.12 59.05 -12.50
C PRO C 778 -10.69 59.53 -12.35
N PRO C 779 -10.18 60.30 -13.31
CA PRO C 779 -8.79 60.77 -13.21
C PRO C 779 -8.52 61.59 -11.96
N ILE C 780 -9.50 62.36 -11.49
CA ILE C 780 -9.36 63.19 -10.30
C ILE C 780 -10.00 62.46 -9.12
N LYS C 781 -9.21 62.20 -8.09
CA LYS C 781 -9.67 61.44 -6.93
C LYS C 781 -10.18 62.40 -5.86
N ASP C 782 -11.39 62.90 -6.09
CA ASP C 782 -12.09 63.77 -5.16
C ASP C 782 -13.36 63.04 -4.72
N PHE C 783 -13.30 62.40 -3.56
CA PHE C 783 -14.41 61.59 -3.04
C PHE C 783 -14.94 62.14 -1.72
N GLY C 784 -14.96 63.46 -1.57
CA GLY C 784 -15.47 64.06 -0.36
C GLY C 784 -14.57 63.91 0.84
N GLY C 785 -13.26 63.74 0.64
CA GLY C 785 -12.30 63.60 1.71
C GLY C 785 -11.83 62.17 1.93
N PHE C 786 -12.54 61.19 1.40
CA PHE C 786 -12.11 59.80 1.52
C PHE C 786 -10.97 59.52 0.55
N ASN C 787 -9.92 58.87 1.05
CA ASN C 787 -8.73 58.57 0.27
C ASN C 787 -8.65 57.07 0.05
N PHE C 788 -8.56 56.66 -1.22
CA PHE C 788 -8.42 55.26 -1.60
C PHE C 788 -7.09 54.98 -2.28
N SER C 789 -6.11 55.88 -2.15
CA SER C 789 -4.82 55.68 -2.80
C SER C 789 -4.15 54.40 -2.33
N GLN C 790 -4.34 54.04 -1.05
CA GLN C 790 -3.70 52.84 -0.52
C GLN C 790 -4.30 51.56 -1.07
N ILE C 791 -5.50 51.62 -1.65
CA ILE C 791 -6.14 50.45 -2.23
C ILE C 791 -6.30 50.56 -3.74
N LEU C 792 -6.23 51.75 -4.31
CA LEU C 792 -6.30 51.89 -5.76
C LEU C 792 -4.92 51.67 -6.39
N PRO C 793 -4.87 51.18 -7.63
CA PRO C 793 -3.57 50.96 -8.26
C PRO C 793 -2.85 52.28 -8.52
N ASP C 794 -1.52 52.22 -8.44
CA ASP C 794 -0.67 53.37 -8.72
C ASP C 794 0.09 53.13 -10.03
N PRO C 795 -0.13 53.92 -11.07
CA PRO C 795 0.54 53.64 -12.35
C PRO C 795 2.06 53.75 -12.29
N SER C 796 2.61 54.41 -11.28
CA SER C 796 4.05 54.63 -11.23
C SER C 796 4.82 53.32 -11.26
N LYS C 797 4.38 52.35 -10.46
CA LYS C 797 5.09 51.08 -10.38
C LYS C 797 4.90 50.27 -11.67
N PRO C 798 5.85 49.40 -12.00
CA PRO C 798 5.69 48.60 -13.23
C PRO C 798 4.42 47.75 -13.23
N SER C 799 4.04 47.21 -12.08
CA SER C 799 2.82 46.42 -11.95
C SER C 799 1.73 47.29 -11.33
N LYS C 800 0.55 47.29 -11.94
CA LYS C 800 -0.56 48.13 -11.49
C LYS C 800 -1.24 47.51 -10.27
N ARG C 801 -0.47 47.41 -9.19
CA ARG C 801 -0.95 46.88 -7.92
C ARG C 801 -1.01 48.00 -6.90
N SER C 802 -2.06 47.98 -6.07
CA SER C 802 -2.18 48.96 -5.01
C SER C 802 -1.05 48.77 -3.99
N PHE C 803 -0.92 49.76 -3.10
CA PHE C 803 0.14 49.70 -2.09
C PHE C 803 -0.04 48.49 -1.19
N ILE C 804 -1.26 48.26 -0.72
CA ILE C 804 -1.52 47.09 0.12
C ILE C 804 -1.32 45.81 -0.68
N GLU C 805 -1.74 45.81 -1.95
CA GLU C 805 -1.55 44.63 -2.79
C GLU C 805 -0.07 44.32 -2.95
N ASP C 806 0.76 45.36 -3.18
CA ASP C 806 2.20 45.14 -3.30
C ASP C 806 2.79 44.64 -1.99
N LEU C 807 2.34 45.19 -0.86
CA LEU C 807 2.81 44.70 0.42
C LEU C 807 2.49 43.21 0.59
N LEU C 808 1.25 42.82 0.27
CA LEU C 808 0.86 41.43 0.38
C LEU C 808 1.70 40.54 -0.53
N PHE C 809 1.92 40.98 -1.78
CA PHE C 809 2.69 40.18 -2.72
C PHE C 809 4.14 40.03 -2.24
N ASN C 810 4.75 41.11 -1.76
CA ASN C 810 6.13 41.04 -1.31
C ASN C 810 6.27 40.16 -0.09
N LYS C 811 5.32 40.24 0.84
CA LYS C 811 5.43 39.48 2.08
C LYS C 811 5.43 37.98 1.86
N VAL C 812 4.58 37.49 0.96
CA VAL C 812 4.44 36.05 0.74
C VAL C 812 5.67 35.56 -0.02
N THR C 813 6.28 34.49 0.48
CA THR C 813 7.45 33.89 -0.16
C THR C 813 7.14 32.48 -0.64
N LEU C 835 12.32 22.96 -3.26
CA LEU C 835 11.44 24.07 -3.61
C LEU C 835 10.61 23.70 -4.85
N ILE C 836 9.65 24.56 -5.20
CA ILE C 836 8.76 24.26 -6.32
C ILE C 836 9.56 24.13 -7.61
N CYS C 837 10.50 25.05 -7.85
CA CYS C 837 11.26 25.01 -9.08
C CYS C 837 12.30 23.89 -9.06
N ALA C 838 12.88 23.60 -7.90
CA ALA C 838 13.95 22.62 -7.82
C ALA C 838 13.44 21.19 -7.90
N GLN C 839 12.13 20.97 -7.77
CA GLN C 839 11.57 19.63 -7.75
C GLN C 839 11.19 19.13 -9.13
N LYS C 840 11.40 19.91 -10.19
CA LYS C 840 11.07 19.47 -11.53
C LYS C 840 12.10 18.44 -12.02
N PHE C 841 12.07 17.25 -11.43
CA PHE C 841 13.02 16.20 -11.78
C PHE C 841 12.38 14.83 -12.01
N ASN C 842 11.14 14.62 -11.59
CA ASN C 842 10.49 13.32 -11.69
C ASN C 842 9.05 13.46 -12.16
N GLY C 843 8.83 14.31 -13.16
CA GLY C 843 7.52 14.45 -13.74
C GLY C 843 6.63 15.48 -13.09
N LEU C 844 7.18 16.36 -12.26
CA LEU C 844 6.41 17.40 -11.60
C LEU C 844 6.51 18.69 -12.40
N THR C 845 5.48 18.97 -13.20
CA THR C 845 5.42 20.17 -14.04
C THR C 845 4.33 21.07 -13.47
N VAL C 846 4.75 22.18 -12.86
CA VAL C 846 3.81 23.04 -12.16
C VAL C 846 4.00 24.52 -12.52
N LEU C 847 3.29 24.98 -13.56
CA LEU C 847 2.99 26.40 -13.70
C LEU C 847 1.84 26.66 -14.68
N PRO C 848 0.67 26.05 -14.51
CA PRO C 848 -0.48 26.42 -15.35
C PRO C 848 -1.44 27.37 -14.67
N PRO C 849 -1.04 28.58 -14.26
CA PRO C 849 -2.05 29.57 -13.88
C PRO C 849 -2.77 30.13 -15.10
N LEU C 850 -4.10 30.00 -15.12
CA LEU C 850 -4.89 30.53 -16.22
C LEU C 850 -4.91 32.06 -16.18
N LEU C 851 -5.17 32.63 -15.01
CA LEU C 851 -5.22 34.08 -14.84
C LEU C 851 -3.91 34.56 -14.21
N THR C 852 -3.22 35.43 -14.91
CA THR C 852 -1.99 36.01 -14.38
C THR C 852 -2.31 36.95 -13.23
N ASP C 853 -1.31 37.18 -12.37
CA ASP C 853 -1.51 38.09 -11.25
C ASP C 853 -1.95 39.47 -11.74
N GLU C 854 -1.49 39.89 -12.91
CA GLU C 854 -1.93 41.17 -13.46
C GLU C 854 -3.41 41.17 -13.74
N MET C 855 -3.94 40.07 -14.29
CA MET C 855 -5.37 40.00 -14.59
C MET C 855 -6.20 40.02 -13.32
N ILE C 856 -5.75 39.31 -12.27
CA ILE C 856 -6.48 39.32 -11.01
C ILE C 856 -6.43 40.71 -10.38
N ALA C 857 -5.28 41.38 -10.48
CA ALA C 857 -5.19 42.76 -9.99
C ALA C 857 -6.13 43.68 -10.76
N GLN C 858 -6.24 43.48 -12.08
CA GLN C 858 -7.17 44.27 -12.87
C GLN C 858 -8.61 44.02 -12.44
N TYR C 859 -8.95 42.76 -12.16
CA TYR C 859 -10.30 42.44 -11.68
C TYR C 859 -10.57 43.15 -10.36
N THR C 860 -9.60 43.10 -9.44
CA THR C 860 -9.78 43.76 -8.15
C THR C 860 -9.92 45.27 -8.32
N SER C 861 -9.12 45.86 -9.22
CA SER C 861 -9.22 47.30 -9.46
C SER C 861 -10.58 47.66 -10.06
N ALA C 862 -11.09 46.82 -10.97
CA ALA C 862 -12.42 47.07 -11.52
C ALA C 862 -13.49 47.00 -10.44
N LEU C 863 -13.39 46.01 -9.56
CA LEU C 863 -14.35 45.92 -8.46
C LEU C 863 -14.26 47.15 -7.56
N LEU C 864 -13.04 47.60 -7.25
CA LEU C 864 -12.87 48.77 -6.41
C LEU C 864 -13.48 50.01 -7.07
N ALA C 865 -13.22 50.20 -8.36
CA ALA C 865 -13.78 51.35 -9.05
C ALA C 865 -15.29 51.28 -9.08
N GLY C 866 -15.85 50.10 -9.33
CA GLY C 866 -17.30 49.96 -9.37
C GLY C 866 -17.93 50.29 -8.02
N THR C 867 -17.37 49.76 -6.94
CA THR C 867 -17.95 50.02 -5.62
C THR C 867 -17.76 51.47 -5.22
N ILE C 868 -16.64 52.08 -5.60
CA ILE C 868 -16.39 53.47 -5.20
C ILE C 868 -17.32 54.42 -5.95
N THR C 869 -17.47 54.22 -7.27
CA THR C 869 -18.20 55.17 -8.09
C THR C 869 -19.68 54.84 -8.26
N SER C 870 -20.13 53.66 -7.82
CA SER C 870 -21.51 53.26 -8.01
C SER C 870 -22.10 52.53 -6.81
N GLY C 871 -21.37 52.42 -5.71
CA GLY C 871 -21.89 51.68 -4.57
C GLY C 871 -22.18 50.24 -4.95
N TRP C 872 -23.37 49.77 -4.57
CA TRP C 872 -23.78 48.40 -4.84
C TRP C 872 -24.58 48.26 -6.13
N THR C 873 -24.83 49.36 -6.85
CA THR C 873 -25.66 49.28 -8.04
C THR C 873 -25.01 48.42 -9.13
N PHE C 874 -23.70 48.57 -9.32
CA PHE C 874 -23.02 47.83 -10.37
C PHE C 874 -23.04 46.32 -10.14
N GLY C 875 -23.22 45.88 -8.90
CA GLY C 875 -23.29 44.47 -8.59
C GLY C 875 -24.65 43.83 -8.80
N ALA C 876 -25.64 44.61 -9.25
CA ALA C 876 -26.98 44.08 -9.46
C ALA C 876 -27.57 44.53 -10.80
N GLY C 877 -26.78 45.12 -11.69
CA GLY C 877 -27.28 45.59 -12.97
C GLY C 877 -26.41 46.69 -13.55
N ALA C 878 -27.04 47.66 -14.20
CA ALA C 878 -26.29 48.79 -14.75
C ALA C 878 -25.62 49.57 -13.64
N ALA C 879 -24.38 49.99 -13.89
CA ALA C 879 -23.61 50.75 -12.90
C ALA C 879 -24.12 52.19 -12.88
N LEU C 880 -24.69 52.59 -11.75
CA LEU C 880 -25.26 53.93 -11.59
C LEU C 880 -24.32 54.74 -10.69
N GLN C 881 -23.92 55.91 -11.18
CA GLN C 881 -23.00 56.76 -10.43
C GLN C 881 -23.72 57.45 -9.27
N ILE C 882 -22.95 57.76 -8.24
CA ILE C 882 -23.47 58.45 -7.06
C ILE C 882 -22.29 59.02 -6.28
N PRO C 883 -22.38 60.23 -5.73
CA PRO C 883 -21.27 60.75 -4.92
C PRO C 883 -20.98 59.83 -3.75
N PHE C 884 -19.69 59.68 -3.44
CA PHE C 884 -19.30 58.74 -2.40
C PHE C 884 -19.87 59.14 -1.04
N ALA C 885 -20.02 60.43 -0.79
CA ALA C 885 -20.65 60.86 0.46
C ALA C 885 -22.09 60.38 0.54
N MET C 886 -22.83 60.49 -0.57
CA MET C 886 -24.21 60.02 -0.59
C MET C 886 -24.27 58.50 -0.47
N GLN C 887 -23.30 57.80 -1.08
CA GLN C 887 -23.24 56.35 -0.91
C GLN C 887 -23.00 55.97 0.55
N MET C 888 -22.12 56.70 1.22
CA MET C 888 -21.88 56.46 2.64
C MET C 888 -23.13 56.75 3.46
N ALA C 889 -23.88 57.79 3.08
CA ALA C 889 -25.14 58.07 3.75
C ALA C 889 -26.12 56.92 3.56
N TYR C 890 -26.21 56.39 2.34
CA TYR C 890 -27.07 55.23 2.08
C TYR C 890 -26.67 54.06 2.97
N ARG C 891 -25.38 53.78 3.07
CA ARG C 891 -24.91 52.66 3.87
C ARG C 891 -25.08 52.89 5.37
N PHE C 892 -25.01 54.14 5.82
CA PHE C 892 -25.38 54.46 7.20
C PHE C 892 -26.85 54.17 7.44
N ASN C 893 -27.71 54.55 6.50
CA ASN C 893 -29.12 54.18 6.60
C ASN C 893 -29.27 52.66 6.63
N GLY C 894 -28.39 51.94 5.95
CA GLY C 894 -28.46 50.49 5.97
C GLY C 894 -28.29 49.91 7.37
N ILE C 895 -27.45 50.55 8.18
CA ILE C 895 -27.19 50.08 9.55
C ILE C 895 -28.11 50.77 10.55
N GLY C 896 -29.13 51.48 10.09
CA GLY C 896 -30.09 52.08 10.99
C GLY C 896 -29.70 53.44 11.55
N VAL C 897 -28.80 54.16 10.89
CA VAL C 897 -28.38 55.49 11.31
C VAL C 897 -28.77 56.48 10.23
N THR C 898 -29.33 57.62 10.63
CA THR C 898 -29.87 58.58 9.69
C THR C 898 -28.76 59.21 8.85
N GLN C 899 -29.16 59.81 7.74
CA GLN C 899 -28.20 60.44 6.83
C GLN C 899 -27.50 61.63 7.48
N ASN C 900 -28.26 62.42 8.26
CA ASN C 900 -27.74 63.69 8.73
C ASN C 900 -26.44 63.54 9.51
N VAL C 901 -26.23 62.41 10.17
CA VAL C 901 -25.01 62.24 10.96
C VAL C 901 -23.79 62.29 10.05
N LEU C 902 -23.85 61.62 8.90
CA LEU C 902 -22.72 61.67 7.96
C LEU C 902 -22.57 63.06 7.37
N TYR C 903 -23.67 63.69 6.97
CA TYR C 903 -23.57 65.01 6.37
C TYR C 903 -23.14 66.07 7.39
N GLU C 904 -23.12 65.73 8.67
CA GLU C 904 -22.64 66.64 9.70
C GLU C 904 -21.24 66.30 10.19
N ASN C 905 -20.81 65.05 10.06
CA ASN C 905 -19.48 64.61 10.50
C ASN C 905 -18.69 63.99 9.35
N GLN C 906 -18.90 64.48 8.12
CA GLN C 906 -18.23 63.92 6.96
C GLN C 906 -16.72 64.00 7.08
N LYS C 907 -16.19 65.15 7.47
CA LYS C 907 -14.74 65.30 7.55
C LYS C 907 -14.16 64.37 8.61
N LEU C 908 -14.82 64.27 9.76
CA LEU C 908 -14.36 63.37 10.81
C LEU C 908 -14.39 61.92 10.34
N ILE C 909 -15.46 61.52 9.65
CA ILE C 909 -15.57 60.15 9.18
C ILE C 909 -14.51 59.84 8.14
N ALA C 910 -14.26 60.78 7.22
CA ALA C 910 -13.22 60.58 6.22
C ALA C 910 -11.85 60.47 6.87
N ASN C 911 -11.57 61.31 7.87
CA ASN C 911 -10.30 61.22 8.58
C ASN C 911 -10.16 59.87 9.27
N GLN C 912 -11.23 59.41 9.91
CA GLN C 912 -11.19 58.09 10.57
C GLN C 912 -10.93 56.98 9.57
N PHE C 913 -11.59 57.03 8.41
CA PHE C 913 -11.40 56.00 7.39
C PHE C 913 -9.97 56.01 6.87
N ASN C 914 -9.43 57.20 6.58
CA ASN C 914 -8.05 57.28 6.09
C ASN C 914 -7.06 56.77 7.13
N SER C 915 -7.27 57.15 8.39
CA SER C 915 -6.39 56.67 9.45
C SER C 915 -6.48 55.17 9.60
N ALA C 916 -7.68 54.60 9.47
CA ALA C 916 -7.82 53.15 9.56
C ALA C 916 -7.09 52.46 8.42
N ILE C 917 -7.20 52.99 7.20
CA ILE C 917 -6.51 52.38 6.07
C ILE C 917 -5.00 52.45 6.28
N GLY C 918 -4.48 53.60 6.72
CA GLY C 918 -3.07 53.71 7.01
C GLY C 918 -2.64 52.74 8.10
N LYS C 919 -3.48 52.56 9.12
CA LYS C 919 -3.17 51.63 10.19
C LYS C 919 -3.11 50.20 9.68
N ILE C 920 -4.01 49.84 8.77
CA ILE C 920 -3.97 48.50 8.18
C ILE C 920 -2.67 48.31 7.40
N GLN C 921 -2.28 49.32 6.61
CA GLN C 921 -1.02 49.19 5.88
C GLN C 921 0.15 49.02 6.83
N ASP C 922 0.19 49.83 7.90
CA ASP C 922 1.29 49.75 8.85
C ASP C 922 1.30 48.40 9.57
N SER C 923 0.13 47.90 9.97
CA SER C 923 0.06 46.62 10.66
C SER C 923 0.51 45.49 9.75
N LEU C 924 0.09 45.50 8.49
CA LEU C 924 0.55 44.49 7.56
C LEU C 924 2.06 44.57 7.38
N SER C 925 2.60 45.77 7.26
CA SER C 925 4.04 45.92 7.08
C SER C 925 4.81 45.41 8.29
N SER C 926 4.32 45.70 9.49
CA SER C 926 5.04 45.40 10.73
C SER C 926 4.76 44.01 11.28
N THR C 927 3.86 43.25 10.66
CA THR C 927 3.51 41.91 11.13
C THR C 927 3.77 40.91 10.01
N ALA C 928 4.46 39.82 10.35
CA ALA C 928 4.78 38.77 9.39
C ALA C 928 3.80 37.62 9.42
N SER C 929 3.03 37.47 10.50
CA SER C 929 2.07 36.39 10.64
C SER C 929 0.67 36.76 10.13
N ALA C 930 0.50 37.96 9.59
CA ALA C 930 -0.80 38.35 9.08
C ALA C 930 -1.23 37.48 7.91
N LEU C 931 -0.27 37.08 7.07
CA LEU C 931 -0.54 36.25 5.90
C LEU C 931 -0.38 34.77 6.20
N GLY C 932 -0.67 34.34 7.43
CA GLY C 932 -0.38 32.98 7.84
C GLY C 932 -1.10 31.93 7.03
N LYS C 933 -2.33 32.23 6.58
CA LYS C 933 -3.13 31.21 5.90
C LYS C 933 -2.54 30.86 4.53
N LEU C 934 -2.22 31.88 3.72
CA LEU C 934 -1.66 31.62 2.40
C LEU C 934 -0.29 30.97 2.51
N GLN C 935 0.53 31.45 3.44
CA GLN C 935 1.84 30.83 3.65
C GLN C 935 1.69 29.38 4.10
N ASP C 936 0.70 29.10 4.95
CA ASP C 936 0.48 27.72 5.38
C ASP C 936 0.07 26.84 4.21
N VAL C 937 -0.81 27.34 3.35
CA VAL C 937 -1.22 26.55 2.18
C VAL C 937 -0.01 26.26 1.29
N VAL C 938 0.81 27.29 1.03
CA VAL C 938 1.97 27.11 0.18
C VAL C 938 2.94 26.12 0.81
N ASN C 939 3.17 26.24 2.11
CA ASN C 939 4.07 25.33 2.80
C ASN C 939 3.55 23.90 2.77
N GLN C 940 2.24 23.72 2.94
CA GLN C 940 1.67 22.37 2.88
C GLN C 940 1.89 21.76 1.50
N ASN C 941 1.62 22.52 0.44
CA ASN C 941 1.82 21.99 -0.90
C ASN C 941 3.29 21.66 -1.15
N ALA C 942 4.19 22.56 -0.76
CA ALA C 942 5.61 22.33 -0.98
C ALA C 942 6.10 21.12 -0.19
N GLN C 943 5.62 20.97 1.05
CA GLN C 943 6.04 19.84 1.87
C GLN C 943 5.50 18.52 1.31
N ALA C 944 4.27 18.53 0.79
CA ALA C 944 3.74 17.33 0.15
C ALA C 944 4.59 16.95 -1.06
N LEU C 945 4.95 17.94 -1.89
CA LEU C 945 5.79 17.65 -3.05
C LEU C 945 7.16 17.14 -2.61
N ASN C 946 7.73 17.74 -1.56
CA ASN C 946 9.05 17.31 -1.09
C ASN C 946 8.99 15.88 -0.57
N THR C 947 7.94 15.53 0.18
CA THR C 947 7.79 14.17 0.65
C THR C 947 7.64 13.19 -0.51
N LEU C 948 6.85 13.57 -1.52
CA LEU C 948 6.69 12.71 -2.69
C LEU C 948 8.03 12.48 -3.38
N VAL C 949 8.82 13.53 -3.53
CA VAL C 949 10.14 13.38 -4.15
C VAL C 949 11.05 12.51 -3.30
N LYS C 950 11.04 12.73 -1.98
CA LYS C 950 11.90 11.96 -1.09
C LYS C 950 11.54 10.48 -1.10
N GLN C 951 10.25 10.16 -1.30
CA GLN C 951 9.84 8.77 -1.33
C GLN C 951 10.52 7.99 -2.45
N LEU C 952 11.05 8.67 -3.47
CA LEU C 952 11.75 7.99 -4.55
C LEU C 952 13.09 7.41 -4.11
N SER C 953 13.62 7.84 -2.96
CA SER C 953 14.89 7.35 -2.44
C SER C 953 14.68 6.34 -1.33
N SER C 954 13.60 5.56 -1.42
CA SER C 954 13.27 4.54 -0.43
C SER C 954 13.27 3.18 -1.10
N ASN C 955 13.91 2.21 -0.46
CA ASN C 955 14.01 0.87 -1.03
C ASN C 955 12.66 0.16 -1.01
N PHE C 956 11.85 0.41 0.01
CA PHE C 956 10.58 -0.29 0.19
C PHE C 956 10.79 -1.79 0.30
N GLY C 957 11.90 -2.21 0.90
CA GLY C 957 12.24 -3.60 1.02
C GLY C 957 13.07 -4.15 -0.12
N ALA C 958 13.30 -3.38 -1.17
CA ALA C 958 14.11 -3.82 -2.28
C ALA C 958 15.59 -3.69 -1.95
N ILE C 959 16.43 -4.30 -2.79
CA ILE C 959 17.88 -4.25 -2.57
C ILE C 959 18.39 -2.82 -2.72
N SER C 960 17.81 -2.05 -3.64
CA SER C 960 18.25 -0.70 -3.89
C SER C 960 17.07 0.14 -4.34
N SER C 961 17.27 1.46 -4.37
CA SER C 961 16.25 2.40 -4.79
C SER C 961 16.49 2.96 -6.19
N VAL C 962 17.51 2.49 -6.89
CA VAL C 962 17.84 2.97 -8.23
C VAL C 962 17.58 1.84 -9.22
N LEU C 963 16.68 2.08 -10.17
CA LEU C 963 16.29 1.03 -11.11
C LEU C 963 17.51 0.42 -11.80
N ASN C 964 18.47 1.27 -12.18
CA ASN C 964 19.66 0.77 -12.87
C ASN C 964 20.43 -0.20 -11.99
N ASP C 965 20.52 0.08 -10.69
CA ASP C 965 21.26 -0.80 -9.80
C ASP C 965 20.64 -2.20 -9.75
N ILE C 966 19.31 -2.27 -9.59
CA ILE C 966 18.66 -3.57 -9.58
C ILE C 966 18.82 -4.28 -10.93
N LEU C 967 18.66 -3.53 -12.02
CA LEU C 967 18.77 -4.15 -13.34
C LEU C 967 20.16 -4.73 -13.56
N SER C 968 21.21 -3.99 -13.18
CA SER C 968 22.57 -4.45 -13.43
C SER C 968 22.95 -5.58 -12.48
N ARG C 969 22.64 -5.44 -11.19
CA ARG C 969 23.08 -6.41 -10.20
C ARG C 969 22.34 -7.73 -10.28
N LEU C 970 21.16 -7.78 -10.90
CA LEU C 970 20.35 -8.98 -10.94
C LEU C 970 19.86 -9.24 -12.36
N ASP C 971 19.77 -10.52 -12.70
CA ASP C 971 19.19 -10.95 -13.96
C ASP C 971 17.67 -10.84 -13.88
N PRO C 972 16.98 -10.97 -15.01
CA PRO C 972 15.54 -10.65 -15.05
C PRO C 972 14.73 -11.37 -13.99
N PRO C 973 14.98 -12.67 -13.72
CA PRO C 973 14.06 -13.39 -12.82
C PRO C 973 13.88 -12.74 -11.44
N GLU C 974 14.94 -12.22 -10.82
CA GLU C 974 14.79 -11.56 -9.53
C GLU C 974 14.56 -10.05 -9.66
N ALA C 975 15.07 -9.45 -10.74
CA ALA C 975 14.69 -8.07 -11.02
C ALA C 975 13.18 -7.93 -11.12
N GLU C 976 12.50 -8.99 -11.57
CA GLU C 976 11.04 -8.99 -11.59
C GLU C 976 10.48 -8.61 -10.22
N VAL C 977 10.80 -9.40 -9.20
CA VAL C 977 10.24 -9.17 -7.88
C VAL C 977 10.76 -7.85 -7.29
N GLN C 978 12.03 -7.53 -7.52
CA GLN C 978 12.57 -6.29 -6.96
C GLN C 978 11.84 -5.08 -7.51
N ILE C 979 11.67 -5.02 -8.84
CA ILE C 979 10.99 -3.91 -9.46
C ILE C 979 9.52 -3.90 -9.08
N ASP C 980 8.92 -5.08 -8.90
CA ASP C 980 7.54 -5.13 -8.44
C ASP C 980 7.40 -4.48 -7.06
N ARG C 981 8.31 -4.80 -6.15
CA ARG C 981 8.27 -4.21 -4.81
C ARG C 981 8.46 -2.70 -4.88
N LEU C 982 9.44 -2.25 -5.69
CA LEU C 982 9.67 -0.81 -5.81
C LEU C 982 8.45 -0.11 -6.41
N ILE C 983 7.83 -0.72 -7.42
CA ILE C 983 6.65 -0.14 -8.04
C ILE C 983 5.51 -0.05 -7.04
N THR C 984 5.31 -1.10 -6.23
CA THR C 984 4.27 -1.06 -5.22
C THR C 984 4.50 0.09 -4.25
N GLY C 985 5.74 0.24 -3.77
CA GLY C 985 6.03 1.31 -2.84
C GLY C 985 5.78 2.68 -3.44
N ARG C 986 6.29 2.91 -4.65
CA ARG C 986 6.14 4.22 -5.27
C ARG C 986 4.70 4.52 -5.61
N LEU C 987 3.94 3.50 -6.06
CA LEU C 987 2.53 3.68 -6.35
C LEU C 987 1.75 4.01 -5.10
N GLN C 988 2.07 3.35 -3.98
CA GLN C 988 1.41 3.68 -2.72
C GLN C 988 1.71 5.12 -2.32
N SER C 989 2.97 5.55 -2.47
CA SER C 989 3.32 6.92 -2.14
C SER C 989 2.54 7.90 -3.01
N LEU C 990 2.46 7.63 -4.32
CA LEU C 990 1.75 8.52 -5.22
C LEU C 990 0.26 8.57 -4.90
N GLN C 991 -0.33 7.41 -4.58
CA GLN C 991 -1.74 7.39 -4.22
C GLN C 991 -2.01 8.18 -2.95
N THR C 992 -1.14 8.04 -1.95
CA THR C 992 -1.29 8.83 -0.73
C THR C 992 -1.18 10.32 -1.03
N TYR C 993 -0.21 10.70 -1.85
CA TYR C 993 -0.06 12.11 -2.22
C TYR C 993 -1.31 12.63 -2.93
N VAL C 994 -1.86 11.84 -3.85
CA VAL C 994 -3.03 12.28 -4.60
C VAL C 994 -4.25 12.39 -3.69
N THR C 995 -4.41 11.45 -2.75
CA THR C 995 -5.53 11.54 -1.82
C THR C 995 -5.41 12.78 -0.94
N GLN C 996 -4.21 13.06 -0.42
CA GLN C 996 -4.01 14.26 0.38
C GLN C 996 -4.27 15.51 -0.45
N GLN C 997 -3.83 15.51 -1.71
CA GLN C 997 -4.08 16.65 -2.57
C GLN C 997 -5.58 16.84 -2.82
N LEU C 998 -6.32 15.74 -2.98
CA LEU C 998 -7.76 15.86 -3.16
C LEU C 998 -8.43 16.44 -1.92
N ILE C 999 -8.01 16.01 -0.73
CA ILE C 999 -8.60 16.55 0.49
C ILE C 999 -8.27 18.04 0.62
N ARG C 1000 -7.03 18.41 0.36
CA ARG C 1000 -6.64 19.81 0.44
C ARG C 1000 -7.38 20.63 -0.60
N ALA C 1001 -7.62 20.06 -1.78
CA ALA C 1001 -8.36 20.76 -2.82
C ALA C 1001 -9.81 20.96 -2.40
N ALA C 1002 -10.41 19.98 -1.73
CA ALA C 1002 -11.76 20.17 -1.22
C ALA C 1002 -11.80 21.30 -0.19
N GLU C 1003 -10.81 21.32 0.73
CA GLU C 1003 -10.76 22.39 1.73
C GLU C 1003 -10.60 23.75 1.05
N ILE C 1004 -9.72 23.83 0.06
CA ILE C 1004 -9.48 25.10 -0.62
C ILE C 1004 -10.69 25.49 -1.45
N ARG C 1005 -11.44 24.53 -1.99
CA ARG C 1005 -12.66 24.85 -2.70
C ARG C 1005 -13.70 25.43 -1.75
N ALA C 1006 -13.81 24.87 -0.54
CA ALA C 1006 -14.69 25.47 0.46
C ALA C 1006 -14.27 26.89 0.79
N SER C 1007 -12.96 27.10 0.96
CA SER C 1007 -12.46 28.44 1.25
C SER C 1007 -12.76 29.40 0.10
N ALA C 1008 -12.61 28.93 -1.14
CA ALA C 1008 -12.87 29.77 -2.30
C ALA C 1008 -14.35 30.09 -2.44
N ASN C 1009 -15.22 29.14 -2.11
CA ASN C 1009 -16.65 29.41 -2.10
C ASN C 1009 -16.99 30.47 -1.06
N LEU C 1010 -16.38 30.36 0.13
CA LEU C 1010 -16.59 31.39 1.14
C LEU C 1010 -16.10 32.75 0.66
N ALA C 1011 -14.94 32.78 0.00
CA ALA C 1011 -14.41 34.04 -0.51
C ALA C 1011 -15.33 34.63 -1.59
N ALA C 1012 -15.86 33.78 -2.47
CA ALA C 1012 -16.77 34.27 -3.50
C ALA C 1012 -18.05 34.81 -2.88
N THR C 1013 -18.57 34.14 -1.86
CA THR C 1013 -19.76 34.63 -1.17
C THR C 1013 -19.48 35.98 -0.51
N LYS C 1014 -18.31 36.11 0.11
CA LYS C 1014 -17.95 37.38 0.74
C LYS C 1014 -17.80 38.49 -0.30
N MET C 1015 -17.21 38.17 -1.45
CA MET C 1015 -17.13 39.16 -2.52
C MET C 1015 -18.51 39.57 -3.00
N SER C 1016 -19.42 38.60 -3.13
CA SER C 1016 -20.76 38.90 -3.61
C SER C 1016 -21.53 39.77 -2.62
N GLU C 1017 -21.44 39.47 -1.33
CA GLU C 1017 -22.28 40.11 -0.33
C GLU C 1017 -21.67 41.36 0.29
N CYS C 1018 -20.39 41.31 0.65
CA CYS C 1018 -19.76 42.44 1.34
C CYS C 1018 -19.26 43.49 0.38
N VAL C 1019 -18.64 43.08 -0.73
CA VAL C 1019 -18.05 44.02 -1.68
C VAL C 1019 -19.10 44.59 -2.63
N LEU C 1020 -19.93 43.74 -3.21
CA LEU C 1020 -20.95 44.19 -4.16
C LEU C 1020 -22.20 44.69 -3.46
N GLY C 1021 -22.26 44.63 -2.14
CA GLY C 1021 -23.44 45.11 -1.42
C GLY C 1021 -23.13 45.23 0.05
N GLN C 1022 -24.16 45.63 0.80
CA GLN C 1022 -24.08 45.76 2.25
C GLN C 1022 -24.79 44.58 2.88
N SER C 1023 -24.10 43.90 3.81
CA SER C 1023 -24.58 42.67 4.40
C SER C 1023 -25.08 42.94 5.82
N LYS C 1024 -26.28 42.45 6.13
CA LYS C 1024 -26.82 42.51 7.47
C LYS C 1024 -26.36 41.35 8.35
N ARG C 1025 -25.69 40.35 7.77
CA ARG C 1025 -25.21 39.22 8.55
C ARG C 1025 -24.16 39.68 9.55
N VAL C 1026 -24.27 39.21 10.79
CA VAL C 1026 -23.39 39.66 11.86
C VAL C 1026 -22.08 38.90 11.79
N ASP C 1027 -20.98 39.63 11.96
CA ASP C 1027 -19.61 39.09 11.98
C ASP C 1027 -19.23 38.42 10.67
N PHE C 1028 -20.03 38.58 9.61
CA PHE C 1028 -19.68 38.04 8.31
C PHE C 1028 -18.66 38.94 7.61
N CYS C 1029 -19.02 40.19 7.36
CA CYS C 1029 -18.14 41.16 6.73
C CYS C 1029 -17.43 42.01 7.78
N GLY C 1030 -16.70 41.33 8.66
CA GLY C 1030 -15.95 42.00 9.70
C GLY C 1030 -16.75 42.17 10.98
N LYS C 1031 -16.06 42.71 11.99
CA LYS C 1031 -16.65 42.91 13.31
C LYS C 1031 -17.29 44.30 13.36
N GLY C 1032 -18.55 44.35 13.79
CA GLY C 1032 -19.30 45.58 13.88
C GLY C 1032 -20.37 45.66 12.80
N TYR C 1033 -21.02 46.81 12.72
CA TYR C 1033 -22.04 47.06 11.72
C TYR C 1033 -21.36 47.30 10.37
N HIS C 1034 -21.55 46.37 9.44
CA HIS C 1034 -20.87 46.44 8.17
C HIS C 1034 -21.29 47.68 7.40
N LEU C 1035 -20.32 48.42 6.88
CA LEU C 1035 -20.56 49.54 5.99
C LEU C 1035 -20.21 49.22 4.54
N MET C 1036 -19.02 48.68 4.30
CA MET C 1036 -18.62 48.29 2.96
C MET C 1036 -17.38 47.40 3.07
N SER C 1037 -16.85 47.01 1.91
CA SER C 1037 -15.67 46.15 1.87
C SER C 1037 -14.91 46.38 0.58
N PHE C 1038 -13.59 46.18 0.65
CA PHE C 1038 -12.71 46.37 -0.49
C PHE C 1038 -11.87 45.12 -0.69
N PRO C 1039 -11.82 44.56 -1.91
CA PRO C 1039 -10.97 43.39 -2.15
C PRO C 1039 -9.57 43.76 -2.59
N GLN C 1040 -8.63 42.89 -2.25
CA GLN C 1040 -7.23 43.05 -2.64
C GLN C 1040 -6.68 41.67 -3.00
N SER C 1041 -6.16 41.54 -4.21
CA SER C 1041 -5.57 40.28 -4.62
C SER C 1041 -4.29 40.01 -3.84
N ALA C 1042 -4.06 38.74 -3.51
CA ALA C 1042 -2.84 38.30 -2.87
C ALA C 1042 -2.45 36.95 -3.47
N PRO C 1043 -1.19 36.57 -3.38
CA PRO C 1043 -0.77 35.30 -3.99
C PRO C 1043 -1.64 34.14 -3.54
N HIS C 1044 -2.39 33.57 -4.48
CA HIS C 1044 -3.27 32.43 -4.20
C HIS C 1044 -4.28 32.76 -3.11
N GLY C 1045 -4.84 33.96 -3.15
CA GLY C 1045 -5.85 34.31 -2.17
C GLY C 1045 -6.33 35.74 -2.33
N VAL C 1046 -7.25 36.10 -1.44
CA VAL C 1046 -7.84 37.43 -1.43
C VAL C 1046 -7.77 38.00 -0.01
N VAL C 1047 -7.80 39.31 0.08
CA VAL C 1047 -7.80 40.03 1.34
C VAL C 1047 -8.95 41.03 1.30
N PHE C 1048 -9.91 40.87 2.21
CA PHE C 1048 -11.05 41.76 2.30
C PHE C 1048 -10.80 42.78 3.41
N LEU C 1049 -10.82 44.06 3.06
CA LEU C 1049 -10.81 45.14 4.04
C LEU C 1049 -12.26 45.53 4.31
N HIS C 1050 -12.78 45.10 5.45
CA HIS C 1050 -14.16 45.37 5.84
C HIS C 1050 -14.19 46.66 6.63
N VAL C 1051 -14.91 47.67 6.11
CA VAL C 1051 -15.14 48.93 6.80
C VAL C 1051 -16.48 48.82 7.49
N THR C 1052 -16.48 49.03 8.82
CA THR C 1052 -17.67 48.82 9.64
C THR C 1052 -17.82 49.98 10.61
N TYR C 1053 -19.05 50.15 11.10
CA TYR C 1053 -19.42 51.19 12.04
C TYR C 1053 -19.51 50.60 13.44
N VAL C 1054 -18.70 51.10 14.35
CA VAL C 1054 -18.66 50.59 15.72
C VAL C 1054 -19.04 51.69 16.69
N PRO C 1055 -20.11 51.56 17.46
CA PRO C 1055 -20.40 52.57 18.48
C PRO C 1055 -19.23 52.71 19.44
N ALA C 1056 -18.94 53.96 19.82
CA ALA C 1056 -17.71 54.28 20.54
C ALA C 1056 -17.97 54.74 21.97
N GLN C 1057 -18.76 55.79 22.16
CA GLN C 1057 -18.96 56.42 23.46
C GLN C 1057 -20.41 56.22 23.88
N GLU C 1058 -20.63 55.34 24.85
CA GLU C 1058 -21.98 55.05 25.32
C GLU C 1058 -22.30 55.86 26.57
N LYS C 1059 -23.48 56.45 26.59
CA LYS C 1059 -23.98 57.18 27.75
C LYS C 1059 -25.33 56.60 28.14
N ASN C 1060 -25.55 56.46 29.45
CA ASN C 1060 -26.74 55.81 29.96
C ASN C 1060 -27.84 56.84 30.24
N PHE C 1061 -29.07 56.44 29.97
CA PHE C 1061 -30.23 57.30 30.19
C PHE C 1061 -31.37 56.44 30.73
N THR C 1062 -32.35 57.11 31.33
CA THR C 1062 -33.59 56.45 31.71
C THR C 1062 -34.49 56.32 30.49
N THR C 1063 -35.16 55.17 30.39
CA THR C 1063 -35.98 54.85 29.22
C THR C 1063 -37.32 54.30 29.67
N ALA C 1064 -38.32 54.50 28.82
CA ALA C 1064 -39.66 53.98 29.03
C ALA C 1064 -40.16 53.36 27.74
N PRO C 1065 -41.06 52.39 27.81
CA PRO C 1065 -41.56 51.75 26.59
C PRO C 1065 -42.59 52.57 25.84
N ALA C 1066 -43.21 53.56 26.48
CA ALA C 1066 -44.23 54.38 25.83
C ALA C 1066 -44.48 55.60 26.72
N ILE C 1067 -45.41 56.44 26.30
CA ILE C 1067 -45.71 57.71 26.98
C ILE C 1067 -47.22 57.87 27.07
N CYS C 1068 -47.69 58.36 28.22
CA CYS C 1068 -49.08 58.79 28.36
C CYS C 1068 -49.17 60.30 28.22
N HIS C 1069 -50.01 60.76 27.29
CA HIS C 1069 -50.23 62.19 27.08
C HIS C 1069 -51.67 62.58 27.38
N ASP C 1070 -52.64 61.92 26.78
CA ASP C 1070 -54.06 62.17 27.00
C ASP C 1070 -54.80 60.86 27.21
N GLY C 1071 -54.23 59.99 28.04
CA GLY C 1071 -54.77 58.67 28.24
C GLY C 1071 -54.48 57.69 27.13
N LYS C 1072 -53.55 58.01 26.23
CA LYS C 1072 -53.20 57.16 25.10
C LYS C 1072 -51.72 56.86 25.13
N ALA C 1073 -51.38 55.61 24.85
CA ALA C 1073 -49.97 55.19 24.82
C ALA C 1073 -49.33 55.58 23.49
N HIS C 1074 -48.12 56.13 23.58
CA HIS C 1074 -47.36 56.55 22.41
C HIS C 1074 -46.08 55.73 22.33
N PHE C 1075 -45.81 55.18 21.15
CA PHE C 1075 -44.59 54.42 20.92
C PHE C 1075 -43.79 55.05 19.79
N PRO C 1076 -42.46 55.08 19.88
CA PRO C 1076 -41.67 55.77 18.85
C PRO C 1076 -41.90 55.15 17.48
N ARG C 1077 -41.97 56.01 16.45
CA ARG C 1077 -42.04 55.52 15.08
C ARG C 1077 -40.79 54.73 14.74
N GLU C 1078 -39.62 55.32 14.99
CA GLU C 1078 -38.35 54.61 14.91
C GLU C 1078 -37.38 55.32 15.85
N GLY C 1079 -36.84 54.58 16.79
CA GLY C 1079 -35.97 55.16 17.80
C GLY C 1079 -36.28 54.58 19.17
N VAL C 1080 -36.05 55.39 20.19
CA VAL C 1080 -36.24 54.98 21.57
C VAL C 1080 -36.43 56.22 22.43
N PHE C 1081 -37.27 56.09 23.46
CA PHE C 1081 -37.44 57.15 24.43
C PHE C 1081 -36.31 57.12 25.44
N VAL C 1082 -35.61 58.24 25.60
CA VAL C 1082 -34.51 58.37 26.55
C VAL C 1082 -34.78 59.60 27.41
N SER C 1083 -34.16 59.62 28.59
CA SER C 1083 -34.39 60.70 29.53
C SER C 1083 -33.13 60.97 30.34
N ASN C 1084 -32.74 62.23 30.41
CA ASN C 1084 -31.78 62.69 31.40
C ASN C 1084 -32.54 62.89 32.71
N GLY C 1085 -31.92 63.58 33.67
CA GLY C 1085 -32.54 63.73 34.98
C GLY C 1085 -33.95 64.28 34.93
N THR C 1086 -34.21 65.22 34.01
CA THR C 1086 -35.46 65.96 33.99
C THR C 1086 -36.32 65.68 32.77
N HIS C 1087 -35.79 65.87 31.56
CA HIS C 1087 -36.59 65.90 30.35
C HIS C 1087 -36.62 64.56 29.65
N TRP C 1088 -37.57 64.42 28.72
CA TRP C 1088 -37.77 63.21 27.92
C TRP C 1088 -37.61 63.55 26.45
N PHE C 1089 -36.87 62.71 25.72
CA PHE C 1089 -36.66 62.89 24.30
C PHE C 1089 -36.76 61.54 23.60
N VAL C 1090 -36.79 61.59 22.27
CA VAL C 1090 -36.76 60.40 21.42
C VAL C 1090 -35.52 60.48 20.55
N THR C 1091 -34.72 59.42 20.54
CA THR C 1091 -33.45 59.41 19.83
C THR C 1091 -33.31 58.13 19.03
N GLN C 1092 -32.56 58.22 17.93
CA GLN C 1092 -32.25 57.03 17.15
C GLN C 1092 -31.43 56.06 17.97
N ARG C 1093 -31.68 54.76 17.75
CA ARG C 1093 -31.17 53.74 18.66
C ARG C 1093 -29.66 53.59 18.61
N ASN C 1094 -29.02 53.89 17.47
CA ASN C 1094 -27.58 53.69 17.32
C ASN C 1094 -26.77 54.98 17.44
N PHE C 1095 -27.39 56.08 17.83
CA PHE C 1095 -26.67 57.35 17.97
C PHE C 1095 -27.52 58.30 18.79
N TYR C 1096 -26.92 58.90 19.81
CA TYR C 1096 -27.66 59.79 20.70
C TYR C 1096 -27.96 61.10 19.98
N GLU C 1097 -29.17 61.23 19.46
CA GLU C 1097 -29.64 62.45 18.82
C GLU C 1097 -31.00 62.82 19.40
N PRO C 1098 -31.03 63.32 20.64
CA PRO C 1098 -32.32 63.57 21.29
C PRO C 1098 -33.16 64.57 20.51
N GLN C 1099 -34.47 64.31 20.49
CA GLN C 1099 -35.42 65.18 19.80
C GLN C 1099 -36.69 65.27 20.63
N ILE C 1100 -37.38 66.40 20.48
CA ILE C 1100 -38.63 66.61 21.20
C ILE C 1100 -39.65 65.58 20.74
N ILE C 1101 -40.36 65.00 21.70
CA ILE C 1101 -41.38 64.00 21.40
C ILE C 1101 -42.62 64.71 20.86
N THR C 1102 -43.02 64.36 19.65
CA THR C 1102 -44.16 64.97 18.99
C THR C 1102 -45.02 63.88 18.34
N THR C 1103 -46.17 64.28 17.81
CA THR C 1103 -47.09 63.34 17.19
C THR C 1103 -46.51 62.66 15.95
N ASP C 1104 -45.56 63.30 15.27
CA ASP C 1104 -44.92 62.70 14.11
C ASP C 1104 -43.75 61.79 14.47
N ASN C 1105 -43.18 61.96 15.68
CA ASN C 1105 -42.11 61.07 16.13
C ASN C 1105 -42.64 59.79 16.75
N THR C 1106 -43.95 59.72 17.04
CA THR C 1106 -44.53 58.59 17.72
C THR C 1106 -45.89 58.27 17.12
N PHE C 1107 -46.37 57.06 17.41
CA PHE C 1107 -47.69 56.61 16.99
C PHE C 1107 -48.46 56.11 18.21
N VAL C 1108 -49.76 56.34 18.20
CA VAL C 1108 -50.62 56.00 19.32
C VAL C 1108 -51.21 54.60 19.10
N SER C 1109 -51.41 53.88 20.20
CA SER C 1109 -52.00 52.55 20.13
C SER C 1109 -52.72 52.29 21.46
N GLY C 1110 -54.03 52.51 21.48
CA GLY C 1110 -54.83 52.22 22.65
C GLY C 1110 -54.46 53.06 23.86
N ASN C 1111 -55.25 52.96 24.92
CA ASN C 1111 -54.94 53.66 26.15
C ASN C 1111 -53.77 52.99 26.86
N CYS C 1112 -53.16 53.72 27.80
CA CYS C 1112 -51.94 53.29 28.45
C CYS C 1112 -52.19 52.74 29.86
N ASP C 1113 -53.29 52.02 30.05
CA ASP C 1113 -53.54 51.29 31.28
C ASP C 1113 -53.08 49.85 31.19
N VAL C 1114 -52.45 49.45 30.09
CA VAL C 1114 -52.04 48.08 29.85
C VAL C 1114 -50.51 47.96 29.77
N VAL C 1115 -49.85 48.92 29.13
CA VAL C 1115 -48.41 48.84 28.95
C VAL C 1115 -47.72 48.92 30.31
N ILE C 1116 -46.80 48.00 30.56
CA ILE C 1116 -46.06 47.97 31.82
C ILE C 1116 -44.86 48.90 31.69
N GLY C 1117 -44.70 49.80 32.65
CA GLY C 1117 -43.58 50.72 32.68
C GLY C 1117 -43.79 52.02 31.96
N ILE C 1118 -44.97 52.25 31.39
CA ILE C 1118 -45.22 53.51 30.69
C ILE C 1118 -45.07 54.68 31.65
N VAL C 1119 -44.49 55.77 31.16
CA VAL C 1119 -44.30 56.98 31.93
C VAL C 1119 -45.20 58.07 31.34
N ASN C 1120 -45.25 59.20 32.03
CA ASN C 1120 -46.09 60.33 31.63
C ASN C 1120 -45.23 61.49 31.17
N ASN C 1121 -45.50 61.99 29.97
CA ASN C 1121 -44.78 63.13 29.42
C ASN C 1121 -45.64 63.76 28.34
N THR C 1122 -45.31 64.99 27.98
CA THR C 1122 -46.06 65.71 26.97
C THR C 1122 -45.63 65.29 25.57
N VAL C 1123 -46.61 65.10 24.70
CA VAL C 1123 -46.38 64.81 23.29
C VAL C 1123 -46.92 66.01 22.51
N TYR C 1124 -46.05 66.96 22.22
CA TYR C 1124 -46.48 68.21 21.61
C TYR C 1124 -46.96 67.98 20.18
N ASP C 1125 -48.03 68.68 19.82
CA ASP C 1125 -48.57 68.62 18.47
C ASP C 1125 -47.99 69.75 17.63
N PRO C 1126 -47.34 69.47 16.50
CA PRO C 1126 -46.76 70.57 15.71
C PRO C 1126 -47.78 71.57 15.21
N LEU C 1127 -49.06 71.18 15.12
CA LEU C 1127 -50.10 72.09 14.65
C LEU C 1127 -50.51 73.10 15.71
N GLN C 1128 -50.17 72.86 16.98
CA GLN C 1128 -50.58 73.75 18.06
C GLN C 1128 -50.20 75.20 17.84
N PRO C 1129 -48.96 75.56 17.49
CA PRO C 1129 -48.63 76.97 17.28
C PRO C 1129 -49.44 77.63 16.18
N GLU C 1130 -50.08 76.84 15.31
CA GLU C 1130 -50.91 77.38 14.25
C GLU C 1130 -52.38 77.50 14.63
N LEU C 1131 -52.74 77.21 15.88
CA LEU C 1131 -54.11 77.41 16.34
C LEU C 1131 -54.53 78.86 16.33
N ASP C 1132 -53.58 79.80 16.27
CA ASP C 1132 -53.96 81.21 16.23
C ASP C 1132 -54.82 81.53 15.01
N SER C 1133 -54.70 80.75 13.94
CA SER C 1133 -55.50 80.95 12.75
C SER C 1133 -56.85 80.25 12.87
N GLN D 1 -1.71 -30.80 -25.30
CA GLN D 1 -0.52 -31.28 -26.06
C GLN D 1 0.65 -31.54 -25.12
N VAL D 2 1.61 -32.36 -25.58
CA VAL D 2 2.76 -32.69 -24.77
C VAL D 2 3.65 -31.46 -24.60
N GLN D 3 3.97 -31.13 -23.36
CA GLN D 3 4.80 -29.97 -23.05
C GLN D 3 5.87 -30.36 -22.06
N LEU D 4 7.13 -30.06 -22.39
CA LEU D 4 8.27 -30.31 -21.54
C LEU D 4 9.04 -29.02 -21.33
N VAL D 5 9.51 -28.80 -20.10
CA VAL D 5 10.30 -27.63 -19.75
C VAL D 5 11.57 -28.11 -19.07
N GLU D 6 12.71 -27.67 -19.60
CA GLU D 6 14.01 -28.04 -19.04
C GLU D 6 14.52 -26.94 -18.12
N SER D 7 15.17 -27.36 -17.04
CA SER D 7 15.70 -26.43 -16.06
C SER D 7 16.96 -27.01 -15.43
N GLY D 8 17.78 -26.11 -14.87
CA GLY D 8 19.03 -26.51 -14.26
C GLY D 8 20.23 -26.10 -15.10
N GLY D 9 21.25 -26.95 -15.13
CA GLY D 9 22.42 -26.68 -15.93
C GLY D 9 23.31 -25.63 -15.30
N GLY D 10 24.09 -24.98 -16.15
CA GLY D 10 25.02 -23.96 -15.73
C GLY D 10 26.46 -24.38 -15.93
N LEU D 11 27.36 -23.65 -15.25
CA LEU D 11 28.79 -23.86 -15.36
C LEU D 11 29.29 -24.60 -14.12
N VAL D 12 30.10 -25.63 -14.34
CA VAL D 12 30.70 -26.41 -13.26
C VAL D 12 32.13 -26.76 -13.64
N GLN D 13 32.97 -26.92 -12.62
CA GLN D 13 34.37 -27.28 -12.84
C GLN D 13 34.50 -28.79 -13.07
N ALA D 14 35.64 -29.19 -13.61
CA ALA D 14 35.90 -30.60 -13.84
C ALA D 14 35.88 -31.36 -12.52
N GLY D 15 35.28 -32.55 -12.55
CA GLY D 15 35.15 -33.37 -11.36
C GLY D 15 33.97 -33.03 -10.48
N GLY D 16 33.19 -32.02 -10.84
CA GLY D 16 32.02 -31.64 -10.06
C GLY D 16 30.79 -32.44 -10.44
N SER D 17 29.65 -31.98 -9.94
CA SER D 17 28.38 -32.63 -10.19
C SER D 17 27.33 -31.58 -10.58
N LEU D 18 26.33 -32.01 -11.33
CA LEU D 18 25.28 -31.13 -11.80
C LEU D 18 23.97 -31.90 -11.87
N ARG D 19 22.86 -31.18 -12.01
CA ARG D 19 21.55 -31.81 -12.11
C ARG D 19 20.69 -31.05 -13.11
N LEU D 20 19.97 -31.82 -13.93
CA LEU D 20 18.98 -31.28 -14.87
C LEU D 20 17.61 -31.81 -14.52
N SER D 21 16.60 -30.96 -14.65
CA SER D 21 15.22 -31.32 -14.35
C SER D 21 14.35 -31.07 -15.58
N CYS D 22 13.39 -31.96 -15.79
CA CYS D 22 12.43 -31.87 -16.89
C CYS D 22 11.03 -31.95 -16.30
N THR D 23 10.27 -30.87 -16.45
CA THR D 23 8.91 -30.78 -15.97
C THR D 23 7.95 -31.07 -17.11
N ALA D 24 6.93 -31.88 -16.83
CA ALA D 24 5.98 -32.35 -17.84
C ALA D 24 4.61 -31.75 -17.59
N SER D 25 3.90 -31.45 -18.67
CA SER D 25 2.54 -30.94 -18.56
C SER D 25 1.79 -31.25 -19.85
N GLY D 26 0.47 -31.33 -19.74
CA GLY D 26 -0.39 -31.51 -20.90
C GLY D 26 -0.60 -32.93 -21.35
N TYR D 27 -0.34 -33.92 -20.50
CA TYR D 27 -0.54 -35.31 -20.87
C TYR D 27 -0.50 -36.16 -19.60
N ASP D 28 -0.55 -37.48 -19.78
CA ASP D 28 -0.50 -38.43 -18.67
C ASP D 28 0.95 -38.88 -18.48
N PHE D 29 1.52 -38.55 -17.33
CA PHE D 29 2.93 -38.85 -17.07
C PHE D 29 3.16 -40.33 -16.76
N SER D 30 2.13 -41.05 -16.34
CA SER D 30 2.33 -42.42 -15.86
C SER D 30 2.59 -43.42 -16.98
N ILE D 31 2.21 -43.10 -18.21
CA ILE D 31 2.26 -44.06 -19.30
C ILE D 31 3.22 -43.59 -20.39
N LEU D 32 4.28 -42.88 -20.00
CA LEU D 32 5.19 -42.27 -20.95
C LEU D 32 6.63 -42.63 -20.61
N ALA D 33 7.50 -42.59 -21.62
CA ALA D 33 8.93 -42.74 -21.45
C ALA D 33 9.61 -41.42 -21.77
N ILE D 34 10.67 -41.09 -21.03
CA ILE D 34 11.33 -39.80 -21.16
C ILE D 34 12.84 -40.01 -21.18
N ALA D 35 13.53 -39.23 -22.01
CA ALA D 35 14.95 -39.39 -22.21
C ALA D 35 15.62 -38.03 -22.27
N TRP D 36 16.94 -38.03 -22.08
CA TRP D 36 17.78 -36.85 -22.27
C TRP D 36 18.75 -37.12 -23.41
N TYR D 37 18.77 -36.19 -24.37
CA TYR D 37 19.78 -36.17 -25.41
C TYR D 37 20.67 -34.95 -25.18
N ARG D 38 21.79 -34.88 -25.89
CA ARG D 38 22.66 -33.71 -25.78
C ARG D 38 23.28 -33.42 -27.15
N GLN D 39 23.55 -32.14 -27.39
CA GLN D 39 24.19 -31.70 -28.62
C GLN D 39 25.19 -30.60 -28.30
N ALA D 40 26.38 -30.72 -28.86
CA ALA D 40 27.43 -29.73 -28.69
C ALA D 40 27.63 -28.93 -29.98
N PRO D 41 28.16 -27.72 -29.89
CA PRO D 41 28.39 -26.93 -31.11
C PRO D 41 29.24 -27.69 -32.12
N GLY D 42 28.71 -27.85 -33.32
CA GLY D 42 29.40 -28.58 -34.36
C GLY D 42 29.36 -30.09 -34.22
N LYS D 43 28.49 -30.61 -33.35
CA LYS D 43 28.39 -32.04 -33.11
C LYS D 43 26.93 -32.49 -33.28
N GLU D 44 26.77 -33.74 -33.70
CA GLU D 44 25.45 -34.31 -33.88
C GLU D 44 24.81 -34.65 -32.54
N ARG D 45 23.48 -34.67 -32.53
CA ARG D 45 22.75 -34.99 -31.31
C ARG D 45 22.92 -36.48 -30.99
N GLU D 46 23.28 -36.77 -29.75
CA GLU D 46 23.48 -38.13 -29.28
C GLU D 46 22.73 -38.33 -27.97
N LEU D 47 22.39 -39.58 -27.68
CA LEU D 47 21.58 -39.88 -26.52
C LEU D 47 22.43 -39.91 -25.25
N VAL D 48 21.87 -39.35 -24.17
CA VAL D 48 22.52 -39.33 -22.88
C VAL D 48 21.92 -40.36 -21.94
N ALA D 49 20.59 -40.39 -21.82
CA ALA D 49 19.94 -41.34 -20.93
C ALA D 49 18.49 -41.51 -21.37
N ALA D 50 17.86 -42.57 -20.86
CA ALA D 50 16.46 -42.83 -21.12
C ALA D 50 15.87 -43.64 -19.98
N ILE D 51 14.62 -43.34 -19.63
CA ILE D 51 13.88 -44.07 -18.61
C ILE D 51 12.46 -44.30 -19.11
N SER D 52 12.01 -45.55 -19.05
CA SER D 52 10.66 -45.91 -19.48
C SER D 52 9.67 -45.65 -18.36
N ARG D 53 8.40 -45.98 -18.62
CA ARG D 53 7.34 -45.77 -17.64
C ARG D 53 7.38 -46.76 -16.49
N VAL D 54 8.14 -47.84 -16.61
CA VAL D 54 8.19 -48.88 -15.59
C VAL D 54 9.51 -48.82 -14.80
N GLY D 55 10.24 -47.71 -14.91
CA GLY D 55 11.47 -47.55 -14.17
C GLY D 55 12.71 -48.13 -14.84
N SER D 56 12.56 -48.77 -16.00
CA SER D 56 13.72 -49.29 -16.71
C SER D 56 14.60 -48.12 -17.16
N THR D 57 15.91 -48.31 -17.08
CA THR D 57 16.88 -47.25 -17.35
C THR D 57 17.88 -47.71 -18.40
N ASP D 58 18.39 -46.74 -19.16
CA ASP D 58 19.41 -47.00 -20.16
C ASP D 58 20.31 -45.76 -20.28
N TYR D 59 21.61 -46.01 -20.41
CA TYR D 59 22.60 -44.95 -20.51
C TYR D 59 23.45 -45.14 -21.76
N ALA D 60 24.14 -44.07 -22.15
CA ALA D 60 25.10 -44.14 -23.23
C ALA D 60 26.43 -44.70 -22.71
N ASP D 61 27.15 -45.38 -23.61
CA ASP D 61 28.45 -45.93 -23.22
C ASP D 61 29.41 -44.84 -22.79
N SER D 62 29.26 -43.62 -23.33
CA SER D 62 30.12 -42.51 -22.96
C SER D 62 29.80 -41.95 -21.57
N VAL D 63 28.58 -42.18 -21.07
CA VAL D 63 28.17 -41.66 -19.77
C VAL D 63 27.77 -42.77 -18.80
N LYS D 64 27.70 -44.02 -19.24
CA LYS D 64 27.31 -45.11 -18.35
C LYS D 64 28.28 -45.20 -17.18
N GLY D 65 27.74 -45.37 -15.98
CA GLY D 65 28.52 -45.43 -14.77
C GLY D 65 28.78 -44.10 -14.11
N ARG D 66 28.38 -43.00 -14.75
CA ARG D 66 28.55 -41.66 -14.20
C ARG D 66 27.25 -40.90 -14.04
N PHE D 67 26.29 -41.13 -14.94
CA PHE D 67 25.02 -40.41 -14.92
C PHE D 67 23.95 -41.28 -14.27
N THR D 68 23.05 -40.63 -13.53
CA THR D 68 21.95 -41.30 -12.86
C THR D 68 20.63 -40.67 -13.30
N ILE D 69 19.62 -41.51 -13.50
CA ILE D 69 18.33 -41.07 -14.01
C ILE D 69 17.25 -41.47 -13.02
N SER D 70 16.27 -40.59 -12.81
CA SER D 70 15.14 -40.90 -11.97
C SER D 70 13.93 -40.10 -12.45
N ARG D 71 12.74 -40.52 -12.03
CA ARG D 71 11.52 -39.82 -12.38
C ARG D 71 10.54 -39.89 -11.21
N ASP D 72 10.06 -38.73 -10.79
CA ASP D 72 9.03 -38.62 -9.77
C ASP D 72 7.68 -38.48 -10.47
N ASN D 73 6.86 -39.52 -10.39
CA ASN D 73 5.56 -39.51 -11.03
C ASN D 73 4.59 -38.55 -10.33
N THR D 74 4.68 -38.48 -9.00
CA THR D 74 3.78 -37.59 -8.27
C THR D 74 3.99 -36.14 -8.68
N LYS D 75 5.24 -35.72 -8.83
CA LYS D 75 5.56 -34.37 -9.28
C LYS D 75 5.65 -34.25 -10.78
N ASN D 76 5.50 -35.36 -11.52
CA ASN D 76 5.59 -35.35 -12.98
C ASN D 76 6.91 -34.73 -13.43
N THR D 77 8.00 -35.09 -12.76
CA THR D 77 9.32 -34.54 -13.03
C THR D 77 10.28 -35.67 -13.35
N VAL D 78 11.31 -35.36 -14.14
CA VAL D 78 12.35 -36.32 -14.49
C VAL D 78 13.69 -35.66 -14.23
N SER D 79 14.53 -36.30 -13.41
CA SER D 79 15.77 -35.71 -12.93
C SER D 79 16.97 -36.54 -13.40
N LEU D 80 17.99 -35.83 -13.86
CA LEU D 80 19.26 -36.43 -14.26
C LEU D 80 20.38 -35.84 -13.42
N GLN D 81 21.18 -36.70 -12.81
CA GLN D 81 22.31 -36.28 -11.98
C GLN D 81 23.60 -36.71 -12.66
N MET D 82 24.52 -35.75 -12.82
CA MET D 82 25.80 -35.99 -13.46
C MET D 82 26.90 -35.86 -12.42
N ASP D 83 27.75 -36.88 -12.32
CA ASP D 83 28.87 -36.91 -11.39
C ASP D 83 30.17 -37.12 -12.17
N SER D 84 31.26 -36.57 -11.63
CA SER D 84 32.56 -36.64 -12.29
C SER D 84 32.49 -36.06 -13.70
N LEU D 85 31.82 -34.91 -13.82
CA LEU D 85 31.66 -34.28 -15.13
C LEU D 85 33.01 -33.90 -15.71
N LYS D 86 33.12 -33.99 -17.03
CA LYS D 86 34.33 -33.68 -17.77
C LYS D 86 34.02 -32.68 -18.86
N PRO D 87 35.05 -31.99 -19.39
CA PRO D 87 34.77 -30.95 -20.39
C PRO D 87 34.00 -31.44 -21.59
N GLU D 88 34.19 -32.70 -21.99
CA GLU D 88 33.48 -33.23 -23.15
C GLU D 88 31.96 -33.19 -22.95
N ASP D 89 31.49 -33.18 -21.70
CA ASP D 89 30.06 -33.18 -21.43
C ASP D 89 29.40 -31.84 -21.73
N THR D 90 30.18 -30.79 -21.96
CA THR D 90 29.60 -29.47 -22.25
C THR D 90 28.74 -29.54 -23.50
N ALA D 91 27.47 -29.16 -23.36
CA ALA D 91 26.52 -29.24 -24.46
C ALA D 91 25.18 -28.70 -24.00
N VAL D 92 24.25 -28.61 -24.94
CA VAL D 92 22.85 -28.31 -24.65
C VAL D 92 22.10 -29.62 -24.54
N TYR D 93 21.42 -29.83 -23.42
CA TYR D 93 20.69 -31.05 -23.14
C TYR D 93 19.21 -30.84 -23.40
N TYR D 94 18.61 -31.78 -24.12
CA TYR D 94 17.21 -31.72 -24.53
C TYR D 94 16.44 -32.86 -23.87
N CYS D 95 15.26 -32.54 -23.35
CA CYS D 95 14.37 -33.54 -22.77
C CYS D 95 13.36 -33.97 -23.83
N ASN D 96 13.29 -35.28 -24.07
CA ASN D 96 12.47 -35.85 -25.12
C ASN D 96 11.43 -36.78 -24.49
N ALA D 97 10.20 -36.72 -25.00
CA ALA D 97 9.09 -37.51 -24.52
C ALA D 97 8.60 -38.43 -25.62
N GLY D 98 8.40 -39.71 -25.29
CA GLY D 98 7.89 -40.65 -26.27
C GLY D 98 7.28 -41.86 -25.60
N ILE D 99 6.24 -42.40 -26.23
CA ILE D 99 5.67 -43.66 -25.76
C ILE D 99 6.71 -44.75 -25.91
N PRO D 100 6.88 -45.65 -24.95
CA PRO D 100 8.06 -46.53 -25.02
C PRO D 100 7.95 -47.52 -26.16
N MET D 101 8.00 -47.02 -27.39
CA MET D 101 7.90 -47.83 -28.62
C MET D 101 9.20 -47.75 -29.38
N THR D 102 10.28 -47.45 -28.65
CA THR D 102 11.53 -47.02 -29.23
C THR D 102 11.37 -45.59 -29.76
N THR D 103 10.16 -45.04 -29.65
CA THR D 103 9.90 -43.69 -30.13
C THR D 103 10.73 -42.67 -29.36
N VAL D 104 10.78 -42.81 -28.03
CA VAL D 104 11.63 -41.93 -27.23
C VAL D 104 13.09 -42.23 -27.51
N LEU D 105 13.45 -43.50 -27.66
CA LEU D 105 14.83 -43.88 -27.92
C LEU D 105 15.26 -43.53 -29.33
N SER D 106 14.33 -43.44 -30.28
CA SER D 106 14.65 -43.10 -31.65
C SER D 106 14.74 -41.59 -31.89
N GLY D 107 14.35 -40.78 -30.92
CA GLY D 107 14.44 -39.33 -31.08
C GLY D 107 13.31 -38.72 -31.87
N LEU D 108 12.25 -39.46 -32.13
CA LEU D 108 11.09 -38.95 -32.87
C LEU D 108 10.02 -38.38 -31.96
N GLY D 109 10.25 -38.34 -30.65
CA GLY D 109 9.26 -37.86 -29.71
C GLY D 109 9.25 -36.35 -29.59
N PHE D 110 8.44 -35.89 -28.64
CA PHE D 110 8.28 -34.46 -28.42
C PHE D 110 9.58 -33.86 -27.87
N TRP D 111 9.73 -32.55 -28.09
CA TRP D 111 10.94 -31.84 -27.72
C TRP D 111 10.59 -30.62 -26.88
N GLY D 112 11.52 -30.24 -26.00
CA GLY D 112 11.35 -29.05 -25.19
C GLY D 112 12.12 -27.86 -25.74
N GLN D 113 12.88 -27.19 -24.88
CA GLN D 113 13.69 -26.04 -25.29
C GLN D 113 15.18 -26.26 -25.09
N GLY D 114 15.59 -27.01 -24.07
CA GLY D 114 16.98 -27.32 -23.85
C GLY D 114 17.57 -26.51 -22.70
N THR D 115 18.66 -27.02 -22.15
CA THR D 115 19.37 -26.37 -21.06
C THR D 115 20.87 -26.48 -21.28
N GLN D 116 21.59 -25.40 -21.01
CA GLN D 116 23.03 -25.37 -21.24
C GLN D 116 23.78 -25.98 -20.07
N VAL D 117 24.79 -26.78 -20.37
CA VAL D 117 25.69 -27.35 -19.38
C VAL D 117 27.12 -27.12 -19.86
N THR D 118 27.95 -26.50 -19.02
CA THR D 118 29.33 -26.20 -19.34
C THR D 118 30.22 -26.80 -18.26
N VAL D 119 31.26 -27.51 -18.70
CA VAL D 119 32.23 -28.12 -17.81
C VAL D 119 33.61 -27.63 -18.21
N SER D 120 34.29 -26.95 -17.28
CA SER D 120 35.61 -26.41 -17.54
C SER D 120 36.68 -27.45 -17.24
N SER D 121 37.84 -27.28 -17.87
CA SER D 121 38.96 -28.20 -17.69
C SER D 121 39.50 -28.10 -16.26
N GLN E 1 10.81 -30.99 27.97
CA GLN E 1 10.75 -32.40 27.49
C GLN E 1 11.85 -32.66 26.47
N VAL E 2 12.35 -33.90 26.44
CA VAL E 2 13.41 -34.26 25.51
C VAL E 2 12.85 -34.33 24.10
N GLN E 3 13.53 -33.67 23.16
CA GLN E 3 13.13 -33.64 21.76
C GLN E 3 14.34 -33.98 20.90
N LEU E 4 14.13 -34.84 19.91
CA LEU E 4 15.17 -35.25 18.97
C LEU E 4 14.68 -35.06 17.55
N VAL E 5 15.55 -34.56 16.68
CA VAL E 5 15.25 -34.35 15.27
C VAL E 5 16.34 -35.00 14.45
N GLU E 6 15.94 -35.90 13.55
CA GLU E 6 16.87 -36.63 12.70
C GLU E 6 16.99 -35.95 11.35
N SER E 7 18.20 -35.90 10.81
CA SER E 7 18.45 -35.26 9.53
C SER E 7 19.57 -35.98 8.80
N GLY E 8 19.61 -35.79 7.49
CA GLY E 8 20.60 -36.44 6.65
C GLY E 8 20.04 -37.61 5.88
N GLY E 9 20.87 -38.61 5.59
CA GLY E 9 20.39 -39.78 4.89
C GLY E 9 20.21 -39.52 3.40
N GLY E 10 19.32 -40.29 2.80
CA GLY E 10 19.06 -40.21 1.38
C GLY E 10 19.46 -41.47 0.65
N LEU E 11 19.66 -41.33 -0.66
CA LEU E 11 20.01 -42.45 -1.53
C LEU E 11 21.50 -42.40 -1.86
N VAL E 12 22.17 -43.54 -1.76
CA VAL E 12 23.59 -43.66 -2.06
C VAL E 12 23.83 -45.00 -2.74
N GLN E 13 24.84 -45.02 -3.62
CA GLN E 13 25.22 -46.25 -4.29
C GLN E 13 26.03 -47.15 -3.35
N ALA E 14 26.05 -48.44 -3.68
CA ALA E 14 26.81 -49.39 -2.88
C ALA E 14 28.29 -49.00 -2.83
N GLY E 15 28.87 -49.11 -1.64
CA GLY E 15 30.25 -48.73 -1.43
C GLY E 15 30.46 -47.28 -1.06
N GLY E 16 29.41 -46.47 -1.05
CA GLY E 16 29.52 -45.07 -0.69
C GLY E 16 29.46 -44.87 0.81
N SER E 17 29.37 -43.59 1.19
CA SER E 17 29.32 -43.20 2.59
C SER E 17 28.25 -42.14 2.79
N LEU E 18 27.73 -42.07 4.01
CA LEU E 18 26.69 -41.11 4.35
C LEU E 18 26.95 -40.57 5.75
N ARG E 19 26.26 -39.48 6.08
CA ARG E 19 26.32 -38.90 7.42
C ARG E 19 24.91 -38.60 7.90
N LEU E 20 24.63 -38.98 9.14
CA LEU E 20 23.32 -38.77 9.74
C LEU E 20 23.50 -37.99 11.04
N SER E 21 22.59 -37.04 11.28
CA SER E 21 22.70 -36.13 12.40
C SER E 21 21.44 -36.18 13.25
N CYS E 22 21.62 -36.06 14.56
CA CYS E 22 20.54 -35.97 15.53
C CYS E 22 20.73 -34.66 16.30
N THR E 23 19.84 -33.70 16.08
CA THR E 23 19.82 -32.46 16.82
C THR E 23 18.81 -32.58 17.95
N ALA E 24 19.29 -32.40 19.18
CA ALA E 24 18.47 -32.62 20.36
C ALA E 24 18.26 -31.32 21.12
N SER E 25 17.15 -31.25 21.84
CA SER E 25 16.77 -30.03 22.54
C SER E 25 15.88 -30.37 23.73
N GLY E 26 15.74 -29.41 24.63
CA GLY E 26 14.84 -29.54 25.76
C GLY E 26 15.40 -30.21 26.99
N TYR E 27 16.72 -30.28 27.13
CA TYR E 27 17.34 -30.96 28.27
C TYR E 27 18.83 -30.62 28.27
N ASP E 28 19.55 -31.17 29.25
CA ASP E 28 20.99 -30.97 29.39
C ASP E 28 21.72 -32.08 28.68
N PHE E 29 22.74 -31.72 27.89
CA PHE E 29 23.31 -32.65 26.93
C PHE E 29 24.56 -33.34 27.45
N SER E 30 25.10 -32.88 28.59
CA SER E 30 26.35 -33.42 29.10
C SER E 30 26.16 -34.67 29.95
N ILE E 31 24.92 -35.06 30.23
CA ILE E 31 24.64 -36.18 31.13
C ILE E 31 23.77 -37.24 30.46
N LEU E 32 23.67 -37.24 29.13
CA LEU E 32 22.79 -38.13 28.40
C LEU E 32 23.58 -39.05 27.50
N ALA E 33 23.09 -40.28 27.34
CA ALA E 33 23.57 -41.22 26.35
C ALA E 33 22.60 -41.24 25.17
N ILE E 34 23.15 -41.33 23.96
CA ILE E 34 22.36 -41.26 22.75
C ILE E 34 22.76 -42.41 21.83
N ALA E 35 21.77 -43.08 21.26
CA ALA E 35 21.99 -44.23 20.41
C ALA E 35 21.27 -44.04 19.08
N TRP E 36 21.71 -44.81 18.10
CA TRP E 36 21.10 -44.87 16.78
C TRP E 36 20.57 -46.27 16.55
N TYR E 37 19.29 -46.36 16.20
CA TYR E 37 18.63 -47.61 15.84
C TYR E 37 18.20 -47.55 14.39
N ARG E 38 17.88 -48.71 13.82
CA ARG E 38 17.39 -48.79 12.45
C ARG E 38 16.29 -49.84 12.37
N GLN E 39 15.43 -49.68 11.35
CA GLN E 39 14.36 -50.64 11.10
C GLN E 39 14.07 -50.66 9.61
N ALA E 40 14.05 -51.86 9.03
CA ALA E 40 13.72 -52.01 7.62
C ALA E 40 12.30 -52.52 7.45
N PRO E 41 11.66 -52.25 6.32
CA PRO E 41 10.28 -52.75 6.12
C PRO E 41 10.24 -54.26 6.30
N GLY E 42 9.27 -54.72 7.10
CA GLY E 42 9.14 -56.12 7.39
C GLY E 42 10.18 -56.68 8.34
N LYS E 43 10.96 -55.82 9.00
CA LYS E 43 12.03 -56.23 9.89
C LYS E 43 11.86 -55.56 11.25
N GLU E 44 12.46 -56.19 12.26
CA GLU E 44 12.40 -55.68 13.63
C GLU E 44 13.48 -54.62 13.86
N ARG E 45 13.17 -53.68 14.74
CA ARG E 45 14.12 -52.63 15.08
C ARG E 45 15.32 -53.23 15.81
N GLU E 46 16.51 -52.74 15.48
CA GLU E 46 17.75 -53.22 16.07
C GLU E 46 18.66 -52.04 16.37
N LEU E 47 19.52 -52.23 17.38
CA LEU E 47 20.49 -51.20 17.74
C LEU E 47 21.61 -51.17 16.70
N VAL E 48 21.93 -49.97 16.23
CA VAL E 48 23.02 -49.77 15.27
C VAL E 48 24.26 -49.23 15.96
N ALA E 49 24.11 -48.23 16.83
CA ALA E 49 25.26 -47.66 17.52
C ALA E 49 24.78 -47.01 18.80
N ALA E 50 25.73 -46.72 19.68
CA ALA E 50 25.42 -46.04 20.93
C ALA E 50 26.66 -45.29 21.42
N ILE E 51 26.46 -44.11 21.99
CA ILE E 51 27.53 -43.33 22.59
C ILE E 51 27.02 -42.77 23.92
N SER E 52 27.78 -42.99 24.99
CA SER E 52 27.41 -42.53 26.31
C SER E 52 27.84 -41.08 26.50
N ARG E 53 27.57 -40.55 27.70
CA ARG E 53 27.92 -39.17 28.01
C ARG E 53 29.42 -38.97 28.19
N VAL E 54 30.19 -40.04 28.31
CA VAL E 54 31.63 -39.95 28.54
C VAL E 54 32.42 -40.32 27.29
N GLY E 55 31.77 -40.39 26.13
CA GLY E 55 32.44 -40.69 24.89
C GLY E 55 32.62 -42.16 24.58
N SER E 56 32.19 -43.05 25.47
CA SER E 56 32.29 -44.48 25.20
C SER E 56 31.34 -44.86 24.06
N THR E 57 31.85 -45.60 23.09
CA THR E 57 31.11 -45.95 21.89
C THR E 57 30.96 -47.46 21.77
N ASP E 58 29.78 -47.89 21.31
CA ASP E 58 29.49 -49.29 21.06
C ASP E 58 28.79 -49.42 19.72
N TYR E 59 29.12 -50.48 18.98
CA TYR E 59 28.55 -50.73 17.68
C TYR E 59 28.06 -52.17 17.61
N ALA E 60 27.00 -52.38 16.81
CA ALA E 60 26.51 -53.73 16.57
C ALA E 60 27.48 -54.50 15.69
N ASP E 61 27.44 -55.83 15.83
CA ASP E 61 28.36 -56.68 15.07
C ASP E 61 28.16 -56.49 13.57
N SER E 62 26.91 -56.35 13.12
CA SER E 62 26.64 -56.17 11.69
C SER E 62 27.21 -54.88 11.14
N VAL E 63 27.47 -53.89 12.00
CA VAL E 63 28.01 -52.60 11.55
C VAL E 63 29.34 -52.26 12.19
N LYS E 64 29.81 -53.04 13.16
CA LYS E 64 31.08 -52.75 13.81
C LYS E 64 32.20 -52.74 12.78
N GLY E 65 33.09 -51.75 12.89
CA GLY E 65 34.21 -51.60 11.98
C GLY E 65 33.92 -50.78 10.74
N ARG E 66 32.67 -50.34 10.55
CA ARG E 66 32.28 -49.55 9.39
C ARG E 66 31.64 -48.23 9.76
N PHE E 67 30.84 -48.20 10.83
CA PHE E 67 30.16 -47.00 11.28
C PHE E 67 30.96 -46.32 12.38
N THR E 68 30.92 -44.99 12.40
CA THR E 68 31.62 -44.20 13.41
C THR E 68 30.63 -43.23 14.05
N ILE E 69 30.45 -43.32 15.36
CA ILE E 69 29.50 -42.49 16.09
C ILE E 69 30.27 -41.50 16.95
N SER E 70 29.85 -40.24 16.93
CA SER E 70 30.48 -39.21 17.75
C SER E 70 29.41 -38.22 18.18
N ARG E 71 29.76 -37.37 19.15
CA ARG E 71 28.82 -36.37 19.65
C ARG E 71 29.57 -35.07 19.91
N ASP E 72 28.96 -33.97 19.49
CA ASP E 72 29.46 -32.62 19.76
C ASP E 72 28.63 -32.02 20.89
N ASN E 73 29.28 -31.79 22.03
CA ASN E 73 28.57 -31.26 23.19
C ASN E 73 28.24 -29.78 23.02
N THR E 74 29.16 -29.02 22.44
CA THR E 74 28.92 -27.59 22.26
C THR E 74 27.72 -27.34 21.36
N LYS E 75 27.62 -28.07 20.26
CA LYS E 75 26.48 -27.97 19.35
C LYS E 75 25.34 -28.88 19.75
N ASN E 76 25.52 -29.72 20.77
CA ASN E 76 24.46 -30.58 21.27
C ASN E 76 23.90 -31.48 20.17
N THR E 77 24.82 -32.04 19.38
CA THR E 77 24.47 -32.85 18.22
C THR E 77 25.12 -34.22 18.32
N VAL E 78 24.51 -35.22 17.68
CA VAL E 78 25.09 -36.55 17.60
C VAL E 78 25.20 -36.93 16.13
N SER E 79 26.41 -37.25 15.68
CA SER E 79 26.67 -37.55 14.28
C SER E 79 27.10 -39.00 14.13
N LEU E 80 26.68 -39.62 13.04
CA LEU E 80 27.14 -40.94 12.65
C LEU E 80 27.59 -40.91 11.20
N GLN E 81 28.78 -41.44 10.94
CA GLN E 81 29.32 -41.56 9.60
C GLN E 81 29.31 -43.04 9.22
N MET E 82 28.61 -43.35 8.12
CA MET E 82 28.53 -44.70 7.60
C MET E 82 29.46 -44.82 6.40
N ASP E 83 30.37 -45.79 6.45
CA ASP E 83 31.32 -46.03 5.38
C ASP E 83 31.15 -47.46 4.88
N SER E 84 31.51 -47.66 3.60
CA SER E 84 31.36 -48.97 2.95
C SER E 84 29.91 -49.46 3.06
N LEU E 85 28.98 -48.56 2.79
CA LEU E 85 27.56 -48.89 2.89
C LEU E 85 27.20 -49.98 1.90
N LYS E 86 26.27 -50.84 2.30
CA LYS E 86 25.81 -51.97 1.52
C LYS E 86 24.29 -51.93 1.42
N PRO E 87 23.71 -52.65 0.46
CA PRO E 87 22.24 -52.61 0.32
C PRO E 87 21.51 -53.04 1.58
N GLU E 88 22.13 -53.87 2.41
CA GLU E 88 21.49 -54.33 3.64
C GLU E 88 21.27 -53.20 4.65
N ASP E 89 21.90 -52.04 4.45
CA ASP E 89 21.78 -50.92 5.38
C ASP E 89 20.57 -50.04 5.11
N THR E 90 19.82 -50.30 4.04
CA THR E 90 18.64 -49.49 3.74
C THR E 90 17.59 -49.67 4.83
N ALA E 91 17.12 -48.57 5.40
CA ALA E 91 16.15 -48.63 6.48
C ALA E 91 15.76 -47.22 6.91
N VAL E 92 14.77 -47.14 7.79
CA VAL E 92 14.43 -45.92 8.50
C VAL E 92 15.23 -45.89 9.79
N TYR E 93 15.86 -44.75 10.07
CA TYR E 93 16.91 -44.66 11.07
C TYR E 93 16.45 -43.69 12.16
N TYR E 94 16.51 -44.13 13.41
CA TYR E 94 15.96 -43.40 14.54
C TYR E 94 17.06 -43.02 15.51
N CYS E 95 16.91 -41.85 16.13
CA CYS E 95 17.79 -41.37 17.19
C CYS E 95 17.08 -41.50 18.53
N ASN E 96 17.71 -42.20 19.47
CA ASN E 96 17.13 -42.48 20.78
C ASN E 96 17.99 -41.86 21.86
N ALA E 97 17.35 -41.39 22.93
CA ALA E 97 18.03 -40.74 24.04
C ALA E 97 17.65 -41.43 25.34
N GLY E 98 18.64 -41.61 26.22
CA GLY E 98 18.38 -42.24 27.50
C GLY E 98 19.53 -42.04 28.46
N ILE E 99 19.22 -42.23 29.75
CA ILE E 99 20.26 -42.12 30.78
C ILE E 99 21.28 -43.23 30.57
N PRO E 100 22.59 -42.98 30.72
CA PRO E 100 23.56 -44.06 30.54
C PRO E 100 23.50 -45.09 31.67
N MET E 101 22.40 -45.84 31.72
CA MET E 101 22.27 -46.97 32.64
C MET E 101 21.58 -48.15 31.97
N THR E 102 21.81 -48.34 30.68
CA THR E 102 21.19 -49.33 29.81
C THR E 102 19.79 -48.90 29.38
N THR E 103 19.30 -47.75 29.84
CA THR E 103 18.00 -47.27 29.37
C THR E 103 18.04 -46.95 27.89
N VAL E 104 19.10 -46.27 27.44
CA VAL E 104 19.22 -45.92 26.04
C VAL E 104 19.50 -47.17 25.21
N LEU E 105 20.32 -48.09 25.72
CA LEU E 105 20.65 -49.29 24.98
C LEU E 105 19.46 -50.23 24.87
N SER E 106 18.52 -50.15 25.82
CA SER E 106 17.36 -51.03 25.81
C SER E 106 16.25 -50.55 24.88
N GLY E 107 16.38 -49.36 24.30
CA GLY E 107 15.36 -48.84 23.42
C GLY E 107 14.14 -48.27 24.12
N LEU E 108 14.20 -48.08 25.43
CA LEU E 108 13.07 -47.56 26.19
C LEU E 108 13.09 -46.03 26.30
N GLY E 109 14.06 -45.37 25.68
CA GLY E 109 14.18 -43.93 25.76
C GLY E 109 13.33 -43.22 24.72
N PHE E 110 13.55 -41.90 24.64
CA PHE E 110 12.80 -41.07 23.71
C PHE E 110 13.14 -41.43 22.27
N TRP E 111 12.19 -41.16 21.38
CA TRP E 111 12.36 -41.42 19.96
C TRP E 111 11.98 -40.18 19.16
N GLY E 112 12.71 -39.92 18.08
CA GLY E 112 12.44 -38.78 17.24
C GLY E 112 11.43 -39.09 16.14
N GLN E 113 11.75 -38.71 14.91
CA GLN E 113 10.89 -38.95 13.77
C GLN E 113 11.47 -39.92 12.75
N GLY E 114 12.79 -39.93 12.56
CA GLY E 114 13.44 -40.88 11.70
C GLY E 114 13.85 -40.27 10.37
N THR E 115 14.85 -40.90 9.75
CA THR E 115 15.35 -40.48 8.44
C THR E 115 15.51 -41.71 7.55
N GLN E 116 15.25 -41.55 6.25
CA GLN E 116 15.33 -42.65 5.31
C GLN E 116 16.74 -42.76 4.75
N VAL E 117 17.27 -43.99 4.74
CA VAL E 117 18.57 -44.28 4.14
C VAL E 117 18.36 -45.43 3.15
N THR E 118 18.80 -45.23 1.92
CA THR E 118 18.68 -46.23 0.86
C THR E 118 20.05 -46.45 0.22
N VAL E 119 20.43 -47.71 0.07
CA VAL E 119 21.68 -48.10 -0.56
C VAL E 119 21.35 -49.02 -1.72
N SER E 120 21.66 -48.58 -2.93
CA SER E 120 21.36 -49.34 -4.13
C SER E 120 22.52 -50.26 -4.48
N SER E 121 22.20 -51.38 -5.11
CA SER E 121 23.19 -52.37 -5.50
C SER E 121 23.98 -51.89 -6.71
N GLN F 1 43.28 0.98 -15.39
CA GLN F 1 44.24 0.40 -14.41
C GLN F 1 44.11 -1.12 -14.38
N VAL F 2 45.21 -1.79 -14.03
CA VAL F 2 45.22 -3.25 -13.96
C VAL F 2 44.27 -3.71 -12.87
N GLN F 3 43.47 -4.74 -13.18
CA GLN F 3 42.54 -5.30 -12.21
C GLN F 3 42.50 -6.81 -12.37
N LEU F 4 42.72 -7.52 -11.27
CA LEU F 4 42.70 -8.98 -11.24
C LEU F 4 41.72 -9.44 -10.17
N VAL F 5 40.86 -10.40 -10.52
CA VAL F 5 39.88 -10.96 -9.60
C VAL F 5 40.11 -12.46 -9.51
N GLU F 6 40.27 -12.95 -8.28
CA GLU F 6 40.52 -14.37 -8.03
C GLU F 6 39.22 -15.08 -7.66
N SER F 7 39.10 -16.33 -8.11
CA SER F 7 37.93 -17.12 -7.82
C SER F 7 38.30 -18.60 -7.84
N GLY F 8 37.44 -19.41 -7.24
CA GLY F 8 37.66 -20.84 -7.17
C GLY F 8 38.13 -21.29 -5.79
N GLY F 9 39.07 -22.24 -5.76
CA GLY F 9 39.58 -22.71 -4.48
C GLY F 9 38.53 -23.51 -3.74
N GLY F 10 38.54 -23.39 -2.42
CA GLY F 10 37.63 -24.10 -1.56
C GLY F 10 38.34 -25.18 -0.76
N LEU F 11 37.53 -26.06 -0.17
CA LEU F 11 38.02 -27.15 0.66
C LEU F 11 37.98 -28.45 -0.12
N VAL F 12 39.07 -29.23 -0.03
CA VAL F 12 39.16 -30.50 -0.72
C VAL F 12 39.98 -31.46 0.12
N GLN F 13 39.64 -32.75 0.04
CA GLN F 13 40.39 -33.77 0.73
C GLN F 13 41.74 -33.99 0.05
N ALA F 14 42.67 -34.58 0.80
CA ALA F 14 43.99 -34.87 0.26
C ALA F 14 43.87 -35.77 -0.97
N GLY F 15 44.65 -35.43 -2.00
CA GLY F 15 44.61 -36.16 -3.25
C GLY F 15 43.54 -35.71 -4.22
N GLY F 16 42.78 -34.67 -3.88
CA GLY F 16 41.75 -34.16 -4.76
C GLY F 16 42.31 -33.22 -5.81
N SER F 17 41.40 -32.61 -6.56
CA SER F 17 41.77 -31.69 -7.63
C SER F 17 40.79 -30.52 -7.64
N LEU F 18 41.30 -29.33 -7.99
CA LEU F 18 40.48 -28.13 -8.06
C LEU F 18 41.03 -27.23 -9.16
N ARG F 19 40.46 -26.04 -9.28
CA ARG F 19 40.89 -25.07 -10.28
C ARG F 19 40.72 -23.67 -9.73
N LEU F 20 41.73 -22.84 -9.97
CA LEU F 20 41.70 -21.43 -9.60
C LEU F 20 41.63 -20.58 -10.87
N SER F 21 40.83 -19.52 -10.82
CA SER F 21 40.63 -18.65 -11.97
C SER F 21 41.00 -17.22 -11.61
N CYS F 22 41.71 -16.56 -12.52
CA CYS F 22 42.08 -15.16 -12.39
C CYS F 22 41.53 -14.41 -13.59
N THR F 23 40.57 -13.53 -13.35
CA THR F 23 39.97 -12.71 -14.40
C THR F 23 40.67 -11.36 -14.44
N ALA F 24 41.09 -10.96 -15.65
CA ALA F 24 41.84 -9.74 -15.87
C ALA F 24 40.98 -8.70 -16.57
N SER F 25 41.09 -7.45 -16.12
CA SER F 25 40.34 -6.37 -16.72
C SER F 25 41.10 -5.06 -16.53
N GLY F 26 40.79 -4.08 -17.38
CA GLY F 26 41.38 -2.77 -17.28
C GLY F 26 42.74 -2.61 -17.94
N TYR F 27 43.22 -3.62 -18.67
CA TYR F 27 44.51 -3.52 -19.33
C TYR F 27 44.56 -4.50 -20.49
N ASP F 28 45.66 -4.45 -21.23
CA ASP F 28 45.86 -5.33 -22.38
C ASP F 28 46.35 -6.69 -21.89
N PHE F 29 45.52 -7.72 -22.06
CA PHE F 29 45.87 -9.04 -21.57
C PHE F 29 46.94 -9.72 -22.43
N SER F 30 47.00 -9.36 -23.72
CA SER F 30 47.88 -10.07 -24.64
C SER F 30 49.36 -9.83 -24.38
N ILE F 31 49.71 -8.75 -23.66
CA ILE F 31 51.11 -8.38 -23.47
C ILE F 31 51.49 -8.33 -21.99
N LEU F 32 50.85 -9.16 -21.17
CA LEU F 32 51.13 -9.20 -19.73
C LEU F 32 51.39 -10.64 -19.31
N ALA F 33 52.30 -10.80 -18.34
CA ALA F 33 52.63 -12.09 -17.77
C ALA F 33 51.96 -12.21 -16.40
N ILE F 34 51.35 -13.37 -16.14
CA ILE F 34 50.51 -13.56 -14.96
C ILE F 34 51.01 -14.77 -14.19
N ALA F 35 51.04 -14.65 -12.86
CA ALA F 35 51.56 -15.70 -12.00
C ALA F 35 50.61 -15.90 -10.82
N TRP F 36 50.66 -17.11 -10.26
CA TRP F 36 49.92 -17.46 -9.06
C TRP F 36 50.92 -17.63 -7.92
N TYR F 37 50.72 -16.86 -6.85
CA TYR F 37 51.48 -16.97 -5.62
C TYR F 37 50.57 -17.56 -4.53
N ARG F 38 51.18 -18.01 -3.44
CA ARG F 38 50.42 -18.51 -2.31
C ARG F 38 51.10 -18.08 -1.01
N GLN F 39 50.28 -17.96 0.04
CA GLN F 39 50.80 -17.64 1.36
C GLN F 39 49.94 -18.33 2.41
N ALA F 40 50.59 -18.93 3.40
CA ALA F 40 49.89 -19.61 4.49
C ALA F 40 50.03 -18.82 5.78
N PRO F 41 49.11 -18.99 6.72
CA PRO F 41 49.21 -18.26 7.99
C PRO F 41 50.54 -18.54 8.67
N GLY F 42 51.20 -17.46 9.11
CA GLY F 42 52.48 -17.56 9.75
C GLY F 42 53.64 -17.87 8.83
N LYS F 43 53.43 -17.85 7.51
CA LYS F 43 54.45 -18.17 6.53
C LYS F 43 54.63 -16.99 5.57
N GLU F 44 55.69 -17.06 4.79
CA GLU F 44 56.02 -16.02 3.82
C GLU F 44 55.44 -16.37 2.45
N ARG F 45 55.04 -15.34 1.72
CA ARG F 45 54.50 -15.53 0.38
C ARG F 45 55.56 -16.11 -0.55
N GLU F 46 55.16 -17.06 -1.37
CA GLU F 46 56.06 -17.72 -2.30
C GLU F 46 55.37 -17.92 -3.64
N LEU F 47 56.18 -17.99 -4.69
CA LEU F 47 55.64 -18.20 -6.04
C LEU F 47 55.20 -19.64 -6.22
N VAL F 48 54.00 -19.83 -6.76
CA VAL F 48 53.48 -21.15 -7.09
C VAL F 48 53.70 -21.48 -8.56
N ALA F 49 53.31 -20.58 -9.45
CA ALA F 49 53.47 -20.80 -10.87
C ALA F 49 53.46 -19.46 -11.59
N ALA F 50 53.91 -19.48 -12.85
CA ALA F 50 53.93 -18.27 -13.66
C ALA F 50 53.81 -18.65 -15.12
N ILE F 51 53.11 -17.80 -15.89
CA ILE F 51 52.98 -17.97 -17.33
C ILE F 51 53.16 -16.62 -17.99
N SER F 52 54.05 -16.54 -18.97
CA SER F 52 54.32 -15.30 -19.68
C SER F 52 53.30 -15.11 -20.80
N ARG F 53 53.50 -14.03 -21.58
CA ARG F 53 52.58 -13.72 -22.67
C ARG F 53 52.77 -14.64 -23.88
N VAL F 54 53.85 -15.41 -23.93
CA VAL F 54 54.13 -16.29 -25.05
C VAL F 54 53.88 -17.76 -24.70
N GLY F 55 53.19 -18.01 -23.58
CA GLY F 55 52.85 -19.36 -23.19
C GLY F 55 53.90 -20.09 -22.39
N SER F 56 55.08 -19.49 -22.17
CA SER F 56 56.11 -20.14 -21.37
C SER F 56 55.64 -20.27 -19.94
N THR F 57 55.79 -21.46 -19.38
CA THR F 57 55.31 -21.78 -18.04
C THR F 57 56.47 -22.14 -17.13
N ASP F 58 56.40 -21.68 -15.88
CA ASP F 58 57.39 -21.99 -14.87
C ASP F 58 56.67 -22.37 -13.58
N TYR F 59 57.23 -23.34 -12.86
CA TYR F 59 56.66 -23.82 -11.61
C TYR F 59 57.74 -23.89 -10.54
N ALA F 60 57.32 -23.78 -9.29
CA ALA F 60 58.25 -23.90 -8.18
C ALA F 60 58.67 -25.36 -8.00
N ASP F 61 59.85 -25.55 -7.40
CA ASP F 61 60.38 -26.89 -7.22
C ASP F 61 59.46 -27.75 -6.36
N SER F 62 58.90 -27.15 -5.30
CA SER F 62 58.03 -27.89 -4.39
C SER F 62 56.70 -28.29 -5.01
N VAL F 63 56.37 -27.75 -6.19
CA VAL F 63 55.07 -28.01 -6.81
C VAL F 63 55.26 -28.46 -8.25
N LYS F 64 56.50 -28.42 -8.75
CA LYS F 64 56.75 -28.80 -10.13
C LYS F 64 56.32 -30.24 -10.38
N GLY F 65 55.68 -30.46 -11.53
CA GLY F 65 55.23 -31.77 -11.91
C GLY F 65 53.84 -32.15 -11.42
N ARG F 66 53.19 -31.28 -10.65
CA ARG F 66 51.86 -31.54 -10.12
C ARG F 66 50.82 -30.53 -10.56
N PHE F 67 51.16 -29.25 -10.56
CA PHE F 67 50.22 -28.20 -10.93
C PHE F 67 50.27 -27.94 -12.43
N THR F 68 49.26 -27.21 -12.92
CA THR F 68 49.27 -26.76 -14.31
C THR F 68 48.79 -25.32 -14.36
N ILE F 69 49.38 -24.51 -15.24
CA ILE F 69 49.01 -23.12 -15.42
C ILE F 69 48.80 -22.86 -16.91
N SER F 70 47.69 -22.21 -17.24
CA SER F 70 47.38 -21.86 -18.62
C SER F 70 46.66 -20.52 -18.64
N ARG F 71 46.55 -19.93 -19.82
CA ARG F 71 45.88 -18.65 -19.99
C ARG F 71 45.10 -18.63 -21.29
N ASP F 72 43.86 -18.14 -21.22
CA ASP F 72 43.02 -17.94 -22.40
C ASP F 72 42.99 -16.44 -22.69
N ASN F 73 43.53 -16.06 -23.85
CA ASN F 73 43.59 -14.65 -24.22
C ASN F 73 42.23 -14.14 -24.66
N THR F 74 41.45 -14.98 -25.33
CA THR F 74 40.11 -14.54 -25.78
C THR F 74 39.25 -14.17 -24.58
N LYS F 75 39.27 -14.99 -23.53
CA LYS F 75 38.54 -14.69 -22.30
C LYS F 75 39.38 -13.89 -21.31
N ASN F 76 40.67 -13.70 -21.58
CA ASN F 76 41.55 -12.96 -20.68
C ASN F 76 41.54 -13.56 -19.28
N THR F 77 41.51 -14.89 -19.21
CA THR F 77 41.38 -15.60 -17.94
C THR F 77 42.55 -16.56 -17.76
N VAL F 78 43.20 -16.50 -16.61
CA VAL F 78 44.32 -17.36 -16.29
C VAL F 78 43.80 -18.49 -15.38
N SER F 79 43.97 -19.72 -15.82
CA SER F 79 43.48 -20.90 -15.11
C SER F 79 44.65 -21.66 -14.51
N LEU F 80 44.45 -22.17 -13.30
CA LEU F 80 45.48 -22.92 -12.57
C LEU F 80 44.83 -24.21 -12.08
N GLN F 81 45.22 -25.33 -12.67
CA GLN F 81 44.67 -26.63 -12.32
C GLN F 81 45.51 -27.27 -11.21
N MET F 82 44.85 -27.63 -10.11
CA MET F 82 45.49 -28.25 -8.95
C MET F 82 45.15 -29.73 -8.96
N ASP F 83 46.17 -30.58 -8.99
CA ASP F 83 46.02 -32.02 -8.91
C ASP F 83 47.01 -32.58 -7.90
N SER F 84 46.60 -33.66 -7.24
CA SER F 84 47.44 -34.34 -6.25
C SER F 84 47.83 -33.38 -5.12
N LEU F 85 46.81 -32.90 -4.41
CA LEU F 85 47.02 -31.95 -3.33
C LEU F 85 47.42 -32.68 -2.05
N LYS F 86 48.10 -31.95 -1.17
CA LYS F 86 48.53 -32.42 0.14
C LYS F 86 48.22 -31.35 1.17
N PRO F 87 48.18 -31.71 2.45
CA PRO F 87 47.85 -30.72 3.48
C PRO F 87 48.78 -29.51 3.48
N GLU F 88 50.03 -29.68 3.04
CA GLU F 88 50.97 -28.56 3.03
C GLU F 88 50.56 -27.47 2.05
N ASP F 89 49.62 -27.74 1.14
CA ASP F 89 49.25 -26.79 0.11
C ASP F 89 48.15 -25.81 0.55
N THR F 90 47.59 -25.97 1.73
CA THR F 90 46.55 -25.06 2.20
C THR F 90 47.13 -23.65 2.35
N ALA F 91 46.47 -22.68 1.72
CA ALA F 91 46.96 -21.30 1.74
C ALA F 91 45.97 -20.41 0.99
N VAL F 92 46.25 -19.11 1.03
CA VAL F 92 45.53 -18.14 0.21
C VAL F 92 46.37 -17.88 -1.04
N TYR F 93 45.74 -18.03 -2.20
CA TYR F 93 46.40 -17.87 -3.49
C TYR F 93 46.05 -16.52 -4.09
N TYR F 94 47.04 -15.87 -4.68
CA TYR F 94 46.89 -14.54 -5.25
C TYR F 94 47.36 -14.55 -6.70
N CYS F 95 46.74 -13.69 -7.50
CA CYS F 95 47.06 -13.54 -8.91
C CYS F 95 47.83 -12.23 -9.11
N ASN F 96 48.99 -12.33 -9.72
CA ASN F 96 49.89 -11.19 -9.92
C ASN F 96 50.14 -10.99 -11.42
N ALA F 97 49.93 -9.78 -11.90
CA ALA F 97 50.12 -9.45 -13.30
C ALA F 97 51.23 -8.41 -13.43
N GLY F 98 52.10 -8.61 -14.41
CA GLY F 98 53.20 -7.69 -14.63
C GLY F 98 53.86 -7.92 -15.97
N ILE F 99 54.60 -6.91 -16.41
CA ILE F 99 55.30 -7.02 -17.69
C ILE F 99 56.33 -8.13 -17.60
N PRO F 100 56.48 -8.99 -18.63
CA PRO F 100 57.46 -10.07 -18.52
C PRO F 100 58.89 -9.58 -18.56
N MET F 101 59.34 -8.98 -17.45
CA MET F 101 60.72 -8.55 -17.29
C MET F 101 61.23 -8.89 -15.89
N THR F 102 60.76 -9.99 -15.32
CA THR F 102 61.01 -10.43 -13.95
C THR F 102 60.17 -9.62 -12.97
N THR F 103 59.43 -8.61 -13.42
CA THR F 103 58.58 -7.86 -12.51
C THR F 103 57.48 -8.74 -11.92
N VAL F 104 56.86 -9.56 -12.74
CA VAL F 104 55.83 -10.48 -12.25
C VAL F 104 56.46 -11.57 -11.40
N LEU F 105 57.62 -12.08 -11.82
CA LEU F 105 58.29 -13.12 -11.06
C LEU F 105 58.86 -12.61 -9.75
N SER F 106 59.17 -11.31 -9.66
CA SER F 106 59.68 -10.71 -8.45
C SER F 106 58.59 -10.29 -7.47
N GLY F 107 57.32 -10.44 -7.86
CA GLY F 107 56.23 -10.09 -6.97
C GLY F 107 55.99 -8.60 -6.84
N LEU F 108 56.51 -7.80 -7.76
CA LEU F 108 56.35 -6.34 -7.72
C LEU F 108 55.17 -5.86 -8.57
N GLY F 109 54.45 -6.77 -9.22
CA GLY F 109 53.33 -6.39 -10.05
C GLY F 109 52.05 -6.17 -9.27
N PHE F 110 50.98 -5.93 -10.00
CA PHE F 110 49.68 -5.70 -9.39
C PHE F 110 49.19 -6.97 -8.70
N TRP F 111 48.35 -6.78 -7.68
CA TRP F 111 47.81 -7.88 -6.90
C TRP F 111 46.29 -7.79 -6.85
N GLY F 112 45.65 -8.94 -6.72
CA GLY F 112 44.21 -9.01 -6.63
C GLY F 112 43.70 -9.00 -5.21
N GLN F 113 42.82 -9.95 -4.88
CA GLN F 113 42.25 -10.06 -3.54
C GLN F 113 42.58 -11.37 -2.85
N GLY F 114 42.69 -12.47 -3.58
CA GLY F 114 43.07 -13.74 -3.00
C GLY F 114 41.90 -14.69 -2.87
N THR F 115 42.22 -15.99 -2.90
CA THR F 115 41.21 -17.04 -2.75
C THR F 115 41.75 -18.13 -1.84
N GLN F 116 40.90 -18.64 -0.96
CA GLN F 116 41.31 -19.64 0.01
C GLN F 116 41.30 -21.03 -0.62
N VAL F 117 42.33 -21.82 -0.32
CA VAL F 117 42.40 -23.22 -0.72
C VAL F 117 42.80 -24.02 0.52
N THR F 118 41.97 -24.99 0.89
CA THR F 118 42.17 -25.80 2.09
C THR F 118 42.23 -27.27 1.70
N VAL F 119 43.23 -27.97 2.24
CA VAL F 119 43.43 -29.40 2.00
C VAL F 119 43.43 -30.09 3.35
N SER F 120 42.57 -31.08 3.50
CA SER F 120 42.44 -31.82 4.75
C SER F 120 43.13 -33.18 4.64
N SER F 121 43.64 -33.65 5.78
CA SER F 121 44.33 -34.93 5.83
C SER F 121 43.34 -36.09 5.72
#